data_7YPK
#
_entry.id   7YPK
#
_cell.length_a   1.00
_cell.length_b   1.00
_cell.length_c   1.00
_cell.angle_alpha   90.00
_cell.angle_beta   90.00
_cell.angle_gamma   90.00
#
_symmetry.space_group_name_H-M   'P 1'
#
loop_
_entity.id
_entity.type
_entity.pdbx_description
1 polymer alpha-S1-casein
2 polymer 'Lon protease'
3 non-polymer "ADENOSINE-5'-DIPHOSPHATE"
#
loop_
_entity_poly.entity_id
_entity_poly.type
_entity_poly.pdbx_seq_one_letter_code
_entity_poly.pdbx_strand_id
1 'polypeptide(L)'
;(UNK)(UNK)(UNK)(UNK)(UNK)(UNK)(UNK)(UNK)(UNK)(UNK)(UNK)(UNK)(UNK)(UNK)(UNK)(UNK)
(UNK)(UNK)(UNK)
;
S
2 'polypeptide(L)'
;MRLELPVIPLRNTVILPHTTTPVDVGRAKSKRAVEEAMGADRLIFLVAQRDPEVDDPAPDDLYTWGVQAVVKQAMRLPDG
TLQVMVEARARAQVTDYIPGPYLRARGEVFSEIFPIDEAVVRVLVEELKEAFEKYVANHKSLRLDRYQLEAVKGTSDPAM
LADTIAYHATWTVAEKQEILELTDLEARLKKVLGLLSRDLERFELDKRVAQRVKEQMDTNQREYYLREQMKAIQKELGGE
DGLSDLEALRKKIEEVGMPEAVKTKALKELDRLERMQQGSPEATVARTYLDWLTEVPWSKADPEVLDINHTRQVLDEDHY
GLKDVKERILEYLAVRQLTQGLDVRNKAPILVLVGPPGVGKTSLGRSIARSMNRKFHRISLGGVRDEAEIRGHRRTYIGA
MPGKLIHAMKQVGVINPVILLDEIDKMSSDWRGDPASAMLEVLDPEQNNTFTDHYLDVPYDLSKVFFITTANTLQTIPRP
LLDRMEVIEIPGYTNMEKQAIARQYLWPKQVRESGMEGRIEVTDAAILRVISEYTREAGVRGLERELGKIARKGAKFWLE
GAWEGLRTIDASDIPTYLGIPRYRPDKAETEPQVGTAQGLAWTPVGGTLLTIEVAAVPGSGKLSLTGQLGEVMKESAQAA
LTYLRAHTQDYGLPEDFYNKVDLHVHVPDGATPKDGPAAGITMATAIASALSRRPARMDIAMTGEVSLRGKVMPIGGVKE
KLLAAHQAGIHKIVLPKDNEAQLEELPKEVLEGLEIKLVEDVGEVLEYLLLPEPTMPPVVQPSDNRQQPGAGA
;
F,A,B,C,D,E
#
loop_
_chem_comp.id
_chem_comp.type
_chem_comp.name
_chem_comp.formula
ADP non-polymer ADENOSINE-5'-DIPHOSPHATE 'C10 H15 N5 O10 P2'
#
# COMPACT_ATOMS: atom_id res chain seq x y z
N UNK A 1 -36.58 -15.83 -20.13
CA UNK A 1 -35.19 -16.32 -20.18
C UNK A 1 -34.25 -15.30 -19.51
N UNK A 2 -34.61 -14.85 -18.30
CA UNK A 2 -33.79 -13.86 -17.57
C UNK A 2 -32.31 -14.15 -17.80
N UNK A 3 -31.64 -13.32 -18.61
CA UNK A 3 -30.19 -13.50 -18.88
C UNK A 3 -29.44 -13.56 -17.54
N UNK A 4 -29.43 -12.45 -16.80
CA UNK A 4 -28.73 -12.39 -15.48
C UNK A 4 -27.22 -12.50 -15.69
N UNK A 5 -26.49 -11.39 -15.53
CA UNK A 5 -25.02 -11.39 -15.74
C UNK A 5 -24.30 -10.95 -14.46
N UNK A 6 -25.02 -10.31 -13.54
CA UNK A 6 -24.42 -9.84 -12.27
C UNK A 6 -23.12 -9.10 -12.56
N UNK A 7 -21.97 -9.76 -12.33
CA UNK A 7 -20.65 -9.15 -12.63
C UNK A 7 -20.31 -8.07 -11.59
N UNK A 8 -21.32 -7.43 -11.00
CA UNK A 8 -21.10 -6.38 -9.98
C UNK A 8 -20.25 -5.26 -10.57
N UNK A 9 -19.42 -4.60 -9.74
CA UNK A 9 -18.59 -3.46 -10.21
C UNK A 9 -17.16 -3.59 -9.67
N UNK A 10 -16.48 -2.46 -9.49
CA UNK A 10 -15.08 -2.47 -8.99
C UNK A 10 -14.98 -1.61 -7.74
N UNK A 11 -14.22 -2.07 -6.73
CA UNK A 11 -14.08 -1.32 -5.46
C UNK A 11 -12.64 -0.81 -5.33
N UNK A 12 -12.16 -0.65 -4.08
CA UNK A 12 -10.79 -0.17 -3.84
C UNK A 12 -10.51 -0.15 -2.34
N UNK A 13 -9.24 -0.24 -1.94
CA UNK A 13 -8.88 -0.17 -0.49
C UNK A 13 -7.44 0.34 -0.35
N UNK A 14 -6.68 -0.22 0.59
CA UNK A 14 -5.26 0.16 0.75
C UNK A 14 -4.46 -1.05 1.21
N UNK A 15 -3.32 -0.82 1.87
CA UNK A 15 -2.49 -1.94 2.39
C UNK A 15 -1.25 -1.37 3.08
N UNK A 16 -0.86 -0.15 2.73
CA UNK A 16 0.34 0.48 3.32
C UNK A 16 1.59 -0.33 2.95
N UNK A 17 2.73 -0.02 3.58
CA UNK A 17 3.98 -0.75 3.32
C UNK A 17 5.04 -0.31 4.33
N UNK A 18 5.81 0.73 3.99
CA UNK A 18 6.86 1.24 4.91
C UNK A 18 7.57 2.44 4.25
N UNK A 19 8.84 2.26 3.89
CA UNK A 19 9.62 3.36 3.27
C UNK A 19 9.73 4.53 4.25
N ARG B 2 -4.25 -45.36 -80.03
CA ARG B 2 -3.86 -45.70 -78.66
C ARG B 2 -4.64 -44.89 -77.64
N LEU B 3 -5.91 -44.60 -77.97
CA LEU B 3 -6.80 -43.87 -77.02
C LEU B 3 -6.12 -42.59 -76.50
N GLU B 4 -5.76 -41.67 -77.40
CA GLU B 4 -5.21 -40.41 -76.95
C GLU B 4 -6.26 -39.62 -76.17
N LEU B 5 -5.81 -38.90 -75.15
CA LEU B 5 -6.72 -38.22 -74.23
C LEU B 5 -6.35 -36.76 -74.11
N PRO B 6 -7.35 -35.89 -73.88
CA PRO B 6 -7.07 -34.47 -73.64
C PRO B 6 -6.84 -34.17 -72.16
N VAL B 7 -6.64 -32.90 -71.83
CA VAL B 7 -6.48 -32.46 -70.45
C VAL B 7 -7.58 -31.44 -70.17
N ILE B 8 -8.68 -31.90 -69.59
CA ILE B 8 -9.83 -31.07 -69.27
C ILE B 8 -9.95 -30.99 -67.75
N PRO B 9 -9.75 -29.83 -67.14
CA PRO B 9 -9.85 -29.73 -65.68
C PRO B 9 -11.31 -29.59 -65.23
N LEU B 10 -11.51 -29.78 -63.93
CA LEU B 10 -12.81 -29.58 -63.30
C LEU B 10 -12.89 -28.16 -62.72
N ARG B 11 -14.12 -27.70 -62.54
CA ARG B 11 -14.37 -26.31 -62.15
C ARG B 11 -14.78 -26.19 -60.68
N ASN B 12 -15.89 -26.82 -60.29
CA ASN B 12 -16.33 -26.79 -58.90
C ASN B 12 -16.89 -28.12 -58.43
N THR B 13 -16.83 -29.17 -59.24
CA THR B 13 -17.44 -30.45 -58.93
C THR B 13 -16.37 -31.52 -58.81
N VAL B 14 -16.58 -32.45 -57.87
CA VAL B 14 -15.65 -33.54 -57.61
C VAL B 14 -16.25 -34.83 -58.19
N ILE B 15 -15.51 -35.47 -59.09
CA ILE B 15 -15.99 -36.64 -59.81
C ILE B 15 -15.21 -37.87 -59.36
N LEU B 16 -15.91 -38.83 -58.77
CA LEU B 16 -15.21 -40.00 -58.27
C LEU B 16 -15.12 -41.10 -59.33
N PRO B 17 -14.02 -41.83 -59.37
CA PRO B 17 -13.89 -42.93 -60.33
C PRO B 17 -14.85 -44.07 -60.02
N HIS B 18 -15.18 -44.84 -61.05
CA HIS B 18 -16.06 -46.00 -60.94
C HIS B 18 -17.41 -45.61 -60.33
N THR B 19 -17.91 -44.43 -60.69
CA THR B 19 -19.17 -43.94 -60.15
C THR B 19 -19.87 -43.12 -61.23
N THR B 20 -21.16 -43.40 -61.44
CA THR B 20 -21.94 -42.67 -62.43
C THR B 20 -22.37 -41.33 -61.83
N THR B 21 -21.93 -40.24 -62.46
CA THR B 21 -22.23 -38.90 -61.99
C THR B 21 -22.27 -37.96 -63.19
N PRO B 22 -23.32 -37.15 -63.34
CA PRO B 22 -23.36 -36.19 -64.44
C PRO B 22 -22.24 -35.18 -64.34
N VAL B 23 -21.74 -34.75 -65.50
CA VAL B 23 -20.63 -33.83 -65.60
C VAL B 23 -21.11 -32.55 -66.27
N ASP B 24 -20.83 -31.41 -65.63
CA ASP B 24 -21.26 -30.11 -66.12
C ASP B 24 -20.05 -29.33 -66.63
N VAL B 25 -20.00 -29.11 -67.95
CA VAL B 25 -18.93 -28.34 -68.58
C VAL B 25 -19.49 -26.92 -68.76
N GLY B 26 -19.30 -26.09 -67.74
CA GLY B 26 -19.87 -24.75 -67.75
C GLY B 26 -18.89 -23.65 -68.13
N ARG B 27 -17.77 -24.02 -68.73
CA ARG B 27 -16.74 -23.07 -69.14
C ARG B 27 -16.91 -22.74 -70.61
N ALA B 28 -16.99 -21.44 -70.92
CA ALA B 28 -17.17 -21.02 -72.31
C ALA B 28 -15.93 -21.31 -73.14
N LYS B 29 -14.74 -21.13 -72.57
CA LYS B 29 -13.50 -21.36 -73.29
C LYS B 29 -13.11 -22.83 -73.35
N SER B 30 -13.84 -23.71 -72.67
CA SER B 30 -13.59 -25.14 -72.74
C SER B 30 -14.42 -25.84 -73.80
N LYS B 31 -15.26 -25.09 -74.53
CA LYS B 31 -16.05 -25.70 -75.60
C LYS B 31 -15.18 -26.19 -76.74
N ARG B 32 -13.98 -25.62 -76.90
CA ARG B 32 -13.05 -26.11 -77.92
C ARG B 32 -12.59 -27.54 -77.63
N ALA B 33 -12.67 -27.97 -76.38
CA ALA B 33 -12.34 -29.36 -76.03
C ALA B 33 -13.48 -30.33 -76.32
N VAL B 34 -14.70 -29.83 -76.48
CA VAL B 34 -15.85 -30.70 -76.66
C VAL B 34 -15.75 -31.47 -77.98
N GLU B 35 -15.40 -30.76 -79.06
CA GLU B 35 -15.35 -31.42 -80.36
C GLU B 35 -14.17 -32.39 -80.47
N GLU B 36 -13.05 -32.10 -79.81
CA GLU B 36 -11.92 -33.03 -79.84
C GLU B 36 -12.08 -34.16 -78.84
N ALA B 37 -12.98 -34.04 -77.86
CA ALA B 37 -13.29 -35.17 -77.00
C ALA B 37 -13.95 -36.30 -77.79
N MET B 38 -14.87 -35.95 -78.69
CA MET B 38 -15.49 -36.94 -79.56
C MET B 38 -14.56 -37.41 -80.67
N GLY B 39 -13.51 -36.64 -80.98
CA GLY B 39 -12.52 -37.03 -81.95
C GLY B 39 -11.43 -37.92 -81.42
N ALA B 40 -11.52 -38.34 -80.16
CA ALA B 40 -10.52 -39.20 -79.54
C ALA B 40 -11.17 -40.51 -79.11
N ASP B 41 -11.95 -41.11 -80.00
CA ASP B 41 -12.70 -42.34 -79.72
C ASP B 41 -13.69 -42.13 -78.58
N ARG B 42 -14.30 -40.95 -78.55
CA ARG B 42 -15.33 -40.61 -77.56
C ARG B 42 -14.81 -40.80 -76.12
N LEU B 43 -13.56 -40.40 -75.90
CA LEU B 43 -12.93 -40.52 -74.59
C LEU B 43 -12.62 -39.12 -74.07
N ILE B 44 -13.07 -38.84 -72.85
CA ILE B 44 -12.87 -37.54 -72.21
C ILE B 44 -12.15 -37.76 -70.88
N PHE B 45 -11.14 -36.94 -70.63
CA PHE B 45 -10.31 -37.05 -69.42
C PHE B 45 -10.56 -35.82 -68.56
N LEU B 46 -10.96 -36.04 -67.31
CA LEU B 46 -11.31 -34.97 -66.38
C LEU B 46 -10.23 -34.85 -65.31
N VAL B 47 -9.69 -33.64 -65.17
CA VAL B 47 -8.68 -33.35 -64.15
C VAL B 47 -9.36 -32.75 -62.95
N ALA B 48 -8.99 -33.21 -61.76
CA ALA B 48 -9.62 -32.77 -60.52
C ALA B 48 -9.38 -31.27 -60.30
N GLN B 49 -10.20 -30.69 -59.43
CA GLN B 49 -10.15 -29.26 -59.17
C GLN B 49 -8.88 -28.91 -58.38
N ARG B 50 -7.97 -28.19 -59.02
CA ARG B 50 -6.71 -27.79 -58.42
C ARG B 50 -6.88 -26.43 -57.75
N ASP B 51 -5.74 -25.77 -57.49
CA ASP B 51 -5.66 -24.40 -57.00
C ASP B 51 -6.70 -23.55 -57.74
N PRO B 52 -7.37 -22.59 -57.06
CA PRO B 52 -8.58 -21.96 -57.62
C PRO B 52 -8.57 -21.72 -59.12
N GLU B 53 -9.65 -22.17 -59.77
CA GLU B 53 -9.67 -22.30 -61.22
C GLU B 53 -9.49 -20.94 -61.90
N VAL B 54 -8.67 -20.92 -62.95
CA VAL B 54 -8.44 -19.74 -63.76
C VAL B 54 -8.75 -20.09 -65.21
N ASP B 55 -9.07 -19.06 -65.99
CA ASP B 55 -9.43 -19.22 -67.38
C ASP B 55 -8.24 -19.11 -68.33
N ASP B 56 -7.03 -19.39 -67.83
CA ASP B 56 -5.84 -19.30 -68.65
C ASP B 56 -5.39 -20.70 -69.05
N PRO B 57 -5.47 -21.08 -70.33
CA PRO B 57 -4.99 -22.40 -70.73
C PRO B 57 -3.47 -22.48 -70.79
N ALA B 58 -2.87 -23.22 -69.85
CA ALA B 58 -1.42 -23.35 -69.79
C ALA B 58 -1.07 -24.71 -69.20
N PRO B 59 -0.19 -25.48 -69.86
CA PRO B 59 0.21 -26.78 -69.29
C PRO B 59 0.88 -26.65 -67.93
N ASP B 60 1.62 -25.57 -67.69
CA ASP B 60 2.28 -25.39 -66.40
C ASP B 60 1.30 -25.12 -65.27
N ASP B 61 0.09 -24.64 -65.58
CA ASP B 61 -0.93 -24.37 -64.58
C ASP B 61 -1.87 -25.54 -64.37
N LEU B 62 -1.69 -26.63 -65.10
CA LEU B 62 -2.51 -27.83 -64.96
C LEU B 62 -1.64 -29.00 -64.51
N TYR B 63 -2.29 -30.08 -64.10
CA TYR B 63 -1.62 -31.25 -63.60
C TYR B 63 -2.03 -32.49 -64.40
N THR B 64 -1.19 -33.52 -64.33
CA THR B 64 -1.37 -34.73 -65.12
C THR B 64 -2.22 -35.78 -64.42
N TRP B 65 -2.75 -35.49 -63.23
CA TRP B 65 -3.55 -36.43 -62.47
C TRP B 65 -5.02 -36.08 -62.60
N GLY B 66 -5.83 -37.06 -62.98
CA GLY B 66 -7.25 -36.83 -63.16
C GLY B 66 -7.97 -38.14 -63.39
N VAL B 67 -9.29 -38.04 -63.51
CA VAL B 67 -10.15 -39.20 -63.73
C VAL B 67 -10.52 -39.29 -65.20
N GLN B 68 -10.77 -40.50 -65.67
CA GLN B 68 -11.15 -40.76 -67.04
C GLN B 68 -12.65 -41.06 -67.10
N ALA B 69 -13.33 -40.45 -68.06
CA ALA B 69 -14.77 -40.58 -68.18
C ALA B 69 -15.14 -41.06 -69.58
N VAL B 70 -16.25 -41.79 -69.67
CA VAL B 70 -16.77 -42.28 -70.94
C VAL B 70 -18.05 -41.51 -71.27
N VAL B 71 -18.31 -41.38 -72.56
CA VAL B 71 -19.47 -40.64 -73.06
C VAL B 71 -20.50 -41.63 -73.58
N LYS B 72 -21.69 -41.59 -73.00
CA LYS B 72 -22.80 -42.43 -73.46
C LYS B 72 -23.70 -41.67 -74.43
N GLN B 73 -24.24 -40.53 -74.00
CA GLN B 73 -25.07 -39.69 -74.84
C GLN B 73 -24.74 -38.23 -74.55
N ALA B 74 -25.00 -37.36 -75.53
CA ALA B 74 -24.72 -35.94 -75.42
C ALA B 74 -25.99 -35.16 -75.73
N MET B 75 -26.42 -34.34 -74.77
CA MET B 75 -27.59 -33.47 -74.92
C MET B 75 -27.16 -32.04 -74.61
N ARG B 76 -27.54 -31.11 -75.46
CA ARG B 76 -26.97 -29.76 -75.46
C ARG B 76 -28.05 -28.71 -75.23
N LEU B 77 -27.63 -27.58 -74.70
CA LEU B 77 -28.42 -26.37 -74.54
C LEU B 77 -27.66 -25.18 -75.10
N PRO B 78 -28.36 -24.15 -75.59
CA PRO B 78 -27.67 -22.92 -76.05
C PRO B 78 -27.35 -21.98 -74.89
N ASP B 79 -26.58 -22.49 -73.92
CA ASP B 79 -26.17 -21.68 -72.78
C ASP B 79 -24.71 -21.88 -72.41
N GLY B 80 -23.95 -22.65 -73.18
CA GLY B 80 -22.56 -22.89 -72.89
C GLY B 80 -22.28 -23.94 -71.82
N THR B 81 -23.29 -24.69 -71.39
CA THR B 81 -23.13 -25.71 -70.38
C THR B 81 -23.56 -27.06 -70.96
N LEU B 82 -22.78 -28.10 -70.65
CA LEU B 82 -22.97 -29.42 -71.21
C LEU B 82 -23.30 -30.42 -70.11
N GLN B 83 -24.29 -31.27 -70.34
CA GLN B 83 -24.67 -32.34 -69.43
C GLN B 83 -24.34 -33.67 -70.09
N VAL B 84 -23.38 -34.39 -69.52
CA VAL B 84 -22.96 -35.71 -70.01
C VAL B 84 -22.91 -36.67 -68.83
N MET B 85 -23.56 -37.82 -68.97
CA MET B 85 -23.47 -38.88 -67.98
C MET B 85 -22.25 -39.75 -68.30
N VAL B 86 -21.50 -40.09 -67.25
CA VAL B 86 -20.23 -40.78 -67.41
C VAL B 86 -20.20 -42.01 -66.52
N GLU B 87 -19.27 -42.92 -66.84
CA GLU B 87 -19.02 -44.12 -66.04
C GLU B 87 -17.52 -44.38 -66.10
N ALA B 88 -16.79 -43.92 -65.08
CA ALA B 88 -15.35 -43.99 -65.09
C ALA B 88 -14.86 -45.44 -65.05
N ARG B 89 -13.83 -45.73 -65.84
CA ARG B 89 -13.24 -47.06 -65.90
C ARG B 89 -12.06 -47.19 -64.94
N ALA B 90 -11.04 -46.34 -65.13
CA ALA B 90 -9.87 -46.36 -64.27
C ALA B 90 -9.16 -45.01 -64.38
N ARG B 91 -8.35 -44.71 -63.36
CA ARG B 91 -7.58 -43.48 -63.37
C ARG B 91 -6.48 -43.55 -64.43
N ALA B 92 -6.31 -42.46 -65.16
CA ALA B 92 -5.32 -42.37 -66.23
C ALA B 92 -4.33 -41.26 -65.92
N GLN B 93 -3.04 -41.57 -66.02
CA GLN B 93 -1.97 -40.60 -65.80
C GLN B 93 -1.41 -40.13 -67.14
N VAL B 94 -0.70 -39.01 -67.07
CA VAL B 94 -0.06 -38.41 -68.25
C VAL B 94 1.43 -38.29 -67.98
N THR B 95 2.24 -38.82 -68.89
CA THR B 95 3.70 -38.75 -68.76
C THR B 95 4.27 -37.56 -69.52
N ASP B 96 3.90 -37.40 -70.78
CA ASP B 96 4.37 -36.30 -71.62
C ASP B 96 3.17 -35.45 -72.04
N TYR B 97 3.22 -34.16 -71.73
CA TYR B 97 2.14 -33.24 -72.07
C TYR B 97 2.49 -32.50 -73.36
N ILE B 98 1.53 -32.44 -74.28
CA ILE B 98 1.69 -31.79 -75.57
C ILE B 98 0.86 -30.50 -75.55
N PRO B 99 1.49 -29.32 -75.67
CA PRO B 99 0.71 -28.08 -75.69
C PRO B 99 -0.19 -28.00 -76.91
N GLY B 100 -1.32 -27.30 -76.73
CA GLY B 100 -2.28 -27.15 -77.80
C GLY B 100 -2.28 -25.75 -78.38
N PRO B 101 -3.47 -25.13 -78.46
CA PRO B 101 -4.76 -25.69 -78.05
C PRO B 101 -5.35 -26.64 -79.09
N TYR B 102 -6.08 -27.67 -78.64
CA TYR B 102 -6.31 -27.92 -77.22
C TYR B 102 -5.19 -28.78 -76.65
N LEU B 103 -4.99 -28.69 -75.33
CA LEU B 103 -3.96 -29.45 -74.64
C LEU B 103 -4.17 -30.94 -74.83
N ARG B 104 -3.24 -31.59 -75.53
CA ARG B 104 -3.31 -33.01 -75.82
C ARG B 104 -2.34 -33.77 -74.94
N ALA B 105 -2.74 -34.97 -74.51
CA ALA B 105 -1.93 -35.80 -73.63
C ALA B 105 -1.70 -37.16 -74.28
N ARG B 106 -0.47 -37.65 -74.17
CA ARG B 106 -0.08 -38.96 -74.69
C ARG B 106 -0.19 -39.97 -73.56
N GLY B 107 -1.18 -40.87 -73.66
CA GLY B 107 -1.40 -41.84 -72.61
C GLY B 107 -0.37 -42.95 -72.61
N GLU B 108 -0.29 -43.63 -71.47
CA GLU B 108 0.60 -44.77 -71.30
C GLU B 108 -0.16 -45.95 -70.69
N VAL B 109 0.57 -46.98 -70.26
CA VAL B 109 -0.07 -48.13 -69.65
C VAL B 109 -0.83 -47.71 -68.40
N PHE B 110 -2.02 -48.26 -68.22
CA PHE B 110 -2.87 -47.88 -67.10
C PHE B 110 -2.32 -48.43 -65.79
N SER B 111 -2.66 -47.74 -64.70
CA SER B 111 -2.28 -48.16 -63.35
C SER B 111 -3.43 -48.99 -62.78
N GLU B 112 -3.41 -50.28 -63.08
CA GLU B 112 -4.46 -51.20 -62.66
C GLU B 112 -3.98 -52.07 -61.50
N ILE B 113 -4.95 -52.60 -60.76
CA ILE B 113 -4.68 -53.46 -59.62
C ILE B 113 -5.56 -54.70 -59.71
N PHE B 114 -5.16 -55.75 -59.01
CA PHE B 114 -5.89 -57.00 -58.98
C PHE B 114 -6.08 -57.46 -57.55
N PRO B 115 -7.23 -58.07 -57.24
CA PRO B 115 -7.46 -58.58 -55.87
C PRO B 115 -6.83 -59.96 -55.69
N ILE B 116 -5.95 -60.07 -54.70
CA ILE B 116 -5.33 -61.34 -54.32
C ILE B 116 -5.55 -61.54 -52.82
N ASP B 117 -6.01 -62.73 -52.46
CA ASP B 117 -6.23 -63.10 -51.05
C ASP B 117 -7.24 -62.15 -50.40
N GLU B 118 -8.48 -62.19 -50.90
CA GLU B 118 -9.55 -61.32 -50.45
C GLU B 118 -10.08 -61.67 -49.06
N ALA B 119 -9.46 -62.63 -48.36
CA ALA B 119 -9.95 -62.99 -47.04
C ALA B 119 -9.84 -61.82 -46.06
N VAL B 120 -8.68 -61.15 -46.05
CA VAL B 120 -8.54 -59.94 -45.23
C VAL B 120 -9.44 -58.83 -45.77
N VAL B 121 -9.61 -58.77 -47.08
CA VAL B 121 -10.45 -57.74 -47.70
C VAL B 121 -11.90 -57.91 -47.26
N ARG B 122 -12.34 -59.15 -47.07
CA ARG B 122 -13.72 -59.38 -46.63
C ARG B 122 -13.98 -58.78 -45.26
N VAL B 123 -13.05 -58.95 -44.33
CA VAL B 123 -13.22 -58.36 -43.00
C VAL B 123 -13.07 -56.84 -43.07
N LEU B 124 -12.13 -56.36 -43.89
CA LEU B 124 -11.95 -54.91 -44.03
C LEU B 124 -13.20 -54.25 -44.59
N VAL B 125 -13.92 -54.94 -45.49
CA VAL B 125 -15.11 -54.37 -46.10
C VAL B 125 -16.17 -54.11 -45.03
N GLU B 126 -16.43 -55.08 -44.16
CA GLU B 126 -17.44 -54.89 -43.13
C GLU B 126 -16.98 -53.90 -42.07
N GLU B 127 -15.68 -53.92 -41.73
CA GLU B 127 -15.17 -52.95 -40.75
C GLU B 127 -15.32 -51.52 -41.27
N LEU B 128 -15.05 -51.31 -42.56
CA LEU B 128 -15.26 -50.00 -43.15
C LEU B 128 -16.75 -49.68 -43.31
N LYS B 129 -17.58 -50.70 -43.56
CA LYS B 129 -19.00 -50.47 -43.79
C LYS B 129 -19.68 -49.98 -42.52
N GLU B 130 -19.47 -50.68 -41.40
CA GLU B 130 -20.13 -50.32 -40.15
C GLU B 130 -19.83 -48.89 -39.71
N ALA B 131 -18.63 -48.39 -40.01
CA ALA B 131 -18.22 -47.08 -39.53
C ALA B 131 -19.14 -45.98 -40.03
N PHE B 132 -19.54 -46.03 -41.30
CA PHE B 132 -20.49 -45.05 -41.81
C PHE B 132 -21.94 -45.53 -41.72
N GLU B 133 -22.17 -46.85 -41.64
CA GLU B 133 -23.55 -47.33 -41.49
C GLU B 133 -24.12 -46.90 -40.15
N LYS B 134 -23.33 -46.97 -39.08
CA LYS B 134 -23.79 -46.48 -37.78
C LYS B 134 -23.72 -44.96 -37.69
N TYR B 135 -22.94 -44.31 -38.56
CA TYR B 135 -22.84 -42.86 -38.56
C TYR B 135 -24.07 -42.22 -39.18
N VAL B 136 -24.39 -42.61 -40.42
CA VAL B 136 -25.54 -42.02 -41.11
C VAL B 136 -26.83 -42.31 -40.34
N ALA B 137 -26.93 -43.50 -39.76
CA ALA B 137 -28.12 -43.84 -38.97
C ALA B 137 -28.24 -42.92 -37.76
N ASN B 138 -27.14 -42.66 -37.07
CA ASN B 138 -27.16 -41.81 -35.88
C ASN B 138 -27.07 -40.35 -36.25
N HIS B 139 -26.00 -39.95 -36.94
CA HIS B 139 -25.84 -38.58 -37.39
C HIS B 139 -26.54 -38.38 -38.74
N LYS B 140 -27.39 -37.36 -38.81
CA LYS B 140 -28.25 -37.16 -39.98
C LYS B 140 -28.00 -35.85 -40.71
N SER B 141 -27.04 -35.03 -40.26
CA SER B 141 -26.80 -33.76 -40.93
C SER B 141 -26.20 -33.94 -42.32
N LEU B 142 -25.54 -35.07 -42.57
CA LEU B 142 -24.97 -35.33 -43.89
C LEU B 142 -26.03 -35.77 -44.91
N ARG B 143 -27.13 -36.36 -44.46
CA ARG B 143 -28.30 -36.65 -45.31
C ARG B 143 -27.94 -37.55 -46.48
N LEU B 144 -27.37 -38.71 -46.18
CA LEU B 144 -27.13 -39.71 -47.20
C LEU B 144 -28.22 -40.78 -47.19
N ASP B 145 -28.37 -41.43 -48.33
CA ASP B 145 -29.41 -42.45 -48.50
C ASP B 145 -29.09 -43.70 -47.69
N ARG B 146 -30.14 -44.46 -47.38
CA ARG B 146 -30.00 -45.64 -46.53
C ARG B 146 -30.62 -46.90 -47.10
N TYR B 147 -31.45 -46.82 -48.14
CA TYR B 147 -32.18 -47.98 -48.65
C TYR B 147 -31.44 -48.73 -49.74
N GLN B 148 -30.10 -48.66 -49.75
CA GLN B 148 -29.28 -49.42 -50.69
C GLN B 148 -28.45 -50.50 -50.00
N LEU B 149 -28.73 -50.79 -48.73
CA LEU B 149 -27.95 -51.79 -48.00
C LEU B 149 -28.18 -53.20 -48.54
N GLU B 150 -29.39 -53.48 -49.03
CA GLU B 150 -29.71 -54.81 -49.52
C GLU B 150 -28.93 -55.18 -50.77
N ALA B 151 -28.42 -54.19 -51.51
CA ALA B 151 -27.67 -54.45 -52.73
C ALA B 151 -26.17 -54.21 -52.61
N VAL B 152 -25.73 -53.38 -51.67
CA VAL B 152 -24.32 -53.09 -51.53
C VAL B 152 -23.60 -54.10 -50.62
N LYS B 153 -24.34 -54.81 -49.76
CA LYS B 153 -23.70 -55.79 -48.89
C LYS B 153 -23.12 -56.96 -49.67
N GLY B 154 -23.81 -57.38 -50.73
CA GLY B 154 -23.37 -58.51 -51.53
C GLY B 154 -22.27 -58.22 -52.53
N THR B 155 -21.84 -56.97 -52.64
CA THR B 155 -20.78 -56.59 -53.57
C THR B 155 -19.46 -56.52 -52.83
N SER B 156 -18.42 -57.13 -53.41
CA SER B 156 -17.09 -57.17 -52.82
C SER B 156 -16.08 -56.70 -53.85
N ASP B 157 -15.82 -55.39 -53.86
CA ASP B 157 -14.88 -54.78 -54.80
C ASP B 157 -14.30 -53.47 -54.24
N PRO B 158 -13.10 -53.52 -53.66
CA PRO B 158 -12.58 -52.34 -52.95
C PRO B 158 -12.43 -51.11 -53.83
N ALA B 159 -11.99 -51.26 -55.07
CA ALA B 159 -11.77 -50.11 -55.94
C ALA B 159 -13.06 -49.34 -56.18
N MET B 160 -14.16 -50.05 -56.40
CA MET B 160 -15.44 -49.39 -56.59
C MET B 160 -16.00 -48.86 -55.26
N LEU B 161 -15.90 -49.65 -54.19
CA LEU B 161 -16.59 -49.27 -52.96
C LEU B 161 -15.92 -48.09 -52.26
N ALA B 162 -14.59 -48.00 -52.30
CA ALA B 162 -13.91 -46.86 -51.70
C ALA B 162 -14.32 -45.56 -52.38
N ASP B 163 -14.32 -45.56 -53.71
CA ASP B 163 -14.72 -44.35 -54.44
C ASP B 163 -16.21 -44.06 -54.27
N THR B 164 -17.03 -45.10 -54.11
CA THR B 164 -18.45 -44.89 -53.87
C THR B 164 -18.68 -44.23 -52.50
N ILE B 165 -17.97 -44.69 -51.48
CA ILE B 165 -18.12 -44.10 -50.15
C ILE B 165 -17.58 -42.68 -50.15
N ALA B 166 -16.47 -42.44 -50.86
CA ALA B 166 -15.95 -41.08 -50.99
C ALA B 166 -16.95 -40.18 -51.70
N TYR B 167 -17.64 -40.71 -52.72
CA TYR B 167 -18.64 -39.94 -53.44
C TYR B 167 -19.84 -39.62 -52.56
N HIS B 168 -20.22 -40.55 -51.68
CA HIS B 168 -21.41 -40.35 -50.87
C HIS B 168 -21.19 -39.29 -49.80
N ALA B 169 -20.23 -39.52 -48.90
CA ALA B 169 -19.96 -38.57 -47.83
C ALA B 169 -19.17 -37.37 -48.35
N THR B 170 -19.16 -36.31 -47.55
CA THR B 170 -18.51 -35.07 -47.93
C THR B 170 -17.48 -34.66 -46.89
N TRP B 171 -16.33 -34.20 -47.36
CA TRP B 171 -15.25 -33.71 -46.51
C TRP B 171 -14.29 -32.85 -47.31
N THR B 172 -13.12 -32.58 -46.74
CA THR B 172 -12.14 -31.68 -47.36
C THR B 172 -11.83 -32.10 -48.80
N VAL B 173 -11.90 -31.11 -49.70
CA VAL B 173 -11.69 -31.37 -51.13
C VAL B 173 -10.28 -31.81 -51.44
N ALA B 174 -9.28 -31.41 -50.64
CA ALA B 174 -7.92 -31.85 -50.88
C ALA B 174 -7.78 -33.36 -50.74
N GLU B 175 -8.27 -33.93 -49.64
CA GLU B 175 -8.22 -35.38 -49.48
C GLU B 175 -9.24 -36.08 -50.37
N LYS B 176 -10.34 -35.40 -50.72
CA LYS B 176 -11.24 -35.95 -51.74
C LYS B 176 -10.48 -36.22 -53.03
N GLN B 177 -9.86 -35.19 -53.60
CA GLN B 177 -9.11 -35.35 -54.83
C GLN B 177 -7.87 -36.20 -54.65
N GLU B 178 -7.33 -36.29 -53.43
CA GLU B 178 -6.35 -37.31 -53.13
C GLU B 178 -6.91 -38.70 -53.44
N ILE B 179 -8.09 -39.01 -52.91
CA ILE B 179 -8.73 -40.30 -53.20
C ILE B 179 -8.93 -40.46 -54.71
N LEU B 180 -9.37 -39.40 -55.38
CA LEU B 180 -9.47 -39.43 -56.84
C LEU B 180 -8.17 -39.87 -57.50
N GLU B 181 -7.04 -39.33 -57.03
CA GLU B 181 -5.77 -39.70 -57.65
C GLU B 181 -4.77 -40.28 -56.63
N LEU B 182 -5.23 -41.23 -55.82
CA LEU B 182 -4.36 -41.97 -54.89
C LEU B 182 -4.17 -43.38 -55.47
N THR B 183 -2.92 -43.69 -55.85
CA THR B 183 -2.61 -45.01 -56.37
C THR B 183 -2.86 -46.09 -55.32
N ASP B 184 -2.57 -45.79 -54.06
CA ASP B 184 -2.73 -46.76 -52.97
C ASP B 184 -4.20 -46.82 -52.59
N LEU B 185 -4.91 -47.78 -53.19
CA LEU B 185 -6.32 -48.00 -52.84
C LEU B 185 -6.47 -48.37 -51.37
N GLU B 186 -5.51 -49.12 -50.82
CA GLU B 186 -5.53 -49.42 -49.40
C GLU B 186 -5.46 -48.16 -48.56
N ALA B 187 -4.68 -47.18 -49.00
CA ALA B 187 -4.66 -45.89 -48.31
C ALA B 187 -5.98 -45.15 -48.47
N ARG B 188 -6.65 -45.30 -49.62
CA ARG B 188 -7.99 -44.75 -49.77
C ARG B 188 -8.93 -45.30 -48.71
N LEU B 189 -8.96 -46.63 -48.57
CA LEU B 189 -9.80 -47.26 -47.55
C LEU B 189 -9.41 -46.84 -46.15
N LYS B 190 -8.10 -46.76 -45.88
CA LYS B 190 -7.62 -46.36 -44.56
C LYS B 190 -8.10 -44.95 -44.20
N LYS B 191 -7.93 -44.01 -45.12
CA LYS B 191 -8.31 -42.63 -44.82
C LYS B 191 -9.83 -42.49 -44.75
N VAL B 192 -10.57 -43.27 -45.56
CA VAL B 192 -12.02 -43.24 -45.46
C VAL B 192 -12.48 -43.73 -44.09
N LEU B 193 -11.90 -44.85 -43.62
CA LEU B 193 -12.22 -45.36 -42.29
C LEU B 193 -11.87 -44.34 -41.22
N GLY B 194 -10.70 -43.71 -41.36
CA GLY B 194 -10.32 -42.67 -40.41
C GLY B 194 -11.33 -41.54 -40.35
N LEU B 195 -11.74 -41.05 -41.52
CA LEU B 195 -12.72 -39.95 -41.58
C LEU B 195 -14.05 -40.37 -40.97
N LEU B 196 -14.48 -41.61 -41.21
CA LEU B 196 -15.71 -42.09 -40.61
C LEU B 196 -15.62 -42.11 -39.09
N SER B 197 -14.48 -42.58 -38.57
CA SER B 197 -14.29 -42.59 -37.11
C SER B 197 -14.27 -41.17 -36.56
N ARG B 198 -13.59 -40.25 -37.26
CA ARG B 198 -13.56 -38.85 -36.82
C ARG B 198 -14.96 -38.26 -36.80
N ASP B 199 -15.76 -38.55 -37.83
CA ASP B 199 -17.12 -38.03 -37.88
C ASP B 199 -17.97 -38.63 -36.76
N LEU B 200 -17.78 -39.91 -36.46
CA LEU B 200 -18.51 -40.55 -35.37
C LEU B 200 -18.21 -39.86 -34.03
N GLU B 201 -16.93 -39.68 -33.73
CA GLU B 201 -16.59 -39.05 -32.46
C GLU B 201 -16.97 -37.58 -32.45
N ARG B 202 -16.97 -36.96 -33.64
CA ARG B 202 -17.35 -35.54 -33.79
C ARG B 202 -18.84 -35.39 -33.47
N PHE B 203 -19.69 -36.31 -33.94
CA PHE B 203 -21.12 -36.27 -33.66
C PHE B 203 -21.40 -36.62 -32.20
N GLU B 204 -20.67 -37.59 -31.65
CA GLU B 204 -20.83 -37.89 -30.23
C GLU B 204 -20.48 -36.69 -29.36
N LEU B 205 -19.40 -35.98 -29.69
CA LEU B 205 -19.03 -34.77 -28.97
C LEU B 205 -20.13 -33.73 -29.06
N ASP B 206 -20.67 -33.52 -30.27
CA ASP B 206 -21.74 -32.55 -30.45
C ASP B 206 -22.97 -32.91 -29.63
N LYS B 207 -23.36 -34.19 -29.65
CA LYS B 207 -24.54 -34.61 -28.91
C LYS B 207 -24.34 -34.44 -27.40
N ARG B 208 -23.16 -34.84 -26.91
CA ARG B 208 -22.95 -34.78 -25.47
C ARG B 208 -22.83 -33.34 -24.99
N VAL B 209 -22.19 -32.51 -25.83
CA VAL B 209 -21.99 -31.06 -25.54
C VAL B 209 -23.31 -30.34 -25.83
N ALA B 210 -24.09 -30.79 -26.82
CA ALA B 210 -25.43 -30.20 -27.06
C ALA B 210 -26.34 -30.66 -25.92
N GLN B 211 -26.24 -31.94 -25.56
CA GLN B 211 -27.01 -32.45 -24.40
C GLN B 211 -26.37 -31.88 -23.14
N ARG B 212 -25.09 -31.52 -23.19
CA ARG B 212 -24.47 -30.89 -22.00
C ARG B 212 -25.17 -29.55 -21.79
N VAL B 213 -25.42 -28.81 -22.88
CA VAL B 213 -26.11 -27.50 -22.83
C VAL B 213 -27.56 -27.73 -22.39
N LYS B 214 -28.16 -28.85 -22.84
CA LYS B 214 -29.53 -29.17 -22.36
C LYS B 214 -29.52 -29.27 -20.83
N GLU B 215 -28.58 -30.06 -20.30
CA GLU B 215 -28.55 -30.26 -18.82
C GLU B 215 -28.23 -28.92 -18.17
N GLN B 216 -27.42 -28.08 -18.82
CA GLN B 216 -27.00 -26.77 -18.25
C GLN B 216 -28.23 -25.87 -18.13
N MET B 217 -29.09 -25.87 -19.15
CA MET B 217 -30.31 -25.02 -19.15
C MET B 217 -31.30 -25.61 -18.15
N ASP B 218 -31.29 -26.93 -17.97
CA ASP B 218 -32.18 -27.52 -16.93
C ASP B 218 -31.70 -26.98 -15.58
N THR B 219 -30.37 -26.94 -15.39
CA THR B 219 -29.79 -26.44 -14.12
C THR B 219 -30.17 -24.96 -13.98
N ASN B 220 -30.17 -24.22 -15.09
CA ASN B 220 -30.50 -22.77 -15.05
C ASN B 220 -31.94 -22.62 -14.60
N GLN B 221 -32.83 -23.47 -15.12
CA GLN B 221 -34.26 -23.45 -14.69
C GLN B 221 -34.33 -23.55 -13.17
N ARG B 222 -33.77 -24.62 -12.60
CA ARG B 222 -33.84 -24.82 -11.13
C ARG B 222 -33.24 -23.61 -10.42
N GLU B 223 -32.05 -23.19 -10.84
CA GLU B 223 -31.39 -22.01 -10.21
C GLU B 223 -32.38 -20.83 -10.17
N TYR B 224 -33.11 -20.63 -11.28
CA TYR B 224 -34.09 -19.52 -11.39
C TYR B 224 -35.27 -19.81 -10.45
N TYR B 225 -35.66 -21.07 -10.35
CA TYR B 225 -36.77 -21.46 -9.43
C TYR B 225 -36.29 -21.17 -8.01
N LEU B 226 -35.03 -21.49 -7.72
CA LEU B 226 -34.46 -21.24 -6.38
C LEU B 226 -34.45 -19.73 -6.14
N ARG B 227 -34.07 -18.96 -7.17
CA ARG B 227 -33.97 -17.48 -7.04
C ARG B 227 -35.29 -16.91 -6.54
N GLU B 228 -36.38 -17.17 -7.26
CA GLU B 228 -37.72 -16.64 -6.87
C GLU B 228 -38.05 -17.14 -5.46
N GLN B 229 -37.59 -18.35 -5.10
CA GLN B 229 -37.80 -18.87 -3.73
C GLN B 229 -37.16 -17.89 -2.74
N MET B 230 -35.90 -17.54 -2.96
CA MET B 230 -35.21 -16.55 -2.08
C MET B 230 -35.97 -15.23 -2.17
N LYS B 231 -36.39 -14.82 -3.38
CA LYS B 231 -37.16 -13.57 -3.56
C LYS B 231 -38.40 -13.62 -2.67
N ALA B 232 -39.28 -14.62 -2.87
CA ALA B 232 -40.48 -14.75 -2.03
C ALA B 232 -40.06 -14.60 -0.56
N ILE B 233 -38.98 -15.26 -0.16
CA ILE B 233 -38.47 -15.14 1.24
C ILE B 233 -38.01 -13.68 1.46
N GLN B 234 -37.26 -13.13 0.50
CA GLN B 234 -36.75 -11.73 0.65
C GLN B 234 -37.93 -10.77 0.77
N LYS B 235 -38.97 -10.96 -0.04
CA LYS B 235 -40.18 -10.08 0.03
C LYS B 235 -40.80 -10.22 1.42
N GLU B 236 -40.91 -11.45 1.92
CA GLU B 236 -41.47 -11.68 3.28
C GLU B 236 -40.63 -10.89 4.29
N LEU B 237 -39.29 -11.01 4.19
CA LEU B 237 -38.38 -10.31 5.13
C LEU B 237 -38.59 -8.80 4.99
N GLY B 238 -38.70 -8.31 3.75
CA GLY B 238 -38.93 -6.87 3.52
C GLY B 238 -40.18 -6.40 4.25
N GLY B 239 -41.22 -7.25 4.29
CA GLY B 239 -42.45 -6.91 5.02
C GLY B 239 -42.19 -6.79 6.52
N GLU B 240 -41.02 -7.25 6.97
CA GLU B 240 -40.69 -7.23 8.42
C GLU B 240 -39.65 -6.14 8.70
N ASP B 241 -38.38 -6.40 8.38
CA ASP B 241 -37.30 -5.43 8.68
C ASP B 241 -37.51 -4.15 7.86
N GLY B 242 -38.03 -4.26 6.64
CA GLY B 242 -38.19 -3.08 5.77
C GLY B 242 -39.61 -2.56 5.74
N LEU B 243 -39.99 -1.77 4.74
CA LEU B 243 -41.39 -1.32 4.54
C LEU B 243 -41.83 -0.39 5.69
N SER B 244 -42.84 -0.76 6.49
CA SER B 244 -43.35 0.03 7.65
C SER B 244 -42.23 0.21 8.69
N ASP B 245 -41.42 -0.83 8.91
CA ASP B 245 -40.32 -0.74 9.91
C ASP B 245 -39.40 0.42 9.53
N LEU B 246 -38.89 0.43 8.30
CA LEU B 246 -37.99 1.50 7.80
C LEU B 246 -38.77 2.80 7.63
N GLU B 247 -40.08 2.74 7.43
CA GLU B 247 -40.95 3.95 7.39
C GLU B 247 -41.01 4.58 8.78
N ALA B 248 -41.18 3.75 9.81
CA ALA B 248 -41.23 4.26 11.21
C ALA B 248 -39.88 4.89 11.57
N LEU B 249 -38.78 4.20 11.24
CA LEU B 249 -37.43 4.76 11.50
C LEU B 249 -37.30 6.07 10.73
N ARG B 250 -37.77 6.09 9.49
CA ARG B 250 -37.67 7.31 8.64
C ARG B 250 -38.37 8.48 9.33
N LYS B 251 -39.64 8.29 9.70
CA LYS B 251 -40.42 9.40 10.34
C LYS B 251 -39.76 9.76 11.66
N LYS B 252 -39.28 8.76 12.41
CA LYS B 252 -38.60 9.01 13.71
C LYS B 252 -37.38 9.91 13.48
N ILE B 253 -36.57 9.58 12.48
CA ILE B 253 -35.37 10.41 12.15
C ILE B 253 -35.85 11.79 11.69
N GLU B 254 -36.97 11.84 10.96
CA GLU B 254 -37.53 13.16 10.54
C GLU B 254 -37.92 13.93 11.80
N GLU B 255 -37.95 13.24 12.95
CA GLU B 255 -38.36 13.88 14.22
C GLU B 255 -37.13 14.31 15.04
N VAL B 256 -36.08 13.47 15.06
CA VAL B 256 -34.90 13.78 15.92
C VAL B 256 -33.60 13.51 15.15
N GLY B 257 -33.65 13.57 13.82
CA GLY B 257 -32.43 13.39 13.00
C GLY B 257 -31.72 14.70 12.76
N MET B 258 -30.59 14.70 12.06
CA MET B 258 -29.88 15.96 11.71
C MET B 258 -30.86 16.85 10.95
N PRO B 259 -30.65 18.19 10.93
CA PRO B 259 -31.58 19.12 10.30
C PRO B 259 -31.82 18.62 8.89
N GLU B 260 -32.81 19.12 8.16
CA GLU B 260 -33.13 18.66 6.78
C GLU B 260 -31.99 19.06 5.85
N ALA B 261 -31.48 20.29 5.96
CA ALA B 261 -30.37 20.80 5.11
C ALA B 261 -29.12 19.95 5.34
N VAL B 262 -28.98 19.34 6.51
CA VAL B 262 -27.85 18.42 6.83
C VAL B 262 -28.20 17.01 6.33
N LYS B 263 -29.43 16.56 6.59
CA LYS B 263 -29.89 15.21 6.21
C LYS B 263 -29.85 15.04 4.70
N THR B 264 -29.68 16.11 3.90
CA THR B 264 -29.79 16.05 2.42
C THR B 264 -28.88 14.93 1.89
N LYS B 265 -27.61 14.89 2.28
CA LYS B 265 -26.70 13.81 1.81
C LYS B 265 -27.32 12.47 2.21
N ALA B 266 -27.66 12.32 3.47
CA ALA B 266 -28.23 11.01 3.91
C ALA B 266 -29.40 10.65 3.00
N LEU B 267 -30.27 11.62 2.69
CA LEU B 267 -31.42 11.37 1.79
C LEU B 267 -30.89 10.94 0.42
N LYS B 268 -29.82 11.58 -0.07
CA LYS B 268 -29.21 11.22 -1.37
C LYS B 268 -28.95 9.73 -1.34
N GLU B 269 -28.16 9.25 -0.37
CA GLU B 269 -27.81 7.81 -0.28
C GLU B 269 -29.08 6.99 -0.07
N LEU B 270 -29.99 7.47 0.77
CA LEU B 270 -31.24 6.72 1.07
C LEU B 270 -32.00 6.46 -0.25
N ASP B 271 -32.12 7.48 -1.10
CA ASP B 271 -32.89 7.34 -2.36
C ASP B 271 -32.25 6.25 -3.23
N ARG B 272 -30.93 6.31 -3.44
CA ARG B 272 -30.27 5.34 -4.35
C ARG B 272 -30.33 3.94 -3.71
N LEU B 273 -29.95 3.82 -2.44
CA LEU B 273 -29.91 2.47 -1.80
C LEU B 273 -31.32 1.86 -1.85
N GLU B 274 -32.35 2.67 -1.62
CA GLU B 274 -33.75 2.18 -1.70
C GLU B 274 -34.08 1.87 -3.17
N ARG B 275 -33.70 2.78 -4.08
CA ARG B 275 -34.01 2.60 -5.52
C ARG B 275 -33.28 1.35 -6.04
N MET B 276 -32.09 1.07 -5.49
CA MET B 276 -31.30 -0.12 -5.91
C MET B 276 -32.13 -1.38 -5.66
N GLN B 277 -31.94 -2.42 -6.48
CA GLN B 277 -32.73 -3.67 -6.35
C GLN B 277 -32.61 -4.19 -4.91
N GLN B 278 -33.68 -4.78 -4.39
CA GLN B 278 -33.67 -5.29 -2.98
C GLN B 278 -32.52 -6.29 -2.83
N GLY B 279 -31.75 -6.20 -1.75
CA GLY B 279 -30.64 -7.13 -1.50
C GLY B 279 -29.37 -6.72 -2.20
N SER B 280 -29.42 -5.60 -2.94
CA SER B 280 -28.21 -5.10 -3.65
C SER B 280 -27.10 -4.78 -2.64
N PRO B 281 -25.85 -5.21 -2.87
CA PRO B 281 -24.75 -4.86 -1.98
C PRO B 281 -24.56 -3.35 -1.97
N GLU B 282 -24.70 -2.71 -3.14
CA GLU B 282 -24.59 -1.23 -3.23
C GLU B 282 -25.67 -0.62 -2.33
N ALA B 283 -26.86 -1.22 -2.32
CA ALA B 283 -27.95 -0.74 -1.43
C ALA B 283 -27.46 -0.84 0.02
N THR B 284 -26.87 -1.97 0.39
CA THR B 284 -26.32 -2.14 1.76
C THR B 284 -25.15 -1.17 1.95
N VAL B 285 -24.37 -0.93 0.89
CA VAL B 285 -23.20 -0.01 0.96
C VAL B 285 -23.70 1.35 1.45
N ALA B 286 -24.87 1.79 0.98
CA ALA B 286 -25.45 3.07 1.44
C ALA B 286 -26.35 2.81 2.65
N ARG B 287 -26.91 1.60 2.76
CA ARG B 287 -27.79 1.26 3.88
C ARG B 287 -27.05 1.40 5.20
N THR B 288 -25.77 1.02 5.24
CA THR B 288 -24.99 1.22 6.47
C THR B 288 -24.81 2.69 6.78
N TYR B 289 -24.62 3.53 5.75
CA TYR B 289 -24.53 4.98 5.96
C TYR B 289 -25.84 5.52 6.54
N LEU B 290 -26.97 5.11 5.97
CA LEU B 290 -28.27 5.58 6.45
C LEU B 290 -28.52 5.12 7.88
N ASP B 291 -28.22 3.85 8.17
CA ASP B 291 -28.38 3.32 9.52
C ASP B 291 -27.47 4.03 10.52
N TRP B 292 -26.26 4.39 10.10
CA TRP B 292 -25.36 5.12 10.98
C TRP B 292 -25.89 6.51 11.28
N LEU B 293 -26.43 7.20 10.28
CA LEU B 293 -27.04 8.50 10.51
C LEU B 293 -28.25 8.40 11.43
N THR B 294 -29.07 7.37 11.21
CA THR B 294 -30.30 7.19 12.03
C THR B 294 -29.94 6.85 13.48
N GLU B 295 -28.93 5.99 13.67
CA GLU B 295 -28.58 5.53 15.05
C GLU B 295 -27.86 6.65 15.81
N VAL B 296 -26.98 7.39 15.14
CA VAL B 296 -26.18 8.42 15.84
C VAL B 296 -27.11 9.53 16.31
N PRO B 297 -26.98 10.01 17.56
CA PRO B 297 -27.95 10.99 18.06
C PRO B 297 -27.83 12.35 17.40
N TRP B 298 -28.96 13.05 17.31
CA TRP B 298 -29.03 14.42 16.81
C TRP B 298 -30.03 15.20 17.63
N SER B 299 -29.59 16.36 18.13
CA SER B 299 -30.42 17.29 18.92
C SER B 299 -31.09 16.60 20.11
N LYS B 300 -30.56 15.46 20.54
CA LYS B 300 -31.06 14.77 21.73
C LYS B 300 -29.93 14.71 22.74
N ALA B 301 -30.21 15.14 23.97
CA ALA B 301 -29.16 15.30 24.98
C ALA B 301 -29.65 14.74 26.31
N ASP B 302 -28.72 14.69 27.26
CA ASP B 302 -29.04 14.30 28.62
C ASP B 302 -29.86 15.38 29.30
N PRO B 303 -30.52 15.07 30.41
CA PRO B 303 -31.20 16.11 31.18
C PRO B 303 -30.20 17.20 31.58
N GLU B 304 -30.67 18.44 31.54
CA GLU B 304 -29.79 19.59 31.69
C GLU B 304 -29.39 19.82 33.15
N VAL B 305 -28.84 21.01 33.43
CA VAL B 305 -28.23 21.35 34.71
C VAL B 305 -29.08 20.90 35.90
N LEU B 306 -28.43 20.31 36.88
CA LEU B 306 -29.04 19.89 38.14
C LEU B 306 -28.37 20.62 39.30
N ASP B 307 -28.77 20.27 40.52
CA ASP B 307 -28.20 20.89 41.70
C ASP B 307 -26.71 20.58 41.82
N ILE B 308 -25.92 21.63 42.08
CA ILE B 308 -24.48 21.46 42.22
C ILE B 308 -24.11 20.84 43.57
N ASN B 309 -24.92 21.06 44.60
CA ASN B 309 -24.60 20.52 45.92
C ASN B 309 -24.60 19.00 45.92
N HIS B 310 -25.56 18.39 45.21
CA HIS B 310 -25.61 16.93 45.17
C HIS B 310 -24.43 16.36 44.38
N THR B 311 -24.09 16.97 43.24
CA THR B 311 -23.03 16.43 42.40
C THR B 311 -21.64 16.68 42.97
N ARG B 312 -21.46 17.71 43.80
CA ARG B 312 -20.14 17.95 44.36
C ARG B 312 -19.74 16.86 45.34
N GLN B 313 -20.69 16.32 46.12
CA GLN B 313 -20.37 15.19 46.99
C GLN B 313 -19.97 13.97 46.19
N VAL B 314 -20.68 13.71 45.07
CA VAL B 314 -20.36 12.55 44.24
C VAL B 314 -18.98 12.72 43.63
N LEU B 315 -18.64 13.93 43.18
CA LEU B 315 -17.32 14.16 42.62
C LEU B 315 -16.22 14.09 43.69
N ASP B 316 -16.54 14.48 44.93
CA ASP B 316 -15.56 14.45 46.00
C ASP B 316 -15.30 13.04 46.51
N GLU B 317 -16.31 12.17 46.53
CA GLU B 317 -16.14 10.83 47.07
C GLU B 317 -15.41 9.88 46.12
N ASP B 318 -15.53 10.10 44.81
CA ASP B 318 -14.83 9.22 43.87
C ASP B 318 -13.32 9.46 43.90
N HIS B 319 -12.89 10.72 44.05
CA HIS B 319 -11.48 11.06 44.06
C HIS B 319 -11.22 12.11 45.12
N TYR B 320 -10.22 11.87 45.96
CA TYR B 320 -9.77 12.86 46.92
C TYR B 320 -8.79 13.81 46.26
N GLY B 321 -8.86 15.08 46.66
CA GLY B 321 -8.05 16.11 46.05
C GLY B 321 -8.62 16.57 44.72
N LEU B 322 -7.76 16.81 43.73
CA LEU B 322 -8.19 17.20 42.39
C LEU B 322 -9.07 18.45 42.43
N LYS B 323 -8.63 19.45 43.18
CA LYS B 323 -9.43 20.65 43.39
C LYS B 323 -9.67 21.39 42.08
N ASP B 324 -8.65 21.49 41.23
CA ASP B 324 -8.81 22.22 39.98
C ASP B 324 -9.82 21.55 39.05
N VAL B 325 -9.71 20.23 38.89
CA VAL B 325 -10.64 19.50 38.02
C VAL B 325 -12.05 19.56 38.60
N LYS B 326 -12.18 19.42 39.92
CA LYS B 326 -13.49 19.50 40.55
C LYS B 326 -14.11 20.88 40.37
N GLU B 327 -13.31 21.94 40.51
CA GLU B 327 -13.81 23.29 40.29
C GLU B 327 -14.27 23.45 38.85
N ARG B 328 -13.50 22.94 37.89
CA ARG B 328 -13.89 23.00 36.49
C ARG B 328 -15.24 22.31 36.26
N ILE B 329 -15.39 21.10 36.80
CA ILE B 329 -16.62 20.33 36.59
C ILE B 329 -17.81 21.03 37.23
N LEU B 330 -17.63 21.53 38.46
CA LEU B 330 -18.73 22.20 39.14
C LEU B 330 -19.13 23.49 38.42
N GLU B 331 -18.15 24.29 38.00
CA GLU B 331 -18.48 25.57 37.37
C GLU B 331 -19.00 25.39 35.95
N TYR B 332 -18.75 24.24 35.32
CA TYR B 332 -19.39 23.97 34.04
C TYR B 332 -20.90 23.95 34.17
N LEU B 333 -21.43 23.57 35.34
CA LEU B 333 -22.86 23.54 35.55
C LEU B 333 -23.43 24.92 35.87
N ALA B 334 -22.60 25.84 36.36
CA ALA B 334 -23.09 27.16 36.71
C ALA B 334 -23.59 27.91 35.47
N VAL B 335 -22.82 27.86 34.38
CA VAL B 335 -23.27 28.50 33.15
C VAL B 335 -24.47 27.77 32.57
N ARG B 336 -24.51 26.44 32.69
CA ARG B 336 -25.67 25.68 32.25
C ARG B 336 -26.94 26.10 32.99
N GLN B 337 -26.83 26.44 34.27
CA GLN B 337 -27.96 26.95 35.03
C GLN B 337 -28.30 28.38 34.66
N LEU B 338 -27.28 29.22 34.43
CA LEU B 338 -27.54 30.62 34.10
C LEU B 338 -28.12 30.79 32.70
N THR B 339 -27.88 29.84 31.79
CA THR B 339 -28.45 29.89 30.45
C THR B 339 -29.71 29.03 30.33
N GLN B 340 -30.50 28.94 31.40
CA GLN B 340 -31.72 28.15 31.37
C GLN B 340 -32.79 28.88 30.57
N GLY B 341 -33.28 28.24 29.52
CA GLY B 341 -34.35 28.79 28.71
C GLY B 341 -33.93 29.84 27.70
N LEU B 342 -32.64 30.13 27.58
CA LEU B 342 -32.17 31.15 26.66
C LEU B 342 -32.03 30.58 25.26
N ASP B 343 -31.54 31.40 24.33
CA ASP B 343 -31.43 31.06 22.92
C ASP B 343 -30.02 31.31 22.42
N VAL B 344 -29.03 30.83 23.17
CA VAL B 344 -27.63 30.99 22.81
C VAL B 344 -27.03 29.63 22.52
N ARG B 345 -26.00 29.61 21.68
CA ARG B 345 -25.33 28.37 21.31
C ARG B 345 -24.69 27.73 22.53
N ASN B 346 -24.88 26.42 22.66
CA ASN B 346 -24.30 25.65 23.76
C ASN B 346 -23.07 24.91 23.23
N LYS B 347 -21.93 25.15 23.87
CA LYS B 347 -20.66 24.54 23.47
C LYS B 347 -19.99 23.96 24.71
N ALA B 348 -19.86 22.64 24.75
CA ALA B 348 -19.19 21.98 25.85
C ALA B 348 -17.68 22.11 25.69
N PRO B 349 -16.96 22.66 26.66
CA PRO B 349 -15.52 22.87 26.49
C PRO B 349 -14.75 21.57 26.42
N ILE B 350 -13.63 21.61 25.68
CA ILE B 350 -12.72 20.48 25.63
C ILE B 350 -11.93 20.42 26.93
N LEU B 351 -11.45 19.23 27.27
CA LEU B 351 -10.66 19.03 28.48
C LEU B 351 -9.41 18.22 28.15
N VAL B 352 -8.26 18.67 28.67
CA VAL B 352 -7.01 17.92 28.56
C VAL B 352 -6.40 17.82 29.96
N LEU B 353 -5.91 16.63 30.30
CA LEU B 353 -5.27 16.38 31.59
C LEU B 353 -3.84 15.95 31.33
N VAL B 354 -2.89 16.69 31.88
CA VAL B 354 -1.46 16.41 31.71
C VAL B 354 -0.88 16.07 33.07
N GLY B 355 -0.06 15.03 33.10
CA GLY B 355 0.57 14.57 34.32
C GLY B 355 1.18 13.20 34.17
N PRO B 356 1.82 12.72 35.23
CA PRO B 356 2.43 11.39 35.17
C PRO B 356 1.36 10.32 35.01
N PRO B 357 1.72 9.20 34.38
CA PRO B 357 0.71 8.13 34.18
C PRO B 357 0.16 7.56 35.47
N GLY B 358 0.89 7.66 36.57
CA GLY B 358 0.39 7.14 37.84
C GLY B 358 -0.85 7.89 38.32
N VAL B 359 -0.93 9.19 38.03
CA VAL B 359 -2.09 9.98 38.44
C VAL B 359 -3.34 9.43 37.77
N GLY B 360 -4.40 9.27 38.56
CA GLY B 360 -5.62 8.65 38.08
C GLY B 360 -6.42 9.52 37.13
N LYS B 361 -5.81 9.93 36.02
CA LYS B 361 -6.51 10.77 35.06
C LYS B 361 -7.58 9.97 34.31
N THR B 362 -7.31 8.70 34.03
CA THR B 362 -8.25 7.90 33.24
C THR B 362 -9.56 7.67 33.98
N SER B 363 -9.51 7.49 35.30
CA SER B 363 -10.73 7.27 36.08
C SER B 363 -11.67 8.47 36.06
N LEU B 364 -11.18 9.65 35.66
CA LEU B 364 -12.07 10.80 35.51
C LEU B 364 -13.16 10.56 34.48
N GLY B 365 -12.93 9.69 33.49
CA GLY B 365 -13.96 9.41 32.50
C GLY B 365 -15.23 8.88 33.12
N ARG B 366 -15.10 8.04 34.15
CA ARG B 366 -16.26 7.57 34.90
C ARG B 366 -16.64 8.50 36.04
N SER B 367 -15.66 9.15 36.68
CA SER B 367 -15.97 10.03 37.80
C SER B 367 -16.84 11.20 37.36
N ILE B 368 -16.45 11.88 36.28
CA ILE B 368 -17.23 13.02 35.78
C ILE B 368 -18.60 12.57 35.28
N ALA B 369 -18.64 11.42 34.60
CA ALA B 369 -19.91 10.89 34.10
C ALA B 369 -20.88 10.61 35.23
N ARG B 370 -20.39 10.02 36.31
CA ARG B 370 -21.25 9.83 37.49
C ARG B 370 -21.53 11.15 38.19
N SER B 371 -20.66 12.15 38.04
CA SER B 371 -20.92 13.46 38.63
C SER B 371 -22.13 14.12 38.00
N MET B 372 -22.23 14.12 36.67
CA MET B 372 -23.40 14.66 35.99
C MET B 372 -24.35 13.59 35.48
N ASN B 373 -24.23 12.35 35.95
CA ASN B 373 -25.11 11.25 35.54
C ASN B 373 -25.08 11.05 34.02
N ARG B 374 -23.98 11.44 33.39
CA ARG B 374 -23.85 11.37 31.94
C ARG B 374 -23.44 9.96 31.51
N LYS B 375 -23.63 9.69 30.23
CA LYS B 375 -23.12 8.48 29.62
C LYS B 375 -21.71 8.73 29.10
N PHE B 376 -20.85 7.72 29.24
CA PHE B 376 -19.43 7.90 28.99
C PHE B 376 -18.90 6.76 28.13
N HIS B 377 -18.01 7.11 27.20
CA HIS B 377 -17.25 6.13 26.44
C HIS B 377 -15.83 6.64 26.26
N ARG B 378 -14.89 5.70 26.15
CA ARG B 378 -13.47 6.04 26.01
C ARG B 378 -12.91 5.37 24.75
N ILE B 379 -12.12 6.16 24.03
CA ILE B 379 -11.49 5.65 22.78
C ILE B 379 -9.98 5.67 22.97
N SER B 380 -9.31 4.56 22.69
CA SER B 380 -7.85 4.47 22.95
C SER B 380 -7.08 5.14 21.81
N LEU B 381 -7.14 6.47 21.76
CA LEU B 381 -6.35 7.15 20.71
C LEU B 381 -4.88 7.24 21.12
N GLY B 382 -4.11 8.06 20.43
CA GLY B 382 -2.67 8.20 20.63
C GLY B 382 -1.95 6.94 20.22
N GLY B 383 -0.68 7.06 19.92
CA GLY B 383 0.04 5.92 19.32
C GLY B 383 -0.79 5.28 18.21
N VAL B 384 -1.22 6.07 17.24
CA VAL B 384 -1.99 5.53 16.08
C VAL B 384 -1.48 6.20 14.80
N ARG B 385 -1.44 5.51 13.64
CA ARG B 385 -1.07 6.17 12.36
C ARG B 385 -2.11 5.80 11.30
N ASP B 386 -3.36 6.29 11.43
CA ASP B 386 -4.40 6.06 10.41
C ASP B 386 -5.42 7.20 10.49
N GLU B 387 -5.20 8.30 9.75
CA GLU B 387 -6.21 9.39 9.71
C GLU B 387 -7.58 8.82 9.48
N ALA B 388 -7.67 7.87 8.60
CA ALA B 388 -8.98 7.30 8.25
C ALA B 388 -9.68 6.77 9.51
N GLU B 389 -8.93 6.47 10.58
CA GLU B 389 -9.55 6.01 11.84
C GLU B 389 -10.29 7.19 12.48
N ILE B 390 -9.65 8.35 12.56
CA ILE B 390 -10.30 9.57 13.12
C ILE B 390 -11.45 9.96 12.20
N ARG B 391 -11.23 10.19 10.90
CA ARG B 391 -12.31 10.73 10.02
C ARG B 391 -12.92 9.63 9.17
N GLY B 392 -12.96 8.39 9.64
CA GLY B 392 -13.45 7.31 8.76
C GLY B 392 -12.80 7.43 7.40
N HIS B 393 -13.55 7.18 6.34
CA HIS B 393 -12.96 7.23 4.97
C HIS B 393 -14.09 7.29 3.93
N ARG B 394 -13.76 7.64 2.69
CA ARG B 394 -14.76 7.64 1.60
C ARG B 394 -15.55 6.32 1.70
N ARG B 395 -16.88 6.38 1.81
CA ARG B 395 -17.72 5.16 1.91
C ARG B 395 -17.51 4.31 0.65
N THR B 396 -16.92 4.90 -0.39
CA THR B 396 -16.75 4.17 -1.69
C THR B 396 -15.81 2.98 -1.49
N TYR B 397 -14.81 3.11 -0.61
CA TYR B 397 -13.82 2.01 -0.41
C TYR B 397 -14.55 0.76 0.10
N ILE B 398 -13.98 -0.42 -0.14
CA ILE B 398 -14.64 -1.70 0.26
C ILE B 398 -14.95 -1.61 1.75
N GLY B 399 -16.14 -2.05 2.17
CA GLY B 399 -16.54 -1.92 3.58
C GLY B 399 -16.78 -0.46 3.94
N ALA B 400 -16.75 -0.12 5.23
CA ALA B 400 -16.92 1.29 5.66
C ALA B 400 -16.70 1.40 7.17
N MET B 401 -16.00 2.44 7.61
CA MET B 401 -15.79 2.65 9.07
C MET B 401 -15.69 4.14 9.36
N PRO B 402 -16.76 4.79 9.87
CA PRO B 402 -16.69 6.19 10.23
C PRO B 402 -15.60 6.37 11.29
N GLY B 403 -15.11 7.60 11.44
CA GLY B 403 -14.02 7.84 12.39
C GLY B 403 -14.32 7.26 13.76
N LYS B 404 -13.29 6.93 14.53
CA LYS B 404 -13.47 6.33 15.87
C LYS B 404 -14.45 7.19 16.68
N LEU B 405 -14.15 8.49 16.83
CA LEU B 405 -15.02 9.39 17.64
C LEU B 405 -16.47 9.02 17.36
N ILE B 406 -16.86 9.01 16.09
CA ILE B 406 -18.23 8.75 15.71
C ILE B 406 -18.66 7.35 16.14
N HIS B 407 -17.73 6.38 16.04
CA HIS B 407 -18.02 5.05 16.57
C HIS B 407 -18.27 5.08 18.06
N ALA B 408 -17.48 5.86 18.80
CA ALA B 408 -17.69 5.97 20.25
C ALA B 408 -19.04 6.59 20.56
N MET B 409 -19.43 7.62 19.81
CA MET B 409 -20.68 8.32 20.07
C MET B 409 -21.90 7.61 19.48
N LYS B 410 -21.69 6.54 18.70
CA LYS B 410 -22.81 5.78 18.17
C LYS B 410 -23.69 5.22 19.29
N GLN B 411 -23.09 4.51 20.24
CA GLN B 411 -23.86 3.88 21.30
C GLN B 411 -24.37 4.87 22.33
N VAL B 412 -23.66 6.00 22.49
CA VAL B 412 -24.10 7.07 23.43
C VAL B 412 -25.19 7.86 22.73
N GLY B 413 -26.45 7.74 23.16
CA GLY B 413 -27.57 8.39 22.50
C GLY B 413 -27.84 9.81 22.96
N VAL B 414 -26.78 10.59 23.17
CA VAL B 414 -26.91 12.01 23.51
C VAL B 414 -25.94 12.80 22.67
N ILE B 415 -26.29 14.07 22.43
CA ILE B 415 -25.39 14.98 21.70
C ILE B 415 -24.34 15.60 22.58
N ASN B 416 -24.38 15.33 23.89
CA ASN B 416 -23.36 15.80 24.83
C ASN B 416 -22.84 14.63 25.66
N PRO B 417 -22.12 13.70 25.04
CA PRO B 417 -21.56 12.57 25.78
C PRO B 417 -20.28 12.99 26.50
N VAL B 418 -19.71 12.04 27.22
CA VAL B 418 -18.40 12.18 27.84
C VAL B 418 -17.45 11.27 27.07
N ILE B 419 -16.50 11.88 26.36
CA ILE B 419 -15.58 11.17 25.49
C ILE B 419 -14.17 11.32 26.05
N LEU B 420 -13.48 10.19 26.24
CA LEU B 420 -12.13 10.24 26.86
C LEU B 420 -11.07 9.82 25.85
N LEU B 421 -10.26 10.78 25.40
CA LEU B 421 -9.18 10.49 24.41
C LEU B 421 -7.97 9.99 25.20
N ASP B 422 -7.90 8.69 25.46
CA ASP B 422 -6.80 8.19 26.34
C ASP B 422 -5.45 8.38 25.65
N GLU B 423 -4.51 9.01 26.38
CA GLU B 423 -3.12 9.24 25.89
C GLU B 423 -3.13 9.56 24.40
N ILE B 424 -3.52 10.78 23.99
CA ILE B 424 -3.46 11.21 22.56
C ILE B 424 -2.08 11.82 22.33
N ASP B 425 -1.29 11.94 23.40
CA ASP B 425 0.08 12.52 23.29
C ASP B 425 0.90 11.63 22.35
N LYS B 426 0.75 10.30 22.50
CA LYS B 426 1.56 9.34 21.69
C LYS B 426 1.11 9.39 20.23
N MET B 427 0.12 10.23 19.91
CA MET B 427 -0.37 10.34 18.51
C MET B 427 0.84 10.36 17.56
N SER B 428 0.88 9.43 16.60
CA SER B 428 2.03 9.37 15.66
C SER B 428 1.58 9.78 14.25
N SER B 429 2.25 10.74 13.61
CA SER B 429 1.76 11.25 12.31
C SER B 429 2.60 10.77 11.12
N ASP B 430 3.33 11.69 10.46
CA ASP B 430 4.21 11.34 9.30
C ASP B 430 3.53 10.38 8.33
N TRP B 431 4.13 9.21 8.06
CA TRP B 431 3.61 8.26 7.04
C TRP B 431 2.10 8.00 7.20
N ARG B 432 1.40 7.77 6.08
CA ARG B 432 -0.06 7.48 6.11
C ARG B 432 -0.86 8.76 6.37
N GLY B 433 -2.16 8.72 6.13
CA GLY B 433 -3.00 9.89 6.48
C GLY B 433 -2.79 10.23 7.93
N ASP B 434 -2.60 11.51 8.26
CA ASP B 434 -2.27 11.88 9.65
C ASP B 434 -3.51 11.86 10.55
N PRO B 435 -3.70 10.84 11.42
CA PRO B 435 -4.81 10.86 12.40
C PRO B 435 -4.94 12.19 13.12
N ALA B 436 -3.83 12.73 13.59
CA ALA B 436 -3.85 13.99 14.37
C ALA B 436 -4.41 15.13 13.51
N SER B 437 -3.87 15.30 12.30
CA SER B 437 -4.32 16.41 11.41
C SER B 437 -5.83 16.30 11.19
N ALA B 438 -6.35 15.08 11.16
CA ALA B 438 -7.80 14.83 10.98
C ALA B 438 -8.55 15.37 12.19
N MET B 439 -8.00 15.18 13.40
CA MET B 439 -8.69 15.62 14.65
C MET B 439 -8.76 17.15 14.71
N LEU B 440 -8.06 17.83 13.80
CA LEU B 440 -8.14 19.32 13.75
C LEU B 440 -9.58 19.73 13.40
N GLU B 441 -10.15 19.14 12.35
CA GLU B 441 -11.54 19.46 11.96
C GLU B 441 -12.49 18.97 13.06
N VAL B 442 -12.14 17.88 13.74
CA VAL B 442 -13.05 17.30 14.78
C VAL B 442 -12.97 18.15 16.05
N LEU B 443 -11.80 18.73 16.37
CA LEU B 443 -11.70 19.48 17.61
C LEU B 443 -11.75 20.99 17.41
N ASP B 444 -12.13 21.46 16.22
CA ASP B 444 -12.31 22.89 16.03
C ASP B 444 -13.42 23.39 16.94
N PRO B 445 -13.18 24.45 17.74
CA PRO B 445 -14.17 24.86 18.75
C PRO B 445 -15.52 25.26 18.18
N GLU B 446 -15.57 25.81 16.96
CA GLU B 446 -16.84 26.26 16.41
C GLU B 446 -17.19 25.54 15.12
N GLN B 447 -16.18 25.15 14.35
CA GLN B 447 -16.44 24.41 13.12
C GLN B 447 -16.93 23.00 13.38
N ASN B 448 -16.84 22.51 14.62
CA ASN B 448 -17.43 21.21 14.95
C ASN B 448 -18.95 21.25 14.91
N ASN B 449 -19.56 22.44 14.87
CA ASN B 449 -20.99 22.54 14.64
C ASN B 449 -21.35 22.05 13.24
N THR B 450 -20.45 22.23 12.28
CA THR B 450 -20.62 21.75 10.90
C THR B 450 -19.38 20.93 10.56
N PHE B 451 -19.41 19.64 10.92
CA PHE B 451 -18.27 18.75 10.81
C PHE B 451 -18.54 17.68 9.75
N THR B 452 -17.72 17.65 8.71
CA THR B 452 -17.84 16.68 7.62
C THR B 452 -16.59 15.80 7.61
N ASP B 453 -16.68 14.64 8.24
CA ASP B 453 -15.61 13.66 8.09
C ASP B 453 -15.77 12.92 6.76
N HIS B 454 -14.80 12.06 6.47
CA HIS B 454 -14.77 11.42 5.15
C HIS B 454 -15.94 10.48 4.95
N TYR B 455 -16.43 9.85 6.01
CA TYR B 455 -17.58 8.95 5.88
C TYR B 455 -18.90 9.73 5.90
N LEU B 456 -19.19 10.35 7.05
CA LEU B 456 -20.44 11.14 7.18
C LEU B 456 -20.28 12.45 6.43
N ASP B 457 -20.72 12.50 5.18
CA ASP B 457 -20.59 13.73 4.35
C ASP B 457 -21.34 14.89 5.02
N VAL B 458 -22.39 14.58 5.77
CA VAL B 458 -23.23 15.65 6.41
C VAL B 458 -22.39 16.40 7.45
N PRO B 459 -22.57 17.73 7.64
CA PRO B 459 -21.86 18.47 8.68
C PRO B 459 -22.35 18.11 10.08
N TYR B 460 -21.54 17.36 10.82
CA TYR B 460 -21.96 16.91 12.14
C TYR B 460 -21.96 18.06 13.13
N ASP B 461 -22.93 18.03 14.05
CA ASP B 461 -23.03 18.99 15.14
C ASP B 461 -22.31 18.40 16.35
N LEU B 462 -21.01 18.65 16.44
CA LEU B 462 -20.18 18.16 17.53
C LEU B 462 -19.99 19.21 18.63
N SER B 463 -20.70 20.33 18.56
CA SER B 463 -20.49 21.41 19.52
C SER B 463 -20.89 20.99 20.94
N LYS B 464 -22.01 20.30 21.08
CA LYS B 464 -22.52 19.97 22.40
C LYS B 464 -21.70 18.89 23.10
N VAL B 465 -20.88 18.15 22.37
CA VAL B 465 -20.16 17.02 22.94
C VAL B 465 -19.11 17.52 23.92
N PHE B 466 -19.05 16.91 25.09
CA PHE B 466 -18.08 17.25 26.13
C PHE B 466 -16.86 16.35 25.95
N PHE B 467 -15.72 16.96 25.69
CA PHE B 467 -14.49 16.23 25.39
C PHE B 467 -13.55 16.22 26.58
N ILE B 468 -12.90 15.08 26.80
CA ILE B 468 -11.82 14.95 27.78
C ILE B 468 -10.67 14.21 27.10
N THR B 469 -9.49 14.80 27.14
CA THR B 469 -8.30 14.22 26.52
C THR B 469 -7.24 13.97 27.59
N THR B 470 -6.49 12.89 27.45
CA THR B 470 -5.45 12.50 28.45
C THR B 470 -4.07 12.64 27.82
N ALA B 471 -3.12 13.24 28.54
CA ALA B 471 -1.76 13.45 28.08
C ALA B 471 -0.80 13.26 29.25
N ASN B 472 0.47 13.01 28.93
CA ASN B 472 1.50 12.80 29.94
C ASN B 472 2.52 13.92 30.03
N THR B 473 2.70 14.70 28.96
CA THR B 473 3.61 15.83 28.97
C THR B 473 3.08 16.86 27.96
N LEU B 474 3.76 18.01 27.90
CA LEU B 474 3.33 19.11 27.04
C LEU B 474 4.36 19.42 25.95
N GLN B 475 5.22 18.47 25.60
CA GLN B 475 6.27 18.70 24.63
C GLN B 475 6.21 17.79 23.41
N THR B 476 5.20 16.92 23.31
CA THR B 476 5.07 15.99 22.19
C THR B 476 3.74 16.17 21.45
N ILE B 477 3.16 17.36 21.53
CA ILE B 477 1.86 17.66 20.93
C ILE B 477 2.08 18.67 19.81
N PRO B 478 1.48 18.49 18.64
CA PRO B 478 1.57 19.51 17.59
C PRO B 478 0.97 20.83 18.05
N ARG B 479 1.53 21.92 17.54
CA ARG B 479 1.09 23.25 17.95
C ARG B 479 -0.40 23.52 17.73
N PRO B 480 -1.01 23.17 16.60
CA PRO B 480 -2.46 23.43 16.46
C PRO B 480 -3.31 22.71 17.49
N LEU B 481 -2.90 21.53 17.94
CA LEU B 481 -3.58 20.85 19.04
C LEU B 481 -3.28 21.49 20.38
N LEU B 482 -2.02 21.85 20.62
CA LEU B 482 -1.64 22.38 21.93
C LEU B 482 -2.30 23.72 22.21
N ASP B 483 -2.32 24.63 21.23
CA ASP B 483 -2.93 25.94 21.42
C ASP B 483 -4.39 25.92 20.95
N ARG B 484 -5.15 24.93 21.46
CA ARG B 484 -6.61 24.86 21.15
C ARG B 484 -7.30 24.15 22.32
N MET B 485 -6.53 23.57 23.25
CA MET B 485 -7.11 22.86 24.38
C MET B 485 -7.27 23.79 25.59
N GLU B 486 -8.21 23.42 26.45
CA GLU B 486 -8.32 24.01 27.79
C GLU B 486 -7.36 23.24 28.67
N VAL B 487 -6.23 23.86 29.01
CA VAL B 487 -5.18 23.14 29.72
C VAL B 487 -5.53 23.00 31.20
N ILE B 488 -5.50 21.77 31.70
CA ILE B 488 -5.57 21.48 33.12
C ILE B 488 -4.40 20.59 33.47
N GLU B 489 -3.64 20.99 34.48
CA GLU B 489 -2.44 20.26 34.89
C GLU B 489 -2.63 19.63 36.26
N ILE B 490 -2.06 18.44 36.41
CA ILE B 490 -2.05 17.75 37.70
C ILE B 490 -0.59 17.40 38.02
N PRO B 491 0.10 18.22 38.82
CA PRO B 491 1.52 17.98 39.07
C PRO B 491 1.81 16.76 39.93
N GLY B 492 0.81 16.17 40.55
CA GLY B 492 1.02 15.00 41.39
C GLY B 492 0.54 15.18 42.81
N TYR B 493 0.09 14.10 43.44
CA TYR B 493 -0.43 14.17 44.79
C TYR B 493 0.69 14.36 45.80
N THR B 494 0.34 14.94 46.95
CA THR B 494 1.25 15.04 48.07
C THR B 494 1.28 13.71 48.81
N ASN B 495 2.23 13.58 49.75
CA ASN B 495 2.31 12.35 50.53
C ASN B 495 1.22 12.30 51.60
N MET B 496 0.81 13.46 52.12
CA MET B 496 -0.36 13.49 53.00
C MET B 496 -1.61 13.07 52.25
N GLU B 497 -1.79 13.56 51.02
CA GLU B 497 -2.89 13.08 50.19
C GLU B 497 -2.74 11.59 49.89
N LYS B 498 -1.51 11.13 49.72
CA LYS B 498 -1.27 9.71 49.45
C LYS B 498 -1.72 8.84 50.61
N GLN B 499 -1.34 9.22 51.84
CA GLN B 499 -1.77 8.43 52.99
C GLN B 499 -3.26 8.54 53.22
N ALA B 500 -3.85 9.71 52.95
CA ALA B 500 -5.30 9.84 53.09
C ALA B 500 -6.04 8.94 52.11
N ILE B 501 -5.65 8.96 50.84
CA ILE B 501 -6.32 8.13 49.84
C ILE B 501 -6.06 6.66 50.12
N ALA B 502 -4.86 6.32 50.60
CA ALA B 502 -4.60 4.93 50.98
C ALA B 502 -5.52 4.49 52.10
N ARG B 503 -5.74 5.36 53.10
CA ARG B 503 -6.62 5.01 54.20
C ARG B 503 -8.06 4.84 53.74
N GLN B 504 -8.52 5.70 52.83
CA GLN B 504 -9.94 5.71 52.47
C GLN B 504 -10.31 4.78 51.33
N TYR B 505 -9.53 4.73 50.25
CA TYR B 505 -9.91 3.98 49.05
C TYR B 505 -8.96 2.84 48.73
N LEU B 506 -7.65 3.09 48.74
CA LEU B 506 -6.69 2.10 48.24
C LEU B 506 -6.61 0.88 49.16
N TRP B 507 -6.20 1.09 50.41
CA TRP B 507 -6.05 -0.03 51.33
C TRP B 507 -7.36 -0.78 51.56
N PRO B 508 -8.51 -0.12 51.79
CA PRO B 508 -9.75 -0.91 51.90
C PRO B 508 -10.06 -1.74 50.67
N LYS B 509 -9.77 -1.21 49.47
CA LYS B 509 -10.04 -1.96 48.26
C LYS B 509 -9.18 -3.22 48.18
N GLN B 510 -7.90 -3.09 48.50
CA GLN B 510 -7.01 -4.25 48.46
C GLN B 510 -7.36 -5.25 49.55
N VAL B 511 -7.78 -4.76 50.72
CA VAL B 511 -8.22 -5.67 51.78
C VAL B 511 -9.46 -6.44 51.34
N ARG B 512 -10.41 -5.76 50.71
CA ARG B 512 -11.60 -6.43 50.20
C ARG B 512 -11.26 -7.44 49.12
N GLU B 513 -10.33 -7.09 48.23
CA GLU B 513 -9.96 -7.99 47.14
C GLU B 513 -9.25 -9.23 47.67
N SER B 514 -8.50 -9.08 48.76
CA SER B 514 -7.74 -10.21 49.32
C SER B 514 -8.63 -11.25 49.98
N GLY B 515 -9.93 -10.98 50.15
CA GLY B 515 -10.81 -11.91 50.81
C GLY B 515 -10.89 -11.78 52.31
N MET B 516 -10.31 -10.73 52.88
CA MET B 516 -10.28 -10.51 54.32
C MET B 516 -11.03 -9.23 54.66
N GLU B 517 -11.56 -9.16 55.88
CA GLU B 517 -12.43 -8.08 56.30
C GLU B 517 -12.03 -7.54 57.66
N GLY B 518 -10.74 -7.25 57.84
CA GLY B 518 -10.31 -6.55 59.03
C GLY B 518 -9.38 -7.33 59.94
N ARG B 519 -8.69 -8.32 59.41
CA ARG B 519 -7.73 -9.10 60.18
C ARG B 519 -6.35 -8.45 60.20
N ILE B 520 -6.17 -7.31 59.52
CA ILE B 520 -4.91 -6.59 59.53
C ILE B 520 -5.23 -5.11 59.76
N GLU B 521 -4.23 -4.38 60.23
CA GLU B 521 -4.38 -2.95 60.49
C GLU B 521 -3.08 -2.25 60.16
N VAL B 522 -3.20 -1.08 59.53
CA VAL B 522 -2.05 -0.25 59.19
C VAL B 522 -2.24 1.13 59.80
N THR B 523 -1.13 1.76 60.18
CA THR B 523 -1.15 3.05 60.84
C THR B 523 -0.62 4.13 59.89
N ASP B 524 -0.81 5.38 60.31
CA ASP B 524 -0.30 6.50 59.52
C ASP B 524 1.21 6.46 59.42
N ALA B 525 1.89 6.15 60.53
CA ALA B 525 3.35 6.04 60.49
C ALA B 525 3.79 4.90 59.58
N ALA B 526 3.09 3.76 59.62
CA ALA B 526 3.44 2.66 58.73
C ALA B 526 3.23 3.01 57.26
N ILE B 527 2.14 3.70 56.94
CA ILE B 527 1.89 4.12 55.56
C ILE B 527 2.95 5.11 55.12
N LEU B 528 3.33 6.04 55.99
CA LEU B 528 4.38 7.00 55.65
C LEU B 528 5.71 6.29 55.41
N ARG B 529 6.03 5.30 56.26
CA ARG B 529 7.26 4.53 56.04
C ARG B 529 7.22 3.79 54.72
N VAL B 530 6.07 3.19 54.39
CA VAL B 530 5.95 2.48 53.12
C VAL B 530 6.18 3.43 51.96
N ILE B 531 5.46 4.56 51.95
CA ILE B 531 5.56 5.47 50.82
C ILE B 531 6.94 6.11 50.73
N SER B 532 7.65 6.22 51.85
CA SER B 532 8.97 6.85 51.83
C SER B 532 10.11 5.86 51.61
N GLU B 533 9.87 4.55 51.74
CA GLU B 533 10.97 3.60 51.62
C GLU B 533 10.78 2.59 50.49
N TYR B 534 9.57 2.10 50.28
CA TYR B 534 9.33 1.04 49.30
C TYR B 534 8.73 1.57 48.00
N THR B 535 8.55 2.88 47.85
CA THR B 535 7.93 3.44 46.66
C THR B 535 8.56 4.77 46.33
N ARG B 536 9.05 4.91 45.09
CA ARG B 536 9.49 6.19 44.54
C ARG B 536 8.82 6.33 43.18
N GLU B 537 7.59 6.85 43.19
CA GLU B 537 6.84 7.05 41.95
C GLU B 537 5.94 8.26 42.13
N ALA B 538 5.55 8.86 41.00
CA ALA B 538 4.70 10.05 41.05
C ALA B 538 3.28 9.70 41.45
N GLY B 539 2.68 8.72 40.77
CA GLY B 539 1.31 8.32 41.07
C GLY B 539 1.21 7.48 42.33
N VAL B 540 0.14 6.69 42.42
CA VAL B 540 -0.08 5.85 43.60
C VAL B 540 -0.33 4.42 43.17
N ARG B 541 -0.03 4.09 41.91
CA ARG B 541 -0.13 2.70 41.47
C ARG B 541 0.85 1.81 42.23
N GLY B 542 2.10 2.26 42.37
CA GLY B 542 3.06 1.50 43.15
C GLY B 542 2.65 1.34 44.59
N LEU B 543 2.20 2.44 45.21
CA LEU B 543 1.75 2.39 46.60
C LEU B 543 0.58 1.43 46.78
N GLU B 544 -0.38 1.46 45.86
CA GLU B 544 -1.45 0.46 45.88
C GLU B 544 -0.90 -0.95 45.75
N ARG B 545 0.15 -1.13 44.94
CA ARG B 545 0.75 -2.45 44.79
C ARG B 545 1.39 -2.93 46.09
N GLU B 546 2.09 -2.06 46.82
CA GLU B 546 2.66 -2.52 48.09
C GLU B 546 1.60 -2.76 49.13
N LEU B 547 0.50 -1.99 49.12
CA LEU B 547 -0.61 -2.29 50.02
C LEU B 547 -1.21 -3.65 49.71
N GLY B 548 -1.38 -3.95 48.43
CA GLY B 548 -1.84 -5.28 48.04
C GLY B 548 -0.87 -6.37 48.48
N LYS B 549 0.43 -6.10 48.37
CA LYS B 549 1.42 -7.08 48.79
C LYS B 549 1.38 -7.31 50.29
N ILE B 550 1.16 -6.25 51.07
CA ILE B 550 0.98 -6.40 52.51
C ILE B 550 -0.25 -7.24 52.81
N ALA B 551 -1.35 -6.98 52.09
CA ALA B 551 -2.55 -7.78 52.27
C ALA B 551 -2.35 -9.24 51.86
N ARG B 552 -1.48 -9.50 50.90
CA ARG B 552 -1.15 -10.86 50.47
C ARG B 552 -0.29 -11.58 51.49
N LYS B 553 0.72 -10.90 52.03
CA LYS B 553 1.56 -11.51 53.05
C LYS B 553 0.76 -11.76 54.33
N GLY B 554 -0.15 -10.86 54.67
CA GLY B 554 -1.04 -11.12 55.79
C GLY B 554 -1.92 -12.33 55.55
N ALA B 555 -2.43 -12.48 54.32
CA ALA B 555 -3.26 -13.64 54.01
C ALA B 555 -2.47 -14.94 54.10
N LYS B 556 -1.26 -14.92 53.55
CA LYS B 556 -0.37 -16.10 53.59
C LYS B 556 -0.14 -16.44 55.07
N PHE B 557 0.22 -15.44 55.87
CA PHE B 557 0.36 -15.68 57.30
C PHE B 557 -0.90 -16.32 57.88
N TRP B 558 -2.07 -15.84 57.46
CA TRP B 558 -3.33 -16.30 58.03
C TRP B 558 -3.59 -17.76 57.70
N LEU B 559 -3.32 -18.18 56.47
CA LEU B 559 -3.63 -19.55 56.07
C LEU B 559 -2.77 -20.56 56.83
N GLU B 560 -1.48 -20.29 56.99
CA GLU B 560 -0.64 -21.21 57.76
C GLU B 560 -1.00 -21.18 59.24
N GLY B 561 -1.34 -20.01 59.76
CA GLY B 561 -1.78 -19.90 61.14
C GLY B 561 -2.72 -18.74 61.36
N ALA B 562 -3.89 -19.02 61.92
CA ALA B 562 -4.91 -17.99 62.13
C ALA B 562 -4.74 -17.35 63.49
N TRP B 563 -4.92 -16.03 63.52
CA TRP B 563 -4.85 -15.24 64.75
C TRP B 563 -6.24 -14.74 65.10
N GLU B 564 -6.32 -13.95 66.17
CA GLU B 564 -7.57 -13.42 66.67
C GLU B 564 -7.54 -11.90 66.68
N GLY B 565 -8.74 -11.31 66.60
CA GLY B 565 -8.86 -9.87 66.57
C GLY B 565 -8.34 -9.25 65.30
N LEU B 566 -7.24 -8.53 65.39
CA LEU B 566 -6.63 -7.89 64.23
C LEU B 566 -5.14 -7.70 64.50
N ARG B 567 -4.35 -7.79 63.44
CA ARG B 567 -2.91 -7.58 63.54
C ARG B 567 -2.56 -6.18 63.06
N THR B 568 -1.86 -5.42 63.89
CA THR B 568 -1.52 -4.03 63.61
C THR B 568 -0.10 -3.98 63.07
N ILE B 569 0.04 -3.49 61.85
CA ILE B 569 1.36 -3.30 61.24
C ILE B 569 1.87 -1.91 61.60
N ASP B 570 3.09 -1.85 62.12
CA ASP B 570 3.68 -0.60 62.58
C ASP B 570 4.93 -0.32 61.74
N ALA B 571 5.67 0.72 62.14
CA ALA B 571 6.88 1.14 61.43
C ALA B 571 8.03 0.16 61.57
N SER B 572 7.84 -0.99 62.24
CA SER B 572 8.88 -1.99 62.35
C SER B 572 8.54 -3.31 61.68
N ASP B 573 7.26 -3.60 61.46
CA ASP B 573 6.83 -4.83 60.80
C ASP B 573 6.75 -4.70 59.29
N ILE B 574 7.04 -3.52 58.74
CA ILE B 574 6.99 -3.33 57.29
C ILE B 574 7.97 -4.23 56.55
N PRO B 575 9.25 -4.34 56.97
CA PRO B 575 10.14 -5.26 56.25
C PRO B 575 9.68 -6.71 56.25
N THR B 576 9.00 -7.15 57.31
CA THR B 576 8.47 -8.51 57.35
C THR B 576 7.41 -8.74 56.28
N TYR B 577 6.70 -7.69 55.87
CA TYR B 577 5.60 -7.81 54.92
C TYR B 577 5.97 -7.37 53.52
N LEU B 578 7.08 -6.65 53.34
CA LEU B 578 7.47 -6.16 52.02
C LEU B 578 8.94 -6.41 51.70
N GLY B 579 9.65 -7.18 52.52
CA GLY B 579 11.04 -7.46 52.25
C GLY B 579 11.95 -6.28 52.58
N ILE B 580 13.13 -6.31 51.99
CA ILE B 580 14.14 -5.28 52.25
C ILE B 580 13.68 -3.95 51.66
N PRO B 581 13.81 -2.83 52.37
CA PRO B 581 13.54 -1.53 51.75
C PRO B 581 14.50 -1.25 50.60
N ARG B 582 14.00 -0.54 49.59
CA ARG B 582 14.79 -0.26 48.40
C ARG B 582 15.05 1.22 48.16
N TYR B 583 14.42 2.12 48.90
CA TYR B 583 14.67 3.55 48.76
C TYR B 583 14.93 4.15 50.13
N ARG B 584 15.93 5.03 50.19
CA ARG B 584 16.31 5.67 51.45
C ARG B 584 15.84 7.12 51.43
N PRO B 585 14.84 7.49 52.23
CA PRO B 585 14.40 8.90 52.26
C PRO B 585 15.46 9.80 52.90
N ASP B 586 15.94 10.78 52.13
CA ASP B 586 16.97 11.68 52.63
C ASP B 586 16.43 12.52 53.79
N LYS B 587 17.32 12.83 54.72
CA LYS B 587 16.99 13.64 55.89
C LYS B 587 17.97 14.79 56.00
N ALA B 588 17.60 15.78 56.81
CA ALA B 588 18.43 16.96 57.00
C ALA B 588 19.58 16.63 57.95
N GLU B 589 20.80 16.73 57.44
CA GLU B 589 21.98 16.50 58.29
C GLU B 589 22.09 17.62 59.32
N THR B 590 22.46 17.24 60.55
CA THR B 590 22.34 18.16 61.67
C THR B 590 23.43 19.23 61.65
N GLU B 591 24.68 18.82 61.79
CA GLU B 591 25.75 19.80 61.95
C GLU B 591 26.06 20.45 60.60
N PRO B 592 26.12 21.78 60.55
CA PRO B 592 26.41 22.47 59.28
C PRO B 592 27.80 22.12 58.77
N GLN B 593 27.92 22.00 57.46
CA GLN B 593 29.12 21.49 56.83
C GLN B 593 29.66 22.49 55.80
N VAL B 594 30.98 22.51 55.66
CA VAL B 594 31.67 23.41 54.74
C VAL B 594 31.63 22.81 53.35
N GLY B 595 31.41 23.66 52.34
CA GLY B 595 31.41 23.20 50.96
C GLY B 595 30.30 22.23 50.64
N THR B 596 29.14 22.38 51.27
CA THR B 596 28.00 21.52 51.01
C THR B 596 26.73 22.27 51.41
N ALA B 597 25.69 22.15 50.59
CA ALA B 597 24.43 22.83 50.84
C ALA B 597 23.29 21.96 50.35
N GLN B 598 22.15 22.06 51.04
CA GLN B 598 20.96 21.33 50.64
C GLN B 598 20.34 21.96 49.40
N GLY B 599 19.67 21.13 48.60
CA GLY B 599 19.04 21.61 47.39
C GLY B 599 17.73 20.90 47.15
N LEU B 600 16.80 21.62 46.51
CA LEU B 600 15.49 21.09 46.16
C LEU B 600 15.36 21.06 44.64
N ALA B 601 15.03 19.88 44.11
CA ALA B 601 14.70 19.73 42.70
C ALA B 601 13.77 18.53 42.57
N TRP B 602 12.89 18.60 41.59
CA TRP B 602 11.85 17.59 41.46
C TRP B 602 11.96 16.91 40.09
N THR B 603 12.15 15.60 40.13
CA THR B 603 11.94 14.75 38.97
C THR B 603 10.44 14.54 38.80
N PRO B 604 9.99 14.14 37.59
CA PRO B 604 8.57 13.80 37.41
C PRO B 604 7.99 12.93 38.50
N VAL B 605 8.83 12.12 39.15
CA VAL B 605 8.40 11.37 40.33
C VAL B 605 7.97 12.31 41.45
N GLY B 606 8.83 13.28 41.78
CA GLY B 606 8.52 14.22 42.84
C GLY B 606 9.78 14.92 43.31
N GLY B 607 9.62 15.66 44.39
CA GLY B 607 10.73 16.42 44.94
C GLY B 607 11.81 15.51 45.52
N THR B 608 13.04 16.01 45.49
CA THR B 608 14.19 15.28 45.99
C THR B 608 15.17 16.27 46.64
N LEU B 609 15.80 15.85 47.73
CA LEU B 609 16.79 16.65 48.42
C LEU B 609 18.13 16.48 47.70
N LEU B 610 18.41 17.36 46.73
CA LEU B 610 19.63 17.28 45.94
C LEU B 610 20.75 18.02 46.65
N THR B 611 21.30 17.37 47.66
CA THR B 611 22.47 17.88 48.35
C THR B 611 23.65 17.94 47.38
N ILE B 612 24.45 19.00 47.46
CA ILE B 612 25.56 19.23 46.55
C ILE B 612 26.82 19.49 47.37
N GLU B 613 27.90 18.79 47.03
CA GLU B 613 29.19 18.95 47.68
C GLU B 613 30.19 19.49 46.66
N VAL B 614 30.76 20.66 46.95
CA VAL B 614 31.73 21.27 46.05
C VAL B 614 33.11 21.22 46.70
N ALA B 615 34.14 21.45 45.89
CA ALA B 615 35.51 21.36 46.33
C ALA B 615 36.27 22.62 45.97
N ALA B 616 37.30 22.91 46.77
CA ALA B 616 38.17 24.06 46.57
C ALA B 616 39.63 23.64 46.70
N VAL B 617 39.97 22.54 46.04
CA VAL B 617 41.33 21.99 46.10
C VAL B 617 42.29 22.97 45.45
N PRO B 618 43.54 23.04 45.92
CA PRO B 618 44.48 24.02 45.34
C PRO B 618 44.81 23.71 43.90
N GLY B 619 45.18 24.74 43.15
CA GLY B 619 45.53 24.61 41.76
C GLY B 619 45.99 25.90 41.13
N SER B 620 45.73 26.08 39.84
CA SER B 620 46.10 27.30 39.12
C SER B 620 44.95 27.84 38.28
N GLY B 621 43.74 27.34 38.49
CA GLY B 621 42.59 27.79 37.74
C GLY B 621 42.05 26.77 36.76
N LYS B 622 40.97 26.09 37.16
CA LYS B 622 40.33 25.10 36.30
C LYS B 622 38.92 24.88 36.80
N LEU B 623 38.00 24.66 35.87
CA LEU B 623 36.58 24.47 36.19
C LEU B 623 36.19 23.05 35.81
N SER B 624 36.01 22.21 36.83
CA SER B 624 35.57 20.83 36.64
C SER B 624 34.15 20.69 37.14
N LEU B 625 33.28 20.14 36.28
CA LEU B 625 31.87 19.92 36.64
C LEU B 625 31.59 18.43 36.49
N THR B 626 31.48 17.74 37.62
CA THR B 626 31.32 16.29 37.64
C THR B 626 29.98 15.94 38.26
N GLY B 627 29.76 14.64 38.46
CA GLY B 627 28.50 14.16 38.98
C GLY B 627 27.49 13.76 37.93
N GLN B 628 27.92 13.57 36.68
CA GLN B 628 27.03 13.20 35.58
C GLN B 628 25.89 14.21 35.44
N LEU B 629 26.24 15.50 35.50
CA LEU B 629 25.27 16.57 35.40
C LEU B 629 25.01 16.94 33.95
N GLY B 630 24.04 17.83 33.73
CA GLY B 630 23.67 18.26 32.40
C GLY B 630 24.23 19.63 32.03
N GLU B 631 24.00 20.00 30.77
CA GLU B 631 24.64 21.20 30.23
C GLU B 631 24.16 22.47 30.91
N VAL B 632 22.86 22.55 31.21
CA VAL B 632 22.29 23.79 31.74
C VAL B 632 22.92 24.14 33.10
N MET B 633 23.20 23.13 33.91
CA MET B 633 23.84 23.36 35.20
C MET B 633 25.26 23.87 35.07
N LYS B 634 25.97 23.55 33.97
CA LYS B 634 27.25 24.19 33.73
C LYS B 634 27.10 25.70 33.64
N GLU B 635 26.13 26.17 32.84
CA GLU B 635 25.92 27.60 32.71
C GLU B 635 25.48 28.20 34.05
N SER B 636 24.62 27.49 34.79
CA SER B 636 24.16 28.01 36.08
C SER B 636 25.33 28.16 37.05
N ALA B 637 26.19 27.14 37.14
CA ALA B 637 27.33 27.19 38.04
C ALA B 637 28.31 28.27 37.63
N GLN B 638 28.56 28.42 36.33
CA GLN B 638 29.46 29.47 35.88
C GLN B 638 28.90 30.85 36.15
N ALA B 639 27.58 31.03 35.99
CA ALA B 639 26.96 32.30 36.31
C ALA B 639 27.10 32.62 37.80
N ALA B 640 26.86 31.63 38.67
CA ALA B 640 27.03 31.85 40.10
C ALA B 640 28.49 32.17 40.42
N LEU B 641 29.43 31.46 39.80
CA LEU B 641 30.84 31.69 40.06
C LEU B 641 31.25 33.09 39.64
N THR B 642 30.76 33.56 38.49
CA THR B 642 31.06 34.92 38.07
C THR B 642 30.38 35.95 38.97
N TYR B 643 29.22 35.61 39.54
CA TYR B 643 28.61 36.50 40.51
C TYR B 643 29.50 36.66 41.74
N LEU B 644 30.04 35.56 42.25
CA LEU B 644 30.99 35.68 43.36
C LEU B 644 32.33 36.27 42.95
N ARG B 645 32.68 36.22 41.66
CA ARG B 645 33.95 36.78 41.20
C ARG B 645 34.00 38.29 41.33
N ALA B 646 32.84 38.96 41.34
CA ALA B 646 32.77 40.40 41.49
C ALA B 646 32.47 40.82 42.92
N HIS B 647 32.49 39.89 43.87
CA HIS B 647 32.17 40.14 45.26
C HIS B 647 33.25 39.56 46.17
N THR B 648 34.51 39.81 45.81
CA THR B 648 35.62 39.27 46.58
C THR B 648 35.66 39.83 48.00
N GLN B 649 35.59 41.16 48.12
CA GLN B 649 35.61 41.77 49.45
C GLN B 649 34.29 41.59 50.18
N ASP B 650 33.24 41.17 49.49
CA ASP B 650 31.95 40.96 50.13
C ASP B 650 32.01 39.88 51.20
N TYR B 651 32.73 38.79 50.90
CA TYR B 651 32.78 37.64 51.80
C TYR B 651 34.22 37.35 52.27
N GLY B 652 35.13 38.30 52.09
CA GLY B 652 36.53 38.06 52.42
C GLY B 652 37.24 37.14 51.47
N LEU B 653 36.63 36.79 50.36
CA LEU B 653 37.22 35.86 49.41
C LEU B 653 38.36 36.55 48.65
N PRO B 654 39.49 35.88 48.45
CA PRO B 654 40.60 36.51 47.72
C PRO B 654 40.23 36.83 46.28
N GLU B 655 40.87 37.87 45.74
CA GLU B 655 40.53 38.35 44.41
C GLU B 655 40.84 37.31 43.33
N ASP B 656 41.93 36.55 43.53
CA ASP B 656 42.33 35.55 42.49
C ASP B 656 41.97 34.13 42.96
N PHE B 657 40.97 34.02 43.84
CA PHE B 657 40.53 32.69 44.35
C PHE B 657 40.26 31.76 43.17
N TYR B 658 39.64 32.29 42.11
CA TYR B 658 39.26 31.45 40.94
C TYR B 658 40.49 30.81 40.30
N ASN B 659 41.57 31.59 40.10
CA ASN B 659 42.76 31.06 39.38
C ASN B 659 43.87 30.68 40.38
N LYS B 660 43.56 30.63 41.67
CA LYS B 660 44.58 30.21 42.68
C LYS B 660 44.29 28.78 43.13
N VAL B 661 43.17 28.19 42.67
CA VAL B 661 42.81 26.79 43.06
C VAL B 661 42.14 26.11 41.87
N ASP B 662 42.05 24.78 41.89
CA ASP B 662 41.34 24.04 40.82
C ASP B 662 39.94 23.69 41.32
N LEU B 663 38.90 24.12 40.61
CA LEU B 663 37.50 23.87 41.07
C LEU B 663 37.03 22.51 40.56
N HIS B 664 36.37 21.73 41.42
CA HIS B 664 35.82 20.41 41.00
C HIS B 664 34.38 20.29 41.50
N VAL B 665 33.52 21.24 41.13
CA VAL B 665 32.10 21.23 41.61
C VAL B 665 31.50 19.86 41.29
N HIS B 666 30.80 19.26 42.26
CA HIS B 666 30.14 17.95 42.03
C HIS B 666 28.77 17.96 42.73
N VAL B 667 27.82 17.19 42.17
CA VAL B 667 26.46 17.08 42.79
C VAL B 667 26.14 15.61 42.97
N PRO B 668 26.29 15.02 44.18
CA PRO B 668 25.93 13.64 44.40
C PRO B 668 24.48 13.43 43.98
N ASP B 669 24.14 12.23 43.50
CA ASP B 669 25.14 11.18 43.18
C ASP B 669 25.71 11.44 41.80
N GLY B 670 26.41 10.44 41.23
CA GLY B 670 26.96 10.59 39.86
C GLY B 670 26.23 9.67 38.90
N ALA B 671 25.06 9.16 39.28
CA ALA B 671 24.32 8.20 38.42
C ALA B 671 22.95 8.76 38.04
N THR B 672 22.65 10.00 38.44
CA THR B 672 21.34 10.63 38.11
C THR B 672 21.59 11.90 37.28
N PRO B 673 21.27 11.91 35.98
CA PRO B 673 21.51 13.08 35.14
C PRO B 673 20.67 14.26 35.62
N LYS B 674 21.28 15.21 36.35
CA LYS B 674 20.54 16.42 36.78
C LYS B 674 20.14 17.18 35.52
N ASP B 675 19.19 18.12 35.64
CA ASP B 675 18.70 18.88 34.46
C ASP B 675 17.98 20.17 34.90
N GLY B 676 17.98 21.21 34.07
CA GLY B 676 17.25 22.45 34.38
C GLY B 676 17.94 23.26 35.47
N PRO B 677 17.90 24.60 35.44
CA PRO B 677 18.62 25.40 36.43
C PRO B 677 17.79 25.50 37.71
N ALA B 678 17.15 24.39 38.10
CA ALA B 678 16.26 24.41 39.28
C ALA B 678 17.05 24.85 40.52
N ALA B 679 18.22 24.26 40.77
CA ALA B 679 18.96 24.55 42.01
C ALA B 679 20.11 25.51 41.73
N GLY B 680 19.87 26.54 40.94
CA GLY B 680 20.93 27.53 40.69
C GLY B 680 21.45 28.09 42.00
N ILE B 681 20.55 28.52 42.88
CA ILE B 681 20.98 29.15 44.17
C ILE B 681 21.72 28.09 44.99
N THR B 682 21.19 26.87 45.03
CA THR B 682 21.87 25.77 45.75
C THR B 682 23.32 25.77 45.30
N MET B 683 23.53 25.67 43.98
CA MET B 683 24.90 25.72 43.44
C MET B 683 25.56 26.97 44.03
N ALA B 684 24.99 28.14 43.77
CA ALA B 684 25.65 29.35 44.27
C ALA B 684 26.01 29.20 45.74
N THR B 685 25.04 28.81 46.57
CA THR B 685 25.29 28.65 48.00
C THR B 685 26.32 27.56 48.26
N ALA B 686 26.22 26.45 47.53
CA ALA B 686 27.17 25.35 47.72
C ALA B 686 28.59 25.81 47.43
N ILE B 687 28.82 26.42 46.27
CA ILE B 687 30.16 26.85 45.89
C ILE B 687 30.66 27.93 46.86
N ALA B 688 29.77 28.82 47.29
CA ALA B 688 30.14 29.86 48.24
C ALA B 688 30.60 29.25 49.55
N SER B 689 29.95 28.17 49.99
CA SER B 689 30.34 27.52 51.24
C SER B 689 31.81 27.10 51.20
N ALA B 690 32.22 26.44 50.13
CA ALA B 690 33.61 25.99 50.02
C ALA B 690 34.55 27.18 49.86
N LEU B 691 34.20 28.13 49.00
CA LEU B 691 35.11 29.23 48.73
C LEU B 691 35.27 30.15 49.94
N SER B 692 34.33 30.08 50.88
CA SER B 692 34.40 30.89 52.09
C SER B 692 34.85 30.11 53.32
N ARG B 693 34.85 28.78 53.26
CA ARG B 693 35.26 27.92 54.37
C ARG B 693 34.28 28.02 55.53
N ARG B 694 33.24 28.82 55.37
CA ARG B 694 32.22 28.97 56.40
C ARG B 694 31.16 27.90 56.24
N PRO B 695 30.87 27.11 57.27
CA PRO B 695 29.91 26.00 57.11
C PRO B 695 28.52 26.52 56.73
N ALA B 696 27.81 25.71 55.94
CA ALA B 696 26.47 26.05 55.47
C ALA B 696 25.46 25.13 56.13
N ARG B 697 24.38 25.73 56.64
CA ARG B 697 23.33 24.96 57.30
C ARG B 697 22.55 24.13 56.30
N MET B 698 22.14 22.94 56.74
CA MET B 698 21.33 22.04 55.92
C MET B 698 19.91 21.84 56.43
N ASP B 699 19.58 22.37 57.61
CA ASP B 699 18.20 22.37 58.07
C ASP B 699 17.31 23.25 57.21
N ILE B 700 17.90 24.07 56.33
CA ILE B 700 17.17 24.97 55.45
C ILE B 700 17.55 24.62 54.01
N ALA B 701 16.54 24.43 53.17
CA ALA B 701 16.72 23.95 51.81
C ALA B 701 16.78 25.10 50.82
N MET B 702 17.35 24.81 49.64
CA MET B 702 17.55 25.80 48.58
C MET B 702 16.74 25.44 47.36
N THR B 703 16.32 26.47 46.62
CA THR B 703 15.64 26.33 45.34
C THR B 703 15.56 27.67 44.65
N GLY B 704 15.90 27.69 43.37
CA GLY B 704 15.87 28.91 42.57
C GLY B 704 17.04 29.03 41.63
N GLU B 705 16.85 29.78 40.55
CA GLU B 705 17.87 30.00 39.53
C GLU B 705 18.50 31.38 39.74
N VAL B 706 19.82 31.42 39.73
CA VAL B 706 20.58 32.65 39.98
C VAL B 706 21.16 33.15 38.68
N SER B 707 21.15 34.46 38.50
CA SER B 707 21.80 35.13 37.38
C SER B 707 23.08 35.79 37.86
N LEU B 708 23.86 36.29 36.90
CA LEU B 708 25.13 36.93 37.23
C LEU B 708 24.94 38.31 37.87
N ARG B 709 23.73 38.84 37.89
CA ARG B 709 23.43 40.07 38.61
C ARG B 709 22.96 39.81 40.04
N GLY B 710 22.95 38.56 40.47
CA GLY B 710 22.41 38.24 41.79
C GLY B 710 20.91 38.46 41.89
N LYS B 711 20.19 38.19 40.80
CA LYS B 711 18.73 38.27 40.79
C LYS B 711 18.19 36.87 40.51
N VAL B 712 17.22 36.44 41.31
CA VAL B 712 16.71 35.08 41.28
C VAL B 712 15.41 35.07 40.51
N MET B 713 15.36 34.29 39.43
CA MET B 713 14.14 34.15 38.64
C MET B 713 13.21 33.12 39.28
N PRO B 714 11.90 33.25 39.04
CA PRO B 714 10.97 32.26 39.60
C PRO B 714 11.16 30.89 38.97
N ILE B 715 10.87 29.86 39.76
CA ILE B 715 11.03 28.47 39.34
C ILE B 715 9.72 27.73 39.60
N GLY B 716 9.29 26.94 38.62
CA GLY B 716 8.07 26.17 38.77
C GLY B 716 8.26 24.94 39.62
N GLY B 717 7.16 24.25 39.87
CA GLY B 717 7.18 23.06 40.71
C GLY B 717 7.54 23.33 42.16
N VAL B 718 6.99 24.40 42.73
CA VAL B 718 7.34 24.78 44.10
C VAL B 718 6.77 23.78 45.10
N LYS B 719 5.55 23.29 44.85
CA LYS B 719 4.90 22.41 45.82
C LYS B 719 5.65 21.09 45.95
N GLU B 720 6.06 20.50 44.82
CA GLU B 720 6.81 19.25 44.87
C GLU B 720 8.14 19.43 45.58
N LYS B 721 8.82 20.55 45.32
CA LYS B 721 10.10 20.82 45.98
C LYS B 721 9.92 20.96 47.49
N LEU B 722 8.90 21.68 47.91
CA LEU B 722 8.66 21.88 49.34
C LEU B 722 8.14 20.63 50.05
N LEU B 723 7.49 19.73 49.32
CA LEU B 723 6.97 18.52 49.94
C LEU B 723 8.09 17.68 50.54
N ALA B 724 9.12 17.39 49.75
CA ALA B 724 10.22 16.55 50.23
C ALA B 724 10.96 17.22 51.37
N ALA B 725 11.14 18.55 51.29
CA ALA B 725 11.79 19.27 52.38
C ALA B 725 10.98 19.17 53.67
N HIS B 726 9.66 19.33 53.57
CA HIS B 726 8.82 19.21 54.76
C HIS B 726 8.88 17.81 55.36
N GLN B 727 8.84 16.79 54.51
CA GLN B 727 8.88 15.41 55.02
C GLN B 727 10.23 15.08 55.63
N ALA B 728 11.32 15.59 55.05
CA ALA B 728 12.66 15.29 55.54
C ALA B 728 12.98 15.97 56.87
N GLY B 729 12.11 16.85 57.35
CA GLY B 729 12.34 17.60 58.56
C GLY B 729 12.80 19.03 58.34
N ILE B 730 13.05 19.43 57.10
CA ILE B 730 13.43 20.81 56.79
C ILE B 730 12.16 21.65 56.82
N HIS B 731 12.08 22.56 57.80
CA HIS B 731 10.91 23.41 57.98
C HIS B 731 11.11 24.82 57.45
N LYS B 732 12.34 25.31 57.40
CA LYS B 732 12.63 26.62 56.83
C LYS B 732 13.01 26.47 55.37
N ILE B 733 12.33 27.21 54.49
CA ILE B 733 12.52 27.12 53.05
C ILE B 733 12.91 28.49 52.52
N VAL B 734 13.92 28.51 51.66
CA VAL B 734 14.33 29.73 50.96
C VAL B 734 13.76 29.68 49.56
N LEU B 735 12.93 30.67 49.23
CA LEU B 735 12.22 30.71 47.95
C LEU B 735 12.33 32.12 47.38
N PRO B 736 12.38 32.25 46.06
CA PRO B 736 12.45 33.58 45.45
C PRO B 736 11.19 34.38 45.76
N LYS B 737 11.37 35.71 45.88
CA LYS B 737 10.24 36.57 46.19
C LYS B 737 9.23 36.63 45.06
N ASP B 738 9.66 36.32 43.83
CA ASP B 738 8.73 36.25 42.72
C ASP B 738 7.72 35.12 42.89
N ASN B 739 8.01 34.16 43.76
CA ASN B 739 7.09 33.06 44.04
C ASN B 739 6.08 33.37 45.13
N GLU B 740 5.86 34.66 45.42
CA GLU B 740 4.84 35.03 46.39
C GLU B 740 3.46 34.60 45.92
N ALA B 741 3.23 34.59 44.60
CA ALA B 741 1.96 34.15 44.06
C ALA B 741 1.77 32.65 44.24
N GLN B 742 2.83 31.86 43.99
CA GLN B 742 2.75 30.40 44.08
C GLN B 742 3.18 29.85 45.43
N LEU B 743 3.27 30.71 46.45
CA LEU B 743 3.38 30.20 47.82
C LEU B 743 2.17 29.35 48.20
N GLU B 744 0.98 29.73 47.74
CA GLU B 744 -0.28 29.28 48.33
C GLU B 744 -1.02 28.23 47.50
N GLU B 745 -0.30 27.30 46.87
CA GLU B 745 -0.94 26.08 46.37
C GLU B 745 -0.89 24.94 47.38
N LEU B 746 0.02 24.99 48.34
CA LEU B 746 0.06 23.97 49.37
C LEU B 746 -1.13 24.12 50.32
N PRO B 747 -1.55 23.03 50.94
CA PRO B 747 -2.61 23.13 51.96
C PRO B 747 -2.15 23.95 53.15
N LYS B 748 -3.12 24.52 53.87
CA LYS B 748 -2.80 25.41 54.98
C LYS B 748 -2.01 24.69 56.07
N GLU B 749 -2.28 23.40 56.29
CA GLU B 749 -1.50 22.65 57.27
C GLU B 749 -0.04 22.57 56.87
N VAL B 750 0.23 22.40 55.56
CA VAL B 750 1.61 22.36 55.10
C VAL B 750 2.24 23.74 55.18
N LEU B 751 1.49 24.78 54.83
CA LEU B 751 2.04 26.13 54.84
C LEU B 751 2.38 26.57 56.25
N GLU B 752 1.52 26.26 57.23
CA GLU B 752 1.79 26.64 58.61
C GLU B 752 2.88 25.78 59.23
N GLY B 753 3.03 24.53 58.76
CA GLY B 753 4.10 23.69 59.25
C GLY B 753 5.47 24.25 58.90
N LEU B 754 5.60 24.81 57.71
CA LEU B 754 6.83 25.47 57.28
C LEU B 754 6.71 26.98 57.52
N GLU B 755 7.77 27.70 57.18
CA GLU B 755 7.72 29.16 57.12
C GLU B 755 8.81 29.61 56.16
N ILE B 756 8.41 30.35 55.13
CA ILE B 756 9.26 30.64 53.98
C ILE B 756 9.56 32.13 53.94
N LYS B 757 10.84 32.46 53.78
CA LYS B 757 11.25 33.83 53.52
C LYS B 757 11.17 34.12 52.03
N LEU B 758 10.90 35.38 51.70
CA LEU B 758 10.75 35.81 50.31
C LEU B 758 11.88 36.80 50.02
N VAL B 759 12.83 36.37 49.17
CA VAL B 759 14.01 37.17 48.87
C VAL B 759 14.31 37.05 47.38
N GLU B 760 14.79 38.16 46.79
CA GLU B 760 15.13 38.20 45.38
C GLU B 760 16.62 38.12 45.09
N ASP B 761 17.47 38.43 46.07
CA ASP B 761 18.92 38.46 45.88
C ASP B 761 19.58 37.38 46.72
N VAL B 762 20.52 36.65 46.10
CA VAL B 762 21.27 35.63 46.83
C VAL B 762 22.24 36.21 47.85
N GLY B 763 22.48 37.52 47.80
CA GLY B 763 23.34 38.14 48.79
C GLY B 763 22.79 38.02 50.20
N GLU B 764 21.46 38.06 50.35
CA GLU B 764 20.83 37.81 51.63
C GLU B 764 20.78 36.33 51.97
N VAL B 765 20.61 35.47 50.96
CA VAL B 765 20.57 34.03 51.19
C VAL B 765 21.91 33.54 51.75
N LEU B 766 23.01 34.03 51.19
CA LEU B 766 24.33 33.61 51.67
C LEU B 766 24.56 34.02 53.12
N GLU B 767 24.26 35.29 53.45
CA GLU B 767 24.45 35.74 54.82
C GLU B 767 23.45 35.15 55.79
N TYR B 768 22.33 34.61 55.31
CA TYR B 768 21.38 33.94 56.17
C TYR B 768 21.68 32.45 56.37
N LEU B 769 22.37 31.82 55.41
CA LEU B 769 22.71 30.40 55.53
C LEU B 769 24.21 30.14 55.60
N LEU B 770 25.00 31.13 55.99
CA LEU B 770 26.42 30.91 56.23
C LEU B 770 26.77 31.43 57.63
N LEU B 771 27.73 30.75 58.25
CA LEU B 771 28.18 31.12 59.59
C LEU B 771 29.12 32.31 59.50
N PRO B 772 28.84 33.42 60.19
CA PRO B 772 29.66 34.62 60.00
C PRO B 772 31.03 34.55 60.67
N GLU B 773 31.38 33.38 61.21
CA GLU B 773 32.68 33.25 61.87
C GLU B 773 33.56 32.25 61.13
N PRO B 774 34.89 32.46 61.16
CA PRO B 774 35.79 31.50 60.54
C PRO B 774 36.11 30.34 61.48
N THR B 775 36.28 29.16 60.91
CA THR B 775 36.58 27.95 61.67
C THR B 775 37.98 27.43 61.42
N MET B 776 38.35 27.20 60.17
CA MET B 776 39.68 26.71 59.83
C MET B 776 40.44 27.73 58.99
N PRO B 777 41.76 27.82 59.16
CA PRO B 777 42.54 28.79 58.38
C PRO B 777 42.49 28.46 56.90
N PRO B 778 42.46 29.47 56.04
CA PRO B 778 42.45 29.23 54.60
C PRO B 778 43.88 29.01 54.09
N VAL B 779 43.99 28.84 52.78
CA VAL B 779 45.28 28.66 52.12
C VAL B 779 45.90 30.02 51.84
N VAL B 780 47.22 30.11 52.05
CA VAL B 780 47.93 31.36 51.83
C VAL B 780 48.29 31.52 50.35
N ARG C 2 -71.44 -15.62 74.05
CA ARG C 2 -72.06 -16.73 74.78
C ARG C 2 -71.21 -17.12 75.99
N LEU C 3 -70.03 -17.66 75.72
CA LEU C 3 -69.12 -18.09 76.77
C LEU C 3 -67.71 -17.58 76.46
N GLU C 4 -66.95 -17.32 77.53
CA GLU C 4 -65.56 -16.88 77.38
C GLU C 4 -64.71 -18.04 76.87
N LEU C 5 -64.24 -17.94 75.63
CA LEU C 5 -63.48 -19.00 75.01
C LEU C 5 -62.15 -18.48 74.48
N PRO C 6 -61.12 -19.31 74.46
CA PRO C 6 -59.82 -18.87 73.97
C PRO C 6 -59.84 -18.58 72.48
N VAL C 7 -58.97 -17.67 72.06
CA VAL C 7 -58.82 -17.32 70.66
C VAL C 7 -57.68 -18.14 70.07
N ILE C 8 -57.95 -18.82 68.96
CA ILE C 8 -56.98 -19.71 68.33
C ILE C 8 -56.39 -18.97 67.12
N PRO C 9 -55.12 -18.58 67.16
CA PRO C 9 -54.51 -17.92 65.99
C PRO C 9 -54.00 -18.96 65.00
N LEU C 10 -54.48 -18.87 63.76
CA LEU C 10 -54.10 -19.78 62.70
C LEU C 10 -53.38 -19.03 61.60
N ARG C 11 -52.67 -19.79 60.76
CA ARG C 11 -51.81 -19.18 59.74
C ARG C 11 -52.63 -18.62 58.58
N ASN C 12 -53.37 -19.49 57.88
CA ASN C 12 -54.10 -19.06 56.70
C ASN C 12 -55.47 -19.72 56.61
N THR C 13 -56.10 -20.01 57.75
CA THR C 13 -57.41 -20.64 57.78
C THR C 13 -58.49 -19.56 57.85
N VAL C 14 -59.32 -19.49 56.81
CA VAL C 14 -60.42 -18.53 56.73
C VAL C 14 -61.72 -19.31 56.65
N ILE C 15 -62.68 -18.97 57.51
CA ILE C 15 -63.96 -19.67 57.59
C ILE C 15 -64.99 -18.88 56.78
N LEU C 16 -65.71 -19.57 55.91
CA LEU C 16 -66.76 -18.96 55.12
C LEU C 16 -68.11 -19.55 55.50
N PRO C 17 -69.17 -18.73 55.53
CA PRO C 17 -70.48 -19.24 55.93
C PRO C 17 -71.02 -20.27 54.95
N HIS C 18 -71.75 -21.25 55.49
CA HIS C 18 -72.39 -22.30 54.70
C HIS C 18 -71.41 -23.04 53.81
N THR C 19 -70.21 -23.29 54.33
CA THR C 19 -69.17 -24.00 53.59
C THR C 19 -68.27 -24.71 54.58
N THR C 20 -68.03 -26.00 54.34
CA THR C 20 -67.17 -26.80 55.21
C THR C 20 -65.71 -26.52 54.86
N THR C 21 -64.94 -26.06 55.84
CA THR C 21 -63.53 -25.75 55.67
C THR C 21 -62.70 -26.54 56.67
N PRO C 22 -61.70 -27.28 56.22
CA PRO C 22 -60.86 -28.03 57.17
C PRO C 22 -60.09 -27.10 58.08
N VAL C 23 -59.86 -27.55 59.30
CA VAL C 23 -59.13 -26.79 60.32
C VAL C 23 -57.80 -27.49 60.57
N ASP C 24 -56.71 -26.73 60.42
CA ASP C 24 -55.36 -27.25 60.61
C ASP C 24 -54.72 -26.59 61.82
N VAL C 25 -54.18 -27.41 62.72
CA VAL C 25 -53.52 -26.93 63.93
C VAL C 25 -52.08 -27.38 63.88
N GLY C 26 -51.15 -26.43 64.01
CA GLY C 26 -49.74 -26.75 63.97
C GLY C 26 -48.93 -25.97 64.98
N ARG C 27 -49.60 -25.40 65.98
CA ARG C 27 -48.96 -24.61 67.02
C ARG C 27 -49.27 -25.20 68.39
N ALA C 28 -48.29 -25.16 69.29
CA ALA C 28 -48.48 -25.69 70.63
C ALA C 28 -49.53 -24.90 71.39
N LYS C 29 -49.54 -23.57 71.24
CA LYS C 29 -50.54 -22.74 71.91
C LYS C 29 -51.94 -23.07 71.42
N SER C 30 -52.10 -23.25 70.11
CA SER C 30 -53.42 -23.59 69.56
C SER C 30 -53.83 -25.00 69.93
N LYS C 31 -52.88 -25.93 70.01
CA LYS C 31 -53.20 -27.31 70.34
C LYS C 31 -53.72 -27.42 71.77
N ARG C 32 -53.15 -26.66 72.70
CA ARG C 32 -53.66 -26.67 74.07
C ARG C 32 -55.07 -26.10 74.13
N ALA C 33 -55.34 -25.04 73.35
CA ALA C 33 -56.70 -24.51 73.29
C ALA C 33 -57.67 -25.53 72.72
N VAL C 34 -57.25 -26.28 71.70
CA VAL C 34 -58.10 -27.33 71.14
C VAL C 34 -58.37 -28.40 72.19
N GLU C 35 -57.34 -28.80 72.93
CA GLU C 35 -57.51 -29.79 73.98
C GLU C 35 -58.47 -29.29 75.07
N GLU C 36 -58.42 -28.00 75.37
CA GLU C 36 -59.34 -27.41 76.34
C GLU C 36 -60.71 -27.12 75.75
N ALA C 37 -60.88 -27.24 74.44
CA ALA C 37 -62.13 -26.89 73.79
C ALA C 37 -63.24 -27.90 74.03
N MET C 38 -62.91 -29.15 74.36
CA MET C 38 -63.95 -30.14 74.62
C MET C 38 -64.72 -29.87 75.90
N GLY C 39 -64.24 -28.98 76.75
CA GLY C 39 -64.95 -28.60 77.95
C GLY C 39 -65.97 -27.49 77.78
N ALA C 40 -66.18 -27.02 76.55
CA ALA C 40 -67.12 -25.95 76.25
C ALA C 40 -68.01 -26.32 75.09
N ASP C 41 -68.52 -27.55 75.08
CA ASP C 41 -69.43 -28.05 74.05
C ASP C 41 -68.79 -27.99 72.66
N ARG C 42 -67.47 -28.16 72.58
CA ARG C 42 -66.75 -28.19 71.31
C ARG C 42 -66.99 -26.93 70.48
N LEU C 43 -66.97 -25.79 71.15
CA LEU C 43 -67.12 -24.49 70.48
C LEU C 43 -65.74 -23.85 70.32
N ILE C 44 -65.41 -23.50 69.08
CA ILE C 44 -64.08 -22.98 68.75
C ILE C 44 -64.25 -21.63 68.06
N PHE C 45 -63.51 -20.63 68.56
CA PHE C 45 -63.48 -19.30 67.95
C PHE C 45 -62.18 -19.14 67.17
N LEU C 46 -62.29 -18.77 65.90
CA LEU C 46 -61.14 -18.60 65.02
C LEU C 46 -61.08 -17.16 64.55
N VAL C 47 -59.90 -16.54 64.69
CA VAL C 47 -59.67 -15.17 64.27
C VAL C 47 -58.51 -15.16 63.29
N ALA C 48 -58.71 -14.55 62.13
CA ALA C 48 -57.68 -14.47 61.11
C ALA C 48 -56.67 -13.38 61.46
N GLN C 49 -55.53 -13.41 60.77
CA GLN C 49 -54.43 -12.49 61.03
C GLN C 49 -54.56 -11.27 60.13
N ARG C 50 -53.49 -10.48 60.05
CA ARG C 50 -53.50 -9.19 59.36
C ARG C 50 -52.16 -9.03 58.63
N ASP C 51 -51.83 -7.78 58.30
CA ASP C 51 -50.57 -7.37 57.69
C ASP C 51 -49.40 -7.93 58.48
N PRO C 52 -48.13 -7.91 57.93
CA PRO C 52 -47.09 -8.87 58.36
C PRO C 52 -47.10 -9.29 59.83
N GLU C 53 -47.04 -10.60 60.02
CA GLU C 53 -47.43 -11.24 61.27
C GLU C 53 -46.61 -10.76 62.46
N VAL C 54 -47.29 -10.54 63.58
CA VAL C 54 -46.65 -10.36 64.88
C VAL C 54 -47.20 -11.48 65.77
N ASP C 55 -46.47 -12.59 65.82
CA ASP C 55 -46.97 -13.79 66.48
C ASP C 55 -47.06 -13.64 68.00
N ASP C 56 -46.48 -12.60 68.58
CA ASP C 56 -46.60 -12.39 70.01
C ASP C 56 -48.04 -12.09 70.38
N PRO C 57 -48.55 -12.68 71.47
CA PRO C 57 -49.96 -12.45 71.85
C PRO C 57 -50.22 -11.03 72.30
N ALA C 58 -51.01 -10.29 71.52
CA ALA C 58 -51.34 -8.91 71.84
C ALA C 58 -52.83 -8.68 71.62
N PRO C 59 -53.54 -8.15 72.61
CA PRO C 59 -54.97 -7.83 72.40
C PRO C 59 -55.20 -6.83 71.28
N ASP C 60 -54.30 -5.85 71.12
CA ASP C 60 -54.43 -4.91 70.01
C ASP C 60 -54.22 -5.60 68.67
N ASP C 61 -53.27 -6.53 68.59
CA ASP C 61 -53.05 -7.27 67.35
C ASP C 61 -54.24 -8.14 67.01
N LEU C 62 -54.82 -8.81 68.01
CA LEU C 62 -55.97 -9.66 67.77
C LEU C 62 -57.22 -8.82 67.49
N TYR C 63 -58.01 -9.26 66.51
CA TYR C 63 -59.22 -8.56 66.13
C TYR C 63 -60.37 -8.94 67.06
N THR C 64 -61.53 -8.36 66.82
CA THR C 64 -62.73 -8.56 67.63
C THR C 64 -63.87 -9.13 66.79
N TRP C 65 -63.56 -10.05 65.88
CA TRP C 65 -64.55 -10.68 65.03
C TRP C 65 -64.29 -12.17 64.93
N GLY C 66 -65.36 -12.96 64.93
CA GLY C 66 -65.24 -14.40 64.84
C GLY C 66 -66.48 -15.00 64.22
N VAL C 67 -66.36 -16.29 63.89
CA VAL C 67 -67.45 -17.05 63.26
C VAL C 67 -67.71 -18.29 64.13
N GLN C 68 -68.97 -18.50 64.48
CA GLN C 68 -69.35 -19.64 65.29
C GLN C 68 -69.50 -20.88 64.41
N ALA C 69 -69.10 -22.03 64.95
CA ALA C 69 -69.18 -23.29 64.23
C ALA C 69 -69.43 -24.42 65.21
N VAL C 70 -69.92 -25.54 64.68
CA VAL C 70 -70.24 -26.72 65.47
C VAL C 70 -69.46 -27.90 64.92
N VAL C 71 -68.86 -28.68 65.82
CA VAL C 71 -68.07 -29.84 65.42
C VAL C 71 -69.00 -31.01 65.14
N LYS C 72 -68.84 -31.60 63.95
CA LYS C 72 -69.67 -32.74 63.53
C LYS C 72 -68.97 -34.07 63.80
N GLN C 73 -67.76 -34.25 63.26
CA GLN C 73 -67.01 -35.48 63.44
C GLN C 73 -65.52 -35.18 63.38
N ALA C 74 -64.73 -36.09 63.95
CA ALA C 74 -63.29 -35.95 63.97
C ALA C 74 -62.66 -37.29 63.60
N MET C 75 -61.56 -37.22 62.85
CA MET C 75 -60.83 -38.40 62.41
C MET C 75 -59.40 -38.37 62.95
N ARG C 76 -58.86 -39.55 63.19
CA ARG C 76 -57.51 -39.69 63.74
C ARG C 76 -56.52 -39.89 62.60
N LEU C 77 -55.46 -39.09 62.59
CA LEU C 77 -54.45 -39.14 61.56
C LEU C 77 -53.08 -39.41 62.17
N PRO C 78 -52.29 -40.33 61.61
CA PRO C 78 -51.00 -40.66 62.22
C PRO C 78 -49.97 -39.54 62.14
N ASP C 79 -50.15 -38.55 61.28
CA ASP C 79 -49.16 -37.50 61.08
C ASP C 79 -49.17 -36.44 62.18
N GLY C 80 -49.96 -36.63 63.24
CA GLY C 80 -50.00 -35.69 64.34
C GLY C 80 -50.91 -34.50 64.14
N THR C 81 -51.62 -34.41 63.01
CA THR C 81 -52.54 -33.31 62.73
C THR C 81 -53.96 -33.81 62.93
N LEU C 82 -54.63 -33.29 63.95
CA LEU C 82 -56.01 -33.69 64.26
C LEU C 82 -56.98 -32.70 63.62
N GLN C 83 -57.06 -32.78 62.30
CA GLN C 83 -57.96 -31.91 61.56
C GLN C 83 -59.42 -32.29 61.83
N VAL C 84 -60.29 -31.27 61.83
CA VAL C 84 -61.70 -31.45 62.09
C VAL C 84 -62.49 -30.62 61.09
N MET C 85 -63.60 -31.18 60.62
CA MET C 85 -64.49 -30.49 59.69
C MET C 85 -65.71 -29.97 60.43
N VAL C 86 -66.05 -28.70 60.18
CA VAL C 86 -67.18 -28.05 60.85
C VAL C 86 -68.01 -27.32 59.81
N GLU C 87 -69.26 -27.03 60.19
CA GLU C 87 -70.19 -26.29 59.34
C GLU C 87 -70.50 -24.96 60.01
N ALA C 88 -70.26 -23.86 59.29
CA ALA C 88 -70.51 -22.53 59.82
C ALA C 88 -72.01 -22.23 59.79
N ARG C 89 -72.49 -21.61 60.87
CA ARG C 89 -73.90 -21.24 60.99
C ARG C 89 -74.10 -19.73 61.06
N ALA C 90 -73.40 -19.05 61.97
CA ALA C 90 -73.54 -17.61 62.12
C ALA C 90 -72.26 -17.04 62.72
N ARG C 91 -72.10 -15.74 62.59
CA ARG C 91 -70.95 -15.02 63.11
C ARG C 91 -71.33 -14.24 64.37
N ALA C 92 -70.30 -13.78 65.08
CA ALA C 92 -70.51 -13.02 66.31
C ALA C 92 -69.31 -12.12 66.54
N GLN C 93 -69.50 -11.13 67.41
CA GLN C 93 -68.46 -10.17 67.75
C GLN C 93 -67.81 -10.56 69.07
N VAL C 94 -66.84 -9.74 69.49
CA VAL C 94 -66.12 -9.93 70.75
C VAL C 94 -66.30 -8.69 71.60
N THR C 95 -66.67 -8.88 72.87
CA THR C 95 -66.96 -7.75 73.76
C THR C 95 -65.68 -7.25 74.44
N ASP C 96 -65.01 -8.11 75.19
CA ASP C 96 -63.83 -7.71 75.95
C ASP C 96 -62.80 -8.84 75.93
N TYR C 97 -61.54 -8.47 76.02
CA TYR C 97 -60.42 -9.41 76.07
C TYR C 97 -59.80 -9.37 77.46
N ILE C 98 -60.02 -10.41 78.24
CA ILE C 98 -59.40 -10.52 79.56
C ILE C 98 -57.90 -10.69 79.40
N PRO C 99 -57.08 -9.90 80.11
CA PRO C 99 -55.62 -10.03 79.95
C PRO C 99 -55.14 -11.43 80.33
N GLY C 100 -54.15 -11.91 79.58
CA GLY C 100 -53.62 -13.24 79.80
C GLY C 100 -52.11 -13.26 79.79
N PRO C 101 -51.50 -14.11 78.94
CA PRO C 101 -52.17 -15.03 78.01
C PRO C 101 -52.78 -16.24 78.70
N TYR C 102 -53.85 -16.81 78.13
CA TYR C 102 -54.45 -16.32 76.90
C TYR C 102 -55.56 -15.31 77.17
N LEU C 103 -56.17 -14.81 76.09
CA LEU C 103 -57.20 -13.79 76.18
C LEU C 103 -58.56 -14.42 75.91
N ARG C 104 -59.50 -14.21 76.83
CA ARG C 104 -60.85 -14.73 76.68
C ARG C 104 -61.66 -13.85 75.72
N ALA C 105 -62.73 -14.43 75.19
CA ALA C 105 -63.61 -13.72 74.26
C ALA C 105 -65.04 -14.18 74.50
N ARG C 106 -65.93 -13.23 74.75
CA ARG C 106 -67.34 -13.50 75.00
C ARG C 106 -68.20 -12.64 74.10
N GLY C 107 -69.25 -13.23 73.54
CA GLY C 107 -70.19 -12.53 72.69
C GLY C 107 -71.56 -12.44 73.34
N GLU C 108 -72.31 -11.41 72.99
CA GLU C 108 -73.64 -11.18 73.55
C GLU C 108 -74.75 -11.70 72.64
N VAL C 109 -74.80 -11.22 71.39
CA VAL C 109 -75.80 -11.64 70.43
C VAL C 109 -75.13 -11.93 69.09
N PHE C 110 -75.83 -12.69 68.27
CA PHE C 110 -75.34 -13.03 66.94
C PHE C 110 -75.58 -11.86 65.97
N SER C 111 -74.94 -11.94 64.81
CA SER C 111 -75.02 -10.89 63.79
C SER C 111 -75.89 -11.42 62.64
N GLU C 112 -77.17 -11.07 62.66
CA GLU C 112 -78.10 -11.44 61.62
C GLU C 112 -78.98 -10.25 61.25
N ILE C 113 -78.38 -9.06 61.19
CA ILE C 113 -79.12 -7.85 60.84
C ILE C 113 -79.51 -7.91 59.37
N PHE C 114 -80.66 -7.29 59.05
CA PHE C 114 -81.16 -7.27 57.68
C PHE C 114 -81.24 -5.84 57.15
N PRO C 115 -80.99 -5.64 55.85
CA PRO C 115 -81.04 -4.28 55.30
C PRO C 115 -82.47 -3.77 55.11
N ILE C 116 -82.60 -2.58 54.54
CA ILE C 116 -83.89 -1.99 54.22
C ILE C 116 -83.93 -1.69 52.72
N ASP C 117 -85.11 -1.79 52.12
CA ASP C 117 -85.30 -1.55 50.69
C ASP C 117 -84.43 -2.50 49.86
N GLU C 118 -84.76 -3.79 49.97
CA GLU C 118 -83.97 -4.86 49.37
C GLU C 118 -83.90 -4.78 47.85
N ALA C 119 -84.66 -3.86 47.24
CA ALA C 119 -84.61 -3.70 45.80
C ALA C 119 -83.21 -3.27 45.34
N VAL C 120 -82.60 -2.33 46.07
CA VAL C 120 -81.26 -1.88 45.72
C VAL C 120 -80.25 -3.02 45.88
N VAL C 121 -80.40 -3.83 46.92
CA VAL C 121 -79.50 -4.96 47.13
C VAL C 121 -79.64 -5.97 46.01
N ARG C 122 -80.88 -6.25 45.59
CA ARG C 122 -81.10 -7.18 44.49
C ARG C 122 -80.53 -6.65 43.18
N VAL C 123 -80.68 -5.33 42.94
CA VAL C 123 -80.09 -4.72 41.75
C VAL C 123 -78.57 -4.84 41.79
N LEU C 124 -77.97 -4.63 42.97
CA LEU C 124 -76.53 -4.78 43.11
C LEU C 124 -76.09 -6.22 42.85
N VAL C 125 -76.86 -7.18 43.32
CA VAL C 125 -76.54 -8.59 43.08
C VAL C 125 -76.61 -8.90 41.59
N GLU C 126 -77.64 -8.38 40.90
CA GLU C 126 -77.74 -8.58 39.46
C GLU C 126 -76.58 -7.93 38.73
N GLU C 127 -76.16 -6.75 39.17
CA GLU C 127 -74.99 -6.09 38.58
C GLU C 127 -73.73 -6.92 38.80
N LEU C 128 -73.58 -7.51 39.98
CA LEU C 128 -72.44 -8.39 40.25
C LEU C 128 -72.46 -9.61 39.33
N LYS C 129 -73.64 -10.18 39.11
CA LYS C 129 -73.75 -11.31 38.19
C LYS C 129 -73.38 -10.91 36.77
N GLU C 130 -73.83 -9.72 36.33
CA GLU C 130 -73.45 -9.24 35.01
C GLU C 130 -71.95 -9.00 34.90
N ALA C 131 -71.34 -8.46 35.95
CA ALA C 131 -69.90 -8.27 35.95
C ALA C 131 -69.16 -9.59 35.90
N PHE C 132 -69.63 -10.61 36.61
CA PHE C 132 -69.02 -11.93 36.53
C PHE C 132 -69.14 -12.51 35.12
N GLU C 133 -70.31 -12.35 34.50
CA GLU C 133 -70.49 -12.83 33.14
C GLU C 133 -69.55 -12.12 32.17
N LYS C 134 -69.37 -10.81 32.35
CA LYS C 134 -68.41 -10.09 31.52
C LYS C 134 -66.97 -10.49 31.82
N TYR C 135 -66.70 -10.94 33.05
CA TYR C 135 -65.35 -11.30 33.47
C TYR C 135 -65.01 -12.77 33.24
N VAL C 136 -65.95 -13.57 32.73
CA VAL C 136 -65.72 -14.99 32.56
C VAL C 136 -64.49 -15.30 31.71
N ALA C 137 -63.94 -14.31 31.02
CA ALA C 137 -62.74 -14.53 30.20
C ALA C 137 -61.56 -14.98 31.05
N ASN C 138 -61.34 -14.32 32.19
CA ASN C 138 -60.28 -14.73 33.11
C ASN C 138 -60.66 -15.95 33.94
N HIS C 139 -61.94 -16.32 33.99
CA HIS C 139 -62.37 -17.51 34.71
C HIS C 139 -62.15 -18.79 33.94
N LYS C 140 -61.85 -18.69 32.64
CA LYS C 140 -61.60 -19.89 31.84
C LYS C 140 -60.34 -20.62 32.29
N SER C 141 -59.29 -19.87 32.62
CA SER C 141 -58.03 -20.48 33.04
C SER C 141 -58.13 -21.16 34.40
N LEU C 142 -59.16 -20.83 35.19
CA LEU C 142 -59.35 -21.44 36.50
C LEU C 142 -59.81 -22.89 36.39
N ARG C 143 -60.29 -23.32 35.22
CA ARG C 143 -60.76 -24.69 34.98
C ARG C 143 -61.93 -25.04 35.90
N LEU C 144 -63.01 -24.28 35.76
CA LEU C 144 -64.24 -24.50 36.51
C LEU C 144 -65.42 -24.53 35.54
N ASP C 145 -66.34 -25.45 35.78
CA ASP C 145 -67.51 -25.60 34.92
C ASP C 145 -68.53 -24.51 35.20
N ARG C 146 -69.44 -24.34 34.25
CA ARG C 146 -70.52 -23.35 34.36
C ARG C 146 -71.78 -23.91 34.98
N TYR C 147 -71.78 -25.18 35.38
CA TYR C 147 -72.99 -25.79 35.94
C TYR C 147 -73.35 -25.20 37.30
N GLN C 148 -72.34 -24.76 38.07
CA GLN C 148 -72.60 -24.22 39.40
C GLN C 148 -73.33 -22.89 39.36
N LEU C 149 -73.37 -22.22 38.20
CA LEU C 149 -74.07 -20.95 38.10
C LEU C 149 -75.56 -21.11 38.36
N GLU C 150 -76.17 -22.17 37.82
CA GLU C 150 -77.60 -22.39 38.03
C GLU C 150 -77.89 -22.78 39.48
N ALA C 151 -76.93 -23.43 40.15
CA ALA C 151 -77.16 -23.82 41.54
C ALA C 151 -77.14 -22.62 42.48
N VAL C 152 -76.38 -21.58 42.16
CA VAL C 152 -76.29 -20.40 43.00
C VAL C 152 -77.22 -19.28 42.55
N LYS C 153 -77.72 -19.33 41.31
CA LYS C 153 -78.63 -18.28 40.84
C LYS C 153 -80.01 -18.43 41.46
N GLY C 154 -80.41 -19.66 41.80
CA GLY C 154 -81.72 -19.89 42.39
C GLY C 154 -81.87 -19.36 43.81
N THR C 155 -80.75 -19.16 44.52
CA THR C 155 -80.79 -18.65 45.87
C THR C 155 -80.93 -17.13 45.84
N SER C 156 -81.97 -16.62 46.49
CA SER C 156 -82.25 -15.19 46.52
C SER C 156 -81.62 -14.49 47.72
N ASP C 157 -80.91 -15.22 48.57
CA ASP C 157 -80.26 -14.62 49.73
C ASP C 157 -78.91 -14.03 49.32
N PRO C 158 -78.69 -12.72 49.43
CA PRO C 158 -77.40 -12.15 49.03
C PRO C 158 -76.27 -12.41 50.02
N ALA C 159 -76.56 -13.04 51.16
CA ALA C 159 -75.52 -13.25 52.17
C ALA C 159 -74.43 -14.18 51.64
N MET C 160 -74.79 -15.42 51.32
CA MET C 160 -73.80 -16.41 50.90
C MET C 160 -73.45 -16.34 49.42
N LEU C 161 -74.24 -15.63 48.62
CA LEU C 161 -73.96 -15.56 47.19
C LEU C 161 -72.63 -14.84 46.92
N ALA C 162 -72.41 -13.71 47.59
CA ALA C 162 -71.15 -12.98 47.42
C ALA C 162 -69.96 -13.82 47.88
N ASP C 163 -70.11 -14.52 49.00
CA ASP C 163 -69.02 -15.38 49.49
C ASP C 163 -68.73 -16.51 48.51
N THR C 164 -69.78 -17.12 47.94
CA THR C 164 -69.59 -18.18 46.97
C THR C 164 -68.88 -17.66 45.72
N ILE C 165 -69.26 -16.46 45.26
CA ILE C 165 -68.59 -15.88 44.10
C ILE C 165 -67.12 -15.58 44.41
N ALA C 166 -66.85 -15.00 45.59
CA ALA C 166 -65.50 -14.58 45.93
C ALA C 166 -64.61 -15.73 46.40
N TYR C 167 -65.18 -16.92 46.63
CA TYR C 167 -64.37 -18.05 47.04
C TYR C 167 -63.31 -18.40 45.99
N HIS C 168 -63.67 -18.29 44.72
CA HIS C 168 -62.73 -18.57 43.63
C HIS C 168 -61.88 -17.37 43.27
N ALA C 169 -62.08 -16.23 43.93
CA ALA C 169 -61.33 -15.00 43.66
C ALA C 169 -60.90 -14.35 44.97
N THR C 170 -60.31 -15.15 45.85
CA THR C 170 -59.92 -14.67 47.17
C THR C 170 -58.82 -13.61 47.07
N TRP C 171 -58.63 -12.89 48.17
CA TRP C 171 -57.67 -11.79 48.23
C TRP C 171 -56.97 -11.84 49.60
N THR C 172 -56.29 -10.75 49.94
CA THR C 172 -55.51 -10.69 51.16
C THR C 172 -56.40 -10.77 52.40
N VAL C 173 -55.83 -11.29 53.50
CA VAL C 173 -56.58 -11.49 54.72
C VAL C 173 -56.93 -10.15 55.38
N ALA C 174 -56.06 -9.14 55.21
CA ALA C 174 -56.30 -7.85 55.83
C ALA C 174 -57.59 -7.22 55.31
N GLU C 175 -57.83 -7.31 53.99
CA GLU C 175 -59.06 -6.78 53.41
C GLU C 175 -60.28 -7.55 53.89
N LYS C 176 -60.18 -8.87 54.00
CA LYS C 176 -61.27 -9.66 54.54
C LYS C 176 -61.59 -9.25 55.97
N GLN C 177 -60.56 -8.92 56.74
CA GLN C 177 -60.78 -8.48 58.12
C GLN C 177 -61.60 -7.20 58.17
N GLU C 178 -61.28 -6.22 57.31
CA GLU C 178 -62.06 -4.99 57.26
C GLU C 178 -63.48 -5.25 56.77
N ILE C 179 -63.62 -6.14 55.79
CA ILE C 179 -64.96 -6.47 55.28
C ILE C 179 -65.82 -7.06 56.40
N LEU C 180 -65.25 -7.99 57.18
CA LEU C 180 -65.97 -8.53 58.32
C LEU C 180 -66.20 -7.47 59.39
N GLU C 181 -65.30 -6.50 59.50
CA GLU C 181 -65.47 -5.41 60.45
C GLU C 181 -66.68 -4.55 60.12
N LEU C 182 -66.93 -4.31 58.82
CA LEU C 182 -68.11 -3.56 58.43
C LEU C 182 -69.38 -4.30 58.87
N THR C 183 -70.37 -3.53 59.31
CA THR C 183 -71.62 -4.08 59.85
C THR C 183 -72.75 -4.08 58.83
N ASP C 184 -72.99 -2.94 58.18
CA ASP C 184 -74.10 -2.84 57.24
C ASP C 184 -73.89 -3.77 56.04
N LEU C 185 -74.95 -4.49 55.68
CA LEU C 185 -74.86 -5.40 54.54
C LEU C 185 -74.61 -4.65 53.24
N GLU C 186 -75.27 -3.51 53.03
CA GLU C 186 -75.01 -2.74 51.81
C GLU C 186 -73.57 -2.25 51.76
N ALA C 187 -73.06 -1.75 52.88
CA ALA C 187 -71.68 -1.24 52.91
C ALA C 187 -70.68 -2.36 52.65
N ARG C 188 -70.86 -3.51 53.30
CA ARG C 188 -69.92 -4.61 53.09
C ARG C 188 -70.04 -5.18 51.69
N LEU C 189 -71.24 -5.23 51.11
CA LEU C 189 -71.39 -5.71 49.74
C LEU C 189 -70.72 -4.76 48.75
N LYS C 190 -70.86 -3.45 48.98
CA LYS C 190 -70.18 -2.50 48.10
C LYS C 190 -68.66 -2.61 48.22
N LYS C 191 -68.15 -2.77 49.45
CA LYS C 191 -66.71 -2.95 49.61
C LYS C 191 -66.24 -4.25 48.94
N VAL C 192 -67.02 -5.32 49.07
CA VAL C 192 -66.67 -6.59 48.42
C VAL C 192 -66.67 -6.41 46.91
N LEU C 193 -67.65 -5.68 46.36
CA LEU C 193 -67.70 -5.45 44.93
C LEU C 193 -66.49 -4.66 44.46
N GLY C 194 -66.11 -3.63 45.20
CA GLY C 194 -64.94 -2.84 44.82
C GLY C 194 -63.66 -3.64 44.87
N LEU C 195 -63.47 -4.39 45.95
CA LEU C 195 -62.27 -5.22 46.07
C LEU C 195 -62.25 -6.32 45.01
N LEU C 196 -63.43 -6.86 44.67
CA LEU C 196 -63.53 -7.82 43.59
C LEU C 196 -63.12 -7.19 42.27
N SER C 197 -63.58 -5.96 42.00
CA SER C 197 -63.19 -5.29 40.77
C SER C 197 -61.68 -5.08 40.71
N ARG C 198 -61.08 -4.71 41.84
CA ARG C 198 -59.63 -4.54 41.88
C ARG C 198 -58.90 -5.87 41.64
N ASP C 199 -59.40 -6.96 42.22
CA ASP C 199 -58.79 -8.27 41.99
C ASP C 199 -58.99 -8.74 40.56
N LEU C 200 -60.15 -8.43 39.97
CA LEU C 200 -60.37 -8.65 38.55
C LEU C 200 -59.35 -7.91 37.70
N GLU C 201 -59.11 -6.64 38.03
CA GLU C 201 -58.10 -5.83 37.30
C GLU C 201 -56.75 -6.51 37.44
N ARG C 202 -56.45 -7.05 38.63
CA ARG C 202 -55.15 -7.72 38.88
C ARG C 202 -54.97 -8.86 37.87
N PHE C 203 -55.95 -9.78 37.81
CA PHE C 203 -55.84 -10.95 36.89
C PHE C 203 -55.88 -10.45 35.44
N GLU C 204 -56.75 -9.47 35.16
CA GLU C 204 -56.87 -8.93 33.78
C GLU C 204 -55.48 -8.55 33.28
N LEU C 205 -54.79 -7.65 33.99
CA LEU C 205 -53.45 -7.19 33.57
C LEU C 205 -52.51 -8.40 33.45
N ASP C 206 -52.52 -9.27 34.46
CA ASP C 206 -51.62 -10.46 34.46
C ASP C 206 -51.88 -11.26 33.17
N LYS C 207 -53.16 -11.45 32.84
CA LYS C 207 -53.51 -12.19 31.59
C LYS C 207 -52.91 -11.46 30.39
N ARG C 208 -53.04 -10.14 30.33
CA ARG C 208 -52.53 -9.35 29.19
C ARG C 208 -51.01 -9.51 29.10
N VAL C 209 -50.30 -9.37 30.23
CA VAL C 209 -48.81 -9.42 30.21
C VAL C 209 -48.36 -10.72 29.54
N ALA C 210 -48.92 -11.86 29.95
CA ALA C 210 -48.49 -13.17 29.41
C ALA C 210 -48.66 -13.18 27.89
N GLN C 211 -49.83 -12.76 27.39
CA GLN C 211 -50.10 -12.80 25.94
C GLN C 211 -49.09 -11.93 25.18
N ARG C 212 -48.82 -10.73 25.70
CA ARG C 212 -47.89 -9.79 25.01
C ARG C 212 -46.52 -10.44 24.91
N VAL C 213 -46.02 -10.98 26.03
CA VAL C 213 -44.68 -11.66 26.03
C VAL C 213 -44.73 -12.83 25.03
N LYS C 214 -45.82 -13.59 25.05
CA LYS C 214 -45.97 -14.75 24.14
C LYS C 214 -45.80 -14.28 22.70
N GLU C 215 -46.58 -13.27 22.29
CA GLU C 215 -46.53 -12.78 20.88
C GLU C 215 -45.10 -12.33 20.56
N GLN C 216 -44.50 -11.55 21.45
CA GLN C 216 -43.09 -11.10 21.25
C GLN C 216 -42.23 -12.31 20.90
N MET C 217 -42.23 -13.33 21.75
CA MET C 217 -41.42 -14.56 21.49
C MET C 217 -41.88 -15.19 20.18
N ASP C 218 -43.20 -15.34 20.00
CA ASP C 218 -43.75 -15.95 18.76
C ASP C 218 -43.09 -15.31 17.55
N THR C 219 -43.09 -13.97 17.47
CA THR C 219 -42.53 -13.28 16.31
C THR C 219 -41.04 -13.56 16.18
N ASN C 220 -40.31 -13.48 17.30
CA ASN C 220 -38.86 -13.69 17.26
C ASN C 220 -38.52 -15.11 16.84
N GLN C 221 -39.20 -16.10 17.42
CA GLN C 221 -38.90 -17.49 17.07
C GLN C 221 -39.29 -17.79 15.62
N ARG C 222 -40.37 -17.16 15.17
CA ARG C 222 -40.88 -17.35 13.78
C ARG C 222 -39.86 -16.78 12.79
N GLU C 223 -39.28 -15.61 13.07
CA GLU C 223 -38.30 -15.02 12.16
C GLU C 223 -36.97 -15.74 12.24
N TYR C 224 -36.56 -16.20 13.43
CA TYR C 224 -35.37 -17.03 13.53
C TYR C 224 -35.50 -18.32 12.73
N TYR C 225 -36.64 -19.00 12.85
CA TYR C 225 -36.82 -20.27 12.14
C TYR C 225 -36.85 -20.06 10.63
N LEU C 226 -37.52 -19.00 10.19
CA LEU C 226 -37.57 -18.70 8.75
C LEU C 226 -36.17 -18.37 8.23
N ARG C 227 -35.40 -17.58 8.99
CA ARG C 227 -34.02 -17.29 8.59
C ARG C 227 -33.20 -18.57 8.53
N GLU C 228 -33.37 -19.46 9.51
CA GLU C 228 -32.59 -20.70 9.53
C GLU C 228 -32.91 -21.57 8.33
N GLN C 229 -34.19 -21.74 8.02
CA GLN C 229 -34.56 -22.61 6.90
C GLN C 229 -34.14 -22.00 5.56
N MET C 230 -34.32 -20.68 5.41
CA MET C 230 -33.92 -20.05 4.16
C MET C 230 -32.40 -20.07 3.99
N LYS C 231 -31.66 -19.89 5.09
CA LYS C 231 -30.21 -20.03 5.04
C LYS C 231 -29.82 -21.45 4.65
N ALA C 232 -30.50 -22.44 5.24
CA ALA C 232 -30.21 -23.83 4.94
C ALA C 232 -30.37 -24.12 3.45
N ILE C 233 -31.50 -23.72 2.88
CA ILE C 233 -31.74 -24.01 1.46
C ILE C 233 -30.80 -23.20 0.58
N GLN C 234 -30.58 -21.92 0.91
CA GLN C 234 -29.76 -21.06 0.06
C GLN C 234 -28.30 -21.52 0.07
N LYS C 235 -27.85 -22.08 1.19
CA LYS C 235 -26.45 -22.48 1.27
C LYS C 235 -26.28 -23.93 0.82
N GLU C 236 -27.34 -24.74 0.90
CA GLU C 236 -27.31 -26.04 0.23
C GLU C 236 -27.21 -25.86 -1.28
N LEU C 237 -27.92 -24.87 -1.84
CA LEU C 237 -27.76 -24.59 -3.26
C LEU C 237 -26.39 -23.97 -3.54
N GLY C 238 -25.92 -23.10 -2.65
CA GLY C 238 -24.56 -22.59 -2.80
C GLY C 238 -23.82 -22.28 -1.50
N GLY C 239 -22.66 -22.90 -1.32
CA GLY C 239 -21.81 -22.62 -0.17
C GLY C 239 -22.45 -22.92 1.18
N GLU C 240 -22.62 -24.21 1.50
CA GLU C 240 -23.36 -24.59 2.70
C GLU C 240 -22.76 -23.99 3.97
N ASP C 241 -21.44 -24.00 4.08
CA ASP C 241 -20.78 -23.46 5.27
C ASP C 241 -20.61 -21.95 5.16
N GLY C 242 -21.72 -21.23 4.95
CA GLY C 242 -21.69 -19.79 4.85
C GLY C 242 -22.48 -19.09 5.94
N LEU C 243 -23.63 -18.49 5.61
CA LEU C 243 -24.48 -17.76 6.61
C LEU C 243 -25.18 -18.79 7.50
N SER C 244 -25.36 -20.04 7.06
CA SER C 244 -25.83 -21.10 7.94
C SER C 244 -24.79 -21.43 9.00
N ASP C 245 -23.52 -21.46 8.59
CA ASP C 245 -22.45 -21.58 9.58
C ASP C 245 -22.49 -20.41 10.56
N LEU C 246 -22.70 -19.20 10.03
CA LEU C 246 -22.77 -18.03 10.90
C LEU C 246 -23.96 -18.08 11.83
N GLU C 247 -25.12 -18.56 11.34
CA GLU C 247 -26.30 -18.60 12.19
C GLU C 247 -26.15 -19.66 13.28
N ALA C 248 -25.54 -20.80 12.95
CA ALA C 248 -25.24 -21.78 14.00
C ALA C 248 -24.26 -21.21 15.01
N LEU C 249 -23.22 -20.52 14.53
CA LEU C 249 -22.23 -19.94 15.43
C LEU C 249 -22.86 -18.91 16.36
N ARG C 250 -23.77 -18.09 15.84
CA ARG C 250 -24.41 -17.10 16.70
C ARG C 250 -25.42 -17.74 17.65
N LYS C 251 -26.04 -18.85 17.22
CA LYS C 251 -26.85 -19.62 18.17
C LYS C 251 -25.99 -20.12 19.32
N LYS C 252 -24.74 -20.48 19.03
CA LYS C 252 -23.80 -20.82 20.11
C LYS C 252 -23.45 -19.59 20.96
N ILE C 253 -23.21 -18.45 20.32
CA ILE C 253 -22.79 -17.28 21.10
C ILE C 253 -23.94 -16.79 21.98
N GLU C 254 -25.18 -17.18 21.66
CA GLU C 254 -26.27 -16.96 22.60
C GLU C 254 -26.03 -17.72 23.90
N GLU C 255 -25.59 -18.97 23.81
CA GLU C 255 -25.38 -19.77 25.02
C GLU C 255 -24.09 -19.37 25.74
N VAL C 256 -23.13 -18.82 25.01
CA VAL C 256 -21.88 -18.37 25.62
C VAL C 256 -21.85 -16.84 25.63
N GLY C 257 -23.04 -16.24 25.76
CA GLY C 257 -23.26 -14.81 25.63
C GLY C 257 -22.21 -13.86 26.16
N MET C 258 -21.85 -12.90 25.32
CA MET C 258 -20.89 -11.85 25.66
C MET C 258 -21.61 -10.74 26.39
N PRO C 259 -20.91 -9.65 26.78
CA PRO C 259 -21.60 -8.47 27.29
C PRO C 259 -22.74 -8.00 26.39
N GLU C 260 -23.80 -7.50 27.02
CA GLU C 260 -25.01 -7.08 26.32
C GLU C 260 -24.73 -5.98 25.31
N ALA C 261 -23.68 -5.18 25.58
CA ALA C 261 -23.33 -4.10 24.66
C ALA C 261 -22.93 -4.65 23.29
N VAL C 262 -22.19 -5.76 23.27
CA VAL C 262 -21.74 -6.33 22.00
C VAL C 262 -22.66 -7.45 21.51
N LYS C 263 -23.53 -7.99 22.37
CA LYS C 263 -24.48 -9.00 21.90
C LYS C 263 -25.39 -8.43 20.80
N THR C 264 -26.00 -7.27 21.08
CA THR C 264 -26.86 -6.64 20.07
C THR C 264 -26.06 -6.21 18.85
N LYS C 265 -24.82 -5.75 19.07
CA LYS C 265 -23.97 -5.38 17.95
C LYS C 265 -23.69 -6.56 17.04
N ALA C 266 -23.38 -7.72 17.60
CA ALA C 266 -23.16 -8.92 16.79
C ALA C 266 -24.43 -9.34 16.08
N LEU C 267 -25.58 -9.26 16.76
CA LEU C 267 -26.83 -9.64 16.13
C LEU C 267 -27.15 -8.73 14.94
N LYS C 268 -26.99 -7.42 15.14
CA LYS C 268 -27.24 -6.46 14.04
C LYS C 268 -26.25 -6.73 12.90
N GLU C 269 -24.97 -6.93 13.25
CA GLU C 269 -23.95 -7.15 12.23
C GLU C 269 -24.26 -8.39 11.39
N LEU C 270 -24.68 -9.47 12.03
CA LEU C 270 -24.99 -10.68 11.28
C LEU C 270 -26.27 -10.52 10.48
N ASP C 271 -27.23 -9.74 11.01
CA ASP C 271 -28.50 -9.57 10.32
C ASP C 271 -28.33 -8.84 9.00
N ARG C 272 -27.49 -7.80 8.97
CA ARG C 272 -27.33 -7.02 7.74
C ARG C 272 -26.63 -7.85 6.66
N LEU C 273 -25.68 -8.69 7.05
CA LEU C 273 -24.98 -9.53 6.08
C LEU C 273 -25.70 -10.86 5.82
N GLU C 274 -26.85 -11.09 6.47
CA GLU C 274 -27.66 -12.27 6.20
C GLU C 274 -28.63 -12.06 5.05
N ARG C 275 -28.54 -10.92 4.35
CA ARG C 275 -29.45 -10.61 3.26
C ARG C 275 -28.75 -10.34 1.93
N MET C 276 -27.44 -10.17 1.92
CA MET C 276 -26.71 -9.87 0.70
C MET C 276 -26.49 -11.14 -0.11
N GLN C 277 -25.91 -10.98 -1.30
CA GLN C 277 -25.68 -12.09 -2.20
C GLN C 277 -24.42 -12.86 -1.80
N GLN C 278 -24.21 -14.00 -2.45
CA GLN C 278 -23.04 -14.83 -2.17
C GLN C 278 -21.77 -14.19 -2.72
N GLY C 279 -20.70 -14.27 -1.95
CA GLY C 279 -19.41 -13.74 -2.39
C GLY C 279 -19.37 -12.25 -2.59
N SER C 280 -20.09 -11.49 -1.76
CA SER C 280 -20.06 -10.04 -1.87
C SER C 280 -18.72 -9.51 -1.37
N PRO C 281 -18.19 -8.45 -1.99
CA PRO C 281 -16.92 -7.89 -1.51
C PRO C 281 -16.99 -7.42 -0.07
N GLU C 282 -18.11 -6.85 0.36
CA GLU C 282 -18.29 -6.54 1.77
C GLU C 282 -18.35 -7.82 2.61
N ALA C 283 -19.01 -8.84 2.08
CA ALA C 283 -19.10 -10.12 2.79
C ALA C 283 -17.74 -10.77 3.00
N THR C 284 -16.76 -10.47 2.14
CA THR C 284 -15.45 -11.10 2.27
C THR C 284 -14.83 -10.82 3.63
N VAL C 285 -14.93 -9.58 4.11
CA VAL C 285 -14.46 -9.23 5.45
C VAL C 285 -15.56 -9.33 6.50
N ALA C 286 -16.82 -9.22 6.12
CA ALA C 286 -17.92 -9.36 7.08
C ALA C 286 -17.98 -10.77 7.66
N ARG C 287 -17.78 -11.79 6.82
CA ARG C 287 -17.77 -13.17 7.30
C ARG C 287 -16.60 -13.40 8.24
N THR C 288 -15.43 -12.85 7.92
CA THR C 288 -14.24 -13.07 8.74
C THR C 288 -14.31 -12.30 10.06
N TYR C 289 -15.00 -11.16 10.10
CA TYR C 289 -15.18 -10.45 11.35
C TYR C 289 -16.11 -11.19 12.31
N LEU C 290 -17.04 -11.99 11.80
CA LEU C 290 -18.03 -12.65 12.63
C LEU C 290 -17.63 -14.08 13.02
N ASP C 291 -17.16 -14.88 12.05
CA ASP C 291 -16.76 -16.25 12.39
C ASP C 291 -15.57 -16.25 13.35
N TRP C 292 -14.76 -15.18 13.33
CA TRP C 292 -13.68 -15.05 14.30
C TRP C 292 -14.22 -14.87 15.71
N LEU C 293 -15.16 -13.93 15.88
CA LEU C 293 -15.67 -13.61 17.21
C LEU C 293 -16.63 -14.66 17.73
N THR C 294 -17.22 -15.48 16.86
CA THR C 294 -18.22 -16.43 17.32
C THR C 294 -17.62 -17.67 17.97
N GLU C 295 -16.30 -17.87 17.89
CA GLU C 295 -15.70 -19.04 18.50
C GLU C 295 -14.40 -18.72 19.25
N VAL C 296 -14.17 -17.45 19.57
CA VAL C 296 -13.13 -17.06 20.53
C VAL C 296 -13.69 -17.36 21.92
N PRO C 297 -12.85 -17.58 22.94
CA PRO C 297 -13.38 -17.93 24.26
C PRO C 297 -14.21 -16.81 24.87
N TRP C 298 -15.26 -17.21 25.59
CA TRP C 298 -16.13 -16.29 26.32
C TRP C 298 -16.59 -16.99 27.59
N SER C 299 -16.07 -16.55 28.74
CA SER C 299 -16.44 -17.10 30.03
C SER C 299 -16.16 -18.60 30.12
N LYS C 300 -14.96 -18.99 29.69
CA LYS C 300 -14.48 -20.36 29.82
C LYS C 300 -13.18 -20.31 30.63
N ALA C 301 -13.27 -20.61 31.92
CA ALA C 301 -12.15 -20.53 32.83
C ALA C 301 -11.82 -21.90 33.40
N ASP C 302 -10.89 -21.93 34.34
CA ASP C 302 -10.44 -23.14 35.01
C ASP C 302 -10.53 -22.94 36.51
N PRO C 303 -10.79 -24.01 37.27
CA PRO C 303 -10.81 -23.89 38.74
C PRO C 303 -9.47 -23.39 39.26
N GLU C 304 -9.54 -22.56 40.30
CA GLU C 304 -8.35 -21.95 40.88
C GLU C 304 -8.10 -22.40 42.32
N VAL C 305 -8.64 -23.55 42.70
CA VAL C 305 -8.38 -24.15 44.01
C VAL C 305 -7.83 -25.56 43.76
N LEU C 306 -6.51 -25.68 43.73
CA LEU C 306 -5.83 -26.93 43.42
C LEU C 306 -4.70 -27.19 44.40
N ASP C 307 -4.99 -27.01 45.69
CA ASP C 307 -4.08 -27.37 46.78
C ASP C 307 -2.74 -26.63 46.63
N ILE C 308 -2.80 -25.32 46.88
CA ILE C 308 -1.62 -24.46 46.92
C ILE C 308 -0.48 -25.15 47.66
N ASN C 309 -0.82 -25.92 48.70
CA ASN C 309 0.19 -26.74 49.36
C ASN C 309 0.86 -27.68 48.37
N HIS C 310 0.07 -28.42 47.59
CA HIS C 310 0.63 -29.32 46.58
C HIS C 310 1.44 -28.56 45.55
N THR C 311 0.98 -27.37 45.15
CA THR C 311 1.73 -26.50 44.27
C THR C 311 3.11 -26.19 44.86
N ARG C 312 3.18 -26.07 46.19
CA ARG C 312 4.45 -25.73 46.82
C ARG C 312 5.53 -26.77 46.53
N GLN C 313 5.22 -28.06 46.65
CA GLN C 313 6.25 -29.05 46.37
C GLN C 313 6.29 -29.50 44.91
N VAL C 314 5.33 -29.10 44.08
CA VAL C 314 5.46 -29.35 42.65
C VAL C 314 6.07 -28.18 41.90
N LEU C 315 6.34 -27.07 42.59
CA LEU C 315 7.04 -25.94 41.99
C LEU C 315 8.56 -26.06 42.11
N ASP C 316 9.08 -27.10 42.74
CA ASP C 316 10.51 -27.23 43.00
C ASP C 316 11.07 -28.48 42.33
N GLU C 317 10.67 -28.73 41.08
CA GLU C 317 11.25 -29.80 40.28
C GLU C 317 11.86 -29.33 38.97
N ASP C 318 11.50 -28.13 38.49
CA ASP C 318 12.07 -27.60 37.26
C ASP C 318 13.06 -26.47 37.51
N HIS C 319 13.04 -25.84 38.68
CA HIS C 319 13.95 -24.74 38.97
C HIS C 319 14.33 -24.80 40.45
N TYR C 320 15.63 -24.75 40.72
CA TYR C 320 16.12 -24.68 42.08
C TYR C 320 16.38 -23.22 42.45
N GLY C 321 15.89 -22.82 43.63
CA GLY C 321 15.97 -21.44 44.05
C GLY C 321 14.74 -20.65 43.62
N LEU C 322 14.95 -19.43 43.14
CA LEU C 322 13.85 -18.55 42.71
C LEU C 322 12.83 -18.37 43.83
N LYS C 323 13.33 -18.20 45.05
CA LYS C 323 12.45 -18.07 46.21
C LYS C 323 11.58 -16.83 46.11
N ASP C 324 12.07 -15.76 45.48
CA ASP C 324 11.25 -14.55 45.33
C ASP C 324 10.02 -14.84 44.50
N VAL C 325 10.19 -15.44 43.32
CA VAL C 325 9.06 -15.74 42.46
C VAL C 325 8.16 -16.77 43.11
N LYS C 326 8.74 -17.75 43.79
CA LYS C 326 7.93 -18.75 44.48
C LYS C 326 7.06 -18.11 45.55
N GLU C 327 7.62 -17.19 46.34
CA GLU C 327 6.84 -16.48 47.35
C GLU C 327 5.75 -15.64 46.71
N ARG C 328 6.06 -14.96 45.60
CA ARG C 328 5.06 -14.13 44.94
C ARG C 328 3.89 -14.98 44.47
N ILE C 329 4.17 -16.09 43.78
CA ILE C 329 3.08 -16.92 43.27
C ILE C 329 2.32 -17.58 44.41
N LEU C 330 3.02 -17.93 45.51
CA LEU C 330 2.32 -18.47 46.67
C LEU C 330 1.35 -17.45 47.25
N GLU C 331 1.76 -16.19 47.34
CA GLU C 331 0.83 -15.16 47.81
C GLU C 331 -0.34 -14.98 46.85
N TYR C 332 -0.06 -14.94 45.54
CA TYR C 332 -1.13 -14.73 44.57
C TYR C 332 -2.09 -15.92 44.50
N LEU C 333 -1.66 -17.11 44.90
CA LEU C 333 -2.55 -18.26 45.01
C LEU C 333 -3.28 -18.31 46.34
N ALA C 334 -2.63 -17.88 47.42
CA ALA C 334 -3.28 -17.82 48.72
C ALA C 334 -4.42 -16.82 48.72
N VAL C 335 -4.24 -15.67 48.05
CA VAL C 335 -5.31 -14.69 47.96
C VAL C 335 -6.52 -15.28 47.25
N ARG C 336 -6.28 -15.97 46.14
CA ARG C 336 -7.39 -16.60 45.41
C ARG C 336 -8.04 -17.70 46.25
N GLN C 337 -7.23 -18.43 47.03
CA GLN C 337 -7.78 -19.45 47.91
C GLN C 337 -8.71 -18.83 48.96
N LEU C 338 -8.29 -17.69 49.52
CA LEU C 338 -9.13 -17.00 50.50
C LEU C 338 -10.30 -16.26 49.86
N THR C 339 -10.27 -16.06 48.55
CA THR C 339 -11.26 -15.24 47.85
C THR C 339 -12.53 -16.00 47.49
N GLN C 340 -12.52 -17.33 47.57
CA GLN C 340 -13.69 -18.12 47.20
C GLN C 340 -14.89 -17.76 48.07
N GLY C 341 -16.06 -17.65 47.43
CA GLY C 341 -17.29 -17.37 48.13
C GLY C 341 -17.62 -15.90 48.32
N LEU C 342 -16.70 -15.00 47.96
CA LEU C 342 -16.91 -13.58 48.14
C LEU C 342 -17.44 -12.95 46.85
N ASP C 343 -17.64 -11.63 46.88
CA ASP C 343 -18.07 -10.86 45.71
C ASP C 343 -17.11 -9.69 45.55
N VAL C 344 -15.98 -9.96 44.91
CA VAL C 344 -14.99 -8.94 44.55
C VAL C 344 -14.40 -9.31 43.21
N ARG C 345 -14.18 -8.31 42.36
CA ARG C 345 -13.52 -8.57 41.08
C ARG C 345 -12.05 -8.85 41.34
N ASN C 346 -11.52 -9.90 40.68
CA ASN C 346 -10.09 -10.28 40.86
C ASN C 346 -9.24 -9.51 39.84
N LYS C 347 -8.10 -8.96 40.28
CA LYS C 347 -7.18 -8.26 39.36
C LYS C 347 -5.96 -9.16 39.10
N ALA C 348 -5.74 -9.54 37.83
CA ALA C 348 -4.61 -10.45 37.49
C ALA C 348 -3.28 -9.78 37.92
N PRO C 349 -2.36 -10.51 38.57
CA PRO C 349 -1.07 -9.95 38.96
C PRO C 349 -0.13 -9.85 37.75
N ILE C 350 0.48 -8.67 37.54
CA ILE C 350 1.47 -8.52 36.42
C ILE C 350 2.86 -8.72 37.00
N LEU C 351 3.70 -9.54 36.36
CA LEU C 351 5.03 -9.86 36.94
C LEU C 351 6.13 -9.61 35.91
N VAL C 352 6.82 -8.48 35.99
CA VAL C 352 7.96 -8.25 35.11
C VAL C 352 9.17 -8.96 35.70
N LEU C 353 9.84 -9.75 34.88
CA LEU C 353 11.00 -10.53 35.30
C LEU C 353 12.26 -9.88 34.73
N VAL C 354 13.00 -9.19 35.59
CA VAL C 354 14.24 -8.51 35.20
C VAL C 354 15.42 -9.37 35.66
N GLY C 355 16.37 -9.58 34.75
CA GLY C 355 17.54 -10.37 35.06
C GLY C 355 18.42 -10.63 33.85
N PRO C 356 19.65 -11.05 34.08
CA PRO C 356 20.57 -11.32 32.99
C PRO C 356 20.15 -12.56 32.21
N PRO C 357 20.52 -12.67 30.94
CA PRO C 357 20.20 -13.87 30.18
C PRO C 357 20.89 -15.10 30.75
N GLY C 358 20.24 -16.25 30.56
CA GLY C 358 20.73 -17.48 31.15
C GLY C 358 19.92 -17.87 32.36
N VAL C 359 19.58 -16.88 33.19
CA VAL C 359 18.65 -17.12 34.29
C VAL C 359 17.29 -17.46 33.72
N GLY C 360 16.68 -18.52 34.26
CA GLY C 360 15.49 -19.09 33.64
C GLY C 360 14.25 -18.22 33.75
N LYS C 361 14.33 -16.99 33.26
CA LYS C 361 13.15 -16.13 33.21
C LYS C 361 12.19 -16.60 32.11
N THR C 362 12.73 -16.90 30.93
CA THR C 362 11.89 -17.40 29.85
C THR C 362 11.42 -18.83 30.12
N SER C 363 12.32 -19.67 30.64
CA SER C 363 11.94 -21.05 30.96
C SER C 363 10.94 -21.12 32.11
N LEU C 364 10.83 -20.07 32.91
CA LEU C 364 9.91 -20.07 34.03
C LEU C 364 8.45 -20.07 33.58
N GLY C 365 8.18 -19.77 32.31
CA GLY C 365 6.80 -19.67 31.86
C GLY C 365 6.04 -20.96 31.98
N ARG C 366 6.53 -22.03 31.34
CA ARG C 366 5.83 -23.30 31.42
C ARG C 366 5.92 -23.91 32.81
N SER C 367 6.99 -23.62 33.55
CA SER C 367 7.08 -24.08 34.93
C SER C 367 5.97 -23.49 35.78
N ILE C 368 5.69 -22.20 35.61
CA ILE C 368 4.57 -21.57 36.32
C ILE C 368 3.25 -22.14 35.81
N ALA C 369 3.12 -22.33 34.50
CA ALA C 369 1.88 -22.82 33.93
C ALA C 369 1.52 -24.19 34.46
N ARG C 370 2.51 -25.09 34.57
CA ARG C 370 2.30 -26.43 35.07
C ARG C 370 1.92 -26.48 36.55
N SER C 371 2.13 -25.38 37.28
CA SER C 371 1.84 -25.40 38.71
C SER C 371 0.34 -25.53 38.98
N MET C 372 -0.48 -24.70 38.33
CA MET C 372 -1.93 -24.80 38.48
C MET C 372 -2.61 -25.36 37.23
N ASN C 373 -1.84 -25.95 36.31
CA ASN C 373 -2.37 -26.61 35.12
C ASN C 373 -3.17 -25.67 34.23
N ARG C 374 -2.76 -24.42 34.13
CA ARG C 374 -3.39 -23.49 33.21
C ARG C 374 -2.70 -23.52 31.86
N LYS C 375 -3.47 -23.33 30.80
CA LYS C 375 -2.93 -23.38 29.45
C LYS C 375 -1.94 -22.23 29.24
N PHE C 376 -0.89 -22.52 28.47
CA PHE C 376 0.21 -21.60 28.27
C PHE C 376 0.39 -21.28 26.80
N HIS C 377 0.71 -20.02 26.50
CA HIS C 377 1.03 -19.62 25.13
C HIS C 377 1.97 -18.43 25.21
N ARG C 378 3.20 -18.65 24.79
CA ARG C 378 4.18 -17.54 24.76
C ARG C 378 3.77 -16.55 23.67
N ILE C 379 3.93 -15.25 23.93
CA ILE C 379 3.64 -14.23 22.87
C ILE C 379 4.96 -13.51 22.59
N SER C 380 5.40 -13.52 21.34
CA SER C 380 6.73 -12.92 21.02
C SER C 380 6.58 -11.42 20.77
N LEU C 381 6.63 -10.61 21.83
CA LEU C 381 6.62 -9.15 21.60
C LEU C 381 7.92 -8.79 20.90
N GLY C 382 8.87 -9.73 20.89
CA GLY C 382 10.10 -9.50 20.12
C GLY C 382 9.79 -9.65 18.64
N GLY C 383 10.64 -9.11 17.77
CA GLY C 383 10.37 -9.15 16.32
C GLY C 383 9.00 -8.56 16.01
N VAL C 384 8.64 -7.46 16.67
CA VAL C 384 7.31 -6.83 16.45
C VAL C 384 7.51 -5.36 16.06
N ARG C 385 6.84 -4.92 14.99
CA ARG C 385 6.91 -3.49 14.58
C ARG C 385 5.51 -3.04 14.20
N ASP C 386 5.12 -1.82 14.55
CA ASP C 386 3.77 -1.29 14.22
C ASP C 386 2.75 -1.82 15.24
N GLU C 387 1.84 -0.95 15.70
CA GLU C 387 0.84 -1.35 16.72
C GLU C 387 -0.09 -2.43 16.15
N ALA C 388 -0.29 -2.45 14.83
CA ALA C 388 -1.27 -3.41 14.26
C ALA C 388 -0.95 -4.82 14.75
N GLU C 389 0.33 -5.15 14.87
CA GLU C 389 0.73 -6.51 15.33
C GLU C 389 0.18 -6.76 16.74
N ILE C 390 -0.39 -5.73 17.37
CA ILE C 390 -0.94 -5.87 18.72
C ILE C 390 -2.40 -5.46 18.73
N ARG C 391 -2.68 -4.25 18.22
CA ARG C 391 -4.08 -3.74 18.22
C ARG C 391 -4.80 -4.14 16.93
N GLY C 392 -4.15 -4.95 16.09
CA GLY C 392 -4.76 -5.33 14.79
C GLY C 392 -4.85 -4.13 13.87
N HIS C 393 -5.63 -4.26 12.78
CA HIS C 393 -5.80 -3.13 11.81
C HIS C 393 -7.27 -3.05 11.39
N ARG C 394 -7.72 -1.88 10.94
CA ARG C 394 -9.16 -1.70 10.60
C ARG C 394 -9.58 -2.81 9.65
N ARG C 395 -10.81 -3.31 9.80
CA ARG C 395 -11.30 -4.42 8.95
C ARG C 395 -11.36 -3.97 7.48
N THR C 396 -11.36 -2.66 7.23
CA THR C 396 -11.47 -2.13 5.84
C THR C 396 -10.21 -2.51 5.05
N TYR C 397 -9.02 -2.35 5.65
CA TYR C 397 -7.76 -2.74 4.96
C TYR C 397 -7.94 -4.14 4.37
N ILE C 398 -7.38 -4.39 3.18
CA ILE C 398 -7.62 -5.71 2.48
C ILE C 398 -7.37 -6.86 3.46
N GLY C 399 -6.15 -7.01 3.97
CA GLY C 399 -5.87 -8.04 4.98
C GLY C 399 -6.51 -7.63 6.30
N ALA C 400 -7.06 -8.59 7.05
CA ALA C 400 -7.77 -8.23 8.30
C ALA C 400 -7.44 -9.26 9.39
N MET C 401 -6.45 -8.95 10.24
CA MET C 401 -6.04 -9.93 11.28
C MET C 401 -5.98 -9.22 12.64
N PRO C 402 -6.66 -9.75 13.68
CA PRO C 402 -6.57 -9.18 15.03
C PRO C 402 -5.09 -9.17 15.46
N GLY C 403 -4.67 -8.13 16.18
CA GLY C 403 -3.27 -8.04 16.63
C GLY C 403 -2.86 -9.32 17.34
N LYS C 404 -1.57 -9.64 17.33
CA LYS C 404 -1.12 -10.94 17.92
C LYS C 404 -1.58 -11.05 19.37
N LEU C 405 -1.45 -9.96 20.15
CA LEU C 405 -1.81 -10.00 21.58
C LEU C 405 -3.12 -10.79 21.73
N ILE C 406 -3.94 -10.83 20.68
CA ILE C 406 -5.14 -11.65 20.74
C ILE C 406 -5.08 -12.82 19.76
N HIS C 407 -4.31 -12.69 18.67
CA HIS C 407 -4.24 -13.74 17.66
C HIS C 407 -3.63 -15.01 18.23
N ALA C 408 -2.59 -14.87 19.06
CA ALA C 408 -1.94 -16.03 19.65
C ALA C 408 -2.74 -16.64 20.80
N MET C 409 -3.35 -15.81 21.63
CA MET C 409 -4.18 -16.35 22.72
C MET C 409 -5.48 -16.93 22.18
N LYS C 410 -5.82 -16.63 20.93
CA LYS C 410 -6.94 -17.31 20.27
C LYS C 410 -6.78 -18.84 20.35
N GLN C 411 -5.55 -19.32 20.21
CA GLN C 411 -5.31 -20.76 20.34
C GLN C 411 -5.71 -21.26 21.73
N VAL C 412 -5.47 -20.45 22.77
CA VAL C 412 -5.87 -20.82 24.11
C VAL C 412 -7.38 -20.62 24.26
N GLY C 413 -8.06 -21.64 24.78
CA GLY C 413 -9.50 -21.56 24.96
C GLY C 413 -9.94 -21.21 26.36
N VAL C 414 -9.04 -20.65 27.16
CA VAL C 414 -9.32 -20.29 28.54
C VAL C 414 -9.23 -18.78 28.67
N ILE C 415 -10.23 -18.18 29.33
CA ILE C 415 -10.30 -16.73 29.45
C ILE C 415 -9.27 -16.15 30.42
N ASN C 416 -8.50 -16.98 31.12
CA ASN C 416 -7.43 -16.53 31.99
C ASN C 416 -6.16 -17.34 31.73
N PRO C 417 -5.54 -17.15 30.57
CA PRO C 417 -4.31 -17.88 30.27
C PRO C 417 -3.09 -17.22 30.91
N VAL C 418 -2.01 -18.00 30.96
CA VAL C 418 -0.72 -17.50 31.43
C VAL C 418 0.04 -16.99 30.19
N ILE C 419 -0.14 -15.71 29.90
CA ILE C 419 0.47 -15.10 28.73
C ILE C 419 1.89 -14.64 29.08
N LEU C 420 2.86 -15.04 28.26
CA LEU C 420 4.27 -14.70 28.56
C LEU C 420 4.82 -13.68 27.57
N LEU C 421 4.91 -12.41 27.98
CA LEU C 421 5.53 -11.37 27.11
C LEU C 421 7.04 -11.57 27.14
N ASP C 422 7.73 -11.28 26.05
CA ASP C 422 9.20 -11.54 25.99
C ASP C 422 9.94 -10.30 25.48
N GLU C 423 11.23 -10.18 25.80
CA GLU C 423 12.05 -9.03 25.32
C GLU C 423 11.26 -7.73 25.49
N ILE C 424 10.93 -7.38 26.74
CA ILE C 424 10.21 -6.09 27.00
C ILE C 424 11.17 -4.95 26.68
N ASP C 425 12.44 -5.26 26.44
CA ASP C 425 13.43 -4.22 26.06
C ASP C 425 13.43 -4.05 24.55
N LYS C 426 14.48 -3.47 23.97
CA LYS C 426 14.58 -3.31 22.50
C LYS C 426 13.25 -2.76 22.00
N MET C 427 12.62 -1.82 22.71
CA MET C 427 11.39 -1.17 22.21
C MET C 427 11.61 -0.76 20.76
N SER C 428 12.88 -0.59 20.35
CA SER C 428 13.21 -0.24 18.95
C SER C 428 12.46 1.03 18.54
N SER C 429 11.93 1.06 17.31
CA SER C 429 11.19 2.25 16.81
C SER C 429 9.91 1.80 16.11
N ASP C 430 10.05 1.11 14.96
CA ASP C 430 8.87 0.60 14.21
C ASP C 430 8.24 1.75 13.42
N TRP C 431 7.77 1.48 12.20
CA TRP C 431 7.21 2.56 11.34
C TRP C 431 6.04 3.22 12.09
N ARG C 432 5.12 2.46 12.71
CA ARG C 432 4.04 3.10 13.51
C ARG C 432 4.64 3.63 14.79
N GLY C 433 5.59 2.91 15.40
CA GLY C 433 6.08 3.37 16.71
C GLY C 433 4.93 3.39 17.69
N ASP C 434 3.89 2.60 17.41
CA ASP C 434 2.67 2.59 18.26
C ASP C 434 2.49 1.24 18.98
N PRO C 435 3.17 0.12 18.63
CA PRO C 435 2.95 -1.14 19.34
C PRO C 435 3.18 -0.89 20.85
N ALA C 436 4.28 -0.24 21.21
CA ALA C 436 4.55 0.07 22.63
C ALA C 436 3.31 0.75 23.23
N SER C 437 2.67 1.64 22.46
CA SER C 437 1.43 2.30 22.93
C SER C 437 0.39 1.23 23.28
N ALA C 438 0.21 0.24 22.41
CA ALA C 438 -0.75 -0.87 22.68
C ALA C 438 -0.39 -1.53 24.01
N MET C 439 0.89 -1.90 24.19
CA MET C 439 1.32 -2.58 25.43
C MET C 439 0.77 -1.81 26.64
N LEU C 440 0.93 -0.48 26.64
CA LEU C 440 0.46 0.35 27.77
C LEU C 440 -1.04 0.14 27.96
N GLU C 441 -1.81 0.15 26.87
CA GLU C 441 -3.29 0.01 26.96
C GLU C 441 -3.64 -1.34 27.60
N VAL C 442 -3.05 -2.43 27.10
CA VAL C 442 -3.39 -3.79 27.62
C VAL C 442 -2.77 -3.99 29.00
N LEU C 443 -1.48 -3.71 29.18
CA LEU C 443 -0.79 -3.92 30.48
C LEU C 443 -1.41 -3.03 31.56
N ASP C 444 -2.49 -2.29 31.26
CA ASP C 444 -3.15 -1.49 32.30
C ASP C 444 -4.05 -2.39 33.12
N PRO C 445 -3.83 -2.54 34.43
CA PRO C 445 -4.60 -3.51 35.21
C PRO C 445 -5.99 -3.04 35.61
N GLU C 446 -6.40 -1.83 35.26
CA GLU C 446 -7.71 -1.30 35.63
C GLU C 446 -8.67 -1.18 34.46
N GLN C 447 -8.26 -0.53 33.38
CA GLN C 447 -9.15 -0.32 32.23
C GLN C 447 -8.90 -1.31 31.11
N ASN C 448 -8.23 -2.43 31.39
CA ASN C 448 -8.08 -3.47 30.38
C ASN C 448 -9.39 -4.15 30.03
N ASN C 449 -10.49 -3.78 30.69
CA ASN C 449 -11.82 -4.23 30.30
C ASN C 449 -12.34 -3.51 29.07
N THR C 450 -11.66 -2.45 28.63
CA THR C 450 -12.15 -1.54 27.60
C THR C 450 -11.16 -1.41 26.44
N PHE C 451 -10.68 -2.55 25.94
CA PHE C 451 -9.82 -2.54 24.77
C PHE C 451 -10.54 -1.90 23.58
N THR C 452 -10.03 -0.76 23.13
CA THR C 452 -10.50 -0.13 21.89
C THR C 452 -9.74 -0.75 20.72
N ASP C 453 -10.10 -1.99 20.42
CA ASP C 453 -9.45 -2.75 19.36
C ASP C 453 -9.72 -2.12 18.00
N HIS C 454 -8.81 -2.38 17.06
CA HIS C 454 -8.99 -1.91 15.68
C HIS C 454 -9.82 -2.90 14.88
N TYR C 455 -9.39 -4.17 14.83
CA TYR C 455 -10.18 -5.19 14.16
C TYR C 455 -11.49 -5.45 14.89
N LEU C 456 -11.42 -5.67 16.20
CA LEU C 456 -12.62 -5.84 16.98
C LEU C 456 -13.16 -4.49 17.45
N ASP C 457 -14.45 -4.46 17.73
CA ASP C 457 -15.09 -3.25 18.23
C ASP C 457 -15.55 -3.35 19.67
N VAL C 458 -15.66 -4.56 20.20
CA VAL C 458 -16.07 -4.75 21.60
C VAL C 458 -14.97 -4.25 22.53
N PRO C 459 -15.31 -3.61 23.66
CA PRO C 459 -14.32 -3.47 24.73
C PRO C 459 -14.02 -4.82 25.35
N TYR C 460 -12.83 -5.34 25.10
CA TYR C 460 -12.51 -6.71 25.47
C TYR C 460 -12.06 -6.78 26.92
N ASP C 461 -12.50 -7.83 27.61
CA ASP C 461 -12.28 -8.01 29.04
C ASP C 461 -11.11 -8.96 29.26
N LEU C 462 -9.97 -8.40 29.68
CA LEU C 462 -8.78 -9.18 30.01
C LEU C 462 -8.20 -8.71 31.33
N SER C 463 -9.07 -8.50 32.32
CA SER C 463 -8.62 -8.00 33.62
C SER C 463 -7.95 -9.08 34.45
N LYS C 464 -8.42 -10.32 34.37
CA LYS C 464 -7.95 -11.41 35.21
C LYS C 464 -7.13 -12.43 34.43
N VAL C 465 -6.26 -11.95 33.53
CA VAL C 465 -5.41 -12.82 32.72
C VAL C 465 -3.98 -12.68 33.23
N PHE C 466 -3.33 -13.82 33.44
CA PHE C 466 -2.08 -13.88 34.21
C PHE C 466 -0.90 -13.59 33.29
N PHE C 467 -0.35 -12.38 33.39
CA PHE C 467 0.68 -11.88 32.49
C PHE C 467 2.06 -11.95 33.11
N ILE C 468 3.05 -12.36 32.33
CA ILE C 468 4.47 -12.29 32.68
C ILE C 468 5.20 -11.58 31.55
N THR C 469 5.99 -10.57 31.90
CA THR C 469 6.90 -9.92 30.96
C THR C 469 8.34 -10.16 31.40
N THR C 470 9.17 -10.61 30.47
CA THR C 470 10.58 -10.88 30.74
C THR C 470 11.43 -9.83 30.05
N ALA C 471 12.37 -9.24 30.79
CA ALA C 471 13.20 -8.18 30.26
C ALA C 471 14.60 -8.26 30.86
N ASN C 472 15.60 -7.98 30.04
CA ASN C 472 16.98 -7.97 30.53
C ASN C 472 17.21 -6.83 31.51
N THR C 473 16.67 -5.65 31.21
CA THR C 473 16.85 -4.48 32.06
C THR C 473 15.60 -3.61 31.99
N LEU C 474 15.50 -2.67 32.93
CA LEU C 474 14.35 -1.79 33.02
C LEU C 474 14.60 -0.41 32.42
N GLN C 475 15.86 -0.02 32.22
CA GLN C 475 16.16 1.30 31.69
C GLN C 475 15.70 1.47 30.24
N THR C 476 15.65 0.38 29.47
CA THR C 476 15.24 0.43 28.08
C THR C 476 13.75 0.19 27.90
N ILE C 477 12.98 0.27 28.98
CA ILE C 477 11.53 0.11 28.92
C ILE C 477 10.91 1.50 29.10
N PRO C 478 9.85 1.84 28.37
CA PRO C 478 9.21 3.14 28.57
C PRO C 478 8.76 3.31 30.02
N ARG C 479 8.89 4.54 30.52
CA ARG C 479 8.57 4.81 31.92
C ARG C 479 7.11 4.54 32.25
N PRO C 480 6.12 5.06 31.50
CA PRO C 480 4.73 4.68 31.81
C PRO C 480 4.48 3.21 31.66
N LEU C 481 5.21 2.55 30.75
CA LEU C 481 5.05 1.10 30.48
C LEU C 481 5.52 0.31 31.71
N LEU C 482 6.70 0.60 32.25
CA LEU C 482 7.22 -0.07 33.43
C LEU C 482 6.47 0.33 34.68
N ASP C 483 5.77 1.47 34.65
CA ASP C 483 4.91 1.84 35.78
C ASP C 483 3.71 0.90 35.89
N ARG C 484 3.38 0.17 34.84
CA ARG C 484 2.23 -0.73 34.84
C ARG C 484 2.56 -2.14 35.31
N MET C 485 3.84 -2.48 35.48
CA MET C 485 4.23 -3.80 35.96
C MET C 485 4.78 -3.71 37.38
N GLU C 486 4.61 -4.79 38.12
CA GLU C 486 5.20 -4.94 39.44
C GLU C 486 6.56 -5.62 39.29
N VAL C 487 7.59 -5.02 39.88
CA VAL C 487 8.97 -5.46 39.66
C VAL C 487 9.25 -6.70 40.51
N ILE C 488 9.72 -7.75 39.87
CA ILE C 488 10.28 -8.93 40.53
C ILE C 488 11.73 -9.03 40.08
N GLU C 489 12.65 -8.89 41.03
CA GLU C 489 14.07 -8.80 40.72
C GLU C 489 14.74 -10.15 40.90
N ILE C 490 15.43 -10.60 39.85
CA ILE C 490 16.28 -11.80 39.93
C ILE C 490 17.71 -11.35 39.69
N PRO C 491 18.48 -11.07 40.74
CA PRO C 491 19.83 -10.52 40.53
C PRO C 491 20.79 -11.50 39.90
N GLY C 492 20.73 -12.78 40.27
CA GLY C 492 21.62 -13.76 39.70
C GLY C 492 21.68 -15.00 40.57
N TYR C 493 22.64 -15.86 40.24
CA TYR C 493 22.85 -17.13 40.91
C TYR C 493 24.11 -17.08 41.77
N THR C 494 24.22 -18.05 42.67
CA THR C 494 25.46 -18.28 43.41
C THR C 494 26.19 -19.44 42.75
N ASN C 495 27.49 -19.54 43.03
CA ASN C 495 28.23 -20.70 42.57
C ASN C 495 27.76 -21.97 43.28
N MET C 496 27.33 -21.86 44.54
CA MET C 496 26.76 -23.00 45.24
C MET C 496 25.47 -23.45 44.57
N GLU C 497 24.60 -22.50 44.23
CA GLU C 497 23.36 -22.83 43.54
C GLU C 497 23.63 -23.41 42.16
N LYS C 498 24.63 -22.87 41.45
CA LYS C 498 25.01 -23.41 40.16
C LYS C 498 25.48 -24.85 40.28
N GLN C 499 26.30 -25.14 41.30
CA GLN C 499 26.76 -26.51 41.53
C GLN C 499 25.60 -27.43 41.86
N ALA C 500 24.67 -26.98 42.70
CA ALA C 500 23.51 -27.80 43.05
C ALA C 500 22.66 -28.09 41.82
N ILE C 501 22.45 -27.08 40.97
CA ILE C 501 21.70 -27.29 39.74
C ILE C 501 22.42 -28.32 38.87
N ALA C 502 23.72 -28.13 38.65
CA ALA C 502 24.49 -29.09 37.85
C ALA C 502 24.55 -30.46 38.50
N ARG C 503 24.22 -30.56 39.79
CA ARG C 503 24.21 -31.88 40.43
C ARG C 503 22.90 -32.61 40.22
N GLN C 504 21.77 -31.97 40.57
CA GLN C 504 20.50 -32.72 40.56
C GLN C 504 19.52 -32.34 39.46
N TYR C 505 19.64 -31.17 38.83
CA TYR C 505 18.68 -30.81 37.78
C TYR C 505 19.31 -30.79 36.39
N LEU C 506 20.47 -30.14 36.24
CA LEU C 506 21.04 -29.95 34.91
C LEU C 506 21.65 -31.25 34.37
N TRP C 507 22.32 -32.01 35.22
CA TRP C 507 23.07 -33.18 34.78
C TRP C 507 22.18 -34.38 34.45
N PRO C 508 21.27 -34.81 35.35
CA PRO C 508 20.53 -36.06 35.06
C PRO C 508 19.71 -36.01 33.78
N LYS C 509 18.93 -34.96 33.58
CA LYS C 509 18.10 -34.87 32.38
C LYS C 509 18.95 -34.78 31.12
N GLN C 510 20.02 -34.00 31.15
CA GLN C 510 20.88 -33.85 29.98
C GLN C 510 21.56 -35.17 29.62
N VAL C 511 22.00 -35.93 30.64
CA VAL C 511 22.59 -37.23 30.38
C VAL C 511 21.54 -38.19 29.83
N ARG C 512 20.31 -38.12 30.36
CA ARG C 512 19.23 -38.94 29.83
C ARG C 512 18.96 -38.60 28.37
N GLU C 513 19.17 -37.35 27.97
CA GLU C 513 19.00 -36.96 26.58
C GLU C 513 19.95 -37.72 25.67
N SER C 514 21.21 -37.89 26.11
CA SER C 514 22.21 -38.60 25.32
C SER C 514 21.94 -40.09 25.23
N GLY C 515 21.06 -40.63 26.07
CA GLY C 515 20.78 -42.05 26.04
C GLY C 515 21.92 -42.93 26.50
N MET C 516 22.87 -42.38 27.24
CA MET C 516 24.03 -43.12 27.71
C MET C 516 24.13 -43.10 29.24
N GLU C 517 23.00 -42.96 29.91
CA GLU C 517 22.98 -42.89 31.36
C GLU C 517 23.40 -44.22 31.97
N GLY C 518 23.84 -44.14 33.23
CA GLY C 518 24.28 -45.32 33.96
C GLY C 518 25.70 -45.75 33.71
N ARG C 519 26.50 -44.95 32.99
CA ARG C 519 27.87 -45.31 32.70
C ARG C 519 28.86 -44.16 32.87
N ILE C 520 28.40 -42.97 33.29
CA ILE C 520 29.29 -41.83 33.43
C ILE C 520 28.82 -40.98 34.60
N GLU C 521 29.76 -40.25 35.20
CA GLU C 521 29.44 -39.35 36.31
C GLU C 521 30.56 -38.32 36.40
N VAL C 522 30.24 -37.19 37.03
CA VAL C 522 31.16 -36.08 37.19
C VAL C 522 31.22 -35.70 38.67
N THR C 523 32.43 -35.54 39.19
CA THR C 523 32.61 -35.27 40.60
C THR C 523 32.36 -33.80 40.94
N ASP C 524 32.18 -33.55 42.24
CA ASP C 524 31.93 -32.19 42.71
C ASP C 524 33.11 -31.27 42.44
N ALA C 525 34.34 -31.81 42.52
CA ALA C 525 35.51 -31.00 42.18
C ALA C 525 35.47 -30.53 40.74
N ALA C 526 35.10 -31.44 39.82
CA ALA C 526 34.97 -31.04 38.42
C ALA C 526 33.82 -30.05 38.21
N ILE C 527 32.71 -30.23 38.94
CA ILE C 527 31.59 -29.29 38.83
C ILE C 527 32.03 -27.90 39.27
N LEU C 528 32.75 -27.81 40.39
CA LEU C 528 33.19 -26.50 40.86
C LEU C 528 34.33 -25.92 40.05
N ARG C 529 35.11 -26.76 39.36
CA ARG C 529 36.21 -26.29 38.54
C ARG C 529 35.76 -25.82 37.16
N VAL C 530 34.74 -26.47 36.58
CA VAL C 530 34.28 -26.07 35.26
C VAL C 530 33.71 -24.65 35.27
N ILE C 531 32.90 -24.30 36.26
CA ILE C 531 32.39 -22.93 36.37
C ILE C 531 33.52 -21.92 36.56
N SER C 532 34.49 -22.29 37.39
CA SER C 532 35.58 -21.35 37.70
C SER C 532 36.48 -21.10 36.49
N GLU C 533 36.74 -22.13 35.68
CA GLU C 533 37.80 -22.02 34.69
C GLU C 533 37.38 -22.24 33.24
N TYR C 534 36.09 -22.46 32.95
CA TYR C 534 35.72 -22.81 31.59
C TYR C 534 34.37 -22.24 31.18
N THR C 535 33.71 -21.45 32.03
CA THR C 535 32.40 -20.88 31.71
C THR C 535 32.28 -19.52 32.39
N ARG C 536 31.80 -18.52 31.64
CA ARG C 536 31.62 -17.16 32.16
C ARG C 536 30.24 -16.64 31.72
N GLU C 537 29.28 -16.70 32.63
CA GLU C 537 27.96 -16.13 32.43
C GLU C 537 27.24 -16.09 33.76
N ALA C 538 26.23 -15.22 33.84
CA ALA C 538 25.42 -15.14 35.06
C ALA C 538 24.44 -16.30 35.18
N GLY C 539 23.94 -16.80 34.05
CA GLY C 539 22.99 -17.90 34.05
C GLY C 539 23.67 -19.24 34.06
N VAL C 540 22.91 -20.26 33.64
CA VAL C 540 23.39 -21.64 33.60
C VAL C 540 23.31 -22.23 32.20
N ARG C 541 22.99 -21.41 31.19
CA ARG C 541 22.96 -21.91 29.82
C ARG C 541 24.34 -22.35 29.35
N GLY C 542 25.38 -21.58 29.69
CA GLY C 542 26.72 -21.99 29.33
C GLY C 542 27.14 -23.27 30.00
N LEU C 543 26.81 -23.43 31.29
CA LEU C 543 27.12 -24.66 31.99
C LEU C 543 26.37 -25.84 31.37
N GLU C 544 25.11 -25.62 30.98
CA GLU C 544 24.37 -26.68 30.29
C GLU C 544 25.06 -27.06 28.98
N ARG C 545 25.55 -26.07 28.24
CA ARG C 545 26.24 -26.36 26.98
C ARG C 545 27.52 -27.16 27.23
N GLU C 546 28.31 -26.77 28.22
CA GLU C 546 29.58 -27.46 28.45
C GLU C 546 29.35 -28.87 29.01
N LEU C 547 28.35 -29.04 29.87
CA LEU C 547 28.01 -30.38 30.33
C LEU C 547 27.46 -31.23 29.19
N GLY C 548 26.74 -30.62 28.26
CA GLY C 548 26.31 -31.33 27.07
C GLY C 548 27.49 -31.80 26.24
N LYS C 549 28.50 -30.94 26.09
CA LYS C 549 29.73 -31.34 25.38
C LYS C 549 30.45 -32.47 26.11
N ILE C 550 30.46 -32.41 27.45
CA ILE C 550 30.98 -33.52 28.25
C ILE C 550 30.26 -34.81 27.89
N ALA C 551 28.94 -34.75 27.82
CA ALA C 551 28.15 -35.93 27.45
C ALA C 551 28.41 -36.37 26.01
N ARG C 552 28.69 -35.41 25.12
CA ARG C 552 28.98 -35.75 23.71
C ARG C 552 30.28 -36.56 23.65
N LYS C 553 31.33 -36.12 24.34
CA LYS C 553 32.61 -36.80 24.28
C LYS C 553 32.58 -38.11 25.05
N GLY C 554 31.88 -38.15 26.18
CA GLY C 554 31.72 -39.41 26.89
C GLY C 554 30.96 -40.45 26.10
N ALA C 555 29.97 -40.01 25.33
CA ALA C 555 29.23 -40.96 24.49
C ALA C 555 30.14 -41.63 23.47
N LYS C 556 31.04 -40.87 22.84
CA LYS C 556 31.91 -41.47 21.86
C LYS C 556 33.06 -42.25 22.49
N PHE C 557 33.51 -41.88 23.69
CA PHE C 557 34.42 -42.77 24.41
C PHE C 557 33.75 -44.11 24.68
N TRP C 558 32.48 -44.08 25.12
CA TRP C 558 31.73 -45.32 25.31
C TRP C 558 31.54 -46.09 24.02
N LEU C 559 31.33 -45.42 22.90
CA LEU C 559 31.12 -46.10 21.63
C LEU C 559 32.40 -46.72 21.09
N GLU C 560 33.52 -46.01 21.16
CA GLU C 560 34.79 -46.55 20.66
C GLU C 560 35.32 -47.63 21.59
N GLY C 561 35.03 -47.53 22.89
CA GLY C 561 35.48 -48.53 23.82
C GLY C 561 34.33 -49.39 24.32
N ALA C 562 34.54 -50.09 25.44
CA ALA C 562 33.49 -50.88 26.07
C ALA C 562 33.95 -51.27 27.46
N TRP C 563 33.11 -50.99 28.45
CA TRP C 563 33.35 -51.43 29.82
C TRP C 563 32.01 -51.55 30.53
N GLU C 564 32.07 -51.75 31.84
CA GLU C 564 30.87 -51.90 32.66
C GLU C 564 30.93 -50.92 33.83
N GLY C 565 29.76 -50.56 34.33
CA GLY C 565 29.68 -49.64 35.45
C GLY C 565 29.92 -48.20 35.06
N LEU C 566 30.25 -47.39 36.06
CA LEU C 566 30.46 -45.98 35.88
C LEU C 566 31.93 -45.67 35.57
N ARG C 567 32.18 -44.44 35.12
CA ARG C 567 33.52 -43.98 34.79
C ARG C 567 33.68 -42.58 35.38
N THR C 568 34.40 -42.49 36.49
CA THR C 568 34.56 -41.22 37.19
C THR C 568 35.39 -40.25 36.35
N ILE C 569 34.92 -39.02 36.24
CA ILE C 569 35.64 -37.95 35.54
C ILE C 569 36.29 -37.07 36.59
N ASP C 570 37.61 -37.05 36.62
CA ASP C 570 38.35 -36.27 37.61
C ASP C 570 38.39 -34.80 37.19
N ALA C 571 38.76 -33.94 38.15
CA ALA C 571 38.91 -32.52 37.87
C ALA C 571 40.04 -32.25 36.90
N SER C 572 40.96 -33.19 36.72
CA SER C 572 42.05 -33.05 35.76
C SER C 572 41.72 -33.64 34.40
N ASP C 573 40.56 -34.28 34.24
CA ASP C 573 40.17 -34.86 32.97
C ASP C 573 39.37 -33.90 32.10
N ILE C 574 38.99 -32.74 32.64
CA ILE C 574 38.17 -31.73 31.91
C ILE C 574 38.97 -31.15 30.72
N PRO C 575 40.32 -31.08 30.74
CA PRO C 575 41.08 -30.59 29.60
C PRO C 575 40.94 -31.60 28.45
N THR C 576 40.99 -32.90 28.76
CA THR C 576 40.84 -33.94 27.75
C THR C 576 39.42 -34.01 27.22
N TYR C 577 38.43 -33.84 28.10
CA TYR C 577 37.04 -34.01 27.71
C TYR C 577 36.41 -32.77 27.08
N LEU C 578 37.06 -31.61 27.17
CA LEU C 578 36.47 -30.37 26.69
C LEU C 578 37.46 -29.47 25.95
N GLY C 579 38.65 -29.96 25.62
CA GLY C 579 39.64 -29.11 25.01
C GLY C 579 40.33 -28.24 26.04
N ILE C 580 41.06 -27.25 25.53
CA ILE C 580 41.83 -26.35 26.38
C ILE C 580 40.88 -25.49 27.20
N PRO C 581 41.27 -25.04 28.39
CA PRO C 581 40.41 -24.13 29.16
C PRO C 581 40.14 -22.84 28.40
N ARG C 582 38.89 -22.37 28.47
CA ARG C 582 38.49 -21.20 27.72
C ARG C 582 38.60 -19.90 28.52
N TYR C 583 38.70 -19.98 29.85
CA TYR C 583 38.77 -18.78 30.68
C TYR C 583 39.77 -19.00 31.80
N ARG C 584 40.26 -17.90 32.36
CA ARG C 584 41.22 -17.92 33.46
C ARG C 584 40.64 -17.17 34.65
N PRO C 585 40.20 -17.87 35.70
CA PRO C 585 39.66 -17.18 36.88
C PRO C 585 40.73 -16.33 37.55
N ASP C 586 40.28 -15.19 38.10
CA ASP C 586 41.18 -14.29 38.81
C ASP C 586 41.24 -14.69 40.28
N LYS C 587 42.45 -14.83 40.79
CA LYS C 587 42.69 -15.20 42.18
C LYS C 587 43.08 -13.97 42.98
N ALA C 588 43.05 -14.12 44.30
CA ALA C 588 43.43 -13.04 45.21
C ALA C 588 44.91 -13.21 45.54
N GLU C 589 45.75 -12.37 44.93
CA GLU C 589 47.19 -12.39 45.21
C GLU C 589 47.42 -11.99 46.67
N THR C 590 47.96 -12.91 47.46
CA THR C 590 48.07 -12.71 48.89
C THR C 590 49.00 -11.55 49.23
N GLU C 591 50.13 -11.44 48.56
CA GLU C 591 51.10 -10.41 48.89
C GLU C 591 50.53 -9.03 48.56
N PRO C 592 50.73 -8.05 49.42
CA PRO C 592 50.18 -6.70 49.16
C PRO C 592 50.87 -6.05 47.97
N GLN C 593 50.06 -5.61 47.01
CA GLN C 593 50.56 -4.94 45.82
C GLN C 593 50.44 -3.44 45.98
N VAL C 594 51.51 -2.73 45.64
CA VAL C 594 51.54 -1.27 45.75
C VAL C 594 50.97 -0.67 44.48
N GLY C 595 50.10 0.33 44.65
CA GLY C 595 49.48 0.99 43.52
C GLY C 595 48.33 0.24 42.89
N THR C 596 47.89 -0.85 43.49
CA THR C 596 46.78 -1.64 42.96
C THR C 596 45.83 -1.97 44.10
N ALA C 597 44.53 -2.02 43.79
CA ALA C 597 43.53 -2.29 44.80
C ALA C 597 42.48 -3.24 44.22
N GLN C 598 42.12 -4.25 45.00
CA GLN C 598 41.06 -5.17 44.61
C GLN C 598 39.72 -4.46 44.62
N GLY C 599 38.86 -4.82 43.67
CA GLY C 599 37.55 -4.20 43.56
C GLY C 599 36.51 -5.18 43.08
N LEU C 600 35.25 -4.82 43.32
CA LEU C 600 34.11 -5.64 42.94
C LEU C 600 33.17 -4.79 42.09
N ALA C 601 32.62 -5.40 41.03
CA ALA C 601 31.72 -4.68 40.14
C ALA C 601 30.66 -5.65 39.60
N TRP C 602 29.41 -5.21 39.64
CA TRP C 602 28.33 -5.99 39.06
C TRP C 602 28.43 -5.99 37.54
N THR C 603 27.98 -7.09 36.94
CA THR C 603 28.06 -7.26 35.49
C THR C 603 27.07 -8.32 35.06
N PRO C 604 26.50 -8.20 33.86
CA PRO C 604 25.54 -9.22 33.39
C PRO C 604 26.16 -10.58 33.14
N VAL C 605 27.48 -10.70 33.14
CA VAL C 605 28.14 -11.99 32.92
C VAL C 605 28.34 -12.65 34.28
N GLY C 606 27.73 -12.07 35.31
CA GLY C 606 27.79 -12.64 36.64
C GLY C 606 28.57 -11.81 37.63
N GLY C 607 29.59 -12.40 38.23
CA GLY C 607 30.47 -11.69 39.16
C GLY C 607 31.91 -11.81 38.72
N THR C 608 32.68 -10.76 38.97
CA THR C 608 34.08 -10.74 38.57
C THR C 608 34.85 -9.81 39.50
N LEU C 609 36.16 -10.00 39.55
CA LEU C 609 37.05 -9.16 40.35
C LEU C 609 37.54 -8.02 39.49
N LEU C 610 36.94 -6.85 39.66
CA LEU C 610 37.47 -5.65 39.03
C LEU C 610 38.80 -5.27 39.67
N THR C 611 39.82 -5.08 38.85
CA THR C 611 41.16 -4.74 39.33
C THR C 611 41.46 -3.30 38.96
N ILE C 612 41.82 -2.50 39.96
CA ILE C 612 42.14 -1.08 39.76
C ILE C 612 43.61 -0.89 40.05
N GLU C 613 44.37 -0.51 39.02
CA GLU C 613 45.79 -0.26 39.14
C GLU C 613 46.09 1.14 38.61
N VAL C 614 46.87 1.90 39.38
CA VAL C 614 47.25 3.26 39.01
C VAL C 614 48.74 3.42 39.23
N ALA C 615 49.32 4.42 38.56
CA ALA C 615 50.73 4.71 38.68
C ALA C 615 50.92 6.12 39.20
N ALA C 616 52.03 6.33 39.90
CA ALA C 616 52.42 7.63 40.43
C ALA C 616 53.75 8.00 39.77
N VAL C 617 53.65 8.60 38.59
CA VAL C 617 54.83 8.99 37.81
C VAL C 617 54.99 10.50 37.89
N PRO C 618 56.22 11.01 37.84
CA PRO C 618 56.41 12.46 37.86
C PRO C 618 55.87 13.10 36.59
N GLY C 619 55.52 14.39 36.70
CA GLY C 619 55.02 15.13 35.57
C GLY C 619 54.59 16.55 35.91
N SER C 620 53.75 17.13 35.07
CA SER C 620 53.24 18.48 35.28
C SER C 620 51.82 18.49 35.84
N GLY C 621 51.22 17.33 36.07
CA GLY C 621 49.88 17.25 36.60
C GLY C 621 48.84 16.97 35.53
N LYS C 622 48.42 15.72 35.42
CA LYS C 622 47.43 15.32 34.43
C LYS C 622 46.76 14.04 34.91
N LEU C 623 45.54 13.80 34.43
CA LEU C 623 44.82 12.58 34.75
C LEU C 623 44.40 11.91 33.46
N SER C 624 44.67 10.61 33.36
CA SER C 624 44.29 9.81 32.21
C SER C 624 43.53 8.58 32.68
N LEU C 625 42.55 8.18 31.89
CA LEU C 625 41.63 7.09 32.25
C LEU C 625 41.70 6.04 31.14
N THR C 626 42.61 5.09 31.30
CA THR C 626 42.82 4.06 30.29
C THR C 626 41.98 2.83 30.60
N GLY C 627 42.23 1.74 29.88
CA GLY C 627 41.44 0.54 30.03
C GLY C 627 40.07 0.60 29.40
N GLN C 628 39.86 1.53 28.46
CA GLN C 628 38.56 1.72 27.81
C GLN C 628 37.48 1.93 28.86
N LEU C 629 37.76 2.83 29.81
CA LEU C 629 36.81 3.07 30.94
C LEU C 629 35.52 3.69 30.42
N GLY C 630 34.43 3.53 31.17
CA GLY C 630 33.14 4.13 30.78
C GLY C 630 33.05 5.58 31.24
N GLU C 631 32.21 6.38 30.59
CA GLU C 631 32.09 7.83 30.92
C GLU C 631 31.71 7.99 32.39
N VAL C 632 31.02 6.99 32.98
CA VAL C 632 30.56 7.15 34.36
C VAL C 632 31.73 7.19 35.32
N MET C 633 32.77 6.39 35.06
CA MET C 633 33.96 6.32 35.95
C MET C 633 34.79 7.59 35.84
N LYS C 634 34.54 8.44 34.85
CA LYS C 634 35.36 9.63 34.64
C LYS C 634 35.11 10.72 35.68
N GLU C 635 33.98 10.68 36.37
CA GLU C 635 33.70 11.60 37.46
C GLU C 635 33.85 10.98 38.83
N SER C 636 33.58 9.67 38.96
CA SER C 636 33.78 9.02 40.25
C SER C 636 35.26 8.98 40.63
N ALA C 637 36.12 8.61 39.68
CA ALA C 637 37.55 8.63 39.95
C ALA C 637 38.04 10.05 40.23
N GLN C 638 37.51 11.02 39.49
CA GLN C 638 37.88 12.41 39.73
C GLN C 638 37.47 12.88 41.12
N ALA C 639 36.27 12.49 41.57
CA ALA C 639 35.84 12.85 42.91
C ALA C 639 36.70 12.19 43.98
N ALA C 640 37.07 10.93 43.77
CA ALA C 640 37.95 10.25 44.71
C ALA C 640 39.30 10.96 44.79
N LEU C 641 39.88 11.30 43.64
CA LEU C 641 41.15 12.02 43.63
C LEU C 641 41.00 13.39 44.27
N THR C 642 39.83 14.01 44.11
CA THR C 642 39.57 15.30 44.75
C THR C 642 39.53 15.16 46.28
N TYR C 643 38.92 14.10 46.78
CA TYR C 643 38.94 13.85 48.22
C TYR C 643 40.36 13.67 48.71
N LEU C 644 41.17 12.90 47.97
CA LEU C 644 42.57 12.74 48.34
C LEU C 644 43.33 14.06 48.28
N ARG C 645 43.02 14.92 47.31
CA ARG C 645 43.64 16.22 47.20
C ARG C 645 43.29 17.11 48.39
N ALA C 646 42.04 17.04 48.85
CA ALA C 646 41.60 17.81 50.00
C ALA C 646 41.99 17.16 51.32
N HIS C 647 42.56 15.95 51.28
CA HIS C 647 43.03 15.26 52.47
C HIS C 647 44.44 14.74 52.26
N THR C 648 45.33 15.60 51.74
CA THR C 648 46.70 15.18 51.46
C THR C 648 47.47 14.89 52.74
N GLN C 649 47.26 15.70 53.79
CA GLN C 649 47.97 15.49 55.04
C GLN C 649 47.29 14.47 55.94
N ASP C 650 46.11 13.99 55.57
CA ASP C 650 45.42 12.98 56.38
C ASP C 650 46.12 11.63 56.31
N TYR C 651 46.86 11.36 55.24
CA TYR C 651 47.48 10.04 55.05
C TYR C 651 48.89 10.15 54.50
N GLY C 652 49.58 11.25 54.78
CA GLY C 652 50.96 11.39 54.35
C GLY C 652 51.13 11.51 52.85
N LEU C 653 50.10 11.93 52.13
CA LEU C 653 50.19 12.10 50.70
C LEU C 653 51.09 13.28 50.37
N PRO C 654 51.70 13.30 49.18
CA PRO C 654 52.58 14.43 48.82
C PRO C 654 51.83 15.74 48.85
N GLU C 655 52.51 16.78 49.32
CA GLU C 655 51.87 18.08 49.51
C GLU C 655 51.51 18.74 48.19
N ASP C 656 52.25 18.45 47.12
CA ASP C 656 52.06 19.08 45.82
C ASP C 656 52.07 18.03 44.72
N PHE C 657 51.35 16.93 44.93
CA PHE C 657 51.30 15.88 43.92
C PHE C 657 50.44 16.27 42.73
N TYR C 658 49.53 17.24 42.91
CA TYR C 658 48.66 17.65 41.83
C TYR C 658 49.38 18.47 40.75
N ASN C 659 50.64 18.85 40.97
CA ASN C 659 51.48 19.41 39.92
C ASN C 659 52.65 18.51 39.54
N LYS C 660 52.94 17.46 40.31
CA LYS C 660 54.07 16.59 40.02
C LYS C 660 53.61 15.20 39.62
N VAL C 661 52.76 14.54 40.41
CA VAL C 661 52.33 13.19 40.07
C VAL C 661 51.28 13.24 38.96
N ASP C 662 51.48 12.43 37.93
CA ASP C 662 50.52 12.28 36.85
C ASP C 662 49.69 11.02 37.10
N LEU C 663 48.37 11.17 37.07
CA LEU C 663 47.47 10.06 37.36
C LEU C 663 47.19 9.27 36.09
N HIS C 664 47.41 7.95 36.16
CA HIS C 664 47.16 7.06 35.04
C HIS C 664 46.31 5.88 35.55
N VAL C 665 44.99 6.07 35.55
CA VAL C 665 44.10 5.01 36.03
C VAL C 665 43.88 4.00 34.92
N HIS C 666 44.00 2.72 35.26
CA HIS C 666 43.86 1.65 34.27
C HIS C 666 43.10 0.49 34.90
N VAL C 667 42.31 -0.22 34.09
CA VAL C 667 41.48 -1.34 34.64
C VAL C 667 41.29 -2.42 33.58
N PRO C 668 41.72 -3.68 33.84
CA PRO C 668 41.61 -4.73 32.85
C PRO C 668 40.27 -5.46 33.04
N ASP C 669 39.67 -5.89 31.93
CA ASP C 669 40.41 -6.09 30.65
C ASP C 669 40.72 -4.72 30.03
N GLY C 670 41.89 -4.58 29.42
CA GLY C 670 42.26 -3.31 28.76
C GLY C 670 41.21 -2.91 27.74
N ALA C 671 40.44 -3.88 27.25
CA ALA C 671 39.37 -3.58 26.27
C ALA C 671 38.06 -4.28 26.68
N THR C 672 37.48 -3.86 27.81
CA THR C 672 36.16 -4.42 28.23
C THR C 672 35.24 -3.26 28.62
N PRO C 673 33.95 -3.25 28.19
CA PRO C 673 33.06 -2.12 28.48
C PRO C 673 32.65 -2.08 29.95
N LYS C 674 33.30 -1.24 30.75
CA LYS C 674 32.93 -1.08 32.19
C LYS C 674 32.03 0.15 32.35
N ASP C 675 31.18 0.17 33.39
CA ASP C 675 30.30 1.33 33.64
C ASP C 675 29.82 1.31 35.11
N GLY C 676 29.38 2.44 35.63
CA GLY C 676 28.86 2.51 37.01
C GLY C 676 29.91 2.96 38.01
N PRO C 677 29.61 3.94 38.88
CA PRO C 677 30.56 4.44 39.87
C PRO C 677 30.55 3.56 41.13
N ALA C 678 29.76 2.49 41.12
CA ALA C 678 29.69 1.57 42.29
C ALA C 678 31.09 1.05 42.62
N ALA C 679 31.40 0.88 43.90
CA ALA C 679 32.74 0.43 44.32
C ALA C 679 33.80 1.41 43.79
N GLY C 680 33.47 2.70 43.73
CA GLY C 680 34.45 3.71 43.31
C GLY C 680 35.57 3.84 44.32
N ILE C 681 35.28 3.53 45.59
CA ILE C 681 36.31 3.65 46.67
C ILE C 681 37.58 2.92 46.24
N THR C 682 37.44 1.80 45.52
CA THR C 682 38.63 1.03 45.09
C THR C 682 39.61 2.01 44.44
N MET C 683 39.12 2.83 43.53
CA MET C 683 40.01 3.78 42.80
C MET C 683 40.64 4.72 43.84
N ALA C 684 39.82 5.27 44.73
CA ALA C 684 40.38 6.09 45.81
C ALA C 684 41.48 5.36 46.55
N THR C 685 41.23 4.11 46.93
CA THR C 685 42.23 3.34 47.66
C THR C 685 43.43 3.03 46.77
N ALA C 686 43.21 2.75 45.48
CA ALA C 686 44.33 2.50 44.58
C ALA C 686 45.22 3.74 44.45
N ILE C 687 44.60 4.91 44.28
CA ILE C 687 45.37 6.14 44.16
C ILE C 687 46.10 6.45 45.45
N ALA C 688 45.45 6.20 46.60
CA ALA C 688 46.11 6.41 47.88
C ALA C 688 47.32 5.49 48.04
N SER C 689 47.17 4.22 47.66
CA SER C 689 48.29 3.29 47.73
C SER C 689 49.44 3.73 46.83
N ALA C 690 49.13 4.14 45.60
CA ALA C 690 50.18 4.59 44.69
C ALA C 690 50.87 5.84 45.20
N LEU C 691 50.10 6.77 45.78
CA LEU C 691 50.68 8.04 46.23
C LEU C 691 51.53 7.86 47.48
N SER C 692 51.04 7.10 48.45
CA SER C 692 51.72 6.94 49.72
C SER C 692 52.66 5.74 49.76
N ARG C 693 52.80 5.02 48.66
CA ARG C 693 53.67 3.85 48.57
C ARG C 693 53.30 2.77 49.58
N ARG C 694 52.03 2.75 49.99
CA ARG C 694 51.54 1.78 50.96
C ARG C 694 50.72 0.73 50.23
N PRO C 695 51.20 -0.50 50.09
CA PRO C 695 50.46 -1.50 49.31
C PRO C 695 49.13 -1.84 49.96
N ALA C 696 48.17 -2.20 49.11
CA ALA C 696 46.81 -2.55 49.53
C ALA C 696 46.61 -4.04 49.35
N ARG C 697 46.10 -4.69 50.39
CA ARG C 697 45.91 -6.14 50.37
C ARG C 697 44.69 -6.50 49.54
N MET C 698 44.86 -7.49 48.66
CA MET C 698 43.75 -8.01 47.87
C MET C 698 42.93 -9.04 48.62
N ASP C 699 43.35 -9.43 49.83
CA ASP C 699 42.50 -10.26 50.68
C ASP C 699 41.25 -9.52 51.13
N ILE C 700 41.23 -8.21 50.99
CA ILE C 700 40.07 -7.38 51.31
C ILE C 700 39.60 -6.70 50.04
N ALA C 701 38.31 -6.81 49.76
CA ALA C 701 37.71 -6.27 48.55
C ALA C 701 37.01 -4.95 48.84
N MET C 702 36.89 -4.10 47.82
CA MET C 702 36.31 -2.74 47.99
C MET C 702 34.96 -2.63 47.29
N THR C 703 34.02 -1.90 47.89
CA THR C 703 32.66 -1.72 47.41
C THR C 703 32.14 -0.38 47.91
N GLY C 704 31.41 0.32 47.07
CA GLY C 704 30.76 1.54 47.48
C GLY C 704 31.25 2.75 46.72
N GLU C 705 30.36 3.75 46.59
CA GLU C 705 30.65 4.99 45.91
C GLU C 705 31.11 6.05 46.90
N VAL C 706 32.22 6.70 46.59
CA VAL C 706 32.81 7.72 47.46
C VAL C 706 32.35 9.10 46.99
N SER C 707 31.84 9.89 47.91
CA SER C 707 31.37 11.24 47.60
C SER C 707 32.55 12.21 47.67
N LEU C 708 32.26 13.49 47.46
CA LEU C 708 33.31 14.51 47.60
C LEU C 708 33.67 14.72 49.06
N ARG C 709 32.69 14.57 49.97
CA ARG C 709 32.96 14.66 51.40
C ARG C 709 33.51 13.35 51.97
N GLY C 710 33.46 12.26 51.21
CA GLY C 710 33.89 10.97 51.67
C GLY C 710 32.76 10.02 52.05
N LYS C 711 31.54 10.52 52.19
CA LYS C 711 30.41 9.65 52.51
C LYS C 711 30.23 8.59 51.45
N VAL C 712 29.97 7.36 51.89
CA VAL C 712 29.88 6.21 50.99
C VAL C 712 28.40 5.89 50.83
N MET C 713 27.84 6.25 49.67
CA MET C 713 26.44 5.99 49.40
C MET C 713 26.22 4.53 49.04
N PRO C 714 25.03 4.00 49.32
CA PRO C 714 24.74 2.61 48.95
C PRO C 714 24.64 2.43 47.44
N ILE C 715 24.89 1.20 47.01
CA ILE C 715 24.87 0.84 45.59
C ILE C 715 23.97 -0.38 45.42
N GLY C 716 23.87 -0.85 44.18
CA GLY C 716 23.08 -2.01 43.85
C GLY C 716 23.93 -3.18 43.37
N GLY C 717 23.29 -4.33 43.27
CA GLY C 717 23.98 -5.56 42.88
C GLY C 717 25.09 -5.95 43.83
N VAL C 718 24.88 -5.75 45.13
CA VAL C 718 25.92 -6.00 46.11
C VAL C 718 26.16 -7.49 46.30
N LYS C 719 25.10 -8.31 46.17
CA LYS C 719 25.23 -9.72 46.51
C LYS C 719 26.15 -10.45 45.54
N GLU C 720 26.04 -10.17 44.25
CA GLU C 720 26.89 -10.85 43.27
C GLU C 720 28.36 -10.44 43.41
N LYS C 721 28.60 -9.15 43.66
CA LYS C 721 29.98 -8.69 43.79
C LYS C 721 30.62 -9.19 45.08
N LEU C 722 29.84 -9.34 46.15
CA LEU C 722 30.37 -10.00 47.34
C LEU C 722 30.54 -11.50 47.11
N LEU C 723 29.68 -12.08 46.27
CA LEU C 723 29.74 -13.49 45.94
C LEU C 723 31.04 -13.85 45.22
N ALA C 724 31.45 -13.01 44.26
CA ALA C 724 32.65 -13.30 43.49
C ALA C 724 33.89 -13.37 44.38
N ALA C 725 33.98 -12.48 45.37
CA ALA C 725 35.14 -12.48 46.27
C ALA C 725 35.25 -13.78 47.04
N HIS C 726 34.12 -14.32 47.50
CA HIS C 726 34.15 -15.58 48.25
C HIS C 726 34.69 -16.71 47.39
N GLN C 727 34.27 -16.78 46.13
CA GLN C 727 34.82 -17.79 45.22
C GLN C 727 36.30 -17.55 44.97
N ALA C 728 36.71 -16.29 44.90
CA ALA C 728 38.10 -15.94 44.65
C ALA C 728 38.99 -16.12 45.88
N GLY C 729 38.48 -16.72 46.95
CA GLY C 729 39.26 -16.92 48.16
C GLY C 729 39.28 -15.75 49.11
N ILE C 730 38.64 -14.64 48.76
CA ILE C 730 38.59 -13.47 49.63
C ILE C 730 37.55 -13.72 50.72
N HIS C 731 37.96 -13.56 51.98
CA HIS C 731 37.11 -13.87 53.12
C HIS C 731 36.96 -12.68 54.05
N LYS C 732 37.08 -11.47 53.51
CA LYS C 732 36.85 -10.24 54.29
C LYS C 732 36.64 -9.06 53.35
N ILE C 733 35.56 -8.29 53.57
CA ILE C 733 35.16 -7.24 52.66
C ILE C 733 34.99 -5.94 53.43
N VAL C 734 35.13 -4.82 52.72
CA VAL C 734 34.76 -3.50 53.21
C VAL C 734 33.51 -3.07 52.45
N LEU C 735 32.45 -2.76 53.18
CA LEU C 735 31.15 -2.47 52.59
C LEU C 735 30.59 -1.19 53.16
N PRO C 736 29.79 -0.45 52.38
CA PRO C 736 29.15 0.75 52.92
C PRO C 736 28.26 0.44 54.10
N LYS C 737 28.23 1.36 55.07
CA LYS C 737 27.38 1.19 56.23
C LYS C 737 25.90 1.26 55.85
N ASP C 738 25.56 2.06 54.83
CA ASP C 738 24.17 2.12 54.38
C ASP C 738 23.72 0.80 53.77
N ASN C 739 24.67 -0.03 53.33
CA ASN C 739 24.36 -1.34 52.76
C ASN C 739 24.23 -2.43 53.82
N GLU C 740 24.15 -2.06 55.10
CA GLU C 740 24.02 -3.06 56.15
C GLU C 740 22.71 -3.84 56.04
N ALA C 741 21.65 -3.19 55.54
CA ALA C 741 20.41 -3.90 55.31
C ALA C 741 20.51 -4.83 54.11
N GLN C 742 21.40 -4.54 53.17
CA GLN C 742 21.59 -5.34 51.97
C GLN C 742 22.45 -6.58 52.21
N LEU C 743 22.65 -6.97 53.46
CA LEU C 743 23.44 -8.15 53.79
C LEU C 743 22.60 -9.35 54.19
N GLU C 744 21.32 -9.15 54.49
CA GLU C 744 20.49 -10.24 54.97
C GLU C 744 20.08 -11.20 53.86
N GLU C 745 19.86 -10.71 52.64
CA GLU C 745 19.39 -11.57 51.57
C GLU C 745 20.47 -12.55 51.09
N LEU C 746 21.74 -12.29 51.41
CA LEU C 746 22.79 -13.20 51.01
C LEU C 746 22.70 -14.52 51.78
N PRO C 747 23.11 -15.63 51.17
CA PRO C 747 23.12 -16.89 51.90
C PRO C 747 24.12 -16.85 53.06
N LYS C 748 23.82 -17.61 54.11
CA LYS C 748 24.54 -17.47 55.37
C LYS C 748 26.01 -17.87 55.27
N GLU C 749 26.42 -18.56 54.20
CA GLU C 749 27.81 -18.98 54.10
C GLU C 749 28.76 -17.79 53.99
N VAL C 750 28.38 -16.77 53.22
CA VAL C 750 29.28 -15.63 53.04
C VAL C 750 29.22 -14.69 54.25
N LEU C 751 28.11 -14.66 54.98
CA LEU C 751 28.04 -13.81 56.16
C LEU C 751 29.04 -14.25 57.22
N GLU C 752 29.15 -15.56 57.45
CA GLU C 752 30.10 -16.07 58.43
C GLU C 752 31.51 -16.26 57.85
N GLY C 753 31.59 -16.70 56.59
CA GLY C 753 32.89 -16.87 55.97
C GLY C 753 33.59 -15.55 55.72
N LEU C 754 32.84 -14.54 55.29
CA LEU C 754 33.38 -13.22 54.96
C LEU C 754 32.89 -12.22 55.99
N GLU C 755 33.82 -11.55 56.66
CA GLU C 755 33.45 -10.51 57.60
C GLU C 755 33.18 -9.20 56.86
N ILE C 756 32.26 -8.42 57.40
CA ILE C 756 31.83 -7.16 56.79
C ILE C 756 32.21 -6.04 57.74
N LYS C 757 33.04 -5.12 57.28
CA LYS C 757 33.42 -3.93 58.04
C LYS C 757 32.64 -2.75 57.48
N LEU C 758 31.43 -2.55 58.00
CA LEU C 758 30.57 -1.48 57.51
C LEU C 758 31.17 -0.12 57.83
N VAL C 759 31.29 0.72 56.81
CA VAL C 759 31.84 2.06 56.96
C VAL C 759 30.93 3.05 56.25
N GLU C 760 30.97 4.30 56.71
CA GLU C 760 30.21 5.38 56.11
C GLU C 760 31.10 6.40 55.41
N ASP C 761 32.40 6.39 55.67
CA ASP C 761 33.32 7.32 55.04
C ASP C 761 34.59 6.57 54.66
N VAL C 762 35.30 7.12 53.66
CA VAL C 762 36.58 6.55 53.23
C VAL C 762 37.72 6.97 54.14
N GLY C 763 37.44 7.67 55.23
CA GLY C 763 38.47 8.00 56.20
C GLY C 763 38.88 6.86 57.09
N GLU C 764 38.17 5.72 57.01
CA GLU C 764 38.52 4.54 57.77
C GLU C 764 38.95 3.36 56.92
N VAL C 765 38.63 3.35 55.62
CA VAL C 765 39.07 2.26 54.76
C VAL C 765 40.57 2.32 54.53
N LEU C 766 41.12 3.53 54.39
CA LEU C 766 42.54 3.68 54.14
C LEU C 766 43.37 3.20 55.32
N GLU C 767 42.97 3.59 56.54
CA GLU C 767 43.70 3.15 57.72
C GLU C 767 43.54 1.67 58.01
N TYR C 768 42.64 0.98 57.30
CA TYR C 768 42.46 -0.46 57.43
C TYR C 768 43.12 -1.24 56.30
N LEU C 769 43.36 -0.62 55.15
CA LEU C 769 44.03 -1.28 54.03
C LEU C 769 45.40 -0.70 53.69
N LEU C 770 45.98 0.14 54.53
CA LEU C 770 47.32 0.66 54.30
C LEU C 770 48.27 0.21 55.39
N LEU C 771 49.40 -0.38 54.98
CA LEU C 771 50.44 -0.74 55.93
C LEU C 771 51.06 0.53 56.52
N PRO C 772 51.25 0.60 57.84
CA PRO C 772 51.69 1.86 58.45
C PRO C 772 53.06 2.34 57.98
N GLU C 773 53.92 1.45 57.49
CA GLU C 773 55.28 1.83 57.11
C GLU C 773 55.49 1.66 55.61
N PRO C 774 55.51 2.73 54.83
CA PRO C 774 55.83 2.61 53.40
C PRO C 774 57.24 2.07 53.21
N THR C 775 57.40 1.22 52.19
CA THR C 775 58.66 0.53 51.97
C THR C 775 59.52 1.16 50.87
N MET C 776 58.97 2.08 50.08
CA MET C 776 59.73 2.73 49.03
C MET C 776 59.54 4.24 49.10
N PRO C 777 60.56 5.03 48.81
CA PRO C 777 60.44 6.49 48.93
C PRO C 777 59.63 7.07 47.78
N PRO C 778 58.69 7.96 48.06
CA PRO C 778 57.95 8.63 46.98
C PRO C 778 58.76 9.76 46.36
N VAL C 779 58.15 10.48 45.42
CA VAL C 779 58.82 11.62 44.80
C VAL C 779 58.97 12.74 45.81
N VAL C 780 60.09 13.46 45.71
CA VAL C 780 60.37 14.56 46.63
C VAL C 780 59.42 15.73 46.39
N ARG D 2 -78.08 32.52 -31.16
CA ARG D 2 -79.00 33.21 -32.06
C ARG D 2 -79.85 34.21 -31.30
N LEU D 3 -81.05 33.79 -30.88
CA LEU D 3 -81.95 34.65 -30.12
C LEU D 3 -81.69 34.50 -28.62
N GLU D 4 -80.48 34.94 -28.22
CA GLU D 4 -80.03 34.85 -26.84
C GLU D 4 -80.11 33.42 -26.31
N LEU D 5 -79.61 32.49 -27.11
CA LEU D 5 -79.65 31.09 -26.75
C LEU D 5 -78.77 30.80 -25.55
N PRO D 6 -79.16 29.86 -24.68
CA PRO D 6 -78.29 29.46 -23.57
C PRO D 6 -77.17 28.55 -24.06
N VAL D 7 -75.93 28.95 -23.82
CA VAL D 7 -74.78 28.25 -24.37
C VAL D 7 -74.41 27.09 -23.47
N ILE D 8 -74.30 25.91 -24.06
CA ILE D 8 -73.87 24.69 -23.38
C ILE D 8 -72.46 24.36 -23.86
N PRO D 9 -71.45 24.39 -22.99
CA PRO D 9 -70.10 24.04 -23.43
C PRO D 9 -69.98 22.56 -23.77
N LEU D 10 -69.10 22.26 -24.72
CA LEU D 10 -68.87 20.88 -25.12
C LEU D 10 -68.14 20.13 -24.01
N ARG D 11 -68.42 18.83 -23.91
CA ARG D 11 -67.80 18.01 -22.88
C ARG D 11 -66.51 17.35 -23.40
N ASN D 12 -66.61 16.55 -24.44
CA ASN D 12 -65.45 15.89 -25.01
C ASN D 12 -65.31 16.12 -26.52
N THR D 13 -66.42 16.13 -27.25
CA THR D 13 -66.38 16.26 -28.71
C THR D 13 -67.50 17.20 -29.16
N VAL D 14 -67.20 18.03 -30.16
CA VAL D 14 -68.20 18.95 -30.68
C VAL D 14 -69.23 18.17 -31.49
N ILE D 15 -70.42 18.76 -31.63
CA ILE D 15 -71.50 18.14 -32.38
C ILE D 15 -71.32 18.42 -33.87
N LEU D 16 -71.35 17.37 -34.67
CA LEU D 16 -71.24 17.45 -36.13
C LEU D 16 -72.52 16.98 -36.79
N PRO D 17 -72.83 17.46 -38.00
CA PRO D 17 -74.09 17.06 -38.65
C PRO D 17 -74.18 15.57 -38.88
N HIS D 18 -75.36 15.01 -38.61
CA HIS D 18 -75.65 13.60 -38.87
C HIS D 18 -74.63 12.69 -38.20
N THR D 19 -74.24 13.03 -36.97
CA THR D 19 -73.30 12.24 -36.20
C THR D 19 -73.88 11.94 -34.84
N THR D 20 -73.69 10.70 -34.37
CA THR D 20 -74.20 10.27 -33.07
C THR D 20 -73.10 10.50 -32.04
N THR D 21 -73.00 11.73 -31.55
CA THR D 21 -72.03 12.11 -30.54
C THR D 21 -72.76 12.64 -29.31
N PRO D 22 -72.80 11.90 -28.20
CA PRO D 22 -73.56 12.37 -27.03
C PRO D 22 -72.75 13.32 -26.16
N VAL D 23 -73.36 14.44 -25.79
CA VAL D 23 -72.77 15.40 -24.84
C VAL D 23 -73.63 15.37 -23.59
N ASP D 24 -73.11 14.78 -22.53
CA ASP D 24 -73.83 14.62 -21.27
C ASP D 24 -73.28 15.59 -20.23
N VAL D 25 -74.17 16.34 -19.59
CA VAL D 25 -73.80 17.30 -18.56
C VAL D 25 -74.20 16.71 -17.22
N GLY D 26 -73.21 16.33 -16.43
CA GLY D 26 -73.43 15.80 -15.09
C GLY D 26 -73.38 16.82 -13.98
N ARG D 27 -73.33 18.11 -14.32
CA ARG D 27 -73.23 19.16 -13.32
C ARG D 27 -74.62 19.72 -13.01
N ALA D 28 -74.92 19.86 -11.72
CA ALA D 28 -76.24 20.36 -11.33
C ALA D 28 -76.44 21.80 -11.77
N LYS D 29 -75.39 22.62 -11.67
CA LYS D 29 -75.53 24.02 -12.04
C LYS D 29 -75.81 24.20 -13.53
N SER D 30 -75.12 23.43 -14.38
CA SER D 30 -75.30 23.54 -15.83
C SER D 30 -76.54 22.82 -16.34
N LYS D 31 -77.17 21.98 -15.52
CA LYS D 31 -78.39 21.30 -15.95
C LYS D 31 -79.51 22.31 -16.23
N ARG D 32 -79.55 23.41 -15.48
CA ARG D 32 -80.50 24.47 -15.79
C ARG D 32 -80.23 25.06 -17.16
N ALA D 33 -78.96 25.25 -17.51
CA ALA D 33 -78.62 25.75 -18.84
C ALA D 33 -79.04 24.77 -19.92
N VAL D 34 -78.83 23.47 -19.69
CA VAL D 34 -79.24 22.48 -20.67
C VAL D 34 -80.76 22.48 -20.84
N GLU D 35 -81.49 22.57 -19.73
CA GLU D 35 -82.95 22.59 -19.79
C GLU D 35 -83.45 23.83 -20.53
N GLU D 36 -82.82 24.98 -20.29
CA GLU D 36 -83.17 26.19 -21.04
C GLU D 36 -82.84 26.05 -22.51
N ALA D 37 -81.75 25.36 -22.84
CA ALA D 37 -81.41 25.10 -24.23
C ALA D 37 -82.48 24.23 -24.89
N MET D 38 -83.02 23.25 -24.15
CA MET D 38 -84.13 22.47 -24.67
C MET D 38 -85.36 23.35 -24.91
N GLY D 39 -85.63 24.28 -23.99
CA GLY D 39 -86.80 25.13 -24.12
C GLY D 39 -86.64 26.25 -25.13
N ALA D 40 -85.42 26.50 -25.60
CA ALA D 40 -85.16 27.55 -26.57
C ALA D 40 -85.28 27.01 -28.00
N ASP D 41 -86.48 26.50 -28.29
CA ASP D 41 -86.81 25.92 -29.60
C ASP D 41 -85.87 24.77 -29.97
N ARG D 42 -85.34 24.10 -28.95
CA ARG D 42 -84.43 22.96 -29.14
C ARG D 42 -83.24 23.33 -30.02
N LEU D 43 -82.72 24.54 -29.82
CA LEU D 43 -81.57 25.04 -30.57
C LEU D 43 -80.38 25.13 -29.63
N ILE D 44 -79.26 24.53 -30.03
CA ILE D 44 -78.07 24.42 -29.18
C ILE D 44 -76.92 25.11 -29.89
N PHE D 45 -76.24 26.00 -29.17
CA PHE D 45 -75.04 26.67 -29.66
C PHE D 45 -73.86 26.24 -28.81
N LEU D 46 -72.74 25.95 -29.46
CA LEU D 46 -71.56 25.40 -28.80
C LEU D 46 -70.39 26.36 -28.92
N VAL D 47 -69.67 26.56 -27.82
CA VAL D 47 -68.44 27.32 -27.80
C VAL D 47 -67.33 26.42 -27.26
N ALA D 48 -66.09 26.77 -27.60
CA ALA D 48 -64.93 25.95 -27.28
C ALA D 48 -64.13 26.58 -26.14
N GLN D 49 -63.82 25.77 -25.13
CA GLN D 49 -63.05 26.20 -23.98
C GLN D 49 -61.62 25.67 -24.09
N ARG D 50 -60.85 25.85 -23.01
CA ARG D 50 -59.47 25.38 -22.94
C ARG D 50 -59.41 23.89 -22.63
N ASP D 51 -58.23 23.42 -22.21
CA ASP D 51 -58.01 22.07 -21.71
C ASP D 51 -59.08 21.71 -20.68
N PRO D 52 -59.34 20.40 -20.41
CA PRO D 52 -60.65 19.98 -19.85
C PRO D 52 -61.32 20.94 -18.90
N GLU D 53 -62.58 21.24 -19.21
CA GLU D 53 -63.25 22.42 -18.67
C GLU D 53 -63.55 22.26 -17.18
N VAL D 54 -63.49 23.39 -16.47
CA VAL D 54 -63.98 23.44 -15.09
C VAL D 54 -65.50 23.46 -15.11
N ASP D 55 -66.10 23.10 -13.96
CA ASP D 55 -67.56 23.06 -13.86
C ASP D 55 -68.17 24.43 -14.14
N ASP D 56 -67.55 25.49 -13.66
CA ASP D 56 -68.02 26.84 -13.93
C ASP D 56 -67.65 27.24 -15.36
N PRO D 57 -68.63 27.57 -16.21
CA PRO D 57 -68.31 27.98 -17.58
C PRO D 57 -67.51 29.28 -17.62
N ALA D 58 -66.27 29.20 -18.09
CA ALA D 58 -65.41 30.37 -18.15
C ALA D 58 -65.79 31.25 -19.35
N PRO D 59 -66.05 32.54 -19.14
CA PRO D 59 -66.37 33.43 -20.26
C PRO D 59 -65.16 34.10 -20.91
N ASP D 60 -63.98 33.99 -20.32
CA ASP D 60 -62.79 34.66 -20.82
C ASP D 60 -62.05 33.86 -21.90
N ASP D 61 -62.47 32.63 -22.16
CA ASP D 61 -61.81 31.77 -23.14
C ASP D 61 -62.76 31.32 -24.25
N LEU D 62 -63.78 32.13 -24.55
CA LEU D 62 -64.76 31.75 -25.56
C LEU D 62 -64.20 31.96 -26.97
N TYR D 63 -64.63 31.10 -27.88
CA TYR D 63 -64.39 31.27 -29.31
C TYR D 63 -65.66 31.76 -29.99
N THR D 64 -65.55 32.83 -30.77
CA THR D 64 -66.70 33.39 -31.47
C THR D 64 -67.15 32.52 -32.64
N TRP D 65 -66.36 31.52 -33.04
CA TRP D 65 -66.69 30.66 -34.18
C TRP D 65 -67.27 29.36 -33.64
N GLY D 66 -68.58 29.37 -33.38
CA GLY D 66 -69.28 28.20 -32.90
C GLY D 66 -70.14 27.55 -33.99
N VAL D 67 -70.69 26.40 -33.64
CA VAL D 67 -71.55 25.64 -34.55
C VAL D 67 -72.88 25.38 -33.86
N GLN D 68 -73.97 25.56 -34.59
CA GLN D 68 -75.31 25.34 -34.05
C GLN D 68 -75.64 23.85 -34.05
N ALA D 69 -76.70 23.51 -33.32
CA ALA D 69 -77.16 22.13 -33.23
C ALA D 69 -78.66 22.13 -32.99
N VAL D 70 -79.31 21.01 -33.35
CA VAL D 70 -80.74 20.85 -33.20
C VAL D 70 -81.01 19.55 -32.45
N VAL D 71 -82.12 19.50 -31.73
CA VAL D 71 -82.49 18.36 -30.90
C VAL D 71 -83.66 17.64 -31.55
N LYS D 72 -83.52 16.33 -31.74
CA LYS D 72 -84.58 15.49 -32.28
C LYS D 72 -85.35 14.75 -31.20
N GLN D 73 -84.65 14.03 -30.33
CA GLN D 73 -85.25 13.34 -29.21
C GLN D 73 -84.40 13.55 -27.98
N ALA D 74 -85.03 13.48 -26.81
CA ALA D 74 -84.34 13.75 -25.55
C ALA D 74 -84.96 12.90 -24.45
N MET D 75 -84.22 11.92 -23.96
CA MET D 75 -84.64 11.14 -22.81
C MET D 75 -84.18 11.82 -21.52
N ARG D 76 -84.84 11.47 -20.42
CA ARG D 76 -84.59 12.09 -19.13
C ARG D 76 -84.07 11.07 -18.12
N LEU D 77 -83.17 11.53 -17.25
CA LEU D 77 -82.64 10.72 -16.17
C LEU D 77 -82.59 11.54 -14.89
N PRO D 78 -83.29 11.13 -13.84
CA PRO D 78 -83.35 11.93 -12.60
C PRO D 78 -82.09 11.76 -11.74
N ASP D 79 -80.94 12.09 -12.32
CA ASP D 79 -79.68 12.02 -11.58
C ASP D 79 -78.77 13.21 -11.90
N GLY D 80 -79.30 14.27 -12.50
CA GLY D 80 -78.51 15.42 -12.88
C GLY D 80 -77.87 15.34 -14.25
N THR D 81 -77.98 14.20 -14.94
CA THR D 81 -77.41 14.00 -16.26
C THR D 81 -78.52 13.68 -17.24
N LEU D 82 -78.50 14.32 -18.40
CA LEU D 82 -79.49 14.12 -19.45
C LEU D 82 -78.76 13.61 -20.70
N GLN D 83 -78.81 12.30 -20.92
CA GLN D 83 -78.18 11.70 -22.09
C GLN D 83 -78.99 11.99 -23.34
N VAL D 84 -78.65 13.08 -24.04
CA VAL D 84 -79.37 13.50 -25.24
C VAL D 84 -78.37 13.60 -26.39
N MET D 85 -78.73 13.01 -27.52
CA MET D 85 -77.92 13.10 -28.73
C MET D 85 -78.52 14.14 -29.67
N VAL D 86 -77.65 14.94 -30.29
CA VAL D 86 -78.07 16.02 -31.18
C VAL D 86 -77.21 15.99 -32.44
N GLU D 87 -77.71 16.65 -33.48
CA GLU D 87 -77.01 16.78 -34.75
C GLU D 87 -76.84 18.25 -35.10
N ALA D 88 -75.70 18.58 -35.67
CA ALA D 88 -75.41 19.97 -36.02
C ALA D 88 -75.99 20.31 -37.39
N ARG D 89 -76.18 21.60 -37.62
CA ARG D 89 -76.68 22.10 -38.91
C ARG D 89 -75.64 22.96 -39.62
N ALA D 90 -75.14 24.02 -38.98
CA ALA D 90 -74.16 24.90 -39.61
C ALA D 90 -73.45 25.70 -38.52
N ARG D 91 -72.32 26.28 -38.90
CA ARG D 91 -71.55 27.11 -37.99
C ARG D 91 -71.95 28.57 -38.12
N ALA D 92 -71.57 29.36 -37.12
CA ALA D 92 -71.91 30.78 -37.08
C ALA D 92 -70.84 31.53 -36.29
N GLN D 93 -70.78 32.84 -36.51
CA GLN D 93 -69.83 33.71 -35.83
C GLN D 93 -70.57 34.56 -34.80
N VAL D 94 -70.02 34.62 -33.59
CA VAL D 94 -70.64 35.37 -32.51
C VAL D 94 -70.41 36.86 -32.74
N THR D 95 -71.50 37.61 -32.94
CA THR D 95 -71.38 39.05 -33.10
C THR D 95 -70.97 39.71 -31.78
N ASP D 96 -71.65 39.35 -30.68
CA ASP D 96 -71.33 39.88 -29.37
C ASP D 96 -71.82 38.90 -28.32
N TYR D 97 -71.27 39.02 -27.11
CA TYR D 97 -71.64 38.15 -26.01
C TYR D 97 -71.41 38.87 -24.69
N ILE D 98 -72.04 38.36 -23.65
CA ILE D 98 -71.93 38.92 -22.31
C ILE D 98 -71.29 37.87 -21.40
N PRO D 99 -70.37 38.26 -20.51
CA PRO D 99 -69.78 37.27 -19.59
C PRO D 99 -70.84 36.66 -18.68
N GLY D 100 -70.67 35.39 -18.37
CA GLY D 100 -71.57 34.67 -17.49
C GLY D 100 -71.06 34.62 -16.07
N PRO D 101 -71.41 33.55 -15.34
CA PRO D 101 -72.25 32.44 -15.79
C PRO D 101 -73.74 32.77 -15.72
N TYR D 102 -74.55 32.16 -16.58
CA TYR D 102 -74.08 31.21 -17.59
C TYR D 102 -73.73 31.91 -18.90
N LEU D 103 -73.10 31.17 -19.80
CA LEU D 103 -72.65 31.74 -21.06
C LEU D 103 -73.83 32.09 -21.96
N ARG D 104 -73.75 33.25 -22.60
CA ARG D 104 -74.74 33.69 -23.58
C ARG D 104 -74.03 34.12 -24.86
N ALA D 105 -74.61 33.76 -25.99
CA ALA D 105 -74.02 34.09 -27.28
C ALA D 105 -75.12 34.17 -28.33
N ARG D 106 -74.80 34.82 -29.44
CA ARG D 106 -75.74 35.00 -30.54
C ARG D 106 -75.05 34.64 -31.86
N GLY D 107 -75.86 34.23 -32.84
CA GLY D 107 -75.33 33.83 -34.13
C GLY D 107 -76.03 34.52 -35.29
N GLU D 108 -76.01 33.88 -36.46
CA GLU D 108 -76.62 34.43 -37.67
C GLU D 108 -77.29 33.27 -38.41
N VAL D 109 -77.68 33.54 -39.66
CA VAL D 109 -78.31 32.50 -40.47
C VAL D 109 -77.33 31.36 -40.73
N PHE D 110 -77.88 30.18 -40.99
CA PHE D 110 -77.07 29.00 -41.24
C PHE D 110 -76.28 29.15 -42.53
N SER D 111 -75.04 28.65 -42.52
CA SER D 111 -74.17 28.73 -43.68
C SER D 111 -74.53 27.61 -44.66
N GLU D 112 -74.79 27.99 -45.91
CA GLU D 112 -75.14 27.04 -46.97
C GLU D 112 -74.15 27.13 -48.12
N ILE D 113 -72.86 27.22 -47.79
CA ILE D 113 -71.83 27.32 -48.81
C ILE D 113 -71.71 26.00 -49.56
N PHE D 114 -71.63 26.07 -50.89
CA PHE D 114 -71.49 24.89 -51.72
C PHE D 114 -70.05 24.72 -52.16
N PRO D 115 -69.51 23.49 -52.16
CA PRO D 115 -68.11 23.27 -52.56
C PRO D 115 -67.93 23.53 -54.05
N ILE D 116 -67.04 24.47 -54.37
CA ILE D 116 -66.71 24.78 -55.76
C ILE D 116 -65.78 23.72 -56.32
N ASP D 117 -65.55 23.76 -57.63
CA ASP D 117 -64.67 22.80 -58.31
C ASP D 117 -65.16 21.37 -58.11
N GLU D 118 -66.35 21.10 -58.65
CA GLU D 118 -67.03 19.83 -58.40
C GLU D 118 -66.24 18.65 -58.94
N ALA D 119 -65.59 18.82 -60.10
CA ALA D 119 -64.83 17.72 -60.68
C ALA D 119 -63.65 17.32 -59.80
N VAL D 120 -62.87 18.31 -59.34
CA VAL D 120 -61.74 18.02 -58.46
C VAL D 120 -62.25 17.46 -57.13
N VAL D 121 -63.39 17.97 -56.65
CA VAL D 121 -63.98 17.45 -55.42
C VAL D 121 -64.34 15.97 -55.59
N ARG D 122 -64.91 15.61 -56.74
CA ARG D 122 -65.28 14.22 -56.99
C ARG D 122 -64.05 13.32 -57.10
N VAL D 123 -62.99 13.80 -57.76
CA VAL D 123 -61.76 13.03 -57.84
C VAL D 123 -61.17 12.81 -56.45
N LEU D 124 -61.17 13.87 -55.63
CA LEU D 124 -60.69 13.75 -54.26
C LEU D 124 -61.56 12.79 -53.45
N VAL D 125 -62.87 12.80 -53.69
CA VAL D 125 -63.77 11.87 -53.00
C VAL D 125 -63.47 10.44 -53.43
N GLU D 126 -63.11 10.24 -54.70
CA GLU D 126 -62.68 8.91 -55.14
C GLU D 126 -61.40 8.47 -54.45
N GLU D 127 -60.47 9.41 -54.25
CA GLU D 127 -59.28 9.11 -53.46
C GLU D 127 -59.64 8.72 -52.02
N LEU D 128 -60.56 9.46 -51.41
CA LEU D 128 -61.06 9.07 -50.10
C LEU D 128 -61.71 7.70 -50.13
N LYS D 129 -62.39 7.35 -51.22
CA LYS D 129 -63.03 6.05 -51.32
C LYS D 129 -62.00 4.93 -51.36
N GLU D 130 -60.95 5.09 -52.18
CA GLU D 130 -59.92 4.07 -52.23
C GLU D 130 -59.13 4.02 -50.93
N ALA D 131 -59.13 5.12 -50.16
CA ALA D 131 -58.57 5.07 -48.81
C ALA D 131 -59.50 4.38 -47.82
N PHE D 132 -60.81 4.55 -47.99
CA PHE D 132 -61.78 3.88 -47.14
C PHE D 132 -61.71 2.38 -47.31
N GLU D 133 -61.61 1.91 -48.55
CA GLU D 133 -61.53 0.48 -48.80
C GLU D 133 -60.20 -0.14 -48.36
N LYS D 134 -59.21 0.68 -47.99
CA LYS D 134 -57.92 0.16 -47.56
C LYS D 134 -57.65 0.33 -46.07
N TYR D 135 -58.21 1.37 -45.44
CA TYR D 135 -57.91 1.60 -44.03
C TYR D 135 -58.65 0.63 -43.12
N VAL D 136 -59.86 0.22 -43.49
CA VAL D 136 -60.59 -0.77 -42.71
C VAL D 136 -59.88 -2.11 -42.73
N ALA D 137 -58.98 -2.32 -43.69
CA ALA D 137 -58.21 -3.56 -43.81
C ALA D 137 -56.85 -3.45 -43.14
N ASN D 138 -56.09 -2.39 -43.41
CA ASN D 138 -54.74 -2.29 -42.87
C ASN D 138 -54.67 -1.54 -41.54
N HIS D 139 -55.80 -1.10 -40.99
CA HIS D 139 -55.83 -0.37 -39.73
C HIS D 139 -56.68 -1.07 -38.67
N LYS D 140 -56.92 -2.37 -38.84
CA LYS D 140 -57.78 -3.09 -37.89
C LYS D 140 -57.11 -3.26 -36.53
N SER D 141 -55.82 -2.99 -36.40
CA SER D 141 -55.15 -3.08 -35.11
C SER D 141 -55.67 -2.05 -34.12
N LEU D 142 -56.34 -1.00 -34.60
CA LEU D 142 -56.94 0.01 -33.73
C LEU D 142 -58.31 -0.39 -33.21
N ARG D 143 -58.77 -1.61 -33.51
CA ARG D 143 -60.06 -2.12 -33.05
C ARG D 143 -61.21 -1.25 -33.56
N LEU D 144 -61.29 -1.13 -34.88
CA LEU D 144 -62.38 -0.41 -35.51
C LEU D 144 -63.68 -1.20 -35.38
N ASP D 145 -64.75 -0.52 -34.97
CA ASP D 145 -66.04 -1.18 -34.81
C ASP D 145 -66.61 -1.59 -36.17
N ARG D 146 -67.40 -2.66 -36.15
CA ARG D 146 -67.98 -3.21 -37.37
C ARG D 146 -69.28 -2.52 -37.77
N TYR D 147 -69.76 -1.56 -36.98
CA TYR D 147 -70.97 -0.84 -37.35
C TYR D 147 -70.76 0.03 -38.59
N GLN D 148 -69.52 0.44 -38.85
CA GLN D 148 -69.18 1.23 -40.02
C GLN D 148 -68.63 0.38 -41.17
N LEU D 149 -68.73 -0.94 -41.07
CA LEU D 149 -68.29 -1.80 -42.17
C LEU D 149 -69.10 -1.54 -43.43
N GLU D 150 -70.42 -1.37 -43.29
CA GLU D 150 -71.29 -1.05 -44.41
C GLU D 150 -71.88 0.35 -44.31
N ALA D 151 -71.73 1.04 -43.18
CA ALA D 151 -72.28 2.38 -43.03
C ALA D 151 -71.47 3.44 -43.75
N VAL D 152 -70.21 3.15 -44.08
CA VAL D 152 -69.37 4.09 -44.82
C VAL D 152 -69.28 3.76 -46.30
N LYS D 153 -69.47 2.51 -46.68
CA LYS D 153 -69.45 2.12 -48.08
C LYS D 153 -70.77 2.48 -48.75
N GLY D 154 -70.68 2.86 -50.03
CA GLY D 154 -71.86 3.28 -50.76
C GLY D 154 -72.30 4.70 -50.50
N THR D 155 -71.46 5.52 -49.86
CA THR D 155 -71.79 6.90 -49.55
C THR D 155 -70.78 7.81 -50.24
N SER D 156 -71.28 8.85 -50.91
CA SER D 156 -70.43 9.77 -51.66
C SER D 156 -70.78 11.23 -51.35
N ASP D 157 -71.29 11.49 -50.16
CA ASP D 157 -71.64 12.86 -49.77
C ASP D 157 -70.36 13.63 -49.45
N PRO D 158 -70.09 14.76 -50.13
CA PRO D 158 -68.78 15.40 -49.96
C PRO D 158 -68.54 15.98 -48.58
N ALA D 159 -69.48 16.76 -48.05
CA ALA D 159 -69.28 17.36 -46.73
C ALA D 159 -69.25 16.29 -45.64
N MET D 160 -70.10 15.27 -45.76
CA MET D 160 -70.09 14.18 -44.79
C MET D 160 -68.76 13.43 -44.80
N LEU D 161 -68.23 13.12 -45.98
CA LEU D 161 -66.93 12.47 -46.03
C LEU D 161 -65.80 13.40 -45.61
N ALA D 162 -66.01 14.72 -45.72
CA ALA D 162 -65.00 15.66 -45.26
C ALA D 162 -64.92 15.68 -43.73
N ASP D 163 -66.06 15.79 -43.07
CA ASP D 163 -66.07 15.95 -41.62
C ASP D 163 -66.12 14.62 -40.85
N THR D 164 -66.39 13.51 -41.53
CA THR D 164 -66.43 12.22 -40.85
C THR D 164 -65.06 11.84 -40.32
N ILE D 165 -64.03 11.92 -41.17
CA ILE D 165 -62.68 11.67 -40.70
C ILE D 165 -62.18 12.81 -39.83
N ALA D 166 -62.70 14.02 -40.03
CA ALA D 166 -62.31 15.15 -39.20
C ALA D 166 -62.68 14.92 -37.74
N TYR D 167 -63.89 14.43 -37.49
CA TYR D 167 -64.25 14.05 -36.13
C TYR D 167 -63.77 12.66 -35.76
N HIS D 168 -63.36 11.86 -36.74
CA HIS D 168 -62.69 10.59 -36.47
C HIS D 168 -61.20 10.78 -36.20
N ALA D 169 -60.66 11.95 -36.52
CA ALA D 169 -59.24 12.22 -36.33
C ALA D 169 -58.96 12.38 -34.85
N THR D 170 -58.16 11.46 -34.28
CA THR D 170 -57.88 11.46 -32.85
C THR D 170 -56.77 12.47 -32.54
N TRP D 171 -57.18 13.71 -32.27
CA TRP D 171 -56.26 14.77 -31.87
C TRP D 171 -57.01 15.72 -30.94
N THR D 172 -56.38 16.85 -30.62
CA THR D 172 -56.88 17.73 -29.59
C THR D 172 -58.05 18.59 -30.08
N VAL D 173 -58.76 19.17 -29.12
CA VAL D 173 -59.86 20.06 -29.43
C VAL D 173 -59.36 21.32 -30.13
N ALA D 174 -58.16 21.78 -29.74
CA ALA D 174 -57.56 22.93 -30.42
C ALA D 174 -57.30 22.62 -31.89
N GLU D 175 -56.78 21.42 -32.17
CA GLU D 175 -56.57 21.02 -33.57
C GLU D 175 -57.89 20.86 -34.31
N LYS D 176 -58.93 20.37 -33.62
CA LYS D 176 -60.25 20.28 -34.25
C LYS D 176 -60.77 21.66 -34.63
N GLN D 177 -60.61 22.63 -33.73
CA GLN D 177 -61.04 24.00 -34.03
C GLN D 177 -60.20 24.61 -35.14
N GLU D 178 -58.90 24.30 -35.18
CA GLU D 178 -58.06 24.77 -36.28
C GLU D 178 -58.52 24.19 -37.62
N ILE D 179 -58.92 22.92 -37.63
CA ILE D 179 -59.49 22.32 -38.83
C ILE D 179 -60.79 23.04 -39.21
N LEU D 180 -61.63 23.32 -38.22
CA LEU D 180 -62.88 24.03 -38.48
C LEU D 180 -62.65 25.45 -38.97
N GLU D 181 -61.47 26.02 -38.69
CA GLU D 181 -61.21 27.40 -39.07
C GLU D 181 -61.25 27.60 -40.58
N LEU D 182 -60.68 26.67 -41.34
CA LEU D 182 -60.60 26.80 -42.78
C LEU D 182 -61.85 26.20 -43.43
N THR D 183 -62.42 26.93 -44.39
CA THR D 183 -63.63 26.52 -45.07
C THR D 183 -63.38 25.99 -46.48
N ASP D 184 -62.12 25.79 -46.86
CA ASP D 184 -61.78 25.28 -48.18
C ASP D 184 -61.72 23.76 -48.13
N LEU D 185 -62.55 23.10 -48.93
CA LEU D 185 -62.65 21.65 -48.88
C LEU D 185 -61.34 20.97 -49.26
N GLU D 186 -60.70 21.45 -50.33
CA GLU D 186 -59.52 20.80 -50.87
C GLU D 186 -58.38 20.76 -49.85
N ALA D 187 -58.12 21.88 -49.19
CA ALA D 187 -57.03 21.95 -48.22
C ALA D 187 -57.30 21.05 -47.02
N ARG D 188 -58.55 21.06 -46.53
CA ARG D 188 -58.90 20.23 -45.38
C ARG D 188 -58.75 18.75 -45.71
N LEU D 189 -59.20 18.33 -46.89
CA LEU D 189 -59.09 16.92 -47.24
C LEU D 189 -57.63 16.54 -47.52
N LYS D 190 -56.83 17.48 -48.04
CA LYS D 190 -55.40 17.22 -48.16
C LYS D 190 -54.77 17.00 -46.78
N LYS D 191 -55.19 17.79 -45.80
CA LYS D 191 -54.74 17.59 -44.43
C LYS D 191 -55.18 16.22 -43.91
N VAL D 192 -56.40 15.81 -44.25
CA VAL D 192 -56.90 14.50 -43.84
C VAL D 192 -56.02 13.37 -44.41
N LEU D 193 -55.71 13.46 -45.69
CA LEU D 193 -54.85 12.45 -46.31
C LEU D 193 -53.45 12.47 -45.70
N GLY D 194 -52.93 13.66 -45.39
CA GLY D 194 -51.65 13.75 -44.72
C GLY D 194 -51.65 13.06 -43.36
N LEU D 195 -52.71 13.28 -42.58
CA LEU D 195 -52.83 12.61 -41.28
C LEU D 195 -52.93 11.11 -41.45
N LEU D 196 -53.68 10.65 -42.45
CA LEU D 196 -53.80 9.22 -42.70
C LEU D 196 -52.44 8.61 -43.05
N SER D 197 -51.68 9.28 -43.91
CA SER D 197 -50.35 8.79 -44.28
C SER D 197 -49.42 8.79 -43.06
N ARG D 198 -49.53 9.80 -42.20
CA ARG D 198 -48.72 9.86 -40.99
C ARG D 198 -49.02 8.67 -40.09
N ASP D 199 -50.31 8.37 -39.89
CA ASP D 199 -50.69 7.22 -39.07
C ASP D 199 -50.16 5.93 -39.69
N LEU D 200 -50.27 5.80 -41.02
CA LEU D 200 -49.77 4.61 -41.70
C LEU D 200 -48.28 4.42 -41.45
N GLU D 201 -47.48 5.47 -41.65
CA GLU D 201 -46.04 5.33 -41.51
C GLU D 201 -45.65 5.07 -40.05
N ARG D 202 -46.35 5.68 -39.10
CA ARG D 202 -46.08 5.39 -37.69
C ARG D 202 -46.33 3.92 -37.38
N PHE D 203 -47.45 3.39 -37.89
CA PHE D 203 -47.74 1.97 -37.71
C PHE D 203 -46.66 1.09 -38.35
N GLU D 204 -46.20 1.47 -39.53
CA GLU D 204 -45.12 0.72 -40.18
C GLU D 204 -43.86 0.71 -39.33
N LEU D 205 -43.48 1.86 -38.78
CA LEU D 205 -42.31 1.94 -37.92
C LEU D 205 -42.46 1.02 -36.71
N ASP D 206 -43.61 1.10 -36.04
CA ASP D 206 -43.84 0.25 -34.87
C ASP D 206 -43.74 -1.23 -35.23
N LYS D 207 -44.38 -1.61 -36.33
CA LYS D 207 -44.30 -2.98 -36.82
C LYS D 207 -42.85 -3.41 -36.99
N ARG D 208 -42.12 -2.71 -37.88
CA ARG D 208 -40.79 -3.16 -38.26
C ARG D 208 -39.88 -3.26 -37.04
N VAL D 209 -39.96 -2.27 -36.14
CA VAL D 209 -39.10 -2.33 -34.97
C VAL D 209 -39.44 -3.55 -34.12
N ALA D 210 -40.74 -3.82 -33.93
CA ALA D 210 -41.12 -5.00 -33.17
C ALA D 210 -40.53 -6.27 -33.78
N GLN D 211 -40.74 -6.46 -35.09
CA GLN D 211 -40.27 -7.70 -35.69
C GLN D 211 -38.77 -7.86 -35.56
N ARG D 212 -38.02 -6.86 -36.06
CA ARG D 212 -36.54 -6.96 -36.06
C ARG D 212 -36.03 -7.19 -34.65
N VAL D 213 -36.53 -6.43 -33.68
CA VAL D 213 -35.99 -6.54 -32.32
C VAL D 213 -36.25 -7.94 -31.77
N LYS D 214 -37.43 -8.51 -32.08
CA LYS D 214 -37.68 -9.89 -31.68
C LYS D 214 -36.67 -10.83 -32.34
N GLU D 215 -36.39 -10.59 -33.63
CA GLU D 215 -35.44 -11.43 -34.37
C GLU D 215 -34.05 -11.39 -33.74
N GLN D 216 -33.52 -10.19 -33.51
CA GLN D 216 -32.20 -10.06 -32.91
C GLN D 216 -32.17 -10.61 -31.49
N MET D 217 -33.29 -10.53 -30.76
CA MET D 217 -33.39 -11.18 -29.47
C MET D 217 -33.20 -12.69 -29.58
N ASP D 218 -33.96 -13.33 -30.46
CA ASP D 218 -33.86 -14.80 -30.55
C ASP D 218 -32.51 -15.22 -31.11
N THR D 219 -31.92 -14.40 -31.99
CA THR D 219 -30.58 -14.71 -32.49
C THR D 219 -29.53 -14.60 -31.38
N ASN D 220 -29.70 -13.62 -30.48
CA ASN D 220 -28.83 -13.54 -29.31
C ASN D 220 -28.97 -14.79 -28.45
N GLN D 221 -30.21 -15.26 -28.29
CA GLN D 221 -30.42 -16.49 -27.54
C GLN D 221 -29.72 -17.67 -28.21
N ARG D 222 -29.79 -17.74 -29.55
CA ARG D 222 -29.16 -18.84 -30.28
C ARG D 222 -27.65 -18.81 -30.14
N GLU D 223 -27.04 -17.63 -30.23
CA GLU D 223 -25.59 -17.58 -30.07
C GLU D 223 -25.20 -17.86 -28.62
N TYR D 224 -26.06 -17.52 -27.67
CA TYR D 224 -25.83 -17.94 -26.29
C TYR D 224 -25.83 -19.45 -26.18
N TYR D 225 -26.76 -20.10 -26.88
CA TYR D 225 -26.78 -21.55 -26.99
C TYR D 225 -25.44 -22.08 -27.51
N LEU D 226 -24.94 -21.49 -28.59
CA LEU D 226 -23.67 -21.93 -29.17
C LEU D 226 -22.50 -21.71 -28.21
N ARG D 227 -22.47 -20.57 -27.54
CA ARG D 227 -21.39 -20.27 -26.60
C ARG D 227 -21.41 -21.22 -25.42
N GLU D 228 -22.59 -21.55 -24.90
CA GLU D 228 -22.63 -22.51 -23.81
C GLU D 228 -22.35 -23.92 -24.30
N GLN D 229 -22.58 -24.20 -25.60
CA GLN D 229 -22.03 -25.42 -26.17
C GLN D 229 -20.52 -25.45 -26.03
N MET D 230 -19.85 -24.38 -26.48
CA MET D 230 -18.39 -24.32 -26.37
C MET D 230 -17.96 -24.44 -24.91
N LYS D 231 -18.71 -23.82 -24.00
CA LYS D 231 -18.42 -23.94 -22.58
C LYS D 231 -18.53 -25.38 -22.11
N ALA D 232 -19.49 -26.14 -22.66
CA ALA D 232 -19.60 -27.56 -22.37
C ALA D 232 -18.34 -28.30 -22.81
N ILE D 233 -17.93 -28.10 -24.07
CA ILE D 233 -16.71 -28.72 -24.56
C ILE D 233 -15.54 -28.40 -23.64
N GLN D 234 -15.42 -27.14 -23.23
CA GLN D 234 -14.27 -26.73 -22.43
C GLN D 234 -14.32 -27.35 -21.04
N LYS D 235 -15.44 -27.24 -20.34
CA LYS D 235 -15.51 -27.68 -18.95
C LYS D 235 -15.37 -29.19 -18.88
N GLU D 236 -15.69 -29.89 -19.98
CA GLU D 236 -15.33 -31.30 -20.09
C GLU D 236 -13.84 -31.52 -19.88
N LEU D 237 -13.00 -30.73 -20.54
CA LEU D 237 -11.52 -30.89 -20.42
C LEU D 237 -10.97 -29.83 -19.47
N GLY D 238 -11.19 -28.55 -19.76
CA GLY D 238 -10.66 -27.45 -18.96
C GLY D 238 -11.25 -27.37 -17.57
N GLY D 239 -12.58 -27.44 -17.49
CA GLY D 239 -13.27 -27.38 -16.22
C GLY D 239 -12.94 -28.56 -15.30
N GLU D 240 -12.96 -29.77 -15.86
CA GLU D 240 -12.62 -30.94 -15.07
C GLU D 240 -11.18 -30.87 -14.58
N ASP D 241 -10.29 -30.33 -15.40
CA ASP D 241 -8.93 -30.05 -14.95
C ASP D 241 -8.96 -29.06 -13.79
N GLY D 242 -9.83 -28.05 -13.86
CA GLY D 242 -9.99 -27.14 -12.74
C GLY D 242 -10.49 -27.85 -11.49
N LEU D 243 -11.48 -28.71 -11.64
CA LEU D 243 -11.91 -29.56 -10.53
C LEU D 243 -10.79 -30.49 -10.10
N SER D 244 -10.12 -31.10 -11.08
CA SER D 244 -8.97 -31.95 -10.77
C SER D 244 -7.86 -31.14 -10.11
N ASP D 245 -7.80 -29.84 -10.38
CA ASP D 245 -6.85 -28.98 -9.69
C ASP D 245 -7.18 -28.86 -8.21
N LEU D 246 -8.46 -28.64 -7.90
CA LEU D 246 -8.88 -28.55 -6.50
C LEU D 246 -8.81 -29.92 -5.82
N GLU D 247 -9.17 -30.98 -6.55
CA GLU D 247 -9.04 -32.32 -6.00
C GLU D 247 -7.58 -32.64 -5.69
N ALA D 248 -6.68 -32.27 -6.59
CA ALA D 248 -5.25 -32.42 -6.34
C ALA D 248 -4.75 -31.51 -5.24
N LEU D 249 -5.38 -30.35 -5.03
CA LEU D 249 -5.05 -29.51 -3.89
C LEU D 249 -5.39 -30.21 -2.57
N ARG D 250 -6.57 -30.83 -2.51
CA ARG D 250 -6.91 -31.63 -1.34
C ARG D 250 -5.98 -32.83 -1.20
N LYS D 251 -5.60 -33.44 -2.32
CA LYS D 251 -4.61 -34.52 -2.27
C LYS D 251 -3.29 -34.01 -1.71
N LYS D 252 -2.92 -32.76 -2.04
CA LYS D 252 -1.70 -32.17 -1.49
C LYS D 252 -1.83 -31.98 0.02
N ILE D 253 -2.97 -31.45 0.48
CA ILE D 253 -3.13 -31.24 1.92
C ILE D 253 -3.17 -32.57 2.65
N GLU D 254 -3.51 -33.64 1.93
CA GLU D 254 -3.52 -34.97 2.55
C GLU D 254 -2.12 -35.59 2.58
N GLU D 255 -1.40 -35.54 1.46
CA GLU D 255 -0.13 -36.24 1.33
C GLU D 255 0.92 -35.68 2.29
N VAL D 256 0.92 -34.36 2.47
CA VAL D 256 1.95 -33.72 3.30
C VAL D 256 1.90 -34.25 4.73
N GLY D 257 0.72 -34.65 5.18
CA GLY D 257 0.58 -35.12 6.56
C GLY D 257 0.74 -34.02 7.59
N MET D 258 0.18 -32.85 7.33
CA MET D 258 0.15 -31.75 8.29
C MET D 258 -0.64 -32.14 9.53
N PRO D 259 -0.31 -31.59 10.70
CA PRO D 259 -1.05 -31.93 11.92
C PRO D 259 -2.49 -31.45 11.84
N GLU D 260 -3.30 -31.93 12.80
CA GLU D 260 -4.75 -31.72 12.78
C GLU D 260 -5.14 -30.25 12.73
N ALA D 261 -4.48 -29.40 13.50
CA ALA D 261 -4.80 -27.97 13.50
C ALA D 261 -4.55 -27.38 12.11
N VAL D 262 -3.43 -27.73 11.49
CA VAL D 262 -3.11 -27.21 10.17
C VAL D 262 -4.08 -27.76 9.13
N LYS D 263 -4.48 -29.02 9.30
CA LYS D 263 -5.55 -29.62 8.48
C LYS D 263 -6.81 -28.78 8.54
N THR D 264 -7.27 -28.47 9.75
CA THR D 264 -8.51 -27.72 9.91
C THR D 264 -8.39 -26.30 9.34
N LYS D 265 -7.21 -25.68 9.53
CA LYS D 265 -6.99 -24.36 8.95
C LYS D 265 -7.07 -24.41 7.43
N ALA D 266 -6.44 -25.41 6.82
CA ALA D 266 -6.49 -25.55 5.37
C ALA D 266 -7.90 -25.81 4.89
N LEU D 267 -8.65 -26.63 5.62
CA LEU D 267 -10.03 -26.93 5.24
C LEU D 267 -10.89 -25.67 5.29
N LYS D 268 -10.77 -24.92 6.38
CA LYS D 268 -11.55 -23.66 6.53
C LYS D 268 -11.16 -22.68 5.42
N GLU D 269 -9.86 -22.62 5.09
CA GLU D 269 -9.40 -21.68 4.08
C GLU D 269 -9.94 -22.03 2.70
N LEU D 270 -9.90 -23.32 2.34
CA LEU D 270 -10.50 -23.71 1.07
C LEU D 270 -12.01 -23.52 1.09
N ASP D 271 -12.63 -23.63 2.28
CA ASP D 271 -14.06 -23.37 2.40
C ASP D 271 -14.39 -21.90 2.13
N ARG D 272 -13.59 -20.99 2.69
CA ARG D 272 -13.85 -19.57 2.42
C ARG D 272 -13.53 -19.21 0.99
N LEU D 273 -12.53 -19.86 0.38
CA LEU D 273 -12.22 -19.59 -1.02
C LEU D 273 -13.31 -20.09 -1.96
N GLU D 274 -13.87 -21.28 -1.69
CA GLU D 274 -14.85 -21.84 -2.61
C GLU D 274 -16.17 -21.07 -2.57
N ARG D 275 -16.51 -20.48 -1.42
CA ARG D 275 -17.75 -19.72 -1.33
C ARG D 275 -17.70 -18.48 -2.22
N MET D 276 -16.57 -17.77 -2.22
CA MET D 276 -16.45 -16.54 -2.98
C MET D 276 -16.10 -16.84 -4.44
N GLN D 277 -16.14 -15.80 -5.26
CA GLN D 277 -15.76 -15.91 -6.67
C GLN D 277 -14.28 -15.59 -6.83
N GLN D 278 -13.84 -15.43 -8.07
CA GLN D 278 -12.45 -15.13 -8.39
C GLN D 278 -12.33 -13.70 -8.91
N GLY D 279 -11.12 -13.34 -9.33
CA GLY D 279 -10.87 -12.01 -9.86
C GLY D 279 -11.00 -10.88 -8.85
N SER D 280 -10.51 -11.10 -7.63
CA SER D 280 -10.50 -10.06 -6.61
C SER D 280 -9.12 -9.98 -5.97
N PRO D 281 -8.72 -8.80 -5.51
CA PRO D 281 -7.37 -8.66 -4.94
C PRO D 281 -7.13 -9.53 -3.72
N GLU D 282 -8.13 -9.75 -2.87
CA GLU D 282 -7.95 -10.62 -1.71
C GLU D 282 -7.81 -12.07 -2.15
N ALA D 283 -8.46 -12.44 -3.24
CA ALA D 283 -8.39 -13.81 -3.74
C ALA D 283 -6.97 -14.21 -4.12
N THR D 284 -6.18 -13.30 -4.70
CA THR D 284 -4.80 -13.64 -5.05
C THR D 284 -3.99 -13.96 -3.81
N VAL D 285 -4.09 -13.10 -2.77
CA VAL D 285 -3.34 -13.33 -1.54
C VAL D 285 -3.77 -14.64 -0.89
N ALA D 286 -5.08 -14.89 -0.82
CA ALA D 286 -5.58 -16.12 -0.23
C ALA D 286 -5.09 -17.34 -1.00
N ARG D 287 -5.15 -17.27 -2.33
CA ARG D 287 -4.70 -18.38 -3.17
C ARG D 287 -3.24 -18.70 -2.94
N THR D 288 -2.38 -17.67 -2.98
CA THR D 288 -0.95 -17.91 -2.79
C THR D 288 -0.66 -18.43 -1.38
N TYR D 289 -1.32 -17.84 -0.38
CA TYR D 289 -1.02 -18.21 1.00
C TYR D 289 -1.48 -19.62 1.32
N LEU D 290 -2.61 -20.05 0.74
CA LEU D 290 -3.01 -21.45 0.83
C LEU D 290 -2.06 -22.36 0.07
N ASP D 291 -1.64 -21.94 -1.13
CA ASP D 291 -0.78 -22.77 -1.96
C ASP D 291 0.56 -23.02 -1.27
N TRP D 292 1.06 -22.04 -0.53
CA TRP D 292 2.33 -22.21 0.19
C TRP D 292 2.27 -23.43 1.11
N LEU D 293 1.26 -23.49 1.97
CA LEU D 293 1.18 -24.60 2.91
C LEU D 293 0.80 -25.91 2.22
N THR D 294 0.04 -25.84 1.12
CA THR D 294 -0.29 -27.07 0.42
C THR D 294 0.95 -27.68 -0.23
N GLU D 295 1.82 -26.85 -0.80
CA GLU D 295 3.00 -27.37 -1.48
C GLU D 295 4.15 -27.69 -0.53
N VAL D 296 4.21 -27.04 0.62
CA VAL D 296 5.24 -27.32 1.62
C VAL D 296 4.86 -28.61 2.34
N PRO D 297 5.69 -29.65 2.34
CA PRO D 297 5.30 -30.94 2.94
C PRO D 297 5.36 -30.94 4.46
N TRP D 298 4.89 -32.03 5.06
CA TRP D 298 5.00 -32.22 6.51
C TRP D 298 5.44 -33.61 6.94
N SER D 299 5.41 -34.62 6.07
CA SER D 299 5.70 -35.99 6.47
C SER D 299 6.90 -36.59 5.75
N LYS D 300 6.93 -36.53 4.43
CA LYS D 300 7.99 -37.20 3.68
C LYS D 300 9.35 -36.62 4.03
N ALA D 301 10.31 -37.50 4.32
CA ALA D 301 11.59 -37.10 4.87
C ALA D 301 12.71 -37.87 4.17
N ASP D 302 13.95 -37.49 4.47
CA ASP D 302 15.11 -38.13 3.92
C ASP D 302 15.32 -39.51 4.54
N PRO D 303 16.10 -40.37 3.90
CA PRO D 303 16.41 -41.68 4.51
C PRO D 303 17.11 -41.53 5.86
N GLU D 304 17.23 -42.66 6.54
CA GLU D 304 17.71 -42.69 7.92
C GLU D 304 19.23 -42.76 7.96
N VAL D 305 19.78 -43.02 9.15
CA VAL D 305 21.23 -43.06 9.33
C VAL D 305 21.83 -44.21 8.53
N LEU D 306 23.07 -44.03 8.10
CA LEU D 306 23.79 -45.01 7.30
C LEU D 306 25.12 -45.35 7.97
N ASP D 307 25.97 -46.07 7.25
CA ASP D 307 27.23 -46.58 7.79
C ASP D 307 28.21 -45.48 8.18
N ILE D 308 28.42 -45.36 9.50
CA ILE D 308 29.22 -44.27 10.06
C ILE D 308 30.67 -44.35 9.60
N ASN D 309 31.22 -45.57 9.46
CA ASN D 309 32.60 -45.68 9.01
C ASN D 309 32.76 -45.10 7.60
N HIS D 310 31.85 -45.46 6.69
CA HIS D 310 31.93 -44.94 5.33
C HIS D 310 31.70 -43.43 5.31
N THR D 311 30.78 -42.93 6.14
CA THR D 311 30.64 -41.48 6.24
C THR D 311 31.95 -40.83 6.71
N ARG D 312 32.62 -41.46 7.68
CA ARG D 312 33.86 -40.93 8.22
C ARG D 312 34.97 -40.89 7.19
N GLN D 313 35.06 -41.89 6.32
CA GLN D 313 36.06 -41.73 5.25
C GLN D 313 35.62 -40.73 4.19
N VAL D 314 34.34 -40.77 3.78
CA VAL D 314 33.93 -39.94 2.64
C VAL D 314 33.99 -38.46 3.02
N LEU D 315 33.97 -38.15 4.31
CA LEU D 315 34.32 -36.80 4.74
C LEU D 315 35.83 -36.60 4.82
N ASP D 316 36.63 -37.64 4.57
CA ASP D 316 38.08 -37.55 4.68
C ASP D 316 38.81 -37.51 3.34
N GLU D 317 38.35 -38.22 2.30
CA GLU D 317 39.08 -38.12 1.05
C GLU D 317 38.94 -36.75 0.39
N ASP D 318 37.88 -36.00 0.71
CA ASP D 318 37.63 -34.71 0.06
C ASP D 318 38.21 -33.54 0.83
N HIS D 319 38.84 -33.78 1.97
CA HIS D 319 39.41 -32.69 2.77
C HIS D 319 40.73 -33.17 3.38
N TYR D 320 41.75 -32.33 3.31
CA TYR D 320 43.10 -32.71 3.70
C TYR D 320 43.23 -32.66 5.21
N GLY D 321 43.14 -33.83 5.86
CA GLY D 321 43.37 -33.92 7.28
C GLY D 321 42.44 -33.05 8.09
N LEU D 322 43.00 -32.44 9.15
CA LEU D 322 42.28 -31.51 10.02
C LEU D 322 41.05 -32.17 10.65
N LYS D 323 41.33 -33.17 11.49
CA LYS D 323 40.30 -33.92 12.21
C LYS D 323 39.65 -33.13 13.35
N ASP D 324 39.95 -31.83 13.49
CA ASP D 324 39.39 -31.06 14.60
C ASP D 324 37.87 -30.97 14.51
N VAL D 325 37.34 -30.80 13.31
CA VAL D 325 35.91 -30.57 13.12
C VAL D 325 35.23 -31.88 12.73
N LYS D 326 35.99 -32.76 12.08
CA LYS D 326 35.42 -33.96 11.48
C LYS D 326 34.83 -34.92 12.52
N GLU D 327 35.26 -34.84 13.77
CA GLU D 327 34.73 -35.72 14.81
C GLU D 327 33.36 -35.28 15.31
N ARG D 328 32.98 -34.02 15.10
CA ARG D 328 31.70 -33.54 15.60
C ARG D 328 30.53 -34.19 14.85
N ILE D 329 30.68 -34.37 13.55
CA ILE D 329 29.63 -35.03 12.77
C ILE D 329 29.43 -36.46 13.26
N LEU D 330 30.52 -37.14 13.60
CA LEU D 330 30.40 -38.47 14.20
C LEU D 330 29.69 -38.39 15.54
N GLU D 331 30.12 -37.47 16.41
CA GLU D 331 29.59 -37.41 17.78
C GLU D 331 28.15 -36.96 17.81
N TYR D 332 27.63 -36.51 16.67
CA TYR D 332 26.20 -36.26 16.53
C TYR D 332 25.47 -37.42 15.87
N LEU D 333 25.97 -37.91 14.73
CA LEU D 333 25.27 -38.95 13.98
C LEU D 333 25.18 -40.25 14.75
N ALA D 334 26.29 -40.72 15.33
CA ALA D 334 26.20 -42.00 16.04
C ALA D 334 25.48 -41.87 17.38
N VAL D 335 25.44 -40.67 17.96
CA VAL D 335 24.59 -40.45 19.12
C VAL D 335 23.12 -40.60 18.73
N ARG D 336 22.73 -39.99 17.59
CA ARG D 336 21.37 -40.23 17.09
C ARG D 336 21.14 -41.68 16.73
N GLN D 337 22.21 -42.37 16.32
CA GLN D 337 22.09 -43.83 16.00
C GLN D 337 21.79 -44.59 17.29
N LEU D 338 22.53 -44.29 18.36
CA LEU D 338 22.31 -44.98 19.67
C LEU D 338 20.98 -44.48 20.26
N THR D 339 20.61 -43.23 19.99
CA THR D 339 19.33 -42.67 20.49
C THR D 339 18.25 -42.80 19.41
N GLN D 340 18.52 -43.58 18.36
CA GLN D 340 17.53 -43.78 17.28
C GLN D 340 16.24 -44.31 17.92
N GLY D 341 16.34 -45.31 18.79
CA GLY D 341 15.15 -45.80 19.52
C GLY D 341 14.91 -44.96 20.76
N LEU D 342 15.93 -44.24 21.21
CA LEU D 342 15.81 -43.37 22.42
C LEU D 342 15.38 -41.97 21.98
N ASP D 343 14.13 -41.82 21.53
CA ASP D 343 13.62 -40.48 21.11
C ASP D 343 13.80 -39.51 22.27
N VAL D 344 14.51 -38.40 22.04
CA VAL D 344 14.79 -37.41 23.13
C VAL D 344 14.68 -35.99 22.55
N ARG D 345 14.40 -35.86 21.25
CA ARG D 345 14.39 -34.52 20.62
C ARG D 345 15.73 -33.85 20.93
N ASN D 346 16.81 -34.35 20.32
CA ASN D 346 18.18 -33.81 20.62
C ASN D 346 18.11 -32.30 20.89
N LYS D 347 18.52 -31.89 22.09
CA LYS D 347 18.52 -30.44 22.46
C LYS D 347 19.83 -29.82 21.98
N ALA D 348 20.80 -30.64 21.57
CA ALA D 348 22.12 -30.12 21.15
C ALA D 348 21.92 -28.84 20.33
N PRO D 349 22.51 -27.70 20.74
CA PRO D 349 22.31 -26.43 20.04
C PRO D 349 22.83 -26.48 18.59
N ILE D 350 22.41 -25.53 17.76
CA ILE D 350 22.82 -25.50 16.32
C ILE D 350 24.35 -25.40 16.22
N LEU D 351 24.93 -25.63 15.04
CA LEU D 351 26.41 -25.67 14.95
C LEU D 351 26.93 -24.36 14.32
N VAL D 352 28.21 -24.03 14.54
CA VAL D 352 28.79 -22.83 13.97
C VAL D 352 30.23 -23.14 13.60
N LEU D 353 30.72 -22.52 12.54
CA LEU D 353 32.10 -22.66 12.08
C LEU D 353 32.72 -21.28 12.01
N VAL D 354 33.67 -21.01 12.90
CA VAL D 354 34.29 -19.69 13.01
C VAL D 354 35.70 -19.78 12.44
N GLY D 355 35.98 -18.97 11.41
CA GLY D 355 37.27 -18.97 10.78
C GLY D 355 37.38 -17.92 9.69
N PRO D 356 38.58 -17.74 9.15
CA PRO D 356 38.77 -16.75 8.10
C PRO D 356 38.06 -17.17 6.83
N PRO D 357 37.67 -16.22 5.98
CA PRO D 357 37.05 -16.58 4.71
C PRO D 357 38.06 -17.23 3.76
N GLY D 358 37.52 -18.02 2.84
CA GLY D 358 38.31 -18.76 1.90
C GLY D 358 38.57 -20.21 2.29
N VAL D 359 38.45 -20.52 3.58
CA VAL D 359 38.55 -21.91 4.02
C VAL D 359 37.30 -22.66 3.56
N GLY D 360 37.45 -23.96 3.34
CA GLY D 360 36.35 -24.75 2.83
C GLY D 360 35.27 -25.04 3.83
N LYS D 361 34.83 -24.02 4.58
CA LYS D 361 33.73 -24.20 5.52
C LYS D 361 32.45 -24.58 4.80
N THR D 362 32.15 -23.88 3.70
CA THR D 362 30.95 -24.19 2.93
C THR D 362 31.07 -25.54 2.26
N SER D 363 32.28 -25.93 1.85
CA SER D 363 32.50 -27.27 1.30
C SER D 363 32.26 -28.34 2.35
N LEU D 364 32.56 -28.02 3.63
CA LEU D 364 32.19 -28.93 4.71
C LEU D 364 30.69 -29.17 4.71
N GLY D 365 29.90 -28.20 4.28
CA GLY D 365 28.46 -28.41 4.20
C GLY D 365 28.10 -29.55 3.27
N ARG D 366 28.66 -29.53 2.05
CA ARG D 366 28.41 -30.65 1.14
C ARG D 366 29.02 -31.94 1.64
N SER D 367 30.20 -31.89 2.27
CA SER D 367 30.79 -33.12 2.77
C SER D 367 29.88 -33.78 3.81
N ILE D 368 29.40 -32.99 4.77
CA ILE D 368 28.52 -33.53 5.81
C ILE D 368 27.20 -33.99 5.22
N ALA D 369 26.63 -33.21 4.30
CA ALA D 369 25.36 -33.58 3.70
C ALA D 369 25.48 -34.89 2.91
N ARG D 370 26.55 -35.03 2.12
CA ARG D 370 26.76 -36.26 1.36
C ARG D 370 27.05 -37.44 2.29
N SER D 371 27.72 -37.21 3.41
CA SER D 371 27.84 -38.26 4.41
C SER D 371 26.48 -38.67 4.93
N MET D 372 25.60 -37.69 5.16
CA MET D 372 24.24 -37.96 5.60
C MET D 372 23.29 -38.31 4.45
N ASN D 373 23.71 -38.07 3.20
CA ASN D 373 22.83 -38.19 2.03
C ASN D 373 21.56 -37.37 2.22
N ARG D 374 21.71 -36.14 2.69
CA ARG D 374 20.61 -35.21 2.91
C ARG D 374 20.81 -33.97 2.05
N LYS D 375 19.69 -33.40 1.59
CA LYS D 375 19.72 -32.30 0.64
C LYS D 375 20.32 -31.05 1.28
N PHE D 376 21.21 -30.39 0.55
CA PHE D 376 21.91 -29.21 1.03
C PHE D 376 21.46 -27.99 0.24
N HIS D 377 21.28 -26.86 0.93
CA HIS D 377 20.85 -25.63 0.29
C HIS D 377 21.36 -24.44 1.10
N ARG D 378 22.31 -23.70 0.52
CA ARG D 378 22.81 -22.50 1.17
C ARG D 378 21.78 -21.38 1.10
N ILE D 379 21.69 -20.60 2.17
CA ILE D 379 20.79 -19.45 2.24
C ILE D 379 21.64 -18.21 2.45
N SER D 380 21.48 -17.23 1.55
CA SER D 380 22.30 -16.03 1.55
C SER D 380 21.72 -15.03 2.55
N LEU D 381 22.40 -14.90 3.69
CA LEU D 381 22.08 -13.92 4.72
C LEU D 381 23.21 -12.90 4.82
N GLY D 382 23.16 -12.08 5.88
CA GLY D 382 24.19 -11.09 6.10
C GLY D 382 23.87 -9.74 5.49
N GLY D 383 23.45 -9.75 4.22
CA GLY D 383 23.07 -8.53 3.54
C GLY D 383 21.65 -8.06 3.82
N VAL D 384 20.91 -8.80 4.66
CA VAL D 384 19.54 -8.42 4.97
C VAL D 384 19.52 -7.23 5.93
N ARG D 385 18.34 -6.63 6.07
CA ARG D 385 18.19 -5.42 6.87
C ARG D 385 17.03 -5.45 7.86
N ASP D 386 15.99 -6.25 7.62
CA ASP D 386 14.78 -6.20 8.43
C ASP D 386 14.43 -7.60 8.92
N GLU D 387 13.32 -7.68 9.67
CA GLU D 387 12.84 -8.94 10.21
C GLU D 387 11.82 -9.62 9.32
N ALA D 388 11.09 -8.82 8.53
CA ALA D 388 9.97 -9.31 7.69
C ALA D 388 10.45 -10.16 6.51
N GLU D 389 11.76 -10.31 6.31
CA GLU D 389 12.29 -11.16 5.25
C GLU D 389 12.73 -12.53 5.77
N ILE D 390 13.21 -12.60 7.01
CA ILE D 390 13.48 -13.89 7.64
C ILE D 390 12.17 -14.66 7.80
N ARG D 391 11.18 -13.96 8.36
CA ARG D 391 9.81 -14.54 8.46
C ARG D 391 8.91 -13.69 7.58
N GLY D 392 8.05 -14.30 6.77
CA GLY D 392 7.20 -13.53 5.84
C GLY D 392 6.43 -12.45 6.56
N HIS D 393 6.46 -11.19 6.07
CA HIS D 393 5.74 -10.05 6.70
C HIS D 393 4.26 -10.37 6.80
N ARG D 394 3.48 -9.50 7.47
CA ARG D 394 2.02 -9.76 7.65
C ARG D 394 1.34 -9.84 6.28
N ARG D 395 0.40 -10.77 6.13
CA ARG D 395 -0.35 -10.91 4.85
C ARG D 395 -1.04 -9.59 4.51
N THR D 396 -1.45 -8.82 5.53
CA THR D 396 -2.20 -7.56 5.29
C THR D 396 -1.36 -6.56 4.50
N TYR D 397 -0.13 -6.29 4.93
CA TYR D 397 0.73 -5.38 4.13
C TYR D 397 0.71 -5.86 2.68
N ILE D 398 0.68 -4.93 1.72
CA ILE D 398 0.56 -5.32 0.28
C ILE D 398 1.76 -6.18 -0.12
N GLY D 399 1.59 -7.07 -1.11
CA GLY D 399 2.70 -7.90 -1.61
C GLY D 399 3.31 -8.72 -0.48
N ALA D 400 2.48 -9.53 0.18
CA ALA D 400 2.97 -10.36 1.31
C ALA D 400 3.70 -11.59 0.76
N MET D 401 4.95 -11.81 1.17
CA MET D 401 5.72 -13.01 0.74
C MET D 401 6.36 -13.65 1.96
N PRO D 402 6.44 -14.99 2.05
CA PRO D 402 6.98 -15.66 3.24
C PRO D 402 8.47 -15.37 3.40
N GLY D 403 9.03 -15.69 4.57
CA GLY D 403 10.46 -15.44 4.84
C GLY D 403 11.35 -16.36 4.01
N LYS D 404 12.60 -15.95 3.76
CA LYS D 404 13.51 -16.74 2.91
C LYS D 404 13.60 -18.17 3.45
N LEU D 405 13.61 -18.33 4.77
CA LEU D 405 13.75 -19.67 5.37
C LEU D 405 12.74 -20.62 4.72
N ILE D 406 11.45 -20.44 5.01
CA ILE D 406 10.42 -21.29 4.46
C ILE D 406 10.51 -21.38 2.95
N HIS D 407 11.14 -20.40 2.28
CA HIS D 407 11.45 -20.58 0.86
C HIS D 407 12.39 -21.75 0.65
N ALA D 408 13.47 -21.83 1.45
CA ALA D 408 14.38 -22.96 1.37
C ALA D 408 13.68 -24.25 1.75
N MET D 409 12.77 -24.20 2.73
CA MET D 409 11.98 -25.38 3.06
C MET D 409 11.12 -25.82 1.89
N LYS D 410 10.57 -24.86 1.14
CA LYS D 410 9.84 -25.18 -0.09
C LYS D 410 10.74 -25.85 -1.11
N GLN D 411 11.96 -25.33 -1.28
CA GLN D 411 12.85 -25.85 -2.32
C GLN D 411 13.14 -27.33 -2.13
N VAL D 412 13.32 -27.77 -0.88
CA VAL D 412 13.53 -29.18 -0.60
C VAL D 412 12.19 -29.89 -0.51
N GLY D 413 12.17 -31.15 -0.91
CA GLY D 413 10.99 -31.98 -0.86
C GLY D 413 10.90 -32.89 0.35
N VAL D 414 11.78 -32.71 1.34
CA VAL D 414 11.81 -33.55 2.53
C VAL D 414 11.76 -32.65 3.77
N ILE D 415 11.38 -33.26 4.90
CA ILE D 415 11.22 -32.52 6.14
C ILE D 415 12.52 -32.43 6.93
N ASN D 416 13.55 -33.19 6.56
CA ASN D 416 14.82 -33.20 7.28
C ASN D 416 15.97 -32.95 6.31
N PRO D 417 16.07 -31.73 5.75
CA PRO D 417 17.26 -31.38 4.97
C PRO D 417 18.36 -30.84 5.88
N VAL D 418 19.45 -30.36 5.27
CA VAL D 418 20.47 -29.61 5.99
C VAL D 418 20.51 -28.21 5.42
N ILE D 419 20.62 -27.22 6.30
CA ILE D 419 20.61 -25.81 5.92
C ILE D 419 21.87 -25.17 6.46
N LEU D 420 22.56 -24.41 5.61
CA LEU D 420 23.74 -23.67 6.01
C LEU D 420 23.42 -22.19 6.13
N LEU D 421 23.83 -21.59 7.24
CA LEU D 421 23.56 -20.19 7.56
C LEU D 421 24.91 -19.47 7.55
N ASP D 422 25.20 -18.82 6.42
CA ASP D 422 26.55 -18.30 6.18
C ASP D 422 26.76 -16.93 6.80
N GLU D 423 27.95 -16.75 7.37
CA GLU D 423 28.53 -15.45 7.77
C GLU D 423 27.49 -14.56 8.47
N ILE D 424 27.02 -15.04 9.62
CA ILE D 424 26.06 -14.29 10.41
C ILE D 424 26.65 -13.08 11.12
N ASP D 425 27.98 -12.97 11.19
CA ASP D 425 28.63 -11.92 11.97
C ASP D 425 28.89 -10.68 11.13
N LYS D 426 28.08 -10.46 10.11
CA LYS D 426 28.17 -9.24 9.29
C LYS D 426 26.78 -8.68 9.01
N ARG D 432 14.56 1.23 10.95
CA ARG D 432 15.20 0.09 10.28
C ARG D 432 15.03 -1.19 11.11
N GLY D 433 14.99 -2.31 10.41
CA GLY D 433 14.82 -3.59 11.08
C GLY D 433 16.07 -4.03 11.82
N ASP D 434 15.87 -4.93 12.78
CA ASP D 434 16.95 -5.52 13.58
C ASP D 434 16.82 -7.03 13.50
N PRO D 435 17.33 -7.64 12.43
CA PRO D 435 17.16 -9.09 12.24
C PRO D 435 17.85 -9.94 13.29
N ALA D 436 18.71 -9.35 14.13
CA ALA D 436 19.40 -10.12 15.16
C ALA D 436 18.42 -10.76 16.13
N SER D 437 17.43 -9.99 16.58
CA SER D 437 16.42 -10.46 17.57
C SER D 437 15.46 -11.45 16.91
N ALA D 438 15.18 -11.30 15.60
CA ALA D 438 14.23 -12.17 14.93
C ALA D 438 14.73 -13.60 14.85
N MET D 439 16.04 -13.78 14.67
CA MET D 439 16.62 -15.12 14.52
C MET D 439 16.62 -15.91 15.82
N LEU D 440 16.35 -15.26 16.97
CA LEU D 440 16.34 -15.98 18.24
C LEU D 440 15.27 -17.06 18.25
N GLU D 441 14.08 -16.75 17.76
CA GLU D 441 13.03 -17.75 17.68
C GLU D 441 13.23 -18.71 16.50
N VAL D 442 13.92 -18.25 15.44
CA VAL D 442 14.18 -19.12 14.30
C VAL D 442 15.12 -20.25 14.71
N LEU D 443 16.24 -19.90 15.37
CA LEU D 443 17.16 -20.89 15.91
C LEU D 443 16.87 -21.09 17.40
N ASP D 444 15.73 -21.75 17.66
CA ASP D 444 15.25 -21.99 19.01
C ASP D 444 15.61 -23.42 19.40
N PRO D 445 16.72 -23.63 20.09
CA PRO D 445 17.17 -25.02 20.33
C PRO D 445 16.22 -25.84 21.18
N GLU D 446 15.56 -25.24 22.17
CA GLU D 446 14.79 -26.02 23.13
C GLU D 446 13.56 -26.66 22.47
N GLN D 447 12.78 -25.87 21.73
CA GLN D 447 11.57 -26.39 21.10
C GLN D 447 11.71 -26.51 19.58
N ASN D 448 12.01 -25.41 18.89
CA ASN D 448 12.10 -25.36 17.43
C ASN D 448 10.85 -25.91 16.74
N ASN D 449 9.71 -25.96 17.44
CA ASN D 449 8.45 -26.42 16.86
C ASN D 449 7.44 -25.30 16.68
N THR D 450 7.21 -24.49 17.71
CA THR D 450 6.16 -23.48 17.69
C THR D 450 6.56 -22.22 16.94
N PHE D 451 7.66 -22.23 16.20
CA PHE D 451 8.04 -21.07 15.41
C PHE D 451 7.00 -20.80 14.34
N THR D 452 6.60 -19.53 14.22
CA THR D 452 5.58 -19.12 13.27
C THR D 452 5.99 -17.81 12.63
N ASP D 453 6.15 -17.82 11.31
CA ASP D 453 6.38 -16.58 10.59
C ASP D 453 5.09 -15.76 10.51
N HIS D 454 5.25 -14.47 10.20
CA HIS D 454 4.10 -13.58 10.13
C HIS D 454 3.17 -13.95 8.99
N TYR D 455 3.74 -14.38 7.86
CA TYR D 455 2.91 -14.69 6.69
C TYR D 455 1.97 -15.86 6.98
N LEU D 456 2.47 -16.91 7.60
CA LEU D 456 1.64 -18.07 7.92
C LEU D 456 1.03 -17.92 9.31
N ASP D 457 0.00 -18.72 9.57
CA ASP D 457 -0.69 -18.74 10.85
C ASP D 457 -0.24 -19.92 11.72
N VAL D 458 -0.18 -21.11 11.15
CA VAL D 458 0.15 -22.31 11.92
C VAL D 458 1.66 -22.38 12.11
N PRO D 459 2.16 -22.98 13.21
CA PRO D 459 3.60 -23.14 13.37
C PRO D 459 4.13 -24.33 12.57
N TYR D 460 5.36 -24.18 12.09
CA TYR D 460 6.04 -25.25 11.35
C TYR D 460 7.08 -25.92 12.22
N ASP D 461 7.15 -27.25 12.13
CA ASP D 461 8.07 -28.06 12.92
C ASP D 461 9.40 -28.15 12.19
N LEU D 462 10.17 -27.07 12.25
CA LEU D 462 11.51 -27.04 11.67
C LEU D 462 12.57 -27.43 12.71
N SER D 463 12.33 -28.54 13.39
CA SER D 463 13.23 -29.00 14.45
C SER D 463 14.12 -30.15 14.02
N LYS D 464 13.61 -31.08 13.20
CA LYS D 464 14.43 -32.18 12.71
C LYS D 464 15.47 -31.71 11.71
N VAL D 465 15.31 -30.51 11.15
CA VAL D 465 16.27 -29.98 10.18
C VAL D 465 17.56 -29.65 10.90
N PHE D 466 18.67 -30.17 10.39
CA PHE D 466 19.99 -29.86 10.94
C PHE D 466 20.42 -28.46 10.53
N PHE D 467 21.03 -27.74 11.47
CA PHE D 467 21.45 -26.37 11.26
C PHE D 467 22.96 -26.27 11.46
N ILE D 468 23.64 -25.67 10.48
CA ILE D 468 25.07 -25.42 10.53
C ILE D 468 25.33 -23.97 10.15
N THR D 469 26.37 -23.38 10.73
CA THR D 469 26.62 -21.96 10.59
C THR D 469 28.10 -21.72 10.34
N THR D 470 28.39 -20.65 9.59
CA THR D 470 29.75 -20.15 9.40
C THR D 470 29.80 -18.70 9.85
N ALA D 471 30.98 -18.27 10.31
CA ALA D 471 31.15 -16.91 10.80
C ALA D 471 32.61 -16.52 10.70
N ASN D 472 32.85 -15.27 10.28
CA ASN D 472 34.22 -14.76 10.19
C ASN D 472 34.87 -14.66 11.56
N THR D 473 34.13 -14.16 12.55
CA THR D 473 34.66 -13.93 13.89
C THR D 473 33.50 -13.93 14.88
N LEU D 474 33.79 -13.51 16.12
CA LEU D 474 32.78 -13.47 17.17
C LEU D 474 32.50 -12.06 17.70
N GLN D 475 33.27 -11.06 17.26
CA GLN D 475 33.13 -9.72 17.82
C GLN D 475 31.81 -9.04 17.47
N THR D 476 31.14 -9.47 16.40
CA THR D 476 29.90 -8.85 15.98
C THR D 476 28.67 -9.72 16.14
N ILE D 477 28.83 -10.99 16.51
CA ILE D 477 27.65 -11.84 16.75
C ILE D 477 26.91 -11.30 17.96
N PRO D 478 25.57 -11.20 17.91
CA PRO D 478 24.83 -10.77 19.11
C PRO D 478 25.04 -11.74 20.26
N ARG D 479 25.07 -11.19 21.48
CA ARG D 479 25.32 -12.02 22.66
C ARG D 479 24.25 -13.08 22.89
N PRO D 480 22.95 -12.76 22.91
CA PRO D 480 21.96 -13.82 23.18
C PRO D 480 21.99 -14.95 22.15
N LEU D 481 22.26 -14.64 20.88
CA LEU D 481 22.39 -15.69 19.89
C LEU D 481 23.68 -16.48 20.10
N LEU D 482 24.80 -15.79 20.30
CA LEU D 482 26.09 -16.45 20.41
C LEU D 482 26.14 -17.40 21.59
N ASP D 483 25.51 -17.03 22.70
CA ASP D 483 25.50 -17.89 23.87
C ASP D 483 24.65 -19.15 23.71
N ARG D 484 23.86 -19.25 22.63
CA ARG D 484 22.87 -20.31 22.51
C ARG D 484 23.31 -21.49 21.65
N MET D 485 24.52 -21.48 21.09
CA MET D 485 25.06 -22.66 20.43
C MET D 485 26.52 -22.86 20.78
N GLU D 486 26.97 -24.10 20.61
CA GLU D 486 28.38 -24.45 20.79
C GLU D 486 29.21 -23.84 19.68
N VAL D 487 30.46 -23.50 20.01
CA VAL D 487 31.35 -22.78 19.10
C VAL D 487 32.45 -23.73 18.64
N ILE D 488 32.64 -23.81 17.33
CA ILE D 488 33.73 -24.57 16.71
C ILE D 488 34.61 -23.61 15.96
N GLU D 489 35.91 -23.63 16.25
CA GLU D 489 36.87 -22.73 15.63
C GLU D 489 37.54 -23.43 14.45
N ILE D 490 37.52 -22.78 13.29
CA ILE D 490 38.20 -23.29 12.11
C ILE D 490 39.66 -22.86 12.16
N PRO D 491 40.59 -23.81 12.23
CA PRO D 491 42.02 -23.43 12.36
C PRO D 491 42.55 -22.64 11.19
N GLY D 492 42.06 -22.88 9.98
CA GLY D 492 42.63 -22.26 8.81
C GLY D 492 43.55 -23.18 8.04
N TYR D 493 44.61 -22.64 7.45
CA TYR D 493 45.55 -23.47 6.69
C TYR D 493 46.94 -22.86 6.77
N THR D 494 47.95 -23.71 6.60
CA THR D 494 49.34 -23.32 6.56
C THR D 494 49.85 -23.44 5.13
N ASN D 495 51.13 -23.08 4.94
CA ASN D 495 51.73 -23.19 3.62
C ASN D 495 51.76 -24.65 3.15
N MET D 496 52.14 -25.57 4.04
CA MET D 496 52.20 -26.98 3.68
C MET D 496 50.82 -27.53 3.36
N GLU D 497 49.81 -27.18 4.17
CA GLU D 497 48.46 -27.65 3.92
C GLU D 497 47.92 -27.09 2.62
N LYS D 498 48.15 -25.80 2.35
CA LYS D 498 47.72 -25.22 1.09
C LYS D 498 48.42 -25.87 -0.09
N GLN D 499 49.71 -26.17 0.05
CA GLN D 499 50.44 -26.85 -1.01
C GLN D 499 49.88 -28.23 -1.27
N ALA D 500 49.53 -28.97 -0.22
CA ALA D 500 48.91 -30.28 -0.40
C ALA D 500 47.55 -30.16 -1.08
N ILE D 501 46.75 -29.17 -0.68
CA ILE D 501 45.44 -28.98 -1.30
C ILE D 501 45.60 -28.68 -2.78
N ALA D 502 46.54 -27.81 -3.14
CA ALA D 502 46.81 -27.51 -4.54
C ALA D 502 47.51 -28.68 -5.24
N ARG D 503 48.06 -29.62 -4.49
CA ARG D 503 48.74 -30.76 -5.10
C ARG D 503 47.77 -31.85 -5.51
N GLN D 504 47.02 -32.40 -4.55
CA GLN D 504 46.21 -33.58 -4.82
C GLN D 504 44.71 -33.31 -4.87
N TYR D 505 44.25 -32.09 -4.53
CA TYR D 505 42.83 -31.81 -4.49
C TYR D 505 42.39 -30.76 -5.51
N LEU D 506 43.05 -29.60 -5.56
CA LEU D 506 42.49 -28.47 -6.28
C LEU D 506 42.98 -28.40 -7.72
N TRP D 507 44.29 -28.59 -7.93
CA TRP D 507 44.82 -28.58 -9.30
C TRP D 507 44.24 -29.69 -10.17
N PRO D 508 44.14 -30.96 -9.71
CA PRO D 508 43.47 -31.96 -10.55
C PRO D 508 42.02 -31.61 -10.87
N LYS D 509 41.30 -31.04 -9.91
CA LYS D 509 39.91 -30.66 -10.16
C LYS D 509 39.83 -29.55 -11.20
N GLN D 510 40.73 -28.57 -11.15
CA GLN D 510 40.76 -27.54 -12.17
C GLN D 510 41.13 -28.12 -13.53
N VAL D 511 42.08 -29.05 -13.57
CA VAL D 511 42.46 -29.69 -14.83
C VAL D 511 41.27 -30.42 -15.44
N ARG D 512 40.52 -31.15 -14.61
CA ARG D 512 39.34 -31.83 -15.10
C ARG D 512 38.26 -30.84 -15.56
N GLU D 513 38.10 -29.74 -14.82
CA GLU D 513 37.04 -28.79 -15.12
C GLU D 513 37.26 -28.09 -16.46
N SER D 514 38.51 -27.69 -16.75
CA SER D 514 38.79 -26.93 -17.96
C SER D 514 38.85 -27.80 -19.21
N GLY D 515 38.84 -29.12 -19.06
CA GLY D 515 38.96 -30.00 -20.21
C GLY D 515 40.40 -30.22 -20.63
N MET D 516 41.21 -29.17 -20.50
CA MET D 516 42.64 -29.28 -20.76
C MET D 516 43.26 -30.29 -19.81
N GLU D 517 43.96 -31.27 -20.37
CA GLU D 517 44.40 -32.45 -19.64
C GLU D 517 45.80 -32.26 -19.08
N GLY D 518 46.37 -33.34 -18.55
CA GLY D 518 47.66 -33.27 -17.89
C GLY D 518 48.83 -33.04 -18.82
N ARG D 519 48.79 -31.93 -19.56
CA ARG D 519 49.88 -31.56 -20.46
C ARG D 519 50.85 -30.56 -19.84
N ILE D 520 50.39 -29.75 -18.89
CA ILE D 520 51.26 -28.84 -18.14
C ILE D 520 50.97 -29.04 -16.66
N GLU D 521 51.96 -28.70 -15.83
CA GLU D 521 51.84 -28.93 -14.40
C GLU D 521 52.82 -28.00 -13.68
N VAL D 522 52.41 -27.51 -12.52
CA VAL D 522 53.18 -26.53 -11.77
C VAL D 522 53.90 -27.21 -10.61
N THR D 523 55.17 -26.87 -10.42
CA THR D 523 55.99 -27.55 -9.44
C THR D 523 55.65 -27.10 -8.02
N ASP D 524 55.93 -27.98 -7.06
CA ASP D 524 55.71 -27.66 -5.65
C ASP D 524 56.57 -26.49 -5.20
N ALA D 525 57.78 -26.35 -5.76
CA ALA D 525 58.59 -25.19 -5.47
C ALA D 525 58.02 -23.91 -6.07
N ALA D 526 57.12 -24.04 -7.06
CA ALA D 526 56.44 -22.88 -7.62
C ALA D 526 55.15 -22.57 -6.88
N ILE D 527 54.54 -23.56 -6.22
CA ILE D 527 53.35 -23.30 -5.44
C ILE D 527 53.67 -22.34 -4.29
N LEU D 528 54.82 -22.51 -3.65
CA LEU D 528 55.21 -21.58 -2.59
C LEU D 528 55.42 -20.17 -3.14
N ARG D 529 56.03 -20.04 -4.32
CA ARG D 529 56.19 -18.73 -4.93
C ARG D 529 54.84 -18.06 -5.18
N VAL D 530 53.91 -18.78 -5.80
CA VAL D 530 52.62 -18.16 -6.11
C VAL D 530 51.85 -17.84 -4.84
N ILE D 531 51.92 -18.70 -3.82
CA ILE D 531 51.25 -18.42 -2.55
C ILE D 531 51.85 -17.22 -1.84
N SER D 532 53.18 -17.09 -1.83
CA SER D 532 53.82 -15.99 -1.13
C SER D 532 53.67 -14.66 -1.87
N GLU D 533 53.63 -14.68 -3.21
CA GLU D 533 53.63 -13.44 -3.98
C GLU D 533 52.24 -12.97 -4.38
N TYR D 534 51.35 -13.87 -4.78
CA TYR D 534 50.10 -13.44 -5.42
C TYR D 534 48.86 -13.63 -4.56
N THR D 535 48.95 -14.31 -3.42
CA THR D 535 47.78 -14.58 -2.59
C THR D 535 48.05 -14.12 -1.17
N ARG D 536 47.12 -13.35 -0.61
CA ARG D 536 47.21 -12.87 0.77
C ARG D 536 45.88 -13.14 1.46
N GLU D 537 45.74 -14.37 1.97
CA GLU D 537 44.55 -14.80 2.68
C GLU D 537 44.83 -16.16 3.31
N ALA D 538 44.19 -16.41 4.45
CA ALA D 538 44.31 -17.71 5.09
C ALA D 538 43.53 -18.80 4.36
N GLY D 539 42.61 -18.42 3.47
CA GLY D 539 41.84 -19.38 2.71
C GLY D 539 42.52 -19.77 1.42
N VAL D 540 41.73 -20.36 0.52
CA VAL D 540 42.23 -20.86 -0.75
C VAL D 540 41.42 -20.36 -1.94
N ARG D 541 40.53 -19.40 -1.75
CA ARG D 541 39.75 -18.89 -2.88
C ARG D 541 40.63 -18.17 -3.89
N GLY D 542 41.54 -17.32 -3.41
CA GLY D 542 42.46 -16.64 -4.31
C GLY D 542 43.36 -17.62 -5.03
N LEU D 543 43.85 -18.63 -4.31
CA LEU D 543 44.69 -19.65 -4.93
C LEU D 543 43.93 -20.42 -6.00
N GLU D 544 42.67 -20.76 -5.73
CA GLU D 544 41.87 -21.47 -6.71
C GLU D 544 41.64 -20.60 -7.95
N ARG D 545 41.34 -19.32 -7.75
CA ARG D 545 41.18 -18.41 -8.89
C ARG D 545 42.45 -18.33 -9.72
N GLU D 546 43.59 -18.17 -9.05
CA GLU D 546 44.85 -17.94 -9.75
C GLU D 546 45.31 -19.20 -10.48
N LEU D 547 45.17 -20.37 -9.85
CA LEU D 547 45.50 -21.61 -10.54
C LEU D 547 44.51 -21.89 -11.67
N GLY D 548 43.25 -21.48 -11.53
CA GLY D 548 42.31 -21.63 -12.63
C GLY D 548 42.66 -20.77 -13.82
N LYS D 549 43.09 -19.53 -13.58
CA LYS D 549 43.54 -18.71 -14.70
C LYS D 549 44.86 -19.20 -15.27
N ILE D 550 45.72 -19.80 -14.45
CA ILE D 550 46.91 -20.49 -14.97
C ILE D 550 46.49 -21.60 -15.92
N ALA D 551 45.49 -22.40 -15.52
CA ALA D 551 44.98 -23.46 -16.38
C ALA D 551 44.36 -22.92 -17.66
N ARG D 552 43.65 -21.79 -17.59
CA ARG D 552 43.09 -21.18 -18.79
C ARG D 552 44.18 -20.71 -19.75
N LYS D 553 45.22 -20.06 -19.21
CA LYS D 553 46.33 -19.61 -20.05
C LYS D 553 47.07 -20.79 -20.66
N GLY D 554 47.28 -21.87 -19.89
CA GLY D 554 47.88 -23.06 -20.46
C GLY D 554 47.02 -23.71 -21.53
N ALA D 555 45.70 -23.71 -21.33
CA ALA D 555 44.79 -24.25 -22.33
C ALA D 555 44.87 -23.45 -23.63
N LYS D 556 44.92 -22.12 -23.54
CA LYS D 556 45.03 -21.33 -24.76
C LYS D 556 46.41 -21.48 -25.41
N PHE D 557 47.47 -21.60 -24.60
CA PHE D 557 48.79 -21.86 -25.16
C PHE D 557 48.81 -23.18 -25.91
N TRP D 558 48.17 -24.22 -25.36
CA TRP D 558 48.01 -25.47 -26.08
C TRP D 558 47.09 -25.32 -27.29
N LEU D 559 46.17 -24.36 -27.25
CA LEU D 559 45.24 -24.15 -28.36
C LEU D 559 45.94 -23.61 -29.60
N GLU D 560 46.76 -22.57 -29.43
CA GLU D 560 47.49 -22.08 -30.61
C GLU D 560 48.79 -22.83 -30.87
N GLY D 561 49.54 -23.22 -29.84
CA GLY D 561 50.75 -23.97 -30.02
C GLY D 561 50.53 -25.47 -29.91
N ALA D 562 51.64 -26.19 -29.80
CA ALA D 562 51.58 -27.64 -29.65
C ALA D 562 52.88 -28.13 -29.03
N TRP D 563 52.75 -29.11 -28.14
CA TRP D 563 53.91 -29.76 -27.53
C TRP D 563 53.49 -31.12 -27.02
N GLU D 564 54.44 -32.05 -27.02
CA GLU D 564 54.20 -33.42 -26.56
C GLU D 564 54.80 -33.62 -25.17
N GLY D 565 54.15 -34.47 -24.39
CA GLY D 565 54.60 -34.73 -23.03
C GLY D 565 54.14 -33.66 -22.06
N LEU D 566 54.62 -33.78 -20.83
CA LEU D 566 54.28 -32.85 -19.76
C LEU D 566 55.22 -31.65 -19.82
N ARG D 567 54.64 -30.46 -19.89
CA ARG D 567 55.42 -29.21 -19.93
C ARG D 567 55.47 -28.65 -18.51
N THR D 568 56.62 -28.81 -17.86
CA THR D 568 56.77 -28.35 -16.48
C THR D 568 56.74 -26.84 -16.40
N ILE D 569 56.22 -26.33 -15.29
CA ILE D 569 56.13 -24.90 -15.02
C ILE D 569 56.97 -24.59 -13.80
N ASP D 570 58.13 -23.96 -14.02
CA ASP D 570 59.03 -23.61 -12.93
C ASP D 570 58.65 -22.25 -12.37
N ALA D 571 59.48 -21.72 -11.47
CA ALA D 571 59.20 -20.42 -10.85
C ALA D 571 59.39 -19.27 -11.83
N SER D 572 60.23 -19.43 -12.85
CA SER D 572 60.47 -18.35 -13.81
C SER D 572 59.30 -18.15 -14.76
N ASP D 573 58.48 -19.17 -14.99
CA ASP D 573 57.34 -19.07 -15.88
C ASP D 573 56.08 -18.57 -15.18
N ILE D 574 56.11 -18.45 -13.85
CA ILE D 574 54.96 -17.90 -13.14
C ILE D 574 54.64 -16.48 -13.59
N PRO D 575 55.59 -15.55 -13.70
CA PRO D 575 55.27 -14.24 -14.30
C PRO D 575 54.75 -14.36 -15.72
N THR D 576 55.27 -15.29 -16.51
CA THR D 576 54.83 -15.42 -17.90
C THR D 576 53.36 -15.82 -17.98
N TYR D 577 52.92 -16.73 -17.11
CA TYR D 577 51.52 -17.18 -17.16
C TYR D 577 50.59 -16.41 -16.24
N LEU D 578 51.10 -15.53 -15.37
CA LEU D 578 50.21 -14.78 -14.49
C LEU D 578 50.32 -13.27 -14.65
N GLY D 579 51.53 -12.71 -14.59
CA GLY D 579 51.67 -11.28 -14.64
C GLY D 579 52.62 -10.70 -13.60
N ILE D 580 52.38 -9.45 -13.22
CA ILE D 580 53.27 -8.71 -12.32
C ILE D 580 53.09 -9.18 -10.88
N PRO D 581 54.13 -9.14 -10.05
CA PRO D 581 53.96 -9.40 -8.62
C PRO D 581 52.98 -8.42 -7.98
N ARG D 582 51.86 -8.95 -7.48
CA ARG D 582 50.84 -8.11 -6.86
C ARG D 582 51.19 -7.82 -5.40
N TYR D 583 51.29 -8.87 -4.58
CA TYR D 583 51.66 -8.74 -3.18
C TYR D 583 53.09 -9.18 -2.97
N ARG D 584 53.57 -9.05 -1.73
CA ARG D 584 54.91 -9.46 -1.34
C ARG D 584 54.82 -10.21 -0.02
N PRO D 585 55.44 -11.37 0.09
CA PRO D 585 55.33 -12.16 1.33
C PRO D 585 55.99 -11.46 2.51
N ASP D 586 55.44 -11.72 3.69
CA ASP D 586 56.03 -11.19 4.92
C ASP D 586 57.39 -11.85 5.14
N LYS D 587 58.40 -11.02 5.40
CA LYS D 587 59.77 -11.48 5.55
C LYS D 587 60.29 -11.14 6.94
N ALA D 588 60.99 -12.10 7.55
CA ALA D 588 61.60 -11.90 8.85
C ALA D 588 62.90 -11.12 8.66
N GLU D 589 62.87 -9.84 9.01
CA GLU D 589 64.06 -9.00 8.86
C GLU D 589 65.18 -9.50 9.76
N THR D 590 66.38 -9.58 9.21
CA THR D 590 67.51 -10.18 9.93
C THR D 590 68.17 -9.18 10.86
N GLU D 591 68.62 -8.06 10.33
CA GLU D 591 69.37 -7.09 11.12
C GLU D 591 68.46 -6.43 12.16
N PRO D 592 68.83 -6.47 13.44
CA PRO D 592 68.03 -5.76 14.46
C PRO D 592 68.21 -4.25 14.31
N GLN D 593 67.09 -3.55 14.17
CA GLN D 593 67.09 -2.11 13.94
C GLN D 593 66.54 -1.38 15.17
N VAL D 594 67.16 -0.24 15.49
CA VAL D 594 66.73 0.53 16.64
C VAL D 594 65.33 1.08 16.41
N GLY D 595 64.52 1.08 17.47
CA GLY D 595 63.17 1.60 17.38
C GLY D 595 62.24 0.80 16.50
N THR D 596 62.41 -0.53 16.47
CA THR D 596 61.54 -1.40 15.70
C THR D 596 61.17 -2.61 16.56
N ALA D 597 60.04 -3.22 16.24
CA ALA D 597 59.58 -4.38 16.99
C ALA D 597 58.65 -5.20 16.12
N GLN D 598 58.97 -6.49 15.97
CA GLN D 598 58.08 -7.40 15.26
C GLN D 598 56.79 -7.59 16.03
N GLY D 599 55.71 -7.87 15.30
CA GLY D 599 54.42 -8.04 15.92
C GLY D 599 53.55 -8.99 15.14
N LEU D 600 52.46 -9.45 15.78
CA LEU D 600 51.52 -10.38 15.12
C LEU D 600 50.09 -9.90 15.39
N ALA D 601 49.37 -9.46 14.35
CA ALA D 601 47.96 -9.03 14.52
C ALA D 601 47.05 -9.89 13.64
N TRP D 602 46.21 -10.71 14.26
CA TRP D 602 45.26 -11.56 13.49
C TRP D 602 44.35 -10.67 12.65
N THR D 603 44.07 -11.07 11.41
CA THR D 603 43.16 -10.29 10.52
C THR D 603 42.10 -11.25 9.97
N PRO D 604 41.09 -10.78 9.20
CA PRO D 604 40.11 -11.67 8.59
C PRO D 604 40.82 -12.75 7.76
N VAL D 605 42.06 -12.46 7.32
CA VAL D 605 42.86 -13.45 6.54
C VAL D 605 43.91 -14.08 7.45
N GLY D 606 43.78 -13.87 8.77
CA GLY D 606 44.72 -14.48 9.73
C GLY D 606 45.71 -13.46 10.30
N GLY D 607 46.52 -13.88 11.28
CA GLY D 607 47.49 -12.96 11.91
C GLY D 607 48.47 -12.39 10.91
N THR D 608 48.98 -11.18 11.17
CA THR D 608 49.93 -10.52 10.22
C THR D 608 51.15 -10.01 11.00
N LEU D 609 52.33 -10.05 10.37
CA LEU D 609 53.58 -9.61 11.07
C LEU D 609 53.69 -8.08 11.04
N LEU D 610 52.82 -7.39 11.79
CA LEU D 610 52.88 -5.93 11.86
C LEU D 610 54.25 -5.50 12.36
N THR D 611 54.94 -4.68 11.58
CA THR D 611 56.25 -4.17 11.96
C THR D 611 56.05 -2.84 12.68
N ILE D 612 55.89 -2.92 14.00
CA ILE D 612 55.63 -1.72 14.79
C ILE D 612 56.83 -0.80 14.74
N GLU D 613 56.59 0.44 14.35
CA GLU D 613 57.63 1.47 14.27
C GLU D 613 57.26 2.62 15.18
N VAL D 614 58.19 3.02 16.05
CA VAL D 614 57.98 4.14 16.95
C VAL D 614 59.16 5.09 16.82
N ALA D 615 59.01 6.26 17.43
CA ALA D 615 60.03 7.30 17.36
C ALA D 615 60.31 7.85 18.75
N ALA D 616 61.54 8.34 18.94
CA ALA D 616 61.98 8.95 20.18
C ALA D 616 62.62 10.30 19.93
N VAL D 617 62.10 11.05 18.96
CA VAL D 617 62.64 12.35 18.59
C VAL D 617 62.47 13.32 19.77
N PRO D 618 63.36 14.29 19.93
CA PRO D 618 63.27 15.20 21.07
C PRO D 618 62.09 16.16 20.94
N GLY D 619 61.92 16.99 21.97
CA GLY D 619 60.89 17.99 22.03
C GLY D 619 60.23 18.00 23.39
N SER D 620 59.01 18.53 23.43
CA SER D 620 58.22 18.52 24.65
C SER D 620 57.44 17.22 24.78
N GLY D 621 56.80 17.03 25.93
CA GLY D 621 55.99 15.85 26.14
C GLY D 621 54.78 15.79 25.23
N LYS D 622 54.69 14.74 24.42
CA LYS D 622 53.60 14.60 23.46
C LYS D 622 53.58 13.16 22.95
N LEU D 623 52.38 12.61 22.81
CA LEU D 623 52.19 11.27 22.29
C LEU D 623 51.44 11.34 20.96
N SER D 624 51.99 10.67 19.95
CA SER D 624 51.39 10.62 18.61
C SER D 624 51.10 9.16 18.28
N LEU D 625 49.84 8.86 17.99
CA LEU D 625 49.41 7.51 17.63
C LEU D 625 48.75 7.57 16.26
N THR D 626 49.50 7.19 15.23
CA THR D 626 49.08 7.31 13.85
C THR D 626 49.08 5.94 13.18
N GLY D 627 48.52 5.86 11.97
CA GLY D 627 48.40 4.58 11.24
C GLY D 627 47.05 3.96 11.50
N GLN D 628 45.99 4.78 11.56
CA GLN D 628 44.62 4.30 11.85
C GLN D 628 44.64 3.51 13.16
N LEU D 629 45.35 4.00 14.17
CA LEU D 629 45.44 3.33 15.49
C LEU D 629 44.16 3.62 16.29
N GLY D 630 43.31 2.62 16.50
CA GLY D 630 42.12 2.76 17.30
C GLY D 630 42.43 3.01 18.77
N GLU D 631 41.38 3.31 19.52
CA GLU D 631 41.54 3.56 20.96
C GLU D 631 42.00 2.32 21.71
N VAL D 632 41.55 1.14 21.28
CA VAL D 632 41.98 -0.09 21.96
C VAL D 632 43.50 -0.23 21.92
N MET D 633 44.10 0.39 20.90
CA MET D 633 45.58 0.41 20.84
C MET D 633 46.08 1.70 21.52
N LYS D 634 45.25 2.74 21.56
CA LYS D 634 45.70 4.02 22.14
C LYS D 634 45.96 3.87 23.64
N GLU D 635 44.97 3.39 24.39
CA GLU D 635 45.22 3.14 25.80
C GLU D 635 46.23 2.01 26.03
N SER D 636 46.36 1.08 25.08
CA SER D 636 47.40 0.06 25.23
C SER D 636 48.80 0.68 25.20
N ALA D 637 49.05 1.54 24.22
CA ALA D 637 50.33 2.23 24.14
C ALA D 637 50.53 3.15 25.34
N GLN D 638 49.45 3.82 25.77
CA GLN D 638 49.56 4.68 26.95
C GLN D 638 49.93 3.88 28.19
N ALA D 639 49.33 2.71 28.38
CA ALA D 639 49.65 1.87 29.53
C ALA D 639 51.09 1.36 29.46
N ALA D 640 51.53 0.94 28.27
CA ALA D 640 52.92 0.49 28.14
C ALA D 640 53.90 1.62 28.45
N LEU D 641 53.64 2.82 27.92
CA LEU D 641 54.52 3.95 28.20
C LEU D 641 54.49 4.31 29.68
N THR D 642 53.32 4.23 30.31
CA THR D 642 53.23 4.52 31.74
C THR D 642 54.04 3.52 32.55
N TYR D 643 53.98 2.24 32.20
CA TYR D 643 54.81 1.25 32.88
C TYR D 643 56.29 1.56 32.70
N LEU D 644 56.68 1.93 31.48
CA LEU D 644 58.07 2.30 31.25
C LEU D 644 58.48 3.55 32.01
N ARG D 645 57.51 4.43 32.31
CA ARG D 645 57.82 5.66 33.03
C ARG D 645 58.22 5.39 34.46
N ALA D 646 57.60 4.40 35.09
CA ALA D 646 57.90 4.05 36.47
C ALA D 646 59.00 3.01 36.59
N HIS D 647 59.59 2.59 35.47
CA HIS D 647 60.64 1.58 35.44
C HIS D 647 61.82 2.08 34.62
N THR D 648 62.25 3.30 34.92
CA THR D 648 63.32 3.94 34.15
C THR D 648 64.63 3.16 34.25
N GLN D 649 65.18 3.07 35.46
CA GLN D 649 66.45 2.37 35.66
C GLN D 649 66.33 0.86 35.49
N ASP D 650 65.11 0.31 35.49
CA ASP D 650 64.93 -1.11 35.27
C ASP D 650 65.27 -1.53 33.85
N TYR D 651 65.21 -0.59 32.88
CA TYR D 651 65.53 -0.90 31.50
C TYR D 651 66.46 0.14 30.88
N GLY D 652 67.02 1.03 31.70
CA GLY D 652 68.02 1.97 31.21
C GLY D 652 67.49 3.16 30.45
N LEU D 653 66.21 3.49 30.62
CA LEU D 653 65.64 4.64 29.93
C LEU D 653 66.23 5.93 30.49
N PRO D 654 66.16 7.03 29.74
CA PRO D 654 66.58 8.32 30.29
C PRO D 654 65.74 8.71 31.50
N GLU D 655 66.39 9.40 32.44
CA GLU D 655 65.72 9.77 33.69
C GLU D 655 64.72 10.91 33.51
N ASP D 656 64.83 11.67 32.42
CA ASP D 656 63.96 12.82 32.17
C ASP D 656 63.42 12.78 30.75
N PHE D 657 62.92 11.62 30.35
CA PHE D 657 62.43 11.43 28.98
C PHE D 657 60.98 11.89 28.84
N TYR D 658 60.14 11.51 29.81
CA TYR D 658 58.69 11.70 29.72
C TYR D 658 58.29 13.13 29.37
N ASN D 659 58.93 14.12 29.98
CA ASN D 659 58.65 15.51 29.59
C ASN D 659 59.32 15.87 28.27
N LYS D 660 60.45 15.22 27.95
CA LYS D 660 61.22 15.61 26.78
C LYS D 660 61.31 14.50 25.74
N VAL D 661 60.20 13.83 25.44
CA VAL D 661 60.14 12.82 24.40
C VAL D 661 58.92 13.06 23.55
N ASP D 662 59.05 12.84 22.24
CA ASP D 662 57.93 12.83 21.30
C ASP D 662 57.80 11.41 20.76
N LEU D 663 56.74 10.72 21.18
CA LEU D 663 56.49 9.36 20.76
C LEU D 663 55.47 9.34 19.62
N HIS D 664 55.86 8.72 18.51
CA HIS D 664 55.01 8.61 17.33
C HIS D 664 54.90 7.13 16.95
N VAL D 665 53.91 6.46 17.55
CA VAL D 665 53.68 5.00 17.30
C VAL D 665 53.10 4.84 15.88
N HIS D 666 53.91 4.33 14.95
CA HIS D 666 53.43 4.09 13.57
C HIS D 666 53.19 2.59 13.35
N VAL D 667 52.08 2.25 12.69
CA VAL D 667 51.75 0.81 12.41
C VAL D 667 51.45 0.65 10.92
N PRO D 668 52.07 -0.33 10.23
CA PRO D 668 51.79 -0.59 8.82
C PRO D 668 50.53 -1.46 8.65
N ASP D 669 49.51 -0.92 7.97
CA ASP D 669 49.69 0.15 6.95
C ASP D 669 48.81 1.34 7.30
N GLY D 670 49.24 2.55 6.93
CA GLY D 670 48.43 3.76 7.18
C GLY D 670 47.02 3.60 6.68
N ALA D 671 46.81 2.75 5.68
CA ALA D 671 45.45 2.48 5.14
C ALA D 671 44.71 1.50 6.05
N THR D 672 45.40 0.43 6.47
CA THR D 672 44.79 -0.64 7.32
C THR D 672 44.28 -0.06 8.63
N PRO D 673 42.96 -0.10 8.92
CA PRO D 673 42.45 0.34 10.22
C PRO D 673 42.54 -0.82 11.21
N LYS D 674 43.68 -0.99 11.89
CA LYS D 674 43.90 -2.12 12.83
C LYS D 674 42.90 -2.00 13.97
N ASP D 675 42.75 -3.04 14.79
CA ASP D 675 41.87 -3.00 15.99
C ASP D 675 42.25 -4.06 17.02
N GLY D 676 42.16 -3.73 18.31
CA GLY D 676 42.41 -4.70 19.39
C GLY D 676 43.71 -4.42 20.13
N PRO D 677 43.81 -4.65 21.46
CA PRO D 677 45.01 -4.32 22.22
C PRO D 677 45.92 -5.53 22.43
N ALA D 678 45.90 -6.50 21.51
CA ALA D 678 46.69 -7.74 21.68
C ALA D 678 48.17 -7.49 21.32
N ALA D 679 48.50 -6.28 20.84
CA ALA D 679 49.88 -5.97 20.43
C ALA D 679 50.57 -5.11 21.50
N GLY D 680 50.06 -5.14 22.73
CA GLY D 680 50.63 -4.31 23.80
C GLY D 680 52.12 -4.55 23.99
N ILE D 681 52.54 -5.81 23.95
CA ILE D 681 53.98 -6.16 24.13
C ILE D 681 54.78 -5.65 22.91
N THR D 682 54.23 -5.83 21.70
CA THR D 682 54.96 -5.44 20.47
C THR D 682 55.25 -3.94 20.51
N MET D 683 54.22 -3.13 20.76
CA MET D 683 54.40 -1.65 20.82
C MET D 683 55.32 -1.31 21.99
N ALA D 684 55.15 -1.99 23.13
CA ALA D 684 56.02 -1.76 24.30
C ALA D 684 57.47 -2.10 23.94
N THR D 685 57.67 -3.21 23.23
CA THR D 685 59.03 -3.62 22.81
C THR D 685 59.63 -2.52 21.92
N ALA D 686 58.82 -1.99 20.99
CA ALA D 686 59.31 -0.95 20.05
C ALA D 686 59.77 0.28 20.84
N ILE D 687 58.91 0.80 21.72
CA ILE D 687 59.26 2.03 22.49
C ILE D 687 60.44 1.72 23.40
N ALA D 688 60.46 0.53 24.01
CA ALA D 688 61.57 0.13 24.89
C ALA D 688 62.89 0.17 24.10
N SER D 689 62.91 -0.47 22.92
CA SER D 689 64.13 -0.50 22.09
C SER D 689 64.54 0.93 21.71
N ALA D 690 63.56 1.77 21.38
CA ALA D 690 63.85 3.17 20.98
C ALA D 690 64.46 3.93 22.16
N LEU D 691 63.83 3.84 23.34
CA LEU D 691 64.31 4.59 24.53
C LEU D 691 65.68 4.06 24.96
N SER D 692 65.87 2.74 24.96
CA SER D 692 67.15 2.13 25.41
C SER D 692 68.17 2.12 24.26
N ARG D 693 67.73 2.42 23.03
CA ARG D 693 68.64 2.48 21.86
C ARG D 693 69.22 1.08 21.58
N ARG D 694 68.63 0.04 22.18
CA ARG D 694 69.09 -1.35 21.92
C ARG D 694 68.06 -2.04 21.02
N PRO D 695 68.39 -2.36 19.74
CA PRO D 695 67.42 -2.94 18.82
C PRO D 695 66.79 -4.22 19.37
N ALA D 696 65.47 -4.36 19.20
CA ALA D 696 64.77 -5.58 19.66
C ALA D 696 65.00 -6.72 18.66
N ARG D 697 64.64 -7.95 19.02
CA ARG D 697 64.85 -9.11 18.12
C ARG D 697 63.66 -9.22 17.16
N MET D 698 63.79 -8.64 15.96
CA MET D 698 62.71 -8.73 14.94
C MET D 698 62.53 -10.20 14.55
N ASP D 699 63.58 -11.02 14.74
CA ASP D 699 63.52 -12.47 14.39
C ASP D 699 62.58 -13.19 15.36
N ILE D 700 62.10 -12.48 16.39
CA ILE D 700 61.15 -13.08 17.37
C ILE D 700 59.78 -12.40 17.23
N ALA D 701 58.70 -13.15 17.40
CA ALA D 701 57.33 -12.58 17.29
C ALA D 701 56.78 -12.29 18.69
N MET D 702 55.98 -11.24 18.84
CA MET D 702 55.44 -10.85 20.17
C MET D 702 53.91 -10.83 20.13
N THR D 703 53.26 -11.05 21.27
CA THR D 703 51.77 -11.01 21.35
C THR D 703 51.37 -10.96 22.83
N GLY D 704 50.31 -10.21 23.17
CA GLY D 704 49.92 -10.07 24.57
C GLY D 704 49.90 -8.61 24.99
N GLU D 705 48.88 -8.26 25.78
CA GLU D 705 48.73 -6.89 26.27
C GLU D 705 49.47 -6.75 27.61
N VAL D 706 49.58 -5.50 28.08
CA VAL D 706 50.36 -5.18 29.27
C VAL D 706 49.51 -4.33 30.21
N SER D 707 49.83 -4.40 31.50
CA SER D 707 49.21 -3.59 32.53
C SER D 707 50.25 -2.70 33.19
N LEU D 708 49.82 -1.95 34.20
CA LEU D 708 50.73 -1.06 34.92
C LEU D 708 51.65 -1.83 35.85
N ARG D 709 51.28 -3.04 36.25
CA ARG D 709 52.19 -3.88 37.03
C ARG D 709 53.13 -4.70 36.14
N GLY D 710 52.95 -4.66 34.82
CA GLY D 710 53.76 -5.41 33.90
C GLY D 710 53.25 -6.80 33.59
N LYS D 711 52.23 -7.27 34.29
CA LYS D 711 51.69 -8.60 34.03
C LYS D 711 51.10 -8.65 32.62
N VAL D 712 51.48 -9.66 31.86
CA VAL D 712 51.06 -9.79 30.46
C VAL D 712 49.81 -10.66 30.43
N MET D 713 48.67 -10.05 30.13
CA MET D 713 47.42 -10.80 30.06
C MET D 713 47.39 -11.68 28.82
N PRO D 714 46.62 -12.76 28.84
CA PRO D 714 46.49 -13.62 27.66
C PRO D 714 45.63 -12.95 26.59
N ILE D 715 45.60 -13.60 25.43
CA ILE D 715 44.84 -13.10 24.29
C ILE D 715 43.86 -14.17 23.82
N GLY D 716 43.13 -13.86 22.75
CA GLY D 716 42.28 -14.84 22.08
C GLY D 716 42.73 -15.00 20.64
N GLY D 717 42.75 -16.25 20.17
CA GLY D 717 43.19 -16.53 18.81
C GLY D 717 44.67 -16.33 18.61
N VAL D 718 45.47 -17.16 19.28
CA VAL D 718 46.93 -17.05 19.19
C VAL D 718 47.50 -18.01 18.15
N LYS D 719 46.73 -19.04 17.76
CA LYS D 719 47.23 -20.01 16.80
C LYS D 719 47.48 -19.37 15.44
N GLU D 720 46.60 -18.46 15.02
CA GLU D 720 46.82 -17.78 13.75
C GLU D 720 48.06 -16.90 13.79
N LYS D 721 48.31 -16.22 14.91
CA LYS D 721 49.52 -15.42 15.06
C LYS D 721 50.76 -16.28 14.96
N LEU D 722 50.77 -17.41 15.68
CA LEU D 722 51.91 -18.33 15.61
C LEU D 722 52.08 -18.87 14.19
N LEU D 723 50.97 -19.18 13.52
CA LEU D 723 51.04 -19.68 12.15
C LEU D 723 51.69 -18.65 11.23
N ALA D 724 51.25 -17.39 11.32
CA ALA D 724 51.83 -16.34 10.48
C ALA D 724 53.31 -16.16 10.79
N ALA D 725 53.67 -16.16 12.08
CA ALA D 725 55.08 -15.99 12.43
C ALA D 725 55.94 -17.12 11.87
N HIS D 726 55.45 -18.37 11.96
CA HIS D 726 56.21 -19.49 11.42
C HIS D 726 56.36 -19.38 9.90
N GLN D 727 55.28 -18.98 9.21
CA GLN D 727 55.34 -18.88 7.76
C GLN D 727 56.24 -17.75 7.28
N ALA D 728 56.35 -16.66 8.04
CA ALA D 728 57.12 -15.51 7.61
C ALA D 728 58.61 -15.63 7.90
N GLY D 729 59.05 -16.76 8.44
CA GLY D 729 60.46 -16.98 8.71
C GLY D 729 60.90 -16.77 10.14
N ILE D 730 59.97 -16.46 11.03
CA ILE D 730 60.28 -16.30 12.46
C ILE D 730 60.41 -17.68 13.08
N HIS D 731 61.46 -17.88 13.86
CA HIS D 731 61.70 -19.16 14.53
C HIS D 731 61.66 -19.05 16.05
N LYS D 732 61.44 -17.86 16.60
CA LYS D 732 61.37 -17.66 18.04
C LYS D 732 60.13 -16.84 18.38
N ILE D 733 59.43 -17.24 19.44
CA ILE D 733 58.18 -16.60 19.82
C ILE D 733 58.22 -16.27 21.31
N VAL D 734 57.57 -15.16 21.67
CA VAL D 734 57.40 -14.75 23.05
C VAL D 734 55.90 -14.75 23.35
N LEU D 735 55.52 -15.45 24.42
CA LEU D 735 54.12 -15.66 24.76
C LEU D 735 53.94 -15.41 26.25
N PRO D 736 52.79 -14.86 26.66
CA PRO D 736 52.53 -14.67 28.09
C PRO D 736 52.49 -16.00 28.83
N LYS D 737 52.91 -15.97 30.10
CA LYS D 737 52.89 -17.16 30.94
C LYS D 737 51.50 -17.53 31.40
N ASP D 738 50.46 -16.89 30.87
CA ASP D 738 49.09 -17.31 31.10
C ASP D 738 48.52 -18.08 29.92
N ASN D 739 49.33 -18.42 28.93
CA ASN D 739 48.86 -19.03 27.69
C ASN D 739 49.41 -20.43 27.46
N GLU D 740 49.90 -21.10 28.51
CA GLU D 740 50.37 -22.47 28.34
C GLU D 740 49.26 -23.39 27.87
N ALA D 741 48.03 -23.18 28.35
CA ALA D 741 46.91 -24.01 27.93
C ALA D 741 46.61 -23.85 26.45
N GLN D 742 47.11 -22.78 25.83
CA GLN D 742 46.80 -22.54 24.43
C GLN D 742 47.69 -23.33 23.47
N LEU D 743 48.78 -23.93 23.95
CA LEU D 743 49.75 -24.50 23.01
C LEU D 743 49.33 -25.85 22.43
N GLU D 744 48.42 -26.58 23.08
CA GLU D 744 48.03 -27.89 22.57
C GLU D 744 47.30 -27.79 21.24
N GLU D 745 46.50 -26.74 21.05
CA GLU D 745 45.81 -26.55 19.78
C GLU D 745 46.73 -26.00 18.68
N LEU D 746 47.97 -25.67 19.00
CA LEU D 746 48.88 -25.18 17.98
C LEU D 746 49.20 -26.28 16.98
N PRO D 747 49.36 -25.96 15.70
CA PRO D 747 49.71 -27.00 14.72
C PRO D 747 51.05 -27.68 15.04
N LYS D 748 51.09 -28.99 14.77
CA LYS D 748 52.21 -29.83 15.16
C LYS D 748 53.50 -29.37 14.50
N GLU D 749 53.61 -29.52 13.17
CA GLU D 749 54.86 -29.20 12.48
C GLU D 749 55.29 -27.76 12.71
N VAL D 750 54.33 -26.87 13.03
CA VAL D 750 54.68 -25.51 13.40
C VAL D 750 55.35 -25.48 14.77
N LEU D 751 54.85 -26.26 15.73
CA LEU D 751 55.25 -26.04 17.12
C LEU D 751 56.70 -26.45 17.40
N GLU D 752 57.19 -27.56 16.83
CA GLU D 752 58.58 -27.93 17.10
C GLU D 752 59.56 -26.91 16.55
N GLY D 753 59.29 -26.38 15.35
CA GLY D 753 60.19 -25.44 14.72
C GLY D 753 60.23 -24.08 15.39
N LEU D 754 59.30 -23.81 16.30
CA LEU D 754 59.21 -22.53 17.00
C LEU D 754 59.53 -22.77 18.47
N GLU D 755 60.62 -22.17 18.95
CA GLU D 755 60.89 -22.20 20.38
C GLU D 755 59.95 -21.22 21.07
N ILE D 756 59.34 -21.65 22.17
CA ILE D 756 58.24 -20.93 22.79
C ILE D 756 58.75 -20.39 24.12
N LYS D 757 59.03 -19.09 24.17
CA LYS D 757 59.44 -18.44 25.40
C LYS D 757 58.21 -17.98 26.16
N LEU D 758 58.12 -18.38 27.44
CA LEU D 758 56.99 -18.04 28.30
C LEU D 758 57.43 -16.96 29.29
N VAL D 759 56.69 -15.88 29.34
CA VAL D 759 57.03 -14.73 30.19
C VAL D 759 55.83 -14.37 31.06
N GLU D 760 56.09 -14.19 32.35
CA GLU D 760 55.05 -13.71 33.26
C GLU D 760 54.83 -12.22 33.12
N ASP D 761 55.89 -11.46 32.87
CA ASP D 761 55.82 -10.02 32.74
C ASP D 761 56.83 -9.54 31.71
N VAL D 762 56.71 -8.28 31.31
CA VAL D 762 57.63 -7.69 30.34
C VAL D 762 59.04 -7.53 30.90
N GLY D 763 59.20 -7.64 32.21
CA GLY D 763 60.52 -7.62 32.81
C GLY D 763 61.39 -8.79 32.42
N GLU D 764 60.78 -9.82 31.80
CA GLU D 764 61.53 -10.91 31.20
C GLU D 764 61.68 -10.75 29.69
N VAL D 765 60.73 -10.07 29.04
CA VAL D 765 60.82 -9.83 27.61
C VAL D 765 61.93 -8.83 27.29
N LEU D 766 62.06 -7.78 28.10
CA LEU D 766 62.90 -6.64 27.74
C LEU D 766 64.39 -6.91 27.89
N GLU D 767 64.79 -8.07 28.41
CA GLU D 767 66.19 -8.48 28.36
C GLU D 767 66.43 -9.68 27.47
N TYR D 768 65.40 -10.51 27.22
CA TYR D 768 65.54 -11.59 26.26
C TYR D 768 65.51 -11.09 24.82
N LEU D 769 64.83 -9.96 24.57
CA LEU D 769 64.72 -9.44 23.22
C LEU D 769 65.77 -8.38 22.93
N LEU D 770 65.79 -7.31 23.72
CA LEU D 770 66.68 -6.18 23.45
C LEU D 770 68.13 -6.60 23.57
N LEU D 771 68.96 -6.04 22.70
CA LEU D 771 70.38 -6.33 22.74
C LEU D 771 70.99 -5.82 24.05
N PRO D 772 71.98 -6.51 24.61
CA PRO D 772 72.56 -6.08 25.89
C PRO D 772 73.33 -4.76 25.82
N GLU D 773 73.53 -4.19 24.63
CA GLU D 773 74.26 -2.94 24.49
C GLU D 773 73.51 -2.05 23.51
N PRO D 774 73.63 -0.73 23.66
CA PRO D 774 73.07 0.20 22.68
C PRO D 774 74.04 0.45 21.54
N THR D 775 73.49 0.97 20.44
CA THR D 775 74.27 1.25 19.23
C THR D 775 74.39 2.74 18.96
N MET D 776 73.28 3.46 18.86
CA MET D 776 73.31 4.88 18.57
C MET D 776 72.80 5.68 19.78
N PRO D 777 73.34 6.89 20.01
CA PRO D 777 73.08 7.57 21.27
C PRO D 777 71.64 8.08 21.33
N PRO D 778 71.05 8.13 22.52
CA PRO D 778 69.67 8.60 22.67
C PRO D 778 69.60 10.12 22.60
N VAL D 779 68.37 10.63 22.71
CA VAL D 779 68.15 12.07 22.71
C VAL D 779 68.41 12.61 24.11
N VAL D 780 69.14 13.71 24.19
CA VAL D 780 69.48 14.31 25.47
C VAL D 780 68.57 15.51 25.75
N ARG E 2 22.73 -99.04 -53.72
CA ARG E 2 22.62 -98.37 -52.44
C ARG E 2 22.02 -96.97 -52.60
N LEU E 3 21.29 -96.79 -53.70
CA LEU E 3 20.60 -95.53 -54.02
C LEU E 3 21.60 -94.37 -54.10
N GLU E 4 22.55 -94.51 -55.03
CA GLU E 4 23.52 -93.46 -55.30
C GLU E 4 22.83 -92.37 -56.13
N LEU E 5 22.56 -91.23 -55.51
CA LEU E 5 21.78 -90.17 -56.12
C LEU E 5 22.50 -88.84 -56.02
N PRO E 6 22.29 -87.93 -56.96
CA PRO E 6 22.95 -86.63 -56.90
C PRO E 6 22.46 -85.80 -55.73
N VAL E 7 23.33 -84.92 -55.24
CA VAL E 7 23.05 -84.04 -54.12
C VAL E 7 22.96 -82.61 -54.63
N ILE E 8 21.86 -81.95 -54.32
CA ILE E 8 21.63 -80.57 -54.72
C ILE E 8 21.48 -79.73 -53.45
N PRO E 9 22.37 -78.77 -53.20
CA PRO E 9 22.24 -77.93 -52.01
C PRO E 9 21.04 -77.00 -52.10
N LEU E 10 20.51 -76.65 -50.93
CA LEU E 10 19.37 -75.75 -50.86
C LEU E 10 19.80 -74.32 -51.16
N ARG E 11 18.85 -73.54 -51.69
CA ARG E 11 19.13 -72.16 -52.08
C ARG E 11 18.07 -71.16 -51.64
N ASN E 12 16.88 -71.61 -51.24
CA ASN E 12 15.80 -70.72 -50.84
C ASN E 12 15.51 -70.78 -49.34
N THR E 13 15.36 -71.98 -48.79
CA THR E 13 15.07 -72.16 -47.37
C THR E 13 15.42 -73.61 -47.00
N VAL E 14 15.05 -74.00 -45.79
CA VAL E 14 15.27 -75.36 -45.29
C VAL E 14 13.94 -76.09 -45.33
N ILE E 15 13.92 -77.24 -46.00
CA ILE E 15 12.69 -78.01 -46.21
C ILE E 15 12.64 -79.11 -45.16
N LEU E 16 11.56 -79.13 -44.38
CA LEU E 16 11.40 -80.17 -43.38
C LEU E 16 11.03 -81.50 -44.02
N PRO E 17 11.39 -82.61 -43.39
CA PRO E 17 11.03 -83.93 -43.94
C PRO E 17 9.52 -84.13 -43.95
N HIS E 18 9.06 -84.93 -44.91
CA HIS E 18 7.65 -85.25 -45.08
C HIS E 18 6.81 -83.98 -45.28
N THR E 19 7.36 -83.04 -46.05
CA THR E 19 6.67 -81.79 -46.35
C THR E 19 6.77 -81.52 -47.85
N THR E 20 5.64 -81.17 -48.45
CA THR E 20 5.58 -80.87 -49.88
C THR E 20 5.79 -79.38 -50.09
N THR E 21 6.87 -79.01 -50.76
CA THR E 21 7.21 -77.63 -51.02
C THR E 21 7.54 -77.44 -52.49
N PRO E 22 7.25 -76.26 -53.04
CA PRO E 22 7.60 -76.00 -54.45
C PRO E 22 9.09 -75.78 -54.62
N VAL E 23 9.53 -75.85 -55.87
CA VAL E 23 10.93 -75.66 -56.24
C VAL E 23 11.01 -74.43 -57.12
N ASP E 24 11.82 -73.45 -56.71
CA ASP E 24 12.02 -72.20 -57.44
C ASP E 24 13.51 -72.03 -57.66
N VAL E 25 14.00 -72.51 -58.80
CA VAL E 25 15.43 -72.45 -59.14
C VAL E 25 15.58 -71.58 -60.39
N GLY E 26 16.37 -70.52 -60.27
CA GLY E 26 16.69 -69.66 -61.38
C GLY E 26 18.12 -69.74 -61.86
N ARG E 27 18.93 -70.62 -61.30
CA ARG E 27 20.33 -70.75 -61.70
C ARG E 27 20.43 -71.44 -63.04
N ALA E 28 21.39 -71.00 -63.85
CA ALA E 28 21.64 -71.60 -65.16
C ALA E 28 22.54 -72.82 -65.10
N LYS E 29 23.09 -73.15 -63.92
CA LYS E 29 23.97 -74.29 -63.75
C LYS E 29 23.35 -75.39 -62.90
N SER E 30 22.04 -75.32 -62.64
CA SER E 30 21.33 -76.34 -61.89
C SER E 30 20.46 -77.24 -62.76
N LYS E 31 20.30 -76.91 -64.04
CA LYS E 31 19.52 -77.76 -64.93
C LYS E 31 20.18 -79.10 -65.13
N ARG E 32 21.52 -79.15 -65.14
CA ARG E 32 22.22 -80.42 -65.24
C ARG E 32 21.93 -81.30 -64.03
N ALA E 33 21.94 -80.72 -62.83
CA ALA E 33 21.61 -81.48 -61.63
C ALA E 33 20.15 -81.94 -61.66
N VAL E 34 19.25 -81.08 -62.13
CA VAL E 34 17.84 -81.46 -62.23
C VAL E 34 17.68 -82.63 -63.20
N GLU E 35 18.36 -82.58 -64.34
CA GLU E 35 18.31 -83.69 -65.30
C GLU E 35 18.91 -84.96 -64.72
N GLU E 36 19.98 -84.84 -63.94
CA GLU E 36 20.53 -86.01 -63.26
C GLU E 36 19.52 -86.57 -62.26
N ALA E 37 18.71 -85.72 -61.65
CA ALA E 37 17.73 -86.19 -60.68
C ALA E 37 16.67 -87.07 -61.32
N MET E 38 16.16 -86.67 -62.49
CA MET E 38 15.10 -87.45 -63.14
C MET E 38 15.64 -88.77 -63.67
N GLY E 39 16.94 -88.84 -63.95
CA GLY E 39 17.59 -90.07 -64.37
C GLY E 39 18.02 -90.96 -63.22
N ALA E 40 17.71 -90.56 -61.98
CA ALA E 40 18.09 -91.32 -60.80
C ALA E 40 16.86 -91.74 -60.01
N ASP E 41 15.86 -92.31 -60.72
CA ASP E 41 14.61 -92.75 -60.13
C ASP E 41 13.81 -91.58 -59.56
N ARG E 42 13.97 -90.39 -60.16
CA ARG E 42 13.20 -89.21 -59.80
C ARG E 42 13.32 -88.88 -58.31
N LEU E 43 14.54 -88.98 -57.78
CA LEU E 43 14.82 -88.69 -56.38
C LEU E 43 15.85 -87.57 -56.28
N ILE E 44 15.61 -86.64 -55.36
CA ILE E 44 16.43 -85.46 -55.19
C ILE E 44 16.93 -85.39 -53.76
N PHE E 45 18.22 -85.15 -53.59
CA PHE E 45 18.82 -84.91 -52.28
C PHE E 45 19.00 -83.42 -52.05
N LEU E 46 18.41 -82.92 -50.97
CA LEU E 46 18.51 -81.51 -50.59
C LEU E 46 19.15 -81.43 -49.21
N VAL E 47 20.25 -80.68 -49.11
CA VAL E 47 21.00 -80.53 -47.86
C VAL E 47 21.12 -79.05 -47.55
N ALA E 48 20.76 -78.67 -46.32
CA ALA E 48 20.92 -77.29 -45.88
C ALA E 48 22.40 -76.98 -45.65
N GLN E 49 22.73 -75.70 -45.76
CA GLN E 49 24.12 -75.26 -45.69
C GLN E 49 24.39 -74.54 -44.37
N ARG E 50 25.64 -74.11 -44.21
CA ARG E 50 26.12 -73.40 -43.03
C ARG E 50 25.74 -71.93 -43.07
N ASP E 51 26.42 -71.11 -42.25
CA ASP E 51 26.26 -69.66 -42.16
C ASP E 51 26.22 -69.05 -43.56
N PRO E 52 25.60 -67.84 -43.73
CA PRO E 52 25.09 -67.41 -45.05
C PRO E 52 25.89 -67.86 -46.27
N GLU E 53 25.18 -68.47 -47.20
CA GLU E 53 25.79 -69.23 -48.29
C GLU E 53 26.38 -68.32 -49.36
N VAL E 54 27.20 -68.93 -50.21
CA VAL E 54 27.77 -68.28 -51.38
C VAL E 54 27.37 -69.09 -52.60
N ASP E 55 27.04 -68.38 -53.70
CA ASP E 55 26.57 -69.07 -54.90
C ASP E 55 27.60 -70.02 -55.48
N ASP E 56 28.88 -69.81 -55.19
CA ASP E 56 29.92 -70.73 -55.66
C ASP E 56 30.00 -71.92 -54.71
N PRO E 57 29.77 -73.14 -55.18
CA PRO E 57 29.86 -74.31 -54.30
C PRO E 57 31.25 -74.47 -53.71
N ALA E 58 31.31 -74.88 -52.46
CA ALA E 58 32.55 -75.09 -51.73
C ALA E 58 32.50 -76.40 -50.99
N PRO E 59 33.64 -77.06 -50.79
CA PRO E 59 33.66 -78.31 -50.02
C PRO E 59 33.64 -78.14 -48.51
N ASP E 60 33.35 -76.94 -48.01
CA ASP E 60 33.32 -76.67 -46.58
C ASP E 60 31.90 -76.69 -46.02
N ASP E 61 30.98 -77.38 -46.70
CA ASP E 61 29.59 -77.51 -46.25
C ASP E 61 29.34 -78.84 -45.56
N LEU E 62 30.32 -79.33 -44.79
CA LEU E 62 30.23 -80.64 -44.15
C LEU E 62 29.07 -80.69 -43.16
N TYR E 63 28.05 -81.49 -43.49
CA TYR E 63 26.91 -81.70 -42.61
C TYR E 63 26.41 -83.12 -42.78
N THR E 64 25.85 -83.68 -41.71
CA THR E 64 25.36 -85.05 -41.70
C THR E 64 23.83 -85.09 -41.64
N TRP E 65 23.17 -84.14 -42.32
CA TRP E 65 21.72 -84.08 -42.33
C TRP E 65 21.26 -83.71 -43.74
N GLY E 66 20.02 -84.07 -44.04
CA GLY E 66 19.46 -83.79 -45.35
C GLY E 66 18.01 -84.19 -45.43
N VAL E 67 17.46 -84.09 -46.63
CA VAL E 67 16.07 -84.45 -46.89
C VAL E 67 15.96 -84.99 -48.31
N GLN E 68 14.97 -85.84 -48.53
CA GLN E 68 14.74 -86.47 -49.82
C GLN E 68 13.51 -85.87 -50.48
N ALA E 69 13.37 -86.14 -51.79
CA ALA E 69 12.24 -85.67 -52.55
C ALA E 69 11.99 -86.63 -53.71
N VAL E 70 10.73 -86.79 -54.07
CA VAL E 70 10.32 -87.68 -55.16
C VAL E 70 9.46 -86.90 -56.14
N VAL E 71 9.69 -87.11 -57.43
CA VAL E 71 8.94 -86.43 -58.48
C VAL E 71 7.72 -87.27 -58.82
N LYS E 72 6.53 -86.70 -58.63
CA LYS E 72 5.28 -87.40 -58.94
C LYS E 72 4.79 -87.06 -60.34
N GLN E 73 4.58 -85.78 -60.62
CA GLN E 73 4.13 -85.33 -61.93
C GLN E 73 4.95 -84.12 -62.36
N ALA E 74 5.04 -83.94 -63.68
CA ALA E 74 5.81 -82.84 -64.24
C ALA E 74 5.20 -82.43 -65.57
N MET E 75 5.22 -81.13 -65.85
CA MET E 75 4.71 -80.57 -67.09
C MET E 75 5.74 -79.64 -67.69
N ARG E 76 5.86 -79.67 -69.02
CA ARG E 76 6.83 -78.88 -69.74
C ARG E 76 6.17 -77.65 -70.37
N LEU E 77 6.89 -76.54 -70.36
CA LEU E 77 6.41 -75.30 -70.94
C LEU E 77 7.47 -74.72 -71.87
N PRO E 78 7.10 -74.27 -73.07
CA PRO E 78 8.07 -73.73 -74.03
C PRO E 78 8.34 -72.24 -73.80
N ASP E 79 8.84 -71.92 -72.59
CA ASP E 79 9.15 -70.54 -72.26
C ASP E 79 10.47 -70.40 -71.51
N GLY E 80 11.26 -71.47 -71.39
CA GLY E 80 12.51 -71.42 -70.67
C GLY E 80 12.39 -71.60 -69.16
N THR E 81 11.18 -71.76 -68.64
CA THR E 81 10.96 -71.97 -67.21
C THR E 81 10.41 -73.38 -67.02
N LEU E 82 11.15 -74.20 -66.28
CA LEU E 82 10.77 -75.58 -66.00
C LEU E 82 10.35 -75.69 -64.54
N GLN E 83 9.10 -76.01 -64.30
CA GLN E 83 8.55 -76.14 -62.95
C GLN E 83 8.17 -77.61 -62.71
N VAL E 84 8.67 -78.15 -61.61
CA VAL E 84 8.39 -79.53 -61.23
C VAL E 84 8.07 -79.58 -59.73
N MET E 85 7.07 -80.38 -59.38
CA MET E 85 6.64 -80.53 -58.00
C MET E 85 7.24 -81.80 -57.40
N VAL E 86 7.73 -81.69 -56.18
CA VAL E 86 8.35 -82.81 -55.48
C VAL E 86 7.72 -82.97 -54.11
N GLU E 87 7.82 -84.18 -53.57
CA GLU E 87 7.27 -84.51 -52.25
C GLU E 87 8.35 -85.17 -51.42
N ALA E 88 8.45 -84.78 -50.15
CA ALA E 88 9.46 -85.33 -49.26
C ALA E 88 8.97 -86.66 -48.68
N ARG E 89 9.85 -87.65 -48.67
CA ARG E 89 9.54 -88.97 -48.14
C ARG E 89 10.40 -89.38 -46.96
N ALA E 90 11.70 -89.14 -47.02
CA ALA E 90 12.61 -89.52 -45.94
C ALA E 90 13.75 -88.51 -45.89
N ARG E 91 14.81 -88.87 -45.16
CA ARG E 91 15.98 -88.01 -45.01
C ARG E 91 17.22 -88.79 -45.41
N ALA E 92 18.35 -88.08 -45.46
CA ALA E 92 19.62 -88.68 -45.83
C ALA E 92 20.74 -87.96 -45.10
N GLN E 93 21.87 -88.65 -44.98
CA GLN E 93 23.06 -88.12 -44.33
C GLN E 93 24.21 -88.03 -45.33
N VAL E 94 25.07 -87.05 -45.14
CA VAL E 94 26.20 -86.80 -46.04
C VAL E 94 27.48 -86.97 -45.24
N THR E 95 28.32 -87.92 -45.67
CA THR E 95 29.63 -88.14 -45.09
C THR E 95 30.75 -87.92 -46.09
N ASP E 96 30.63 -88.50 -47.28
CA ASP E 96 31.61 -88.29 -48.35
C ASP E 96 31.17 -87.12 -49.21
N TYR E 97 32.10 -86.20 -49.46
CA TYR E 97 31.81 -84.99 -50.23
C TYR E 97 32.65 -84.96 -51.49
N ILE E 98 32.03 -84.56 -52.60
CA ILE E 98 32.68 -84.45 -53.89
C ILE E 98 32.55 -83.00 -54.35
N PRO E 99 33.65 -82.35 -54.76
CA PRO E 99 33.54 -80.96 -55.24
C PRO E 99 32.69 -80.86 -56.49
N GLY E 100 31.53 -80.20 -56.38
CA GLY E 100 30.60 -80.11 -57.48
C GLY E 100 30.87 -78.92 -58.38
N PRO E 101 30.27 -78.92 -59.58
CA PRO E 101 29.45 -80.03 -60.08
C PRO E 101 30.28 -81.19 -60.61
N TYR E 102 29.82 -82.42 -60.40
CA TYR E 102 28.58 -82.69 -59.67
C TYR E 102 28.87 -83.06 -58.22
N LEU E 103 27.82 -83.10 -57.40
CA LEU E 103 27.94 -83.45 -55.99
C LEU E 103 27.32 -84.83 -55.76
N ARG E 104 28.07 -85.71 -55.12
CA ARG E 104 27.62 -87.06 -54.81
C ARG E 104 27.96 -87.40 -53.38
N ALA E 105 27.00 -87.98 -52.66
CA ALA E 105 27.19 -88.37 -51.27
C ALA E 105 26.50 -89.70 -51.03
N ARG E 106 26.54 -90.17 -49.79
CA ARG E 106 25.91 -91.43 -49.42
C ARG E 106 25.57 -91.40 -47.93
N GLY E 107 24.45 -92.05 -47.58
CA GLY E 107 24.03 -92.11 -46.20
C GLY E 107 24.50 -93.38 -45.50
N GLU E 108 24.78 -93.24 -44.20
CA GLU E 108 25.27 -94.37 -43.40
C GLU E 108 24.16 -94.99 -42.56
N VAL E 109 23.51 -94.19 -41.72
CA VAL E 109 22.45 -94.68 -40.84
C VAL E 109 21.28 -93.70 -40.89
N PHE E 110 20.13 -94.18 -40.44
CA PHE E 110 18.91 -93.38 -40.36
C PHE E 110 18.61 -93.06 -38.90
N SER E 111 18.42 -91.78 -38.62
CA SER E 111 18.14 -91.30 -37.27
C SER E 111 16.70 -90.81 -37.19
N GLU E 112 15.90 -91.46 -36.34
CA GLU E 112 14.51 -91.09 -36.16
C GLU E 112 14.01 -91.67 -34.84
N ILE E 113 13.17 -90.91 -34.14
CA ILE E 113 12.62 -91.32 -32.86
C ILE E 113 11.10 -91.15 -32.89
N PHE E 114 10.44 -91.85 -31.97
CA PHE E 114 8.99 -91.83 -31.89
C PHE E 114 8.55 -91.50 -30.46
N PRO E 115 7.38 -90.87 -30.30
CA PRO E 115 6.91 -90.52 -28.95
C PRO E 115 6.64 -91.75 -28.10
N ILE E 116 6.84 -91.59 -26.80
CA ILE E 116 6.60 -92.63 -25.81
C ILE E 116 5.64 -92.09 -24.77
N ASP E 117 4.68 -92.94 -24.34
CA ASP E 117 3.65 -92.56 -23.39
C ASP E 117 2.84 -91.38 -23.93
N GLU E 118 2.14 -91.65 -25.02
CA GLU E 118 1.53 -90.61 -25.85
C GLU E 118 0.36 -89.89 -25.18
N ALA E 119 0.06 -90.12 -23.90
CA ALA E 119 -0.97 -89.33 -23.25
C ALA E 119 -0.57 -87.86 -23.17
N VAL E 120 0.66 -87.59 -22.74
CA VAL E 120 1.16 -86.22 -22.70
C VAL E 120 1.27 -85.65 -24.12
N VAL E 121 1.63 -86.50 -25.08
CA VAL E 121 1.69 -86.05 -26.47
C VAL E 121 0.31 -85.66 -26.98
N ARG E 122 -0.73 -86.40 -26.60
CA ARG E 122 -2.09 -86.04 -26.97
C ARG E 122 -2.53 -84.76 -26.31
N VAL E 123 -2.15 -84.55 -25.04
CA VAL E 123 -2.45 -83.28 -24.38
C VAL E 123 -1.77 -82.12 -25.11
N LEU E 124 -0.51 -82.32 -25.51
CA LEU E 124 0.20 -81.29 -26.26
C LEU E 124 -0.44 -81.05 -27.62
N VAL E 125 -0.94 -82.11 -28.25
CA VAL E 125 -1.64 -81.98 -29.53
C VAL E 125 -2.92 -81.16 -29.36
N GLU E 126 -3.65 -81.41 -28.28
CA GLU E 126 -4.85 -80.62 -28.00
C GLU E 126 -4.49 -79.16 -27.78
N GLU E 127 -3.41 -78.89 -27.04
CA GLU E 127 -2.97 -77.51 -26.85
C GLU E 127 -2.53 -76.87 -28.15
N LEU E 128 -1.86 -77.63 -29.02
CA LEU E 128 -1.44 -77.10 -30.31
C LEU E 128 -2.64 -76.78 -31.19
N LYS E 129 -3.66 -77.64 -31.17
CA LYS E 129 -4.89 -77.35 -31.91
C LYS E 129 -5.59 -76.12 -31.36
N GLU E 130 -5.61 -75.95 -30.03
CA GLU E 130 -6.16 -74.74 -29.44
C GLU E 130 -5.39 -73.50 -29.90
N ALA E 131 -4.06 -73.58 -29.92
CA ALA E 131 -3.26 -72.45 -30.38
C ALA E 131 -3.51 -72.14 -31.85
N PHE E 132 -3.64 -73.17 -32.68
CA PHE E 132 -3.94 -72.97 -34.10
C PHE E 132 -5.31 -72.33 -34.28
N GLU E 133 -6.29 -72.77 -33.50
CA GLU E 133 -7.63 -72.17 -33.57
C GLU E 133 -7.60 -70.71 -33.15
N LYS E 134 -6.84 -70.39 -32.10
CA LYS E 134 -6.70 -69.00 -31.67
C LYS E 134 -6.01 -68.17 -32.75
N TYR E 135 -5.00 -68.73 -33.40
CA TYR E 135 -4.31 -68.03 -34.48
C TYR E 135 -5.25 -67.79 -35.67
N VAL E 136 -6.14 -68.74 -35.94
CA VAL E 136 -7.13 -68.57 -37.01
C VAL E 136 -8.05 -67.39 -36.69
N ALA E 137 -8.46 -67.26 -35.43
CA ALA E 137 -9.33 -66.16 -35.04
C ALA E 137 -8.65 -64.80 -35.19
N ASN E 138 -7.32 -64.76 -35.33
CA ASN E 138 -6.58 -63.53 -35.50
C ASN E 138 -6.22 -63.27 -36.96
N HIS E 139 -6.87 -63.96 -37.90
CA HIS E 139 -6.55 -63.85 -39.32
C HIS E 139 -7.09 -62.57 -39.95
N LYS E 140 -7.52 -61.59 -39.14
CA LYS E 140 -8.01 -60.33 -39.69
C LYS E 140 -6.91 -59.53 -40.37
N SER E 141 -5.63 -59.83 -40.09
CA SER E 141 -4.53 -59.10 -40.71
C SER E 141 -3.37 -60.01 -41.12
N LEU E 142 -3.49 -61.32 -40.97
CA LEU E 142 -2.43 -62.25 -41.35
C LEU E 142 -2.53 -62.69 -42.80
N ARG E 143 -3.60 -62.32 -43.51
CA ARG E 143 -3.78 -62.62 -44.93
C ARG E 143 -3.77 -64.13 -45.17
N LEU E 144 -4.78 -64.80 -44.62
CA LEU E 144 -4.93 -66.25 -44.81
C LEU E 144 -6.41 -66.59 -44.84
N ASP E 145 -6.73 -67.67 -45.55
CA ASP E 145 -8.12 -68.08 -45.71
C ASP E 145 -8.66 -68.68 -44.41
N ARG E 146 -9.98 -68.80 -44.34
CA ARG E 146 -10.67 -69.31 -43.16
C ARG E 146 -11.19 -70.73 -43.36
N TYR E 147 -10.65 -71.45 -44.34
CA TYR E 147 -11.09 -72.80 -44.66
C TYR E 147 -9.95 -73.81 -44.52
N GLN E 148 -9.18 -73.69 -43.44
CA GLN E 148 -8.03 -74.54 -43.21
C GLN E 148 -8.06 -75.13 -41.80
N LEU E 149 -9.24 -75.55 -41.35
CA LEU E 149 -9.39 -76.17 -40.04
C LEU E 149 -9.80 -77.63 -40.12
N GLU E 150 -10.93 -77.92 -40.77
CA GLU E 150 -11.40 -79.30 -40.88
C GLU E 150 -10.65 -80.11 -41.93
N ALA E 151 -9.95 -79.45 -42.85
CA ALA E 151 -9.12 -80.16 -43.81
C ALA E 151 -7.77 -80.57 -43.24
N VAL E 152 -7.43 -80.12 -42.04
CA VAL E 152 -6.18 -80.49 -41.40
C VAL E 152 -6.38 -81.15 -40.04
N LYS E 153 -7.53 -80.96 -39.37
CA LYS E 153 -7.74 -81.61 -38.08
C LYS E 153 -8.04 -83.09 -38.22
N GLY E 154 -8.47 -83.55 -39.41
CA GLY E 154 -8.83 -84.94 -39.60
C GLY E 154 -7.65 -85.89 -39.63
N THR E 155 -6.44 -85.38 -39.87
CA THR E 155 -5.25 -86.22 -39.94
C THR E 155 -4.73 -86.50 -38.53
N SER E 156 -4.56 -87.77 -38.20
CA SER E 156 -4.07 -88.18 -36.88
C SER E 156 -2.55 -88.37 -36.93
N ASP E 157 -1.85 -87.33 -37.34
CA ASP E 157 -0.40 -87.35 -37.41
C ASP E 157 0.16 -85.98 -37.02
N PRO E 158 0.68 -85.85 -35.80
CA PRO E 158 1.19 -84.54 -35.35
C PRO E 158 2.36 -84.04 -36.17
N ALA E 159 3.18 -84.92 -36.75
CA ALA E 159 4.30 -84.46 -37.56
C ALA E 159 3.82 -83.67 -38.78
N MET E 160 2.98 -84.30 -39.60
CA MET E 160 2.46 -83.59 -40.77
C MET E 160 1.54 -82.45 -40.37
N LEU E 161 0.83 -82.57 -39.24
CA LEU E 161 -0.01 -81.47 -38.77
C LEU E 161 0.83 -80.23 -38.47
N ALA E 162 1.93 -80.40 -37.74
CA ALA E 162 2.80 -79.26 -37.43
C ALA E 162 3.50 -78.76 -38.67
N ASP E 163 3.87 -79.66 -39.59
CA ASP E 163 4.49 -79.23 -40.83
C ASP E 163 3.54 -78.35 -41.65
N THR E 164 2.27 -78.75 -41.74
CA THR E 164 1.28 -77.94 -42.44
C THR E 164 1.03 -76.62 -41.71
N ILE E 165 1.03 -76.65 -40.37
CA ILE E 165 0.85 -75.41 -39.61
C ILE E 165 1.98 -74.42 -39.89
N ALA E 166 3.22 -74.90 -39.90
CA ALA E 166 4.37 -74.05 -40.13
C ALA E 166 4.58 -73.72 -41.61
N TYR E 167 3.90 -74.43 -42.51
CA TYR E 167 4.03 -74.16 -43.94
C TYR E 167 3.51 -72.78 -44.33
N HIS E 168 2.66 -72.17 -43.51
CA HIS E 168 2.06 -70.88 -43.82
C HIS E 168 2.78 -69.72 -43.15
N ALA E 169 4.09 -69.84 -42.97
CA ALA E 169 4.88 -68.77 -42.36
C ALA E 169 6.31 -68.82 -42.88
N THR E 170 7.01 -67.70 -42.73
CA THR E 170 8.40 -67.58 -43.13
C THR E 170 9.28 -67.61 -41.88
N TRP E 171 10.30 -68.46 -41.88
CA TRP E 171 11.13 -68.69 -40.71
C TRP E 171 12.56 -68.24 -40.98
N THR E 172 13.42 -68.47 -39.99
CA THR E 172 14.83 -68.10 -40.05
C THR E 172 15.66 -69.29 -40.52
N VAL E 173 16.69 -69.02 -41.31
CA VAL E 173 17.51 -70.08 -41.88
C VAL E 173 18.20 -70.88 -40.77
N ALA E 174 18.81 -70.19 -39.81
CA ALA E 174 19.49 -70.88 -38.73
C ALA E 174 18.52 -71.66 -37.85
N GLU E 175 17.35 -71.09 -37.58
CA GLU E 175 16.35 -71.78 -36.78
C GLU E 175 15.88 -73.05 -37.46
N LYS E 176 15.60 -72.97 -38.76
CA LYS E 176 15.18 -74.18 -39.48
C LYS E 176 16.32 -75.18 -39.61
N GLN E 177 17.56 -74.71 -39.71
CA GLN E 177 18.70 -75.61 -39.72
C GLN E 177 18.78 -76.40 -38.41
N GLU E 178 18.62 -75.70 -37.28
CA GLU E 178 18.62 -76.39 -35.99
C GLU E 178 17.43 -77.34 -35.87
N ILE E 179 16.26 -76.93 -36.35
CA ILE E 179 15.08 -77.79 -36.29
C ILE E 179 15.30 -79.07 -37.09
N LEU E 180 15.90 -78.95 -38.29
CA LEU E 180 16.19 -80.14 -39.07
C LEU E 180 17.30 -80.97 -38.45
N GLU E 181 18.25 -80.33 -37.78
CA GLU E 181 19.34 -81.04 -37.11
C GLU E 181 18.86 -81.80 -35.88
N LEU E 182 17.77 -81.37 -35.25
CA LEU E 182 17.21 -82.07 -34.10
C LEU E 182 15.99 -82.86 -34.52
N THR E 183 16.04 -84.18 -34.32
CA THR E 183 14.94 -85.05 -34.69
C THR E 183 13.88 -85.15 -33.60
N ASP E 184 14.02 -84.40 -32.51
CA ASP E 184 13.08 -84.46 -31.40
C ASP E 184 11.80 -83.71 -31.77
N LEU E 185 10.71 -84.46 -31.91
CA LEU E 185 9.42 -83.85 -32.22
C LEU E 185 9.00 -82.88 -31.13
N GLU E 186 9.19 -83.26 -29.87
CA GLU E 186 8.84 -82.38 -28.75
C GLU E 186 9.61 -81.08 -28.83
N ALA E 187 10.93 -81.16 -29.06
CA ALA E 187 11.76 -79.97 -29.13
C ALA E 187 11.36 -79.06 -30.28
N ARG E 188 11.11 -79.65 -31.45
CA ARG E 188 10.74 -78.83 -32.60
C ARG E 188 9.38 -78.17 -32.40
N LEU E 189 8.43 -78.89 -31.79
CA LEU E 189 7.13 -78.29 -31.50
C LEU E 189 7.27 -77.14 -30.52
N LYS E 190 8.07 -77.33 -29.47
CA LYS E 190 8.26 -76.25 -28.50
C LYS E 190 8.90 -75.03 -29.14
N LYS E 191 9.91 -75.24 -29.99
CA LYS E 191 10.58 -74.12 -30.65
C LYS E 191 9.62 -73.38 -31.59
N VAL E 192 8.82 -74.14 -32.35
CA VAL E 192 7.87 -73.50 -33.26
C VAL E 192 6.83 -72.72 -32.49
N LEU E 193 6.34 -73.28 -31.38
CA LEU E 193 5.36 -72.57 -30.56
C LEU E 193 5.95 -71.29 -29.98
N GLY E 194 7.19 -71.35 -29.51
CA GLY E 194 7.83 -70.16 -28.99
C GLY E 194 8.02 -69.08 -30.03
N LEU E 195 8.44 -69.48 -31.23
CA LEU E 195 8.59 -68.50 -32.32
C LEU E 195 7.25 -67.90 -32.72
N LEU E 196 6.19 -68.72 -32.75
CA LEU E 196 4.86 -68.18 -33.04
C LEU E 196 4.41 -67.20 -31.97
N SER E 197 4.69 -67.50 -30.69
CA SER E 197 4.36 -66.58 -29.62
C SER E 197 5.11 -65.26 -29.77
N ARG E 198 6.40 -65.34 -30.13
CA ARG E 198 7.19 -64.13 -30.35
C ARG E 198 6.59 -63.30 -31.49
N ASP E 199 6.20 -63.97 -32.59
CA ASP E 199 5.59 -63.26 -33.71
C ASP E 199 4.28 -62.61 -33.30
N LEU E 200 3.46 -63.30 -32.50
CA LEU E 200 2.20 -62.72 -32.03
C LEU E 200 2.46 -61.51 -31.15
N GLU E 201 3.48 -61.57 -30.29
CA GLU E 201 3.83 -60.43 -29.47
C GLU E 201 4.29 -59.25 -30.34
N ARG E 202 5.04 -59.55 -31.41
CA ARG E 202 5.45 -58.50 -32.34
C ARG E 202 4.23 -57.86 -33.00
N PHE E 203 3.27 -58.68 -33.42
CA PHE E 203 2.05 -58.14 -34.01
C PHE E 203 1.29 -57.28 -33.00
N GLU E 204 1.25 -57.72 -31.74
CA GLU E 204 0.59 -56.97 -30.68
C GLU E 204 1.23 -55.59 -30.50
N LEU E 205 2.57 -55.53 -30.47
CA LEU E 205 3.23 -54.24 -30.30
C LEU E 205 3.03 -53.35 -31.53
N ASP E 206 3.04 -53.95 -32.73
CA ASP E 206 2.75 -53.18 -33.94
C ASP E 206 1.35 -52.58 -33.87
N LYS E 207 0.37 -53.37 -33.43
CA LYS E 207 -0.99 -52.86 -33.30
C LYS E 207 -1.09 -51.79 -32.23
N ARG E 208 -0.31 -51.90 -31.15
CA ARG E 208 -0.30 -50.85 -30.13
C ARG E 208 0.25 -49.55 -30.71
N VAL E 209 1.32 -49.63 -31.50
CA VAL E 209 1.86 -48.44 -32.15
C VAL E 209 0.83 -47.85 -33.10
N ALA E 210 0.14 -48.71 -33.86
CA ALA E 210 -0.90 -48.24 -34.77
C ALA E 210 -2.01 -47.54 -34.01
N GLN E 211 -2.40 -48.09 -32.85
CA GLN E 211 -3.43 -47.48 -32.02
C GLN E 211 -2.98 -46.11 -31.54
N ARG E 212 -1.72 -45.99 -31.15
CA ARG E 212 -1.15 -44.69 -30.76
C ARG E 212 -1.24 -43.69 -31.90
N VAL E 213 -0.91 -44.13 -33.11
CA VAL E 213 -1.01 -43.29 -34.31
C VAL E 213 -2.44 -42.82 -34.50
N LYS E 214 -3.40 -43.75 -34.35
CA LYS E 214 -4.81 -43.41 -34.48
C LYS E 214 -5.23 -42.37 -33.44
N GLU E 215 -4.77 -42.55 -32.20
CA GLU E 215 -5.08 -41.58 -31.15
C GLU E 215 -4.56 -40.20 -31.49
N GLN E 216 -3.31 -40.12 -31.96
CA GLN E 216 -2.73 -38.82 -32.29
C GLN E 216 -3.47 -38.17 -33.46
N MET E 217 -3.79 -38.96 -34.49
CA MET E 217 -4.51 -38.48 -35.66
C MET E 217 -5.89 -37.93 -35.28
N ASP E 218 -6.63 -38.72 -34.50
CA ASP E 218 -7.94 -38.30 -34.01
C ASP E 218 -7.82 -37.05 -33.17
N THR E 219 -6.79 -36.97 -32.34
CA THR E 219 -6.54 -35.80 -31.52
C THR E 219 -6.38 -34.55 -32.37
N ASN E 220 -5.56 -34.63 -33.42
CA ASN E 220 -5.32 -33.45 -34.26
C ASN E 220 -6.57 -33.04 -35.05
N GLN E 221 -7.27 -34.04 -35.61
CA GLN E 221 -8.54 -33.75 -36.29
C GLN E 221 -9.52 -33.06 -35.35
N ARG E 222 -9.61 -33.57 -34.12
CA ARG E 222 -10.47 -32.95 -33.12
C ARG E 222 -9.98 -31.55 -32.79
N GLU E 223 -8.66 -31.34 -32.77
CA GLU E 223 -8.11 -29.99 -32.57
C GLU E 223 -8.71 -29.01 -33.57
N TYR E 224 -8.63 -29.38 -34.85
CA TYR E 224 -9.15 -28.50 -35.90
C TYR E 224 -10.64 -28.26 -35.72
N TYR E 225 -11.41 -29.31 -35.42
CA TYR E 225 -12.85 -29.11 -35.27
C TYR E 225 -13.20 -28.36 -33.97
N LEU E 226 -12.37 -28.45 -32.94
CA LEU E 226 -12.61 -27.65 -31.74
C LEU E 226 -12.43 -26.16 -32.03
N ARG E 227 -11.42 -25.82 -32.84
CA ARG E 227 -11.39 -24.43 -33.31
C ARG E 227 -12.60 -24.09 -34.19
N GLU E 228 -13.00 -25.02 -35.06
CA GLU E 228 -14.16 -24.75 -35.89
C GLU E 228 -15.42 -24.58 -35.03
N GLN E 229 -15.39 -25.03 -33.78
CA GLN E 229 -16.49 -24.73 -32.86
C GLN E 229 -16.62 -23.23 -32.61
N MET E 230 -15.51 -22.54 -32.31
CA MET E 230 -15.58 -21.09 -32.18
C MET E 230 -15.95 -20.44 -33.50
N LYS E 231 -15.44 -20.99 -34.60
CA LYS E 231 -15.88 -20.50 -35.91
C LYS E 231 -17.40 -20.59 -36.04
N ALA E 232 -18.00 -21.69 -35.57
CA ALA E 232 -19.45 -21.85 -35.64
C ALA E 232 -20.17 -20.87 -34.73
N ILE E 233 -19.65 -20.66 -33.52
CA ILE E 233 -20.34 -19.79 -32.57
C ILE E 233 -20.19 -18.34 -33.03
N GLN E 234 -19.23 -18.07 -33.92
CA GLN E 234 -19.08 -16.74 -34.49
C GLN E 234 -19.79 -16.54 -35.82
N LYS E 235 -20.12 -17.61 -36.55
CA LYS E 235 -20.88 -17.51 -37.80
C LYS E 235 -22.04 -16.52 -37.70
N GLU E 236 -22.69 -16.49 -36.55
CA GLU E 236 -23.78 -15.55 -36.29
C GLU E 236 -23.37 -14.38 -35.41
N LEU E 237 -22.42 -14.58 -34.49
CA LEU E 237 -22.01 -13.53 -33.58
C LEU E 237 -21.30 -12.40 -34.30
N GLY E 238 -20.20 -12.72 -34.97
CA GLY E 238 -19.37 -11.72 -35.64
C GLY E 238 -19.37 -11.90 -37.14
N GLY E 239 -19.28 -10.77 -37.86
CA GLY E 239 -19.17 -10.80 -39.31
C GLY E 239 -17.93 -11.54 -39.78
N GLU E 240 -16.79 -11.23 -39.17
CA GLU E 240 -15.53 -11.91 -39.45
C GLU E 240 -15.05 -12.67 -38.22
N ASP E 241 -14.16 -13.62 -38.46
CA ASP E 241 -13.63 -14.43 -37.37
C ASP E 241 -12.11 -14.57 -37.40
N GLY E 242 -11.40 -13.75 -38.18
CA GLY E 242 -9.95 -13.82 -38.24
C GLY E 242 -9.27 -13.55 -36.91
N LEU E 243 -9.86 -12.65 -36.11
CA LEU E 243 -9.28 -12.30 -34.82
C LEU E 243 -9.21 -13.51 -33.89
N SER E 244 -10.34 -14.22 -33.72
CA SER E 244 -10.30 -15.44 -32.94
C SER E 244 -9.58 -16.57 -33.66
N ASP E 245 -9.25 -16.38 -34.93
CA ASP E 245 -8.43 -17.33 -35.68
C ASP E 245 -6.95 -17.11 -35.45
N LEU E 246 -6.57 -16.07 -34.72
CA LEU E 246 -5.18 -15.81 -34.38
C LEU E 246 -4.56 -16.95 -33.58
N GLU E 247 -5.21 -17.34 -32.48
CA GLU E 247 -4.72 -18.50 -31.74
C GLU E 247 -4.97 -19.79 -32.50
N ALA E 248 -6.00 -19.83 -33.34
CA ALA E 248 -6.25 -21.00 -34.17
C ALA E 248 -5.10 -21.28 -35.14
N LEU E 249 -4.44 -20.24 -35.63
CA LEU E 249 -3.25 -20.40 -36.44
C LEU E 249 -1.99 -20.53 -35.59
N ARG E 250 -2.02 -20.00 -34.37
CA ARG E 250 -0.89 -20.13 -33.43
C ARG E 250 -0.81 -21.58 -32.94
N LYS E 251 -1.74 -22.42 -33.37
CA LYS E 251 -1.77 -23.84 -32.91
C LYS E 251 -0.52 -24.57 -33.42
N LYS E 252 0.28 -23.90 -34.25
CA LYS E 252 1.54 -24.50 -34.78
C LYS E 252 2.47 -24.80 -33.59
N ILE E 253 2.17 -24.26 -32.41
CA ILE E 253 3.00 -24.53 -31.20
C ILE E 253 3.32 -26.02 -31.16
N GLU E 254 2.31 -26.87 -31.42
CA GLU E 254 2.51 -28.34 -31.34
C GLU E 254 3.72 -28.74 -32.19
N GLU E 255 3.82 -28.24 -33.43
CA GLU E 255 4.95 -28.58 -34.32
C GLU E 255 6.24 -28.00 -33.73
N VAL E 256 6.16 -26.81 -33.13
CA VAL E 256 7.38 -26.15 -32.56
C VAL E 256 7.84 -26.95 -31.35
N GLY E 257 9.01 -27.58 -31.44
CA GLY E 257 9.51 -28.41 -30.33
C GLY E 257 8.38 -29.18 -29.67
N MET E 258 7.92 -28.73 -28.51
CA MET E 258 6.80 -29.37 -27.82
C MET E 258 7.06 -30.85 -27.53
N PRO E 259 7.95 -31.17 -26.59
CA PRO E 259 8.11 -32.56 -26.19
C PRO E 259 6.78 -33.14 -25.71
N GLU E 260 6.57 -34.42 -26.02
CA GLU E 260 5.24 -35.05 -26.03
C GLU E 260 4.32 -34.61 -24.88
N ALA E 261 4.81 -34.69 -23.64
CA ALA E 261 3.96 -34.35 -22.50
C ALA E 261 3.60 -32.86 -22.52
N VAL E 262 4.58 -32.00 -22.79
CA VAL E 262 4.32 -30.57 -22.87
C VAL E 262 3.42 -30.26 -24.04
N LYS E 263 3.55 -31.02 -25.13
CA LYS E 263 2.68 -30.85 -26.29
C LYS E 263 1.23 -31.17 -25.92
N THR E 264 1.02 -32.27 -25.20
CA THR E 264 -0.34 -32.62 -24.78
C THR E 264 -0.91 -31.56 -23.85
N LYS E 265 -0.11 -31.10 -22.89
CA LYS E 265 -0.57 -30.07 -21.97
C LYS E 265 -0.92 -28.79 -22.72
N ALA E 266 -0.09 -28.41 -23.69
CA ALA E 266 -0.36 -27.22 -24.49
C ALA E 266 -1.63 -27.37 -25.29
N LEU E 267 -1.85 -28.54 -25.90
CA LEU E 267 -3.09 -28.76 -26.66
C LEU E 267 -4.31 -28.65 -25.76
N LYS E 268 -4.22 -29.21 -24.54
CA LYS E 268 -5.33 -29.08 -23.59
C LYS E 268 -5.58 -27.62 -23.25
N GLU E 269 -4.52 -26.85 -23.03
CA GLU E 269 -4.67 -25.44 -22.71
C GLU E 269 -5.10 -24.60 -23.92
N LEU E 270 -4.93 -25.11 -25.12
CA LEU E 270 -5.30 -24.39 -26.34
C LEU E 270 -6.76 -24.59 -26.68
N ASP E 271 -7.24 -25.84 -26.63
CA ASP E 271 -8.56 -26.16 -27.12
C ASP E 271 -9.70 -25.60 -26.27
N ARG E 272 -9.48 -25.37 -24.98
CA ARG E 272 -10.59 -25.20 -24.06
C ARG E 272 -10.57 -23.89 -23.29
N LEU E 273 -9.82 -22.88 -23.74
CA LEU E 273 -9.63 -21.66 -22.98
C LEU E 273 -10.21 -20.42 -23.67
N GLU E 274 -10.97 -20.63 -24.75
CA GLU E 274 -11.71 -19.53 -25.43
C GLU E 274 -13.18 -19.61 -25.03
N ARG E 275 -13.48 -19.48 -23.74
CA ARG E 275 -14.84 -19.79 -23.20
C ARG E 275 -15.88 -18.86 -23.84
N MET E 276 -15.63 -17.56 -23.82
CA MET E 276 -16.59 -16.57 -24.37
C MET E 276 -15.89 -15.74 -25.46
N GLN E 277 -16.32 -15.88 -26.70
CA GLN E 277 -15.67 -15.18 -27.84
C GLN E 277 -15.84 -13.67 -27.65
N GLN E 278 -17.02 -13.25 -27.20
CA GLN E 278 -17.35 -11.81 -27.05
C GLN E 278 -17.04 -11.35 -25.62
N GLY E 279 -16.75 -10.05 -25.44
CA GLY E 279 -16.61 -9.46 -24.10
C GLY E 279 -15.62 -10.21 -23.24
N SER E 280 -16.04 -10.62 -22.04
CA SER E 280 -15.41 -11.76 -21.32
C SER E 280 -13.94 -11.45 -21.05
N PRO E 281 -13.60 -10.58 -20.08
CA PRO E 281 -12.20 -10.29 -19.76
C PRO E 281 -11.45 -11.60 -19.45
N GLU E 282 -12.07 -12.48 -18.66
CA GLU E 282 -11.43 -13.74 -18.26
C GLU E 282 -11.05 -14.54 -19.51
N ALA E 283 -11.99 -14.67 -20.45
CA ALA E 283 -11.74 -15.42 -21.70
C ALA E 283 -10.62 -14.75 -22.49
N THR E 284 -10.69 -13.42 -22.63
CA THR E 284 -9.62 -12.65 -23.32
C THR E 284 -8.32 -12.79 -22.52
N VAL E 285 -8.42 -12.69 -21.19
CA VAL E 285 -7.24 -12.89 -20.29
C VAL E 285 -6.62 -14.26 -20.61
N ALA E 286 -7.43 -15.32 -20.56
CA ALA E 286 -6.91 -16.65 -20.87
C ALA E 286 -6.42 -16.73 -22.31
N ARG E 287 -7.05 -15.97 -23.22
CA ARG E 287 -6.61 -15.91 -24.61
C ARG E 287 -5.21 -15.32 -24.72
N THR E 288 -4.95 -14.22 -24.01
CA THR E 288 -3.61 -13.64 -23.99
C THR E 288 -2.61 -14.55 -23.29
N TYR E 289 -3.04 -15.22 -22.22
CA TYR E 289 -2.22 -16.25 -21.59
C TYR E 289 -1.79 -17.31 -22.60
N LEU E 290 -2.74 -17.82 -23.38
CA LEU E 290 -2.45 -18.85 -24.37
C LEU E 290 -1.54 -18.30 -25.48
N ASP E 291 -1.77 -17.05 -25.89
CA ASP E 291 -0.94 -16.44 -26.92
C ASP E 291 0.50 -16.33 -26.47
N TRP E 292 0.72 -15.88 -25.23
CA TRP E 292 2.08 -15.83 -24.71
C TRP E 292 2.65 -17.23 -24.51
N LEU E 293 1.80 -18.20 -24.19
CA LEU E 293 2.25 -19.58 -24.09
C LEU E 293 2.79 -20.09 -25.41
N THR E 294 2.10 -19.77 -26.51
CA THR E 294 2.44 -20.34 -27.81
C THR E 294 3.43 -19.50 -28.62
N GLU E 295 3.65 -18.23 -28.26
CA GLU E 295 4.49 -17.39 -29.10
C GLU E 295 5.98 -17.50 -28.81
N VAL E 296 6.38 -18.24 -27.79
CA VAL E 296 7.78 -18.47 -27.47
C VAL E 296 8.21 -19.79 -28.11
N PRO E 297 9.19 -19.78 -29.02
CA PRO E 297 9.54 -21.00 -29.73
C PRO E 297 10.27 -22.02 -28.85
N TRP E 298 10.11 -23.29 -29.21
CA TRP E 298 10.75 -24.39 -28.50
C TRP E 298 11.71 -25.10 -29.45
N SER E 299 12.94 -25.32 -28.97
CA SER E 299 13.98 -26.03 -29.73
C SER E 299 14.27 -25.35 -31.07
N LYS E 300 14.11 -24.03 -31.12
CA LYS E 300 14.37 -23.26 -32.33
C LYS E 300 15.78 -22.69 -32.22
N ALA E 301 16.74 -23.43 -32.79
CA ALA E 301 18.15 -23.07 -32.72
C ALA E 301 18.64 -22.66 -34.10
N ASP E 302 19.20 -21.45 -34.19
CA ASP E 302 19.77 -20.97 -35.43
C ASP E 302 21.14 -21.59 -35.66
N PRO E 303 21.59 -21.64 -36.91
CA PRO E 303 22.98 -22.07 -37.16
C PRO E 303 23.96 -21.13 -36.48
N GLU E 304 25.00 -21.70 -35.88
CA GLU E 304 25.98 -20.92 -35.13
C GLU E 304 27.32 -21.62 -35.18
N VAL E 305 28.37 -20.85 -35.45
CA VAL E 305 29.74 -21.36 -35.46
C VAL E 305 30.59 -20.46 -34.56
N LEU E 306 31.37 -21.07 -33.69
CA LEU E 306 32.29 -20.35 -32.80
C LEU E 306 33.70 -20.84 -33.08
N ASP E 307 34.61 -19.90 -33.31
CA ASP E 307 36.00 -20.23 -33.62
C ASP E 307 36.92 -19.20 -33.00
N ILE E 308 38.03 -19.70 -32.43
CA ILE E 308 38.99 -18.83 -31.76
C ILE E 308 39.64 -17.87 -32.75
N ASN E 309 40.05 -18.38 -33.91
CA ASN E 309 40.62 -17.50 -34.93
C ASN E 309 39.57 -16.52 -35.46
N HIS E 310 38.33 -16.98 -35.60
CA HIS E 310 37.26 -16.11 -36.05
C HIS E 310 37.07 -14.94 -35.09
N THR E 311 37.12 -15.22 -33.78
CA THR E 311 37.06 -14.13 -32.81
C THR E 311 38.31 -13.26 -32.83
N ARG E 312 39.48 -13.88 -32.98
CA ARG E 312 40.74 -13.14 -32.90
C ARG E 312 40.85 -12.12 -34.03
N GLN E 313 40.51 -12.53 -35.26
CA GLN E 313 40.59 -11.60 -36.38
C GLN E 313 39.57 -10.47 -36.27
N VAL E 314 38.37 -10.78 -35.78
CA VAL E 314 37.34 -9.74 -35.68
C VAL E 314 37.68 -8.72 -34.61
N LEU E 315 38.17 -9.19 -33.45
CA LEU E 315 38.48 -8.27 -32.36
C LEU E 315 39.60 -7.30 -32.69
N ASP E 316 40.40 -7.59 -33.73
CA ASP E 316 41.51 -6.70 -34.07
C ASP E 316 41.03 -5.36 -34.61
N GLU E 317 40.02 -5.38 -35.47
CA GLU E 317 39.61 -4.17 -36.19
C GLU E 317 38.42 -3.45 -35.60
N ASP E 318 37.67 -4.09 -34.69
CA ASP E 318 36.52 -3.44 -34.08
C ASP E 318 36.89 -2.60 -32.87
N HIS E 319 38.12 -2.72 -32.37
CA HIS E 319 38.57 -1.93 -31.23
C HIS E 319 40.06 -1.62 -31.41
N TYR E 320 40.50 -0.57 -30.73
CA TYR E 320 41.89 -0.16 -30.75
C TYR E 320 42.52 -0.37 -29.38
N GLY E 321 43.74 -0.91 -29.37
CA GLY E 321 44.42 -1.16 -28.12
C GLY E 321 43.71 -2.19 -27.28
N LEU E 322 43.70 -1.97 -25.96
CA LEU E 322 43.07 -2.87 -24.99
C LEU E 322 43.63 -4.28 -25.12
N LYS E 323 44.95 -4.39 -24.98
CA LYS E 323 45.61 -5.67 -25.10
C LYS E 323 45.22 -6.62 -23.96
N ASP E 324 44.98 -6.08 -22.77
CA ASP E 324 44.73 -6.93 -21.61
C ASP E 324 43.46 -7.77 -21.79
N VAL E 325 42.39 -7.15 -22.27
CA VAL E 325 41.11 -7.85 -22.35
C VAL E 325 41.09 -8.93 -23.44
N LYS E 326 41.89 -8.76 -24.50
CA LYS E 326 41.80 -9.67 -25.64
C LYS E 326 42.08 -11.11 -25.25
N GLU E 327 43.30 -11.37 -24.74
CA GLU E 327 43.68 -12.73 -24.39
C GLU E 327 42.87 -13.25 -23.21
N ARG E 328 42.48 -12.37 -22.27
CA ARG E 328 41.68 -12.81 -21.14
C ARG E 328 40.32 -13.33 -21.59
N ILE E 329 39.67 -12.63 -22.54
CA ILE E 329 38.40 -13.09 -23.07
C ILE E 329 38.61 -14.34 -23.93
N LEU E 330 39.70 -14.39 -24.68
CA LEU E 330 39.97 -15.55 -25.52
C LEU E 330 40.17 -16.80 -24.67
N GLU E 331 40.75 -16.64 -23.48
CA GLU E 331 40.88 -17.77 -22.57
C GLU E 331 39.52 -18.34 -22.18
N TYR E 332 38.56 -17.46 -21.87
CA TYR E 332 37.22 -17.92 -21.54
C TYR E 332 36.56 -18.60 -22.73
N LEU E 333 36.73 -18.04 -23.92
CA LEU E 333 36.17 -18.69 -25.12
C LEU E 333 36.82 -20.04 -25.39
N ALA E 334 38.10 -20.21 -25.01
CA ALA E 334 38.81 -21.45 -25.25
C ALA E 334 38.30 -22.62 -24.41
N VAL E 335 37.48 -22.36 -23.40
CA VAL E 335 37.04 -23.43 -22.50
C VAL E 335 35.77 -24.10 -22.99
N ARG E 336 34.87 -23.34 -23.60
CA ARG E 336 33.56 -23.87 -23.98
C ARG E 336 33.69 -24.98 -25.02
N GLN E 337 34.55 -24.80 -26.02
CA GLN E 337 34.63 -25.76 -27.11
C GLN E 337 35.14 -27.12 -26.64
N LEU E 338 36.10 -27.11 -25.71
CA LEU E 338 36.69 -28.37 -25.25
C LEU E 338 35.66 -29.26 -24.59
N THR E 339 34.77 -28.69 -23.78
CA THR E 339 33.78 -29.45 -23.03
C THR E 339 32.38 -29.39 -23.63
N GLN E 340 32.23 -28.81 -24.82
CA GLN E 340 30.93 -28.76 -25.45
C GLN E 340 30.50 -30.14 -25.95
N GLY E 341 29.20 -30.30 -26.13
CA GLY E 341 28.66 -31.55 -26.64
C GLY E 341 28.12 -32.46 -25.55
N LEU E 342 28.79 -33.59 -25.34
CA LEU E 342 28.33 -34.57 -24.36
C LEU E 342 28.56 -34.07 -22.95
N ASP E 343 27.75 -34.60 -22.02
CA ASP E 343 27.85 -34.30 -20.59
C ASP E 343 27.71 -32.80 -20.33
N VAL E 344 26.54 -32.29 -20.67
CA VAL E 344 26.22 -30.88 -20.45
C VAL E 344 26.08 -30.66 -18.95
N ARG E 345 27.05 -29.96 -18.35
CA ARG E 345 27.07 -29.71 -16.92
C ARG E 345 27.47 -28.26 -16.68
N ASN E 346 27.38 -27.84 -15.42
CA ASN E 346 27.80 -26.49 -15.04
C ASN E 346 29.31 -26.33 -15.20
N LYS E 347 29.70 -25.44 -16.11
CA LYS E 347 31.11 -25.28 -16.48
C LYS E 347 31.75 -24.17 -15.65
N ALA E 348 32.94 -23.73 -16.05
CA ALA E 348 33.76 -22.70 -15.42
C ALA E 348 32.95 -21.43 -15.15
N PRO E 349 33.38 -20.60 -14.20
CA PRO E 349 32.61 -19.39 -13.87
C PRO E 349 32.51 -18.44 -15.05
N ILE E 350 31.50 -17.57 -14.97
CA ILE E 350 31.13 -16.69 -16.07
C ILE E 350 32.03 -15.45 -16.05
N LEU E 351 32.57 -15.09 -17.22
CA LEU E 351 33.39 -13.89 -17.32
C LEU E 351 32.53 -12.65 -17.16
N VAL E 352 33.03 -11.68 -16.41
CA VAL E 352 32.34 -10.41 -16.18
C VAL E 352 33.34 -9.27 -16.39
N LEU E 353 32.82 -8.14 -16.84
CA LEU E 353 33.63 -6.95 -17.10
C LEU E 353 33.39 -5.93 -16.00
N VAL E 354 34.47 -5.46 -15.38
CA VAL E 354 34.41 -4.41 -14.37
C VAL E 354 35.41 -3.32 -14.74
N GLY E 355 35.00 -2.06 -14.58
CA GLY E 355 35.85 -0.95 -14.88
C GLY E 355 35.12 0.38 -14.80
N PRO E 356 35.83 1.47 -15.11
CA PRO E 356 35.20 2.78 -15.07
C PRO E 356 34.11 2.89 -16.13
N PRO E 357 33.06 3.67 -15.89
CA PRO E 357 32.01 3.83 -16.89
C PRO E 357 32.50 4.59 -18.11
N GLY E 358 31.88 4.29 -19.24
CA GLY E 358 32.20 4.93 -20.50
C GLY E 358 33.16 4.15 -21.38
N VAL E 359 33.91 3.19 -20.80
CA VAL E 359 34.79 2.35 -21.61
C VAL E 359 33.96 1.42 -22.45
N GLY E 360 34.34 1.28 -23.73
CA GLY E 360 33.59 0.45 -24.65
C GLY E 360 33.49 -1.00 -24.22
N LYS E 361 32.30 -1.40 -23.78
CA LYS E 361 32.02 -2.77 -23.40
C LYS E 361 30.89 -3.39 -24.20
N THR E 362 29.83 -2.62 -24.50
CA THR E 362 28.79 -3.11 -25.39
C THR E 362 29.34 -3.34 -26.79
N SER E 363 30.22 -2.45 -27.25
CA SER E 363 30.87 -2.64 -28.55
C SER E 363 31.76 -3.89 -28.55
N LEU E 364 32.45 -4.14 -27.44
CA LEU E 364 33.21 -5.38 -27.32
C LEU E 364 32.29 -6.59 -27.37
N GLY E 365 31.13 -6.50 -26.71
CA GLY E 365 30.16 -7.58 -26.80
C GLY E 365 29.68 -7.80 -28.22
N ARG E 366 29.50 -6.72 -28.98
CA ARG E 366 29.09 -6.87 -30.37
C ARG E 366 30.20 -7.49 -31.20
N SER E 367 31.46 -7.15 -30.90
CA SER E 367 32.58 -7.81 -31.55
C SER E 367 32.53 -9.32 -31.31
N ILE E 368 32.34 -9.71 -30.05
CA ILE E 368 32.24 -11.14 -29.71
C ILE E 368 31.06 -11.77 -30.44
N ALA E 369 29.92 -11.08 -30.48
CA ALA E 369 28.72 -11.63 -31.08
C ALA E 369 28.90 -11.86 -32.59
N ARG E 370 29.42 -10.85 -33.29
CA ARG E 370 29.63 -10.99 -34.73
C ARG E 370 30.76 -11.95 -35.05
N SER E 371 31.68 -12.16 -34.11
CA SER E 371 32.74 -13.13 -34.31
C SER E 371 32.36 -14.54 -33.87
N MET E 372 31.22 -14.71 -33.20
CA MET E 372 30.81 -15.99 -32.68
C MET E 372 29.43 -16.39 -33.19
N ASN E 373 28.82 -15.56 -34.04
CA ASN E 373 27.59 -15.88 -34.77
C ASN E 373 26.36 -15.96 -33.86
N ARG E 374 26.19 -14.94 -33.02
CA ARG E 374 24.96 -14.76 -32.25
C ARG E 374 24.53 -13.31 -32.33
N LYS E 375 23.23 -13.08 -32.23
CA LYS E 375 22.67 -11.74 -32.29
C LYS E 375 22.71 -11.12 -30.89
N PHE E 376 22.07 -9.96 -30.74
CA PHE E 376 22.17 -9.19 -29.50
C PHE E 376 20.79 -8.72 -29.04
N HIS E 377 20.65 -8.58 -27.72
CA HIS E 377 19.48 -8.00 -27.10
C HIS E 377 19.89 -7.32 -25.80
N ARG E 378 19.13 -6.30 -25.40
CA ARG E 378 19.40 -5.56 -24.17
C ARG E 378 18.13 -5.50 -23.34
N ILE E 379 18.22 -5.94 -22.09
CA ILE E 379 17.13 -5.79 -21.13
C ILE E 379 17.54 -4.92 -19.95
N SER E 380 18.73 -5.16 -19.39
CA SER E 380 19.29 -4.35 -18.31
C SER E 380 18.36 -4.30 -17.10
N LEU E 381 18.19 -5.47 -16.48
CA LEU E 381 17.34 -5.59 -15.30
C LEU E 381 17.83 -4.69 -14.18
N GLY E 382 16.98 -4.52 -13.18
CA GLY E 382 17.28 -3.67 -12.03
C GLY E 382 16.62 -2.31 -12.06
N GLY E 383 15.90 -1.97 -13.13
CA GLY E 383 15.21 -0.69 -13.19
C GLY E 383 13.93 -0.61 -12.41
N VAL E 384 13.47 -1.74 -11.85
CA VAL E 384 12.25 -1.77 -11.05
C VAL E 384 12.61 -2.12 -9.62
N ARG E 385 11.62 -2.08 -8.72
CA ARG E 385 11.82 -2.36 -7.31
C ARG E 385 10.88 -3.45 -6.81
N ASP E 386 10.63 -4.47 -7.64
CA ASP E 386 9.75 -5.56 -7.26
C ASP E 386 10.34 -6.85 -7.82
N GLU E 387 9.54 -7.91 -7.81
CA GLU E 387 9.94 -9.21 -8.35
C GLU E 387 9.14 -9.62 -9.58
N ALA E 388 8.04 -8.93 -9.88
CA ALA E 388 7.18 -9.30 -11.00
C ALA E 388 7.88 -9.19 -12.35
N GLU E 389 8.98 -8.43 -12.42
CA GLU E 389 9.70 -8.31 -13.69
C GLU E 389 10.39 -9.60 -14.09
N ILE E 390 10.48 -10.59 -13.20
CA ILE E 390 11.01 -11.90 -13.51
C ILE E 390 9.94 -12.98 -13.38
N ARG E 391 9.21 -12.97 -12.28
CA ARG E 391 8.05 -13.85 -12.07
C ARG E 391 6.88 -12.97 -11.68
N GLY E 392 5.97 -12.75 -12.63
CA GLY E 392 4.88 -11.81 -12.44
C GLY E 392 3.75 -12.34 -11.57
N HIS E 393 2.52 -11.94 -11.88
CA HIS E 393 1.34 -12.33 -11.13
C HIS E 393 0.43 -13.19 -11.99
N ARG E 394 -0.50 -13.88 -11.34
CA ARG E 394 -1.43 -14.76 -12.03
C ARG E 394 -2.44 -13.94 -12.83
N ARG E 395 -3.13 -14.63 -13.75
CA ARG E 395 -4.08 -13.96 -14.64
C ARG E 395 -5.22 -13.30 -13.86
N THR E 396 -5.54 -13.82 -12.68
CA THR E 396 -6.61 -13.23 -11.87
C THR E 396 -6.26 -11.83 -11.37
N TYR E 397 -4.97 -11.49 -11.33
CA TYR E 397 -4.56 -10.16 -10.90
C TYR E 397 -4.93 -9.13 -11.97
N ILE E 398 -4.99 -7.87 -11.54
CA ILE E 398 -5.34 -6.78 -12.45
C ILE E 398 -4.31 -6.68 -13.57
N GLY E 399 -3.02 -6.73 -13.21
CA GLY E 399 -1.95 -6.69 -14.18
C GLY E 399 -1.42 -8.09 -14.44
N ALA E 400 -1.47 -8.51 -15.70
CA ALA E 400 -0.97 -9.80 -16.12
C ALA E 400 0.40 -9.72 -16.78
N MET E 401 1.23 -8.79 -16.31
CA MET E 401 2.55 -8.60 -16.93
C MET E 401 3.47 -9.76 -16.58
N PRO E 402 4.08 -10.42 -17.56
CA PRO E 402 5.00 -11.52 -17.27
C PRO E 402 6.42 -11.05 -17.01
N GLY E 403 7.35 -11.98 -16.85
CA GLY E 403 8.73 -11.63 -16.60
C GLY E 403 9.38 -11.00 -17.81
N LYS E 404 10.56 -10.41 -17.57
CA LYS E 404 11.34 -9.77 -18.62
C LYS E 404 12.50 -10.63 -19.11
N LEU E 405 12.99 -11.55 -18.28
CA LEU E 405 13.94 -12.54 -18.78
C LEU E 405 13.30 -13.39 -19.87
N ILE E 406 12.00 -13.70 -19.73
CA ILE E 406 11.29 -14.40 -20.77
C ILE E 406 10.90 -13.45 -21.91
N HIS E 407 10.81 -12.14 -21.66
CA HIS E 407 10.62 -11.20 -22.76
C HIS E 407 11.87 -11.13 -23.63
N ALA E 408 13.04 -11.35 -23.04
CA ALA E 408 14.26 -11.46 -23.82
C ALA E 408 14.17 -12.61 -24.83
N MET E 409 13.51 -13.71 -24.45
CA MET E 409 13.21 -14.78 -25.39
C MET E 409 12.04 -14.45 -26.31
N LYS E 410 11.08 -13.65 -25.84
CA LYS E 410 9.98 -13.22 -26.70
C LYS E 410 10.48 -12.43 -27.91
N GLN E 411 11.44 -11.53 -27.68
CA GLN E 411 11.88 -10.65 -28.75
C GLN E 411 12.76 -11.34 -29.79
N VAL E 412 13.15 -12.59 -29.56
CA VAL E 412 13.99 -13.34 -30.50
C VAL E 412 13.37 -14.70 -30.75
N GLY E 413 13.37 -15.12 -32.01
CA GLY E 413 12.85 -16.43 -32.36
C GLY E 413 13.81 -17.58 -32.16
N VAL E 414 14.96 -17.34 -31.55
CA VAL E 414 16.01 -18.34 -31.38
C VAL E 414 16.30 -18.52 -29.89
N ILE E 415 16.50 -19.78 -29.49
CA ILE E 415 16.86 -20.09 -28.11
C ILE E 415 18.33 -19.85 -27.82
N ASN E 416 19.15 -19.68 -28.85
CA ASN E 416 20.61 -19.61 -28.72
C ASN E 416 21.18 -18.27 -28.28
N PRO E 417 20.74 -17.12 -28.81
CA PRO E 417 21.59 -15.92 -28.79
C PRO E 417 22.02 -15.50 -27.40
N VAL E 418 23.28 -15.06 -27.30
CA VAL E 418 23.85 -14.59 -26.05
C VAL E 418 23.57 -13.10 -25.89
N ILE E 419 23.08 -12.70 -24.73
CA ILE E 419 22.66 -11.34 -24.47
C ILE E 419 23.49 -10.74 -23.34
N LEU E 420 23.84 -9.47 -23.49
CA LEU E 420 24.55 -8.72 -22.46
C LEU E 420 23.57 -8.03 -21.53
N LEU E 421 23.82 -8.15 -20.23
CA LEU E 421 23.02 -7.49 -19.21
C LEU E 421 23.91 -6.56 -18.41
N ASP E 422 23.51 -5.29 -18.31
CA ASP E 422 24.25 -4.27 -17.59
C ASP E 422 23.38 -3.68 -16.49
N GLU E 423 24.03 -2.94 -15.59
CA GLU E 423 23.38 -2.34 -14.42
C GLU E 423 22.66 -3.41 -13.60
N ILE E 424 23.38 -4.50 -13.33
CA ILE E 424 22.82 -5.61 -12.57
C ILE E 424 23.39 -5.63 -11.16
N PRO E 435 15.22 -10.06 -5.66
CA PRO E 435 15.02 -11.13 -6.64
C PRO E 435 16.34 -11.81 -7.01
N ALA E 436 17.08 -12.28 -6.00
CA ALA E 436 18.34 -12.97 -6.26
C ALA E 436 18.09 -14.33 -6.90
N SER E 437 17.36 -15.20 -6.20
CA SER E 437 17.06 -16.52 -6.76
C SER E 437 16.21 -16.42 -8.02
N ALA E 438 15.54 -15.28 -8.22
CA ALA E 438 14.76 -15.10 -9.43
C ALA E 438 15.64 -15.05 -10.68
N MET E 439 16.88 -14.60 -10.55
CA MET E 439 17.81 -14.60 -11.67
C MET E 439 18.95 -15.61 -11.52
N LEU E 440 19.15 -16.19 -10.34
CA LEU E 440 19.95 -17.40 -10.25
C LEU E 440 19.27 -18.55 -11.00
N GLU E 441 17.94 -18.58 -11.01
CA GLU E 441 17.20 -19.62 -11.71
C GLU E 441 17.34 -19.51 -13.22
N VAL E 442 17.71 -18.34 -13.74
CA VAL E 442 17.95 -18.18 -15.17
C VAL E 442 19.44 -18.18 -15.52
N LEU E 443 20.31 -17.84 -14.57
CA LEU E 443 21.75 -17.95 -14.81
C LEU E 443 22.15 -19.41 -14.99
N ASP E 444 21.62 -20.29 -14.14
CA ASP E 444 21.95 -21.71 -14.22
C ASP E 444 21.01 -22.39 -15.20
N PRO E 445 21.53 -23.02 -16.27
CA PRO E 445 20.66 -23.64 -17.27
C PRO E 445 20.01 -24.94 -16.83
N GLU E 446 20.31 -25.44 -15.63
CA GLU E 446 19.73 -26.71 -15.18
C GLU E 446 18.36 -26.55 -14.56
N GLN E 447 18.12 -25.44 -13.86
CA GLN E 447 16.81 -25.21 -13.26
C GLN E 447 15.77 -24.71 -14.27
N ASN E 448 16.21 -24.34 -15.48
CA ASN E 448 15.31 -23.87 -16.52
C ASN E 448 14.83 -24.99 -17.43
N ASN E 449 15.06 -26.25 -17.06
CA ASN E 449 14.61 -27.35 -17.90
C ASN E 449 13.09 -27.37 -18.01
N THR E 450 12.39 -27.21 -16.89
CA THR E 450 10.93 -27.17 -16.87
C THR E 450 10.41 -25.99 -16.08
N PHE E 451 11.18 -24.90 -16.03
CA PHE E 451 10.78 -23.72 -15.28
C PHE E 451 9.54 -23.09 -15.90
N THR E 452 8.58 -22.73 -15.04
CA THR E 452 7.33 -22.11 -15.48
C THR E 452 7.20 -20.76 -14.81
N ASP E 453 7.05 -19.71 -15.62
CA ASP E 453 6.82 -18.38 -15.08
C ASP E 453 5.41 -18.27 -14.51
N HIS E 454 5.22 -17.28 -13.64
CA HIS E 454 3.95 -17.07 -12.95
C HIS E 454 2.81 -16.68 -13.89
N TYR E 455 3.12 -16.31 -15.14
CA TYR E 455 2.11 -15.93 -16.11
C TYR E 455 1.89 -16.96 -17.21
N LEU E 456 2.91 -17.75 -17.55
CA LEU E 456 2.81 -18.73 -18.63
C LEU E 456 2.52 -20.15 -18.14
N ASP E 457 3.08 -20.54 -16.99
CA ASP E 457 2.71 -21.79 -16.31
C ASP E 457 2.79 -23.00 -17.24
N VAL E 458 3.87 -23.08 -18.00
CA VAL E 458 4.11 -24.23 -18.88
C VAL E 458 5.62 -24.50 -18.93
N PRO E 459 6.05 -25.75 -18.84
CA PRO E 459 7.49 -26.03 -18.87
C PRO E 459 8.13 -25.55 -20.17
N TYR E 460 9.33 -24.98 -20.05
CA TYR E 460 10.07 -24.46 -21.19
C TYR E 460 11.54 -24.45 -20.82
N ASP E 461 12.39 -24.76 -21.82
CA ASP E 461 13.82 -24.97 -21.61
C ASP E 461 14.58 -23.71 -22.01
N LEU E 462 14.92 -22.88 -21.03
CA LEU E 462 15.80 -21.73 -21.24
C LEU E 462 17.24 -22.09 -20.87
N SER E 463 17.77 -23.11 -21.55
CA SER E 463 19.10 -23.62 -21.23
C SER E 463 20.14 -23.34 -22.31
N LYS E 464 19.73 -22.96 -23.51
CA LYS E 464 20.68 -22.71 -24.59
C LYS E 464 21.30 -21.33 -24.53
N VAL E 465 20.89 -20.48 -23.59
CA VAL E 465 21.46 -19.16 -23.44
C VAL E 465 22.65 -19.23 -22.49
N PHE E 466 23.69 -18.47 -22.80
CA PHE E 466 24.92 -18.42 -22.01
C PHE E 466 25.32 -16.97 -21.88
N PHE E 467 24.82 -16.30 -20.84
CA PHE E 467 25.01 -14.87 -20.70
C PHE E 467 26.48 -14.52 -20.45
N ILE E 468 26.91 -13.41 -21.02
CA ILE E 468 28.14 -12.72 -20.64
C ILE E 468 27.74 -11.32 -20.20
N THR E 469 28.10 -10.95 -18.98
CA THR E 469 27.60 -9.72 -18.37
C THR E 469 28.73 -8.77 -18.03
N THR E 470 28.37 -7.49 -17.90
CA THR E 470 29.28 -6.43 -17.50
C THR E 470 28.76 -5.79 -16.23
N ALA E 471 29.64 -5.52 -15.27
CA ALA E 471 29.27 -4.95 -13.99
C ALA E 471 30.01 -3.63 -13.76
N ASN E 472 29.30 -2.66 -13.21
CA ASN E 472 29.91 -1.38 -12.86
C ASN E 472 30.50 -1.38 -11.46
N THR E 473 29.75 -1.90 -10.49
CA THR E 473 30.22 -2.03 -9.11
C THR E 473 30.10 -3.48 -8.68
N LEU E 474 31.12 -3.96 -7.97
CA LEU E 474 31.18 -5.35 -7.55
C LEU E 474 30.93 -5.55 -6.05
N GLN E 475 31.11 -4.51 -5.24
CA GLN E 475 30.91 -4.66 -3.80
C GLN E 475 29.46 -4.98 -3.47
N THR E 476 28.51 -4.33 -4.14
CA THR E 476 27.09 -4.55 -3.87
C THR E 476 26.58 -5.87 -4.42
N ILE E 477 27.33 -6.54 -5.29
CA ILE E 477 26.89 -7.82 -5.85
C ILE E 477 26.88 -8.87 -4.74
N PRO E 478 25.86 -9.71 -4.65
CA PRO E 478 25.82 -10.72 -3.58
C PRO E 478 27.00 -11.68 -3.65
N ARG E 479 27.37 -12.21 -2.49
CA ARG E 479 28.48 -13.15 -2.42
C ARG E 479 28.26 -14.40 -3.27
N PRO E 480 27.11 -15.08 -3.22
CA PRO E 480 26.92 -16.23 -4.12
C PRO E 480 27.03 -15.86 -5.59
N LEU E 481 26.55 -14.68 -5.98
CA LEU E 481 26.69 -14.26 -7.38
C LEU E 481 28.15 -14.05 -7.73
N LEU E 482 28.92 -13.41 -6.85
CA LEU E 482 30.34 -13.21 -7.10
C LEU E 482 31.13 -14.50 -7.08
N ASP E 483 30.61 -15.55 -6.44
CA ASP E 483 31.31 -16.82 -6.40
C ASP E 483 31.26 -17.54 -7.73
N ARG E 484 30.17 -17.39 -8.48
CA ARG E 484 29.95 -18.16 -9.70
C ARG E 484 30.41 -17.44 -10.97
N MET E 485 30.98 -16.24 -10.86
CA MET E 485 31.50 -15.53 -12.02
C MET E 485 32.97 -15.21 -11.85
N GLU E 486 33.70 -15.22 -12.96
CA GLU E 486 35.10 -14.86 -13.00
C GLU E 486 35.23 -13.38 -13.36
N VAL E 487 36.09 -12.67 -12.64
CA VAL E 487 36.20 -11.22 -12.76
C VAL E 487 37.28 -10.87 -13.78
N ILE E 488 36.97 -9.94 -14.67
CA ILE E 488 37.93 -9.37 -15.62
C ILE E 488 37.86 -7.86 -15.51
N GLU E 489 39.01 -7.23 -15.31
CA GLU E 489 39.09 -5.81 -15.03
C GLU E 489 39.66 -5.05 -16.22
N ILE E 490 38.98 -3.98 -16.59
CA ILE E 490 39.41 -3.11 -17.69
C ILE E 490 40.19 -1.94 -17.09
N PRO E 491 41.47 -1.75 -17.44
CA PRO E 491 42.25 -0.69 -16.78
C PRO E 491 41.71 0.71 -17.00
N GLY E 492 41.56 1.13 -18.24
CA GLY E 492 41.09 2.47 -18.54
C GLY E 492 41.57 2.90 -19.91
N TYR E 493 41.90 4.18 -20.03
CA TYR E 493 42.32 4.76 -21.29
C TYR E 493 43.36 5.85 -21.05
N THR E 494 44.13 6.13 -22.09
CA THR E 494 45.11 7.22 -22.09
C THR E 494 44.75 8.20 -23.19
N ASN E 495 45.27 9.41 -23.10
CA ASN E 495 45.00 10.42 -24.13
C ASN E 495 45.61 10.02 -25.46
N MET E 496 46.80 9.42 -25.45
CA MET E 496 47.41 8.97 -26.69
C MET E 496 46.56 7.91 -27.38
N GLU E 497 46.04 6.96 -26.60
CA GLU E 497 45.14 5.96 -27.17
C GLU E 497 43.82 6.59 -27.62
N LYS E 498 43.33 7.58 -26.87
CA LYS E 498 42.07 8.24 -27.20
C LYS E 498 42.16 8.97 -28.53
N GLN E 499 43.32 9.57 -28.82
CA GLN E 499 43.49 10.25 -30.10
C GLN E 499 43.29 9.28 -31.26
N ALA E 500 43.95 8.12 -31.20
CA ALA E 500 43.79 7.12 -32.26
C ALA E 500 42.37 6.56 -32.28
N ILE E 501 41.76 6.39 -31.11
CA ILE E 501 40.39 5.88 -31.05
C ILE E 501 39.44 6.84 -31.76
N ALA E 502 39.58 8.14 -31.49
CA ALA E 502 38.72 9.13 -32.13
C ALA E 502 38.99 9.21 -33.62
N ARG E 503 40.25 9.22 -34.01
CA ARG E 503 40.59 9.38 -35.43
C ARG E 503 40.13 8.17 -36.24
N GLN E 504 40.30 6.96 -35.71
CA GLN E 504 40.05 5.76 -36.48
C GLN E 504 38.67 5.14 -36.24
N TYR E 505 38.03 5.47 -35.13
CA TYR E 505 36.78 4.77 -34.81
C TYR E 505 35.59 5.70 -34.59
N LEU E 506 35.80 6.85 -33.93
CA LEU E 506 34.70 7.68 -33.48
C LEU E 506 34.37 8.82 -34.45
N TRP E 507 35.37 9.56 -34.91
CA TRP E 507 35.10 10.67 -35.82
C TRP E 507 34.49 10.21 -37.15
N PRO E 508 35.01 9.18 -37.83
CA PRO E 508 34.35 8.74 -39.07
C PRO E 508 32.91 8.28 -38.86
N LYS E 509 32.63 7.54 -37.78
CA LYS E 509 31.26 7.10 -37.56
C LYS E 509 30.35 8.26 -37.18
N GLN E 510 30.88 9.27 -36.47
CA GLN E 510 30.09 10.46 -36.20
C GLN E 510 29.75 11.20 -37.48
N VAL E 511 30.72 11.31 -38.39
CA VAL E 511 30.46 11.95 -39.68
C VAL E 511 29.41 11.17 -40.46
N ARG E 512 29.54 9.84 -40.50
CA ARG E 512 28.58 9.01 -41.22
C ARG E 512 27.20 9.03 -40.58
N GLU E 513 27.09 9.21 -39.27
CA GLU E 513 25.81 9.35 -38.60
C GLU E 513 25.25 10.76 -38.67
N SER E 514 26.07 11.74 -39.04
CA SER E 514 25.62 13.12 -39.18
C SER E 514 24.95 13.39 -40.52
N GLY E 515 24.87 12.40 -41.39
CA GLY E 515 24.27 12.59 -42.71
C GLY E 515 25.19 13.23 -43.72
N MET E 516 25.85 14.33 -43.34
CA MET E 516 26.79 14.99 -44.23
C MET E 516 27.98 14.08 -44.52
N GLU E 517 28.43 14.09 -45.78
CA GLU E 517 29.34 13.08 -46.29
C GLU E 517 30.77 13.22 -45.80
N GLY E 518 31.14 14.38 -45.25
CA GLY E 518 32.51 14.59 -44.83
C GLY E 518 33.23 15.64 -45.65
N ARG E 519 32.50 16.68 -46.07
CA ARG E 519 33.09 17.83 -46.73
C ARG E 519 33.94 18.67 -45.78
N ILE E 520 33.89 18.39 -44.48
CA ILE E 520 34.72 19.03 -43.48
C ILE E 520 35.44 17.96 -42.68
N GLU E 521 36.70 18.21 -42.34
CA GLU E 521 37.53 17.21 -41.68
C GLU E 521 38.30 17.84 -40.53
N VAL E 522 38.42 17.10 -39.43
CA VAL E 522 39.21 17.55 -38.29
C VAL E 522 40.67 17.13 -38.47
N THR E 523 41.54 17.73 -37.66
CA THR E 523 42.96 17.44 -37.68
C THR E 523 43.38 16.78 -36.37
N ASP E 524 44.48 16.02 -36.43
CA ASP E 524 44.94 15.25 -35.28
C ASP E 524 45.33 16.17 -34.12
N ALA E 525 45.99 17.29 -34.41
CA ALA E 525 46.34 18.24 -33.34
C ALA E 525 45.07 18.81 -32.71
N ALA E 526 44.06 19.10 -33.52
CA ALA E 526 42.79 19.59 -32.97
C ALA E 526 42.14 18.54 -32.08
N ILE E 527 42.16 17.27 -32.50
CA ILE E 527 41.60 16.21 -31.68
C ILE E 527 42.37 16.10 -30.36
N LEU E 528 43.70 16.18 -30.42
CA LEU E 528 44.51 16.08 -29.22
C LEU E 528 44.21 17.21 -28.24
N ARG E 529 44.06 18.43 -28.76
CA ARG E 529 43.73 19.56 -27.90
C ARG E 529 42.31 19.41 -27.32
N VAL E 530 41.38 18.90 -28.12
CA VAL E 530 40.01 18.71 -27.66
C VAL E 530 39.96 17.69 -26.53
N ILE E 531 40.74 16.61 -26.65
CA ILE E 531 40.76 15.58 -25.61
C ILE E 531 41.19 16.19 -24.28
N SER E 532 42.24 17.02 -24.30
CA SER E 532 42.81 17.56 -23.08
C SER E 532 42.07 18.77 -22.53
N GLU E 533 41.27 19.47 -23.34
CA GLU E 533 40.62 20.68 -22.88
C GLU E 533 39.10 20.64 -22.84
N TYR E 534 38.46 19.62 -23.41
CA TYR E 534 37.01 19.57 -23.47
C TYR E 534 36.44 18.22 -23.03
N THR E 535 37.27 17.34 -22.47
CA THR E 535 36.82 16.00 -22.10
C THR E 535 37.62 15.54 -20.88
N ARG E 536 36.90 15.15 -19.83
CA ARG E 536 37.53 14.64 -18.60
C ARG E 536 36.72 13.44 -18.12
N GLU E 537 37.07 12.25 -18.60
CA GLU E 537 36.49 11.01 -18.13
C GLU E 537 37.35 9.86 -18.64
N ALA E 538 37.23 8.71 -17.99
CA ALA E 538 37.98 7.53 -18.39
C ALA E 538 37.58 7.06 -19.79
N GLY E 539 36.27 7.09 -20.09
CA GLY E 539 35.78 6.70 -21.38
C GLY E 539 35.87 7.83 -22.39
N VAL E 540 35.10 7.68 -23.46
CA VAL E 540 35.06 8.67 -24.53
C VAL E 540 33.67 9.29 -24.67
N ARG E 541 32.92 9.37 -23.56
CA ARG E 541 31.57 9.91 -23.62
C ARG E 541 31.56 11.40 -23.91
N GLY E 542 32.53 12.14 -23.36
CA GLY E 542 32.65 13.54 -23.70
C GLY E 542 33.27 13.77 -25.06
N LEU E 543 34.17 12.88 -25.47
CA LEU E 543 34.85 13.04 -26.76
C LEU E 543 33.85 12.95 -27.92
N GLU E 544 32.92 11.99 -27.86
CA GLU E 544 31.96 11.83 -28.94
C GLU E 544 31.09 13.06 -29.08
N ARG E 545 30.61 13.61 -27.95
CA ARG E 545 29.74 14.78 -28.03
C ARG E 545 30.52 16.02 -28.47
N GLU E 546 31.77 16.16 -28.04
CA GLU E 546 32.57 17.30 -28.50
C GLU E 546 32.80 17.23 -30.01
N LEU E 547 33.22 16.07 -30.51
CA LEU E 547 33.43 15.91 -31.95
C LEU E 547 32.13 16.04 -32.72
N GLY E 548 31.01 15.63 -32.14
CA GLY E 548 29.73 15.83 -32.78
C GLY E 548 29.36 17.30 -32.88
N LYS E 549 29.59 18.06 -31.81
CA LYS E 549 29.31 19.49 -31.82
C LYS E 549 30.18 20.23 -32.84
N ILE E 550 31.44 19.81 -32.99
CA ILE E 550 32.28 20.39 -34.03
C ILE E 550 31.62 20.22 -35.40
N ALA E 551 31.16 19.01 -35.69
CA ALA E 551 30.54 18.75 -36.99
C ALA E 551 29.20 19.47 -37.13
N ARG E 552 28.46 19.64 -36.04
CA ARG E 552 27.20 20.37 -36.12
C ARG E 552 27.44 21.84 -36.45
N LYS E 553 28.46 22.46 -35.84
CA LYS E 553 28.79 23.83 -36.18
C LYS E 553 29.31 23.91 -37.63
N GLY E 554 30.07 22.91 -38.06
CA GLY E 554 30.49 22.87 -39.45
C GLY E 554 29.33 22.80 -40.42
N ALA E 555 28.31 22.00 -40.09
CA ALA E 555 27.13 21.91 -40.93
C ALA E 555 26.33 23.22 -40.92
N LYS E 556 26.27 23.88 -39.76
CA LYS E 556 25.62 25.19 -39.72
C LYS E 556 26.34 26.19 -40.61
N PHE E 557 27.68 26.16 -40.61
CA PHE E 557 28.45 26.99 -41.54
C PHE E 557 28.15 26.60 -42.99
N TRP E 558 28.06 25.31 -43.27
CA TRP E 558 27.81 24.84 -44.63
C TRP E 558 26.48 25.33 -45.16
N LEU E 559 25.43 25.27 -44.33
CA LEU E 559 24.09 25.62 -44.83
C LEU E 559 23.98 27.10 -45.15
N GLU E 560 24.58 27.98 -44.34
CA GLU E 560 24.56 29.40 -44.67
C GLU E 560 25.48 29.68 -45.86
N GLY E 561 26.68 29.11 -45.85
CA GLY E 561 27.58 29.23 -46.97
C GLY E 561 28.25 27.90 -47.33
N ALA E 562 28.01 27.42 -48.54
CA ALA E 562 28.54 26.13 -48.98
C ALA E 562 29.92 26.34 -49.58
N TRP E 563 30.94 25.76 -48.95
CA TRP E 563 32.31 25.87 -49.44
C TRP E 563 32.53 24.83 -50.55
N GLU E 564 33.78 24.65 -50.95
CA GLU E 564 34.13 23.73 -52.02
C GLU E 564 35.12 22.69 -51.53
N GLY E 565 35.01 21.50 -52.09
CA GLY E 565 35.94 20.42 -51.76
C GLY E 565 35.86 20.04 -50.29
N LEU E 566 37.02 19.90 -49.67
CA LEU E 566 37.14 19.49 -48.28
C LEU E 566 37.68 20.63 -47.43
N ARG E 567 37.06 20.84 -46.27
CA ARG E 567 37.48 21.88 -45.34
C ARG E 567 38.26 21.23 -44.19
N THR E 568 39.42 21.79 -43.88
CA THR E 568 40.28 21.30 -42.80
C THR E 568 40.12 22.19 -41.58
N ILE E 569 39.79 21.57 -40.45
CA ILE E 569 39.60 22.30 -39.20
C ILE E 569 40.95 22.43 -38.52
N ASP E 570 41.44 23.66 -38.42
CA ASP E 570 42.76 23.91 -37.86
C ASP E 570 42.74 23.81 -36.34
N ALA E 571 43.92 23.95 -35.75
CA ALA E 571 44.08 23.91 -34.29
C ALA E 571 43.92 25.29 -33.66
N SER E 572 43.71 26.34 -34.44
CA SER E 572 43.55 27.69 -33.92
C SER E 572 42.09 28.11 -33.80
N ASP E 573 41.23 27.70 -34.72
CA ASP E 573 39.82 28.04 -34.70
C ASP E 573 39.02 27.07 -33.82
N ILE E 574 39.68 26.31 -32.96
CA ILE E 574 38.97 25.41 -32.05
C ILE E 574 38.05 26.18 -31.09
N PRO E 575 38.48 27.29 -30.47
CA PRO E 575 37.51 28.06 -29.66
C PRO E 575 36.33 28.55 -30.46
N THR E 576 36.54 28.98 -31.71
CA THR E 576 35.43 29.45 -32.52
C THR E 576 34.46 28.32 -32.85
N TYR E 577 34.99 27.12 -33.15
CA TYR E 577 34.15 26.00 -33.53
C TYR E 577 33.56 25.25 -32.34
N LEU E 578 34.04 25.50 -31.13
CA LEU E 578 33.56 24.78 -29.94
C LEU E 578 32.80 25.68 -28.98
N GLY E 579 33.43 26.76 -28.52
CA GLY E 579 32.84 27.59 -27.49
C GLY E 579 33.79 27.85 -26.34
N ILE E 580 33.33 27.61 -25.12
CA ILE E 580 34.14 27.86 -23.92
C ILE E 580 34.91 26.61 -23.56
N PRO E 581 36.25 26.68 -23.44
CA PRO E 581 37.01 25.52 -22.94
C PRO E 581 36.54 25.09 -21.56
N ARG E 582 35.98 23.89 -21.46
CA ARG E 582 35.37 23.45 -20.22
C ARG E 582 36.41 23.04 -19.17
N TYR E 583 37.51 22.43 -19.61
CA TYR E 583 38.53 21.91 -18.70
C TYR E 583 39.90 22.44 -19.11
N ARG E 584 40.78 22.54 -18.12
CA ARG E 584 42.14 23.01 -18.34
C ARG E 584 43.14 21.87 -18.21
N PRO E 585 44.10 21.76 -19.11
CA PRO E 585 45.08 20.67 -19.03
C PRO E 585 45.94 20.78 -17.78
N ASP E 586 46.36 19.62 -17.28
CA ASP E 586 47.25 19.55 -16.12
C ASP E 586 48.66 19.91 -16.57
N LYS E 587 48.90 21.21 -16.67
CA LYS E 587 50.18 21.73 -17.15
C LYS E 587 51.25 21.49 -16.09
N ALA E 588 52.10 20.50 -16.33
CA ALA E 588 53.18 20.21 -15.39
C ALA E 588 54.24 21.31 -15.45
N GLU E 589 54.66 21.79 -14.28
CA GLU E 589 55.66 22.82 -14.22
C GLU E 589 57.02 22.28 -14.66
N THR E 590 57.81 23.16 -15.29
CA THR E 590 59.14 22.80 -15.78
C THR E 590 60.25 23.27 -14.85
N GLU E 591 60.23 24.54 -14.47
CA GLU E 591 61.27 25.06 -13.59
C GLU E 591 61.08 24.53 -12.17
N PRO E 592 62.14 24.06 -11.51
CA PRO E 592 62.02 23.62 -10.11
C PRO E 592 61.71 24.79 -9.20
N GLN E 593 60.57 24.71 -8.51
CA GLN E 593 60.12 25.78 -7.62
C GLN E 593 60.19 25.30 -6.17
N VAL E 594 60.61 26.19 -5.29
CA VAL E 594 60.82 25.84 -3.89
C VAL E 594 59.50 25.66 -3.18
N GLY E 595 59.52 24.86 -2.11
CA GLY E 595 58.38 24.69 -1.24
C GLY E 595 57.33 23.71 -1.72
N THR E 596 57.53 23.07 -2.87
CA THR E 596 56.53 22.16 -3.39
C THR E 596 57.17 21.19 -4.37
N ALA E 597 56.57 20.01 -4.48
CA ALA E 597 57.01 18.98 -5.41
C ALA E 597 55.81 18.41 -6.14
N GLN E 598 55.98 18.16 -7.44
CA GLN E 598 54.90 17.60 -8.24
C GLN E 598 54.56 16.19 -7.76
N GLY E 599 53.27 15.87 -7.68
CA GLY E 599 52.88 14.56 -7.12
C GLY E 599 51.94 13.78 -8.04
N LEU E 600 51.96 12.45 -7.94
CA LEU E 600 51.06 11.60 -8.75
C LEU E 600 49.83 11.23 -7.92
N ALA E 601 48.63 11.48 -8.45
CA ALA E 601 47.38 11.14 -7.72
C ALA E 601 46.44 10.36 -8.64
N TRP E 602 46.25 9.07 -8.36
CA TRP E 602 45.38 8.22 -9.22
C TRP E 602 43.91 8.64 -9.07
N THR E 603 43.14 8.60 -10.16
CA THR E 603 41.68 8.90 -10.09
C THR E 603 40.94 7.92 -11.02
N PRO E 604 39.62 7.75 -10.90
CA PRO E 604 38.89 6.78 -11.73
C PRO E 604 39.14 7.05 -13.22
N VAL E 605 39.11 8.32 -13.62
CA VAL E 605 39.37 8.69 -15.05
C VAL E 605 40.83 8.36 -15.38
N GLY E 606 41.75 8.61 -14.43
CA GLY E 606 43.18 8.30 -14.66
C GLY E 606 44.05 8.96 -13.60
N GLY E 607 45.37 8.95 -13.80
CA GLY E 607 46.28 9.62 -12.85
C GLY E 607 46.17 11.12 -12.94
N THR E 608 46.59 11.85 -11.90
CA THR E 608 46.57 13.33 -11.91
C THR E 608 47.85 13.87 -11.26
N LEU E 609 48.27 15.08 -11.63
CA LEU E 609 49.50 15.68 -11.05
C LEU E 609 49.12 16.80 -10.09
N LEU E 610 49.46 16.66 -8.80
CA LEU E 610 49.19 17.71 -7.80
C LEU E 610 50.51 18.13 -7.14
N THR E 611 51.00 19.32 -7.47
CA THR E 611 52.26 19.82 -6.88
C THR E 611 51.97 20.30 -5.45
N ILE E 612 51.88 19.36 -4.50
CA ILE E 612 51.51 19.73 -3.10
C ILE E 612 52.44 20.85 -2.62
N GLU E 613 51.86 21.96 -2.14
CA GLU E 613 52.68 23.12 -1.70
C GLU E 613 52.78 23.12 -0.17
N VAL E 614 54.00 23.21 0.36
CA VAL E 614 54.21 23.25 1.84
C VAL E 614 55.05 24.49 2.16
N ALA E 615 54.71 25.21 3.23
CA ALA E 615 55.44 26.42 3.58
C ALA E 615 56.00 26.29 5.00
N ALA E 616 57.22 26.76 5.19
CA ALA E 616 57.88 26.76 6.49
C ALA E 616 57.89 28.17 7.04
N VAL E 617 57.15 28.38 8.14
CA VAL E 617 57.07 29.70 8.76
C VAL E 617 57.26 29.55 10.26
N PRO E 618 57.84 30.57 10.90
CA PRO E 618 58.01 30.53 12.36
C PRO E 618 56.66 30.48 13.07
N GLY E 619 56.62 29.77 14.19
CA GLY E 619 55.41 29.64 14.97
C GLY E 619 55.62 28.94 16.29
N SER E 620 54.66 28.09 16.68
CA SER E 620 54.73 27.36 17.93
C SER E 620 54.81 25.85 17.73
N GLY E 621 55.25 25.41 16.55
CA GLY E 621 55.33 24.00 16.26
C GLY E 621 54.03 23.35 15.87
N LYS E 622 52.95 24.10 15.77
CA LYS E 622 51.67 23.53 15.40
C LYS E 622 51.69 23.07 13.95
N LEU E 623 51.05 21.93 13.69
CA LEU E 623 50.95 21.36 12.36
C LEU E 623 49.57 21.64 11.80
N SER E 624 49.51 22.32 10.67
CA SER E 624 48.26 22.65 10.00
C SER E 624 48.18 21.86 8.70
N LEU E 625 47.09 21.12 8.53
CA LEU E 625 46.89 20.26 7.37
C LEU E 625 45.57 20.63 6.70
N THR E 626 45.65 21.35 5.57
CA THR E 626 44.45 21.84 4.85
C THR E 626 44.28 21.07 3.54
N GLY E 627 43.41 21.52 2.65
CA GLY E 627 43.17 20.85 1.36
C GLY E 627 42.44 19.53 1.55
N GLN E 628 41.33 19.53 2.29
CA GLN E 628 40.49 18.32 2.52
C GLN E 628 41.35 17.06 2.50
N LEU E 629 42.26 16.90 3.45
CA LEU E 629 43.10 15.67 3.56
C LEU E 629 42.41 14.69 4.52
N GLY E 630 42.13 13.47 4.06
CA GLY E 630 41.50 12.44 4.91
C GLY E 630 42.47 11.96 5.97
N GLU E 631 41.97 11.35 7.06
CA GLU E 631 42.81 10.92 8.20
C GLU E 631 44.00 10.06 7.72
N VAL E 632 43.85 9.33 6.61
CA VAL E 632 44.93 8.42 6.11
C VAL E 632 46.10 9.27 5.60
N MET E 633 45.82 10.47 5.07
CA MET E 633 46.87 11.37 4.51
C MET E 633 47.30 12.37 5.60
N LYS E 634 46.51 12.53 6.66
CA LYS E 634 46.87 13.41 7.80
C LYS E 634 47.93 12.67 8.63
N GLU E 635 47.69 11.39 8.94
CA GLU E 635 48.63 10.54 9.65
C GLU E 635 49.91 10.31 8.84
N SER E 636 49.79 10.20 7.52
CA SER E 636 50.98 10.01 6.69
C SER E 636 51.89 11.24 6.74
N ALA E 637 51.29 12.43 6.78
CA ALA E 637 52.09 13.65 6.89
C ALA E 637 52.86 13.67 8.21
N GLN E 638 52.21 13.29 9.30
CA GLN E 638 52.90 13.23 10.59
C GLN E 638 54.00 12.18 10.57
N ALA E 639 53.74 11.04 9.93
CA ALA E 639 54.77 10.00 9.84
C ALA E 639 55.99 10.49 9.07
N ALA E 640 55.78 11.16 7.94
CA ALA E 640 56.90 11.70 7.18
C ALA E 640 57.64 12.78 7.95
N LEU E 641 56.90 13.65 8.64
CA LEU E 641 57.53 14.71 9.42
C LEU E 641 58.37 14.12 10.55
N THR E 642 57.85 13.07 11.21
CA THR E 642 58.61 12.42 12.27
C THR E 642 59.83 11.70 11.74
N TYR E 643 59.72 11.09 10.55
CA TYR E 643 60.89 10.49 9.93
C TYR E 643 61.96 11.54 9.66
N LEU E 644 61.56 12.70 9.17
CA LEU E 644 62.52 13.79 8.98
C LEU E 644 63.10 14.26 10.31
N ARG E 645 62.26 14.28 11.37
CA ARG E 645 62.75 14.66 12.70
C ARG E 645 63.81 13.71 13.20
N ALA E 646 63.63 12.41 12.95
CA ALA E 646 64.61 11.40 13.37
C ALA E 646 65.81 11.34 12.44
N HIS E 647 65.79 12.05 11.32
CA HIS E 647 66.88 12.04 10.36
C HIS E 647 67.23 13.46 9.93
N THR E 648 67.31 14.39 10.90
CA THR E 648 67.64 15.76 10.59
C THR E 648 69.08 15.90 10.08
N GLN E 649 70.00 15.13 10.65
CA GLN E 649 71.41 15.24 10.25
C GLN E 649 71.68 14.67 8.88
N ASP E 650 70.80 13.80 8.37
CA ASP E 650 71.04 13.16 7.09
C ASP E 650 70.83 14.10 5.91
N TYR E 651 69.90 15.04 6.02
CA TYR E 651 69.54 15.90 4.90
C TYR E 651 69.72 17.39 5.22
N GLY E 652 70.53 17.71 6.23
CA GLY E 652 70.74 19.10 6.57
C GLY E 652 69.53 19.79 7.17
N LEU E 653 68.57 19.03 7.69
CA LEU E 653 67.38 19.61 8.28
C LEU E 653 67.74 20.37 9.56
N PRO E 654 66.98 21.40 9.90
CA PRO E 654 67.24 22.12 11.15
C PRO E 654 67.08 21.21 12.37
N GLU E 655 67.91 21.46 13.38
CA GLU E 655 67.91 20.60 14.56
C GLU E 655 66.60 20.71 15.33
N ASP E 656 66.02 21.90 15.42
CA ASP E 656 64.81 22.12 16.21
C ASP E 656 63.75 22.84 15.37
N PHE E 657 63.55 22.38 14.13
CA PHE E 657 62.52 22.98 13.29
C PHE E 657 61.11 22.67 13.83
N TYR E 658 60.93 21.49 14.40
CA TYR E 658 59.61 21.06 14.84
C TYR E 658 59.04 21.94 15.95
N ASN E 659 59.89 22.67 16.66
CA ASN E 659 59.44 23.56 17.72
C ASN E 659 59.16 24.98 17.24
N LYS E 660 59.65 25.34 16.05
CA LYS E 660 59.44 26.69 15.53
C LYS E 660 58.63 26.66 14.24
N VAL E 661 59.04 25.81 13.29
CA VAL E 661 58.38 25.78 11.99
C VAL E 661 56.99 25.18 12.13
N ASP E 662 56.00 25.88 11.58
CA ASP E 662 54.62 25.42 11.56
C ASP E 662 54.33 24.90 10.16
N LEU E 663 54.33 23.57 10.01
CA LEU E 663 54.10 22.97 8.70
C LEU E 663 52.67 23.22 8.25
N HIS E 664 52.51 23.58 6.97
CA HIS E 664 51.21 23.83 6.36
C HIS E 664 51.15 23.05 5.05
N VAL E 665 50.69 21.80 5.11
CA VAL E 665 50.50 21.05 3.84
C VAL E 665 49.25 21.63 3.15
N HIS E 666 49.36 22.01 1.87
CA HIS E 666 48.21 22.64 1.16
C HIS E 666 47.45 21.59 0.34
N VAL E 667 48.16 20.58 -0.18
CA VAL E 667 47.60 19.59 -1.13
C VAL E 667 46.62 20.31 -2.09
N PRO E 668 47.11 21.15 -3.02
CA PRO E 668 46.31 21.58 -4.17
C PRO E 668 46.40 20.56 -5.31
N ASP E 669 45.25 20.18 -5.88
CA ASP E 669 43.94 20.78 -5.49
C ASP E 669 43.46 20.13 -4.19
N GLY E 670 42.79 20.90 -3.33
CA GLY E 670 42.30 20.39 -2.03
C GLY E 670 40.79 20.28 -2.01
N ALA E 671 40.13 21.15 -2.78
CA ALA E 671 38.66 21.34 -2.69
C ALA E 671 38.00 20.10 -3.26
N THR E 672 38.79 19.23 -3.91
CA THR E 672 38.25 17.94 -4.39
C THR E 672 38.58 16.88 -3.33
N PRO E 673 37.69 15.92 -3.02
CA PRO E 673 37.93 14.95 -1.95
C PRO E 673 39.20 14.11 -2.20
N LYS E 674 40.02 13.93 -1.17
CA LYS E 674 41.29 13.16 -1.33
C LYS E 674 41.64 12.45 -0.01
N ASP E 675 42.33 11.30 -0.10
CA ASP E 675 42.77 10.56 1.12
C ASP E 675 43.73 9.44 0.69
N GLY E 676 44.19 8.62 1.64
CA GLY E 676 45.10 7.51 1.32
C GLY E 676 46.54 7.99 1.21
N PRO E 677 47.55 7.16 1.55
CA PRO E 677 48.94 7.59 1.53
C PRO E 677 49.37 7.92 0.09
N ALA E 678 48.99 7.08 -0.87
CA ALA E 678 49.31 7.35 -2.29
C ALA E 678 50.75 7.84 -2.40
N ALA E 679 50.95 9.03 -2.98
CA ALA E 679 52.31 9.60 -3.08
C ALA E 679 52.67 10.33 -1.78
N GLY E 680 52.65 9.62 -0.65
CA GLY E 680 53.03 10.23 0.64
C GLY E 680 54.46 10.71 0.61
N ILE E 681 55.36 9.93 0.01
CA ILE E 681 56.79 10.33 -0.12
C ILE E 681 56.86 11.78 -0.58
N THR E 682 55.90 12.21 -1.39
CA THR E 682 55.87 13.61 -1.90
C THR E 682 55.88 14.57 -0.72
N MET E 683 54.88 14.45 0.16
CA MET E 683 54.80 15.35 1.35
C MET E 683 56.21 15.49 1.92
N ALA E 684 56.91 14.37 2.10
CA ALA E 684 58.31 14.42 2.59
C ALA E 684 59.15 15.16 1.56
N THR E 685 59.11 14.72 0.30
CA THR E 685 59.84 15.43 -0.78
C THR E 685 59.52 16.93 -0.65
N ALA E 686 58.24 17.29 -0.56
CA ALA E 686 57.85 18.70 -0.40
C ALA E 686 58.43 19.22 0.91
N ILE E 687 57.88 18.74 2.03
CA ILE E 687 58.32 19.23 3.33
C ILE E 687 59.84 19.38 3.34
N ALA E 688 60.54 18.37 2.83
CA ALA E 688 62.00 18.39 2.82
C ALA E 688 62.52 19.56 1.99
N SER E 689 61.92 19.78 0.82
CA SER E 689 62.34 20.87 -0.05
C SER E 689 62.08 22.23 0.60
N ALA E 690 60.91 22.39 1.21
CA ALA E 690 60.58 23.67 1.83
C ALA E 690 61.49 23.96 3.02
N LEU E 691 61.74 22.94 3.86
CA LEU E 691 62.54 23.15 5.06
C LEU E 691 64.02 23.27 4.74
N SER E 692 64.47 22.67 3.62
CA SER E 692 65.85 22.83 3.19
C SER E 692 66.09 24.14 2.46
N ARG E 693 65.03 24.92 2.20
CA ARG E 693 65.13 26.22 1.55
C ARG E 693 65.80 26.11 0.18
N ARG E 694 65.49 25.04 -0.54
CA ARG E 694 65.97 24.82 -1.89
C ARG E 694 64.89 24.14 -2.71
N PRO E 695 64.85 24.37 -4.02
CA PRO E 695 63.72 23.89 -4.82
C PRO E 695 63.74 22.37 -4.97
N ALA E 696 62.62 21.86 -5.48
CA ALA E 696 62.47 20.47 -5.86
C ALA E 696 62.22 20.38 -7.36
N ARG E 697 62.82 19.37 -8.00
CA ARG E 697 62.71 19.22 -9.44
C ARG E 697 61.30 18.79 -9.83
N MET E 698 60.60 19.65 -10.57
CA MET E 698 59.29 19.31 -11.09
C MET E 698 59.36 18.42 -12.32
N ASP E 699 60.55 18.19 -12.86
CA ASP E 699 60.72 17.32 -14.02
C ASP E 699 60.48 15.86 -13.68
N ILE E 700 60.36 15.51 -12.39
CA ILE E 700 60.21 14.13 -11.97
C ILE E 700 58.96 14.01 -11.12
N ALA E 701 58.25 12.89 -11.26
CA ALA E 701 57.00 12.63 -10.57
C ALA E 701 57.24 11.84 -9.29
N MET E 702 56.30 11.97 -8.35
CA MET E 702 56.46 11.32 -7.03
C MET E 702 55.25 10.45 -6.70
N THR E 703 55.49 9.30 -6.08
CA THR E 703 54.47 8.37 -5.64
C THR E 703 55.07 7.38 -4.65
N GLY E 704 54.23 6.82 -3.81
CA GLY E 704 54.63 5.84 -2.84
C GLY E 704 54.45 6.32 -1.41
N GLU E 705 54.21 5.36 -0.51
CA GLU E 705 54.04 5.66 0.90
C GLU E 705 55.40 5.89 1.56
N VAL E 706 55.38 6.22 2.85
CA VAL E 706 56.59 6.48 3.62
C VAL E 706 56.44 5.86 5.00
N SER E 707 57.55 5.36 5.54
CA SER E 707 57.60 4.78 6.87
C SER E 707 58.41 5.70 7.80
N LEU E 708 58.63 5.23 9.03
CA LEU E 708 59.38 5.99 10.02
C LEU E 708 60.88 5.78 9.93
N ARG E 709 61.33 4.65 9.39
CA ARG E 709 62.75 4.39 9.20
C ARG E 709 63.18 4.51 7.75
N GLY E 710 62.28 4.96 6.87
CA GLY E 710 62.62 5.12 5.47
C GLY E 710 62.39 3.87 4.64
N LYS E 711 61.19 3.30 4.72
CA LYS E 711 60.82 2.14 3.92
C LYS E 711 59.60 2.53 3.08
N VAL E 712 59.80 2.66 1.78
CA VAL E 712 58.73 3.07 0.87
C VAL E 712 57.83 1.86 0.62
N MET E 713 56.61 1.89 1.17
CA MET E 713 55.68 0.80 0.99
C MET E 713 55.20 0.74 -0.46
N PRO E 714 54.91 -0.45 -0.97
CA PRO E 714 54.41 -0.55 -2.35
C PRO E 714 53.00 0.00 -2.48
N ILE E 715 52.72 0.60 -3.63
CA ILE E 715 51.43 1.19 -3.93
C ILE E 715 50.88 0.57 -5.22
N GLY E 716 49.61 0.17 -5.18
CA GLY E 716 48.97 -0.43 -6.33
C GLY E 716 48.23 0.58 -7.19
N GLY E 717 47.99 0.18 -8.44
CA GLY E 717 47.32 1.05 -9.39
C GLY E 717 48.13 2.28 -9.72
N VAL E 718 49.30 2.07 -10.33
CA VAL E 718 50.22 3.17 -10.62
C VAL E 718 50.34 3.44 -12.12
N LYS E 719 49.71 2.64 -12.97
CA LYS E 719 49.76 2.89 -14.41
C LYS E 719 49.15 4.24 -14.76
N GLU E 720 48.04 4.59 -14.09
CA GLU E 720 47.43 5.90 -14.30
C GLU E 720 48.38 7.01 -13.86
N LYS E 721 49.09 6.81 -12.75
CA LYS E 721 50.06 7.81 -12.30
C LYS E 721 51.17 8.00 -13.32
N LEU E 722 51.66 6.90 -13.91
CA LEU E 722 52.68 7.00 -14.94
C LEU E 722 52.16 7.72 -16.19
N LEU E 723 50.96 7.36 -16.64
CA LEU E 723 50.47 7.95 -17.89
C LEU E 723 50.12 9.42 -17.72
N ALA E 724 49.59 9.81 -16.55
CA ALA E 724 49.29 11.23 -16.32
C ALA E 724 50.56 12.07 -16.35
N ALA E 725 51.63 11.58 -15.70
CA ALA E 725 52.91 12.29 -15.73
C ALA E 725 53.48 12.36 -17.14
N HIS E 726 53.39 11.26 -17.89
CA HIS E 726 53.91 11.27 -19.26
C HIS E 726 53.14 12.26 -20.13
N GLN E 727 51.81 12.29 -19.99
CA GLN E 727 50.99 13.17 -20.81
C GLN E 727 51.18 14.64 -20.42
N ALA E 728 51.39 14.90 -19.13
CA ALA E 728 51.53 16.28 -18.65
C ALA E 728 52.84 16.92 -19.08
N GLY E 729 53.77 16.16 -19.65
CA GLY E 729 55.06 16.69 -20.03
C GLY E 729 56.21 16.31 -19.15
N ILE E 730 56.02 15.37 -18.23
CA ILE E 730 57.07 14.91 -17.32
C ILE E 730 57.58 13.57 -17.85
N HIS E 731 58.89 13.50 -18.12
CA HIS E 731 59.50 12.31 -18.70
C HIS E 731 60.43 11.60 -17.73
N LYS E 732 60.32 11.89 -16.44
CA LYS E 732 61.13 11.23 -15.42
C LYS E 732 60.24 10.88 -14.24
N ILE E 733 60.35 9.64 -13.75
CA ILE E 733 59.49 9.14 -12.69
C ILE E 733 60.35 8.54 -11.60
N VAL E 734 59.84 8.55 -10.36
CA VAL E 734 60.44 7.85 -9.24
C VAL E 734 59.40 6.87 -8.70
N LEU E 735 59.77 5.60 -8.62
CA LEU E 735 58.90 4.54 -8.15
C LEU E 735 59.58 3.73 -7.06
N PRO E 736 58.82 3.15 -6.15
CA PRO E 736 59.42 2.25 -5.15
C PRO E 736 60.05 1.04 -5.83
N LYS E 737 61.16 0.58 -5.25
CA LYS E 737 61.89 -0.54 -5.85
C LYS E 737 61.06 -1.80 -5.87
N ASP E 738 60.30 -2.06 -4.81
CA ASP E 738 59.43 -3.24 -4.81
C ASP E 738 58.30 -3.15 -5.82
N ASN E 739 58.06 -1.97 -6.41
CA ASN E 739 57.11 -1.81 -7.49
C ASN E 739 57.77 -1.90 -8.86
N GLU E 740 59.07 -2.22 -8.92
CA GLU E 740 59.76 -2.30 -10.20
C GLU E 740 59.16 -3.37 -11.11
N ALA E 741 58.60 -4.43 -10.52
CA ALA E 741 58.08 -5.53 -11.31
C ALA E 741 56.68 -5.27 -11.84
N GLN E 742 56.03 -4.19 -11.39
CA GLN E 742 54.73 -3.81 -11.91
C GLN E 742 54.82 -2.99 -13.19
N LEU E 743 56.03 -2.69 -13.67
CA LEU E 743 56.21 -1.90 -14.88
C LEU E 743 56.06 -2.71 -16.15
N GLU E 744 55.93 -4.03 -16.06
CA GLU E 744 55.78 -4.87 -17.25
C GLU E 744 54.45 -4.66 -17.97
N GLU E 745 53.48 -4.02 -17.31
CA GLU E 745 52.17 -3.76 -17.91
C GLU E 745 52.13 -2.47 -18.71
N LEU E 746 53.06 -1.55 -18.46
CA LEU E 746 53.04 -0.26 -19.13
C LEU E 746 53.33 -0.41 -20.62
N PRO E 747 52.83 0.52 -21.44
CA PRO E 747 53.13 0.46 -22.88
C PRO E 747 54.62 0.66 -23.15
N LYS E 748 55.07 0.06 -24.26
CA LYS E 748 56.48 0.10 -24.61
C LYS E 748 56.96 1.52 -24.86
N GLU E 749 56.15 2.33 -25.55
CA GLU E 749 56.54 3.72 -25.78
C GLU E 749 56.60 4.51 -24.47
N VAL E 750 55.78 4.15 -23.49
CA VAL E 750 55.86 4.78 -22.18
C VAL E 750 57.12 4.37 -21.45
N LEU E 751 57.51 3.10 -21.56
CA LEU E 751 58.71 2.61 -20.88
C LEU E 751 59.95 3.37 -21.34
N GLU E 752 60.11 3.53 -22.66
CA GLU E 752 61.26 4.30 -23.15
C GLU E 752 61.07 5.79 -22.93
N GLY E 753 59.82 6.27 -22.90
CA GLY E 753 59.57 7.68 -22.72
C GLY E 753 59.81 8.19 -21.32
N LEU E 754 59.74 7.31 -20.31
CA LEU E 754 59.98 7.69 -18.93
C LEU E 754 61.14 6.89 -18.37
N GLU E 755 62.13 7.60 -17.83
CA GLU E 755 63.23 6.97 -17.11
C GLU E 755 62.90 6.97 -15.62
N ILE E 756 62.97 5.79 -15.00
CA ILE E 756 62.52 5.60 -13.63
C ILE E 756 63.70 5.19 -12.77
N LYS E 757 63.90 5.91 -11.66
CA LYS E 757 64.92 5.56 -10.67
C LYS E 757 64.23 4.85 -9.52
N LEU E 758 64.33 3.52 -9.50
CA LEU E 758 63.69 2.72 -8.47
C LEU E 758 64.39 2.95 -7.13
N VAL E 759 63.60 3.17 -6.08
CA VAL E 759 64.13 3.55 -4.78
C VAL E 759 63.56 2.65 -3.69
N GLU E 760 64.35 2.49 -2.62
CA GLU E 760 63.93 1.79 -1.41
C GLU E 760 63.82 2.70 -0.20
N ASP E 761 64.82 3.55 0.02
CA ASP E 761 64.89 4.42 1.18
C ASP E 761 64.64 5.86 0.77
N VAL E 762 64.25 6.68 1.75
CA VAL E 762 64.01 8.10 1.48
C VAL E 762 65.31 8.88 1.38
N GLY E 763 66.43 8.32 1.87
CA GLY E 763 67.69 9.03 1.77
C GLY E 763 68.14 9.21 0.32
N GLU E 764 68.06 8.14 -0.47
CA GLU E 764 68.37 8.26 -1.90
C GLU E 764 67.34 9.11 -2.63
N VAL E 765 66.08 9.05 -2.21
CA VAL E 765 65.05 9.93 -2.78
C VAL E 765 65.44 11.39 -2.58
N LEU E 766 65.88 11.74 -1.37
CA LEU E 766 66.21 13.11 -1.03
C LEU E 766 67.58 13.55 -1.52
N GLU E 767 68.46 12.62 -1.87
CA GLU E 767 69.72 13.01 -2.51
C GLU E 767 69.64 12.99 -4.03
N TYR E 768 68.56 12.46 -4.60
CA TYR E 768 68.36 12.51 -6.05
C TYR E 768 67.38 13.59 -6.46
N LEU E 769 66.16 13.58 -5.93
CA LEU E 769 65.14 14.53 -6.36
C LEU E 769 65.42 15.92 -5.84
N LEU E 770 65.79 16.03 -4.57
CA LEU E 770 66.05 17.33 -3.95
C LEU E 770 67.36 17.90 -4.48
N LEU E 771 67.37 19.21 -4.75
CA LEU E 771 68.55 19.85 -5.27
C LEU E 771 69.69 19.81 -4.25
N PRO E 772 70.93 19.70 -4.72
CA PRO E 772 72.07 19.58 -3.80
C PRO E 772 72.55 20.90 -3.21
N GLU E 773 71.98 22.04 -3.59
CA GLU E 773 72.44 23.32 -3.09
C GLU E 773 71.25 24.14 -2.63
N PRO E 774 71.44 25.00 -1.61
CA PRO E 774 70.37 25.87 -1.16
C PRO E 774 70.32 27.18 -1.94
N THR E 775 69.17 27.85 -1.86
CA THR E 775 68.93 29.08 -2.59
C THR E 775 68.71 30.28 -1.68
N MET E 776 67.76 30.22 -0.76
CA MET E 776 67.48 31.33 0.14
C MET E 776 67.82 30.97 1.58
N PRO E 777 68.11 31.95 2.43
CA PRO E 777 68.47 31.64 3.81
C PRO E 777 67.27 31.06 4.56
N PRO E 778 67.53 30.26 5.60
CA PRO E 778 66.42 29.63 6.32
C PRO E 778 65.66 30.64 7.17
N VAL E 779 64.51 30.18 7.67
CA VAL E 779 63.65 31.00 8.51
C VAL E 779 63.99 30.78 9.98
N VAL E 780 65.02 29.98 10.24
CA VAL E 780 65.45 29.69 11.60
C VAL E 780 66.87 30.20 11.82
N ARG F 2 -35.03 -55.39 38.53
CA ARG F 2 -35.95 -56.49 38.24
C ARG F 2 -36.16 -56.63 36.74
N LEU F 3 -36.43 -57.86 36.30
CA LEU F 3 -36.72 -58.17 34.90
C LEU F 3 -35.58 -57.73 33.98
N GLU F 4 -34.41 -58.34 34.19
CA GLU F 4 -33.25 -58.05 33.36
C GLU F 4 -33.50 -58.47 31.92
N LEU F 5 -33.62 -57.48 31.02
CA LEU F 5 -33.92 -57.75 29.63
C LEU F 5 -33.05 -56.87 28.74
N PRO F 6 -32.55 -57.40 27.63
CA PRO F 6 -31.78 -56.57 26.69
C PRO F 6 -32.68 -55.55 26.01
N VAL F 7 -32.08 -54.42 25.63
CA VAL F 7 -32.80 -53.34 24.98
C VAL F 7 -32.83 -53.60 23.47
N ILE F 8 -33.82 -53.02 22.82
CA ILE F 8 -33.98 -53.13 21.37
C ILE F 8 -33.72 -51.77 20.75
N PRO F 9 -32.55 -51.54 20.15
CA PRO F 9 -32.24 -50.22 19.58
C PRO F 9 -33.03 -49.97 18.30
N LEU F 10 -33.75 -48.85 18.26
CA LEU F 10 -34.48 -48.42 17.09
C LEU F 10 -33.74 -47.25 16.46
N ARG F 11 -33.41 -47.37 15.17
CA ARG F 11 -32.57 -46.38 14.52
C ARG F 11 -33.38 -45.16 14.08
N ASN F 12 -34.35 -45.36 13.19
CA ASN F 12 -35.12 -44.27 12.59
C ASN F 12 -36.61 -44.47 12.82
N THR F 13 -36.99 -44.92 14.02
CA THR F 13 -38.40 -45.08 14.36
C THR F 13 -38.56 -44.92 15.86
N VAL F 14 -39.65 -44.28 16.27
CA VAL F 14 -39.98 -44.07 17.67
C VAL F 14 -41.38 -44.62 17.92
N ILE F 15 -41.49 -45.49 18.92
CA ILE F 15 -42.76 -46.14 19.25
C ILE F 15 -43.38 -45.43 20.44
N LEU F 16 -44.70 -45.48 20.50
CA LEU F 16 -45.50 -44.88 21.56
C LEU F 16 -46.43 -45.92 22.17
N PRO F 17 -46.88 -45.71 23.41
CA PRO F 17 -47.84 -46.65 24.00
C PRO F 17 -49.11 -46.75 23.17
N HIS F 18 -49.63 -47.97 23.06
CA HIS F 18 -50.86 -48.26 22.33
C HIS F 18 -50.77 -47.78 20.88
N THR F 19 -49.62 -48.04 20.26
CA THR F 19 -49.38 -47.66 18.87
C THR F 19 -49.12 -48.91 18.04
N THR F 20 -49.83 -49.03 16.92
CA THR F 20 -49.68 -50.15 16.00
C THR F 20 -49.02 -49.64 14.73
N THR F 21 -47.70 -49.79 14.65
CA THR F 21 -46.93 -49.35 13.50
C THR F 21 -45.95 -50.43 13.09
N PRO F 22 -45.67 -50.56 11.78
CA PRO F 22 -44.66 -51.53 11.33
C PRO F 22 -43.26 -51.01 11.59
N VAL F 23 -42.49 -51.75 12.39
CA VAL F 23 -41.13 -51.39 12.75
C VAL F 23 -40.19 -52.36 12.04
N ASP F 24 -39.29 -51.81 11.21
CA ASP F 24 -38.32 -52.61 10.47
C ASP F 24 -36.91 -52.15 10.84
N VAL F 25 -36.09 -53.07 11.34
CA VAL F 25 -34.72 -52.78 11.73
C VAL F 25 -33.82 -53.85 11.12
N GLY F 26 -32.70 -53.43 10.55
CA GLY F 26 -31.73 -54.32 9.94
C GLY F 26 -30.62 -54.79 10.85
N ARG F 27 -30.69 -54.48 12.14
CA ARG F 27 -29.63 -54.84 13.07
C ARG F 27 -29.83 -56.27 13.54
N ALA F 28 -28.83 -57.13 13.31
CA ALA F 28 -28.93 -58.53 13.72
C ALA F 28 -28.89 -58.68 15.23
N LYS F 29 -28.21 -57.76 15.93
CA LYS F 29 -28.16 -57.84 17.39
C LYS F 29 -29.52 -57.59 18.01
N SER F 30 -30.33 -56.72 17.39
CA SER F 30 -31.70 -56.55 17.87
C SER F 30 -32.48 -57.85 17.76
N LYS F 31 -32.36 -58.55 16.63
CA LYS F 31 -33.02 -59.84 16.48
C LYS F 31 -32.51 -60.84 17.52
N ARG F 32 -31.20 -60.84 17.77
CA ARG F 32 -30.63 -61.74 18.77
C ARG F 32 -31.18 -61.43 20.16
N ALA F 33 -31.46 -60.15 20.45
CA ALA F 33 -32.09 -59.79 21.71
C ALA F 33 -33.59 -60.08 21.73
N VAL F 34 -34.21 -60.25 20.56
CA VAL F 34 -35.64 -60.55 20.52
C VAL F 34 -35.93 -61.87 21.24
N GLU F 35 -35.15 -62.91 20.96
CA GLU F 35 -35.41 -64.19 21.63
C GLU F 35 -35.02 -64.16 23.10
N GLU F 36 -34.07 -63.30 23.49
CA GLU F 36 -33.77 -63.12 24.91
C GLU F 36 -34.89 -62.38 25.63
N ALA F 37 -35.62 -61.51 24.94
CA ALA F 37 -36.73 -60.78 25.54
C ALA F 37 -38.05 -61.55 25.51
N MET F 38 -38.23 -62.46 24.56
CA MET F 38 -39.43 -63.27 24.51
C MET F 38 -39.56 -64.20 25.71
N GLY F 39 -38.47 -64.43 26.45
CA GLY F 39 -38.54 -65.30 27.61
C GLY F 39 -39.32 -64.72 28.77
N ALA F 40 -39.58 -63.41 28.76
CA ALA F 40 -40.31 -62.75 29.83
C ALA F 40 -41.74 -62.48 29.34
N ASP F 41 -42.58 -63.51 29.44
CA ASP F 41 -44.03 -63.45 29.20
C ASP F 41 -44.41 -62.53 28.05
N ARG F 42 -43.70 -62.68 26.92
CA ARG F 42 -43.99 -61.93 25.70
C ARG F 42 -43.94 -60.42 25.93
N LEU F 43 -42.89 -59.97 26.62
CA LEU F 43 -42.70 -58.55 26.92
C LEU F 43 -41.36 -58.08 26.35
N ILE F 44 -41.35 -56.86 25.84
CA ILE F 44 -40.17 -56.27 25.21
C ILE F 44 -39.77 -55.03 25.98
N PHE F 45 -38.50 -54.96 26.38
CA PHE F 45 -37.92 -53.74 26.94
C PHE F 45 -37.18 -53.03 25.81
N LEU F 46 -37.72 -51.90 25.36
CA LEU F 46 -37.18 -51.17 24.22
C LEU F 46 -36.64 -49.82 24.66
N VAL F 47 -35.46 -49.48 24.14
CA VAL F 47 -34.82 -48.19 24.39
C VAL F 47 -34.48 -47.58 23.04
N ALA F 48 -34.92 -46.35 22.81
CA ALA F 48 -34.65 -45.68 21.55
C ALA F 48 -33.15 -45.44 21.38
N GLN F 49 -32.66 -45.65 20.17
CA GLN F 49 -31.24 -45.52 19.87
C GLN F 49 -30.96 -44.13 19.33
N ARG F 50 -30.02 -43.43 19.97
CA ARG F 50 -29.66 -42.06 19.59
C ARG F 50 -28.72 -42.05 18.40
N ASP F 51 -28.05 -40.91 18.17
CA ASP F 51 -27.17 -40.65 17.03
C ASP F 51 -26.32 -41.86 16.66
N PRO F 52 -26.06 -42.08 15.37
CA PRO F 52 -25.51 -43.37 14.92
C PRO F 52 -24.19 -43.71 15.61
N GLU F 53 -24.02 -44.99 15.89
CA GLU F 53 -22.87 -45.55 16.58
C GLU F 53 -22.16 -46.55 15.67
N VAL F 54 -21.23 -47.29 16.24
CA VAL F 54 -20.45 -48.27 15.49
C VAL F 54 -21.08 -49.65 15.68
N ASP F 55 -20.63 -50.61 14.88
CA ASP F 55 -21.22 -51.94 14.90
C ASP F 55 -21.16 -52.59 16.27
N ASP F 56 -20.16 -52.23 17.08
CA ASP F 56 -20.08 -52.71 18.45
C ASP F 56 -20.68 -51.66 19.37
N PRO F 57 -21.83 -51.90 19.99
CA PRO F 57 -22.46 -50.87 20.82
C PRO F 57 -21.70 -50.68 22.13
N ALA F 58 -21.47 -49.41 22.49
CA ALA F 58 -20.85 -49.09 23.76
C ALA F 58 -21.86 -49.25 24.89
N PRO F 59 -21.39 -49.50 26.12
CA PRO F 59 -22.33 -49.67 27.24
C PRO F 59 -22.97 -48.36 27.68
N ASP F 60 -22.73 -47.28 26.94
CA ASP F 60 -23.29 -45.97 27.25
C ASP F 60 -23.85 -45.30 26.00
N ASP F 61 -24.55 -46.08 25.18
CA ASP F 61 -25.16 -45.56 23.96
C ASP F 61 -26.65 -45.28 24.11
N LEU F 62 -27.21 -45.50 25.30
CA LEU F 62 -28.63 -45.28 25.55
C LEU F 62 -28.85 -43.96 26.28
N TYR F 63 -30.11 -43.51 26.27
CA TYR F 63 -30.49 -42.29 26.96
C TYR F 63 -31.04 -42.64 28.34
N THR F 64 -31.65 -41.65 29.00
CA THR F 64 -31.98 -41.79 30.42
C THR F 64 -32.94 -42.94 30.67
N TRP F 65 -34.00 -43.03 29.86
CA TRP F 65 -35.04 -44.02 30.13
C TRP F 65 -35.40 -44.84 28.89
N GLY F 66 -36.45 -45.64 28.97
CA GLY F 66 -36.91 -46.43 27.85
C GLY F 66 -38.39 -46.74 27.90
N VAL F 67 -38.83 -47.72 27.13
CA VAL F 67 -40.23 -48.13 27.09
C VAL F 67 -40.30 -49.65 27.15
N GLN F 68 -41.49 -50.15 27.52
CA GLN F 68 -41.79 -51.57 27.50
C GLN F 68 -43.02 -51.81 26.63
N ALA F 69 -42.94 -52.80 25.75
CA ALA F 69 -44.03 -53.18 24.88
C ALA F 69 -44.34 -54.66 25.07
N VAL F 70 -45.57 -55.03 24.72
CA VAL F 70 -46.03 -56.41 24.81
C VAL F 70 -46.38 -56.88 23.40
N VAL F 71 -45.96 -58.10 23.08
CA VAL F 71 -46.13 -58.63 21.73
C VAL F 71 -47.58 -59.10 21.58
N LYS F 72 -48.24 -58.59 20.53
CA LYS F 72 -49.64 -58.96 20.28
C LYS F 72 -49.76 -60.12 19.31
N GLN F 73 -48.90 -60.16 18.29
CA GLN F 73 -48.92 -61.22 17.29
C GLN F 73 -47.56 -61.89 17.24
N ALA F 74 -47.56 -63.21 17.20
CA ALA F 74 -46.31 -64.00 17.21
C ALA F 74 -45.90 -64.29 15.78
N MET F 75 -45.11 -63.38 15.21
CA MET F 75 -44.58 -63.56 13.87
C MET F 75 -43.20 -62.92 13.81
N ARG F 76 -42.26 -63.61 13.17
CA ARG F 76 -40.89 -63.14 13.04
C ARG F 76 -40.30 -63.65 11.73
N LEU F 77 -39.29 -62.94 11.22
CA LEU F 77 -38.60 -63.35 10.01
C LEU F 77 -37.23 -63.89 10.36
N PRO F 78 -36.96 -65.19 10.14
CA PRO F 78 -35.62 -65.75 10.42
C PRO F 78 -34.65 -65.52 9.28
N ASP F 79 -34.42 -64.25 8.94
CA ASP F 79 -33.52 -63.89 7.87
C ASP F 79 -32.58 -62.74 8.22
N GLY F 80 -32.71 -62.14 9.41
CA GLY F 80 -31.90 -61.01 9.78
C GLY F 80 -32.70 -59.72 9.84
N THR F 81 -33.62 -59.54 8.88
CA THR F 81 -34.51 -58.40 8.89
C THR F 81 -35.68 -58.66 9.83
N LEU F 82 -35.98 -57.69 10.69
CA LEU F 82 -37.01 -57.83 11.71
C LEU F 82 -38.16 -56.88 11.39
N GLN F 83 -39.32 -57.46 11.07
CA GLN F 83 -40.56 -56.69 10.88
C GLN F 83 -41.66 -57.37 11.68
N VAL F 84 -42.04 -56.77 12.81
CA VAL F 84 -43.05 -57.32 13.69
C VAL F 84 -44.03 -56.21 14.04
N MET F 85 -45.32 -56.49 13.93
CA MET F 85 -46.34 -55.56 14.38
C MET F 85 -46.46 -55.64 15.91
N VAL F 86 -46.41 -54.48 16.56
CA VAL F 86 -46.36 -54.41 18.02
C VAL F 86 -47.36 -53.37 18.49
N GLU F 87 -47.65 -53.41 19.80
CA GLU F 87 -48.53 -52.43 20.44
C GLU F 87 -48.05 -52.26 21.88
N ALA F 88 -47.35 -51.17 22.13
CA ALA F 88 -46.77 -50.93 23.45
C ALA F 88 -47.87 -50.61 24.47
N ARG F 89 -47.54 -50.84 25.74
CA ARG F 89 -48.47 -50.59 26.83
C ARG F 89 -48.28 -49.20 27.43
N ALA F 90 -47.08 -48.93 27.93
CA ALA F 90 -46.78 -47.64 28.54
C ALA F 90 -45.27 -47.45 28.60
N ARG F 91 -44.86 -46.19 28.82
CA ARG F 91 -43.46 -45.86 28.99
C ARG F 91 -42.94 -46.37 30.33
N ALA F 92 -41.67 -46.76 30.36
CA ALA F 92 -41.04 -47.38 31.51
C ALA F 92 -39.89 -46.51 32.01
N GLN F 93 -39.38 -46.86 33.19
CA GLN F 93 -38.22 -46.22 33.79
C GLN F 93 -37.15 -47.27 34.06
N VAL F 94 -35.89 -46.88 33.83
CA VAL F 94 -34.74 -47.76 34.04
C VAL F 94 -33.77 -47.08 34.99
N THR F 95 -33.26 -47.83 35.96
CA THR F 95 -32.37 -47.32 36.99
C THR F 95 -30.94 -47.83 36.87
N ASP F 96 -30.75 -49.14 36.81
CA ASP F 96 -29.44 -49.75 36.75
C ASP F 96 -29.29 -50.56 35.47
N TYR F 97 -28.04 -50.69 35.02
CA TYR F 97 -27.73 -51.45 33.82
C TYR F 97 -26.35 -52.09 33.97
N ILE F 98 -26.25 -53.33 33.53
CA ILE F 98 -24.96 -54.04 33.57
C ILE F 98 -24.18 -53.70 32.31
N PRO F 99 -22.93 -53.24 32.44
CA PRO F 99 -22.12 -52.96 31.24
C PRO F 99 -21.94 -54.21 30.40
N GLY F 100 -22.49 -54.18 29.20
CA GLY F 100 -22.49 -55.33 28.33
C GLY F 100 -21.59 -55.15 27.11
N PRO F 101 -22.13 -55.41 25.91
CA PRO F 101 -23.51 -55.83 25.63
C PRO F 101 -23.79 -57.28 26.05
N TYR F 102 -25.04 -57.59 26.38
CA TYR F 102 -26.15 -56.64 26.32
C TYR F 102 -26.34 -55.88 27.63
N LEU F 103 -27.11 -54.81 27.58
CA LEU F 103 -27.41 -53.99 28.76
C LEU F 103 -28.75 -54.44 29.35
N ARG F 104 -28.70 -55.06 30.52
CA ARG F 104 -29.92 -55.52 31.16
C ARG F 104 -30.70 -54.34 31.74
N ALA F 105 -32.00 -54.56 31.92
CA ALA F 105 -32.93 -53.51 32.35
C ALA F 105 -33.34 -53.73 33.80
N ARG F 106 -33.33 -52.65 34.57
CA ARG F 106 -33.81 -52.66 35.96
C ARG F 106 -34.98 -51.67 36.05
N GLY F 107 -36.20 -52.20 36.12
CA GLY F 107 -37.40 -51.40 36.13
C GLY F 107 -37.98 -51.22 37.53
N GLU F 108 -39.02 -50.40 37.58
CA GLU F 108 -39.73 -50.09 38.82
C GLU F 108 -41.21 -49.94 38.51
N VAL F 109 -41.96 -49.37 39.46
CA VAL F 109 -43.39 -49.19 39.28
C VAL F 109 -43.66 -48.24 38.13
N PHE F 110 -44.65 -48.59 37.31
CA PHE F 110 -44.96 -47.82 36.12
C PHE F 110 -45.59 -46.47 36.47
N SER F 111 -45.28 -45.47 35.65
CA SER F 111 -45.87 -44.14 35.76
C SER F 111 -46.66 -43.88 34.48
N GLU F 112 -47.99 -43.90 34.59
CA GLU F 112 -48.88 -43.72 33.46
C GLU F 112 -49.70 -42.46 33.64
N ILE F 113 -50.55 -42.16 32.65
CA ILE F 113 -51.39 -40.98 32.67
C ILE F 113 -52.81 -41.38 32.30
N PHE F 114 -53.79 -40.84 33.02
CA PHE F 114 -55.19 -41.12 32.79
C PHE F 114 -55.99 -39.82 32.82
N PRO F 115 -57.10 -39.76 32.07
CA PRO F 115 -57.93 -38.56 32.09
C PRO F 115 -58.59 -38.35 33.45
N ILE F 116 -58.84 -37.08 33.76
CA ILE F 116 -59.52 -36.72 35.01
C ILE F 116 -60.80 -35.97 34.69
N ASP F 117 -60.68 -34.82 34.03
CA ASP F 117 -61.82 -34.00 33.69
C ASP F 117 -62.46 -34.49 32.39
N GLU F 118 -63.75 -34.22 32.25
CA GLU F 118 -64.51 -34.66 31.08
C GLU F 118 -65.13 -33.53 30.27
N ALA F 119 -65.14 -32.29 30.78
CA ALA F 119 -65.74 -31.17 30.06
C ALA F 119 -64.69 -30.29 29.38
N VAL F 120 -63.78 -29.71 30.16
CA VAL F 120 -62.78 -28.82 29.57
C VAL F 120 -61.77 -29.61 28.75
N VAL F 121 -61.40 -30.80 29.21
CA VAL F 121 -60.51 -31.66 28.45
C VAL F 121 -61.16 -32.03 27.12
N ARG F 122 -62.45 -32.37 27.15
CA ARG F 122 -63.16 -32.70 25.92
C ARG F 122 -63.23 -31.49 24.99
N VAL F 123 -63.43 -30.29 25.54
CA VAL F 123 -63.48 -29.09 24.70
C VAL F 123 -62.14 -28.86 24.02
N LEU F 124 -61.04 -29.01 24.77
CA LEU F 124 -59.72 -28.85 24.16
C LEU F 124 -59.47 -29.92 23.09
N VAL F 125 -59.85 -31.17 23.38
CA VAL F 125 -59.62 -32.27 22.44
C VAL F 125 -60.41 -32.04 21.16
N GLU F 126 -61.67 -31.59 21.28
CA GLU F 126 -62.46 -31.32 20.09
C GLU F 126 -61.98 -30.08 19.33
N GLU F 127 -61.40 -29.10 20.04
CA GLU F 127 -60.78 -27.98 19.33
C GLU F 127 -59.60 -28.47 18.48
N LEU F 128 -58.72 -29.29 19.06
CA LEU F 128 -57.61 -29.82 18.28
C LEU F 128 -58.11 -30.75 17.17
N LYS F 129 -59.22 -31.45 17.41
CA LYS F 129 -59.79 -32.30 16.37
C LYS F 129 -60.27 -31.47 15.19
N GLU F 130 -61.02 -30.39 15.47
CA GLU F 130 -61.43 -29.48 14.41
C GLU F 130 -60.22 -28.97 13.64
N ALA F 131 -59.19 -28.52 14.36
CA ALA F 131 -58.00 -28.00 13.70
C ALA F 131 -57.33 -29.06 12.83
N PHE F 132 -57.11 -30.26 13.37
CA PHE F 132 -56.32 -31.25 12.65
C PHE F 132 -57.07 -31.79 11.44
N GLU F 133 -58.36 -32.12 11.60
CA GLU F 133 -59.15 -32.60 10.46
C GLU F 133 -59.64 -31.48 9.55
N LYS F 134 -59.37 -30.21 9.85
CA LYS F 134 -59.59 -29.16 8.87
C LYS F 134 -58.31 -28.71 8.17
N TYR F 135 -57.15 -28.97 8.76
CA TYR F 135 -55.87 -28.60 8.17
C TYR F 135 -55.08 -29.78 7.64
N VAL F 136 -55.62 -31.00 7.74
CA VAL F 136 -54.99 -32.13 7.06
C VAL F 136 -54.95 -31.91 5.55
N ALA F 137 -55.87 -31.09 5.02
CA ALA F 137 -55.82 -30.75 3.60
C ALA F 137 -54.55 -29.96 3.27
N ASN F 138 -54.15 -29.05 4.14
CA ASN F 138 -52.90 -28.32 3.96
C ASN F 138 -51.69 -29.10 4.45
N HIS F 139 -51.90 -30.23 5.15
CA HIS F 139 -50.78 -31.06 5.58
C HIS F 139 -50.10 -31.81 4.44
N LYS F 140 -50.67 -31.76 3.23
CA LYS F 140 -50.10 -32.52 2.12
C LYS F 140 -48.71 -32.02 1.74
N SER F 141 -48.40 -30.76 2.04
CA SER F 141 -47.11 -30.19 1.63
C SER F 141 -45.93 -30.85 2.32
N LEU F 142 -46.15 -31.51 3.46
CA LEU F 142 -45.09 -32.21 4.18
C LEU F 142 -45.06 -33.70 3.88
N ARG F 143 -45.81 -34.15 2.88
CA ARG F 143 -45.86 -35.55 2.46
C ARG F 143 -46.27 -36.46 3.63
N LEU F 144 -47.49 -36.21 4.11
CA LEU F 144 -48.06 -36.95 5.22
C LEU F 144 -49.30 -37.70 4.75
N ASP F 145 -49.31 -39.00 4.95
CA ASP F 145 -50.44 -39.82 4.53
C ASP F 145 -51.65 -39.62 5.43
N ARG F 146 -52.83 -39.71 4.84
CA ARG F 146 -54.09 -39.48 5.53
C ARG F 146 -54.87 -40.77 5.79
N TYR F 147 -54.31 -41.93 5.48
CA TYR F 147 -55.05 -43.19 5.64
C TYR F 147 -55.24 -43.54 7.11
N GLN F 148 -54.24 -43.26 7.94
CA GLN F 148 -54.30 -43.63 9.35
C GLN F 148 -55.23 -42.74 10.17
N LEU F 149 -55.69 -41.63 9.60
CA LEU F 149 -56.58 -40.72 10.32
C LEU F 149 -58.05 -41.00 10.08
N GLU F 150 -58.41 -41.46 8.88
CA GLU F 150 -59.81 -41.65 8.50
C GLU F 150 -60.29 -43.07 8.75
N ALA F 151 -59.72 -43.75 9.76
CA ALA F 151 -60.12 -45.10 10.10
C ALA F 151 -60.46 -45.30 11.57
N VAL F 152 -59.99 -44.43 12.46
CA VAL F 152 -60.26 -44.56 13.89
C VAL F 152 -60.92 -43.30 14.42
N LYS F 153 -61.68 -42.61 13.57
CA LYS F 153 -62.35 -41.38 13.99
C LYS F 153 -63.51 -41.64 14.94
N GLY F 154 -63.91 -42.88 15.13
CA GLY F 154 -65.03 -43.20 16.01
C GLY F 154 -64.70 -43.26 17.49
N THR F 155 -63.45 -43.06 17.87
CA THR F 155 -63.02 -43.12 19.26
C THR F 155 -62.65 -41.72 19.73
N SER F 156 -63.17 -41.34 20.91
CA SER F 156 -62.97 -40.02 21.48
C SER F 156 -61.93 -40.01 22.59
N ASP F 157 -61.06 -41.01 22.64
CA ASP F 157 -60.05 -41.09 23.68
C ASP F 157 -59.00 -40.01 23.49
N PRO F 158 -58.81 -39.09 24.44
CA PRO F 158 -57.75 -38.08 24.27
C PRO F 158 -56.37 -38.67 24.09
N ALA F 159 -56.07 -39.78 24.79
CA ALA F 159 -54.79 -40.44 24.60
C ALA F 159 -54.66 -40.99 23.18
N MET F 160 -55.74 -41.56 22.65
CA MET F 160 -55.69 -42.11 21.29
C MET F 160 -55.50 -40.99 20.26
N LEU F 161 -56.20 -39.87 20.42
CA LEU F 161 -56.00 -38.74 19.51
C LEU F 161 -54.59 -38.18 19.64
N ALA F 162 -54.04 -38.11 20.86
CA ALA F 162 -52.67 -37.70 21.02
C ALA F 162 -51.71 -38.64 20.32
N ASP F 163 -51.96 -39.95 20.40
CA ASP F 163 -51.14 -40.90 19.68
C ASP F 163 -51.22 -40.68 18.16
N THR F 164 -52.42 -40.43 17.65
CA THR F 164 -52.57 -40.20 16.21
C THR F 164 -51.86 -38.93 15.77
N ILE F 165 -51.92 -37.86 16.57
CA ILE F 165 -51.28 -36.60 16.20
C ILE F 165 -49.81 -36.55 16.57
N ALA F 166 -49.31 -37.56 17.28
CA ALA F 166 -47.89 -37.62 17.64
C ALA F 166 -47.09 -38.62 16.83
N TYR F 167 -47.72 -39.71 16.36
CA TYR F 167 -47.01 -40.69 15.55
C TYR F 167 -46.56 -40.08 14.23
N HIS F 168 -47.38 -39.22 13.63
CA HIS F 168 -47.03 -38.53 12.40
C HIS F 168 -46.01 -37.44 12.73
N ALA F 169 -44.76 -37.86 12.86
CA ALA F 169 -43.68 -37.01 13.34
C ALA F 169 -43.24 -36.06 12.24
N THR F 170 -43.84 -34.87 12.21
CA THR F 170 -43.40 -33.81 11.30
C THR F 170 -42.40 -32.87 11.98
N TRP F 171 -41.36 -33.44 12.59
CA TRP F 171 -40.34 -32.67 13.30
C TRP F 171 -39.17 -33.61 13.61
N THR F 172 -38.22 -33.10 14.39
CA THR F 172 -37.01 -33.85 14.71
C THR F 172 -37.30 -34.96 15.71
N VAL F 173 -36.43 -35.97 15.72
CA VAL F 173 -36.59 -37.13 16.61
C VAL F 173 -36.46 -36.70 18.07
N ALA F 174 -35.85 -35.54 18.34
CA ALA F 174 -35.77 -35.06 19.71
C ALA F 174 -37.15 -34.81 20.29
N GLU F 175 -38.04 -34.19 19.51
CA GLU F 175 -39.42 -34.00 19.96
C GLU F 175 -40.13 -35.33 20.15
N LYS F 176 -39.81 -36.31 19.29
CA LYS F 176 -40.43 -37.66 19.34
C LYS F 176 -40.07 -38.35 20.65
N GLN F 177 -38.92 -38.02 21.24
CA GLN F 177 -38.52 -38.56 22.57
C GLN F 177 -39.50 -38.03 23.62
N GLU F 178 -39.90 -36.76 23.50
CA GLU F 178 -40.83 -36.16 24.49
C GLU F 178 -42.13 -36.96 24.51
N ILE F 179 -42.75 -37.16 23.34
CA ILE F 179 -44.04 -37.90 23.26
C ILE F 179 -43.79 -39.35 23.70
N LEU F 180 -42.64 -39.91 23.31
CA LEU F 180 -42.31 -41.32 23.66
C LEU F 180 -42.30 -41.45 25.18
N GLU F 181 -41.84 -40.42 25.90
CA GLU F 181 -41.73 -40.52 27.38
C GLU F 181 -42.46 -39.34 28.02
N LEU F 182 -43.79 -39.27 27.88
CA LEU F 182 -44.58 -38.20 28.56
C LEU F 182 -45.74 -38.84 29.34
N THR F 183 -45.69 -38.76 30.67
CA THR F 183 -46.79 -39.32 31.51
C THR F 183 -47.91 -38.28 31.64
N ASP F 184 -48.23 -37.58 30.55
CA ASP F 184 -49.31 -36.57 30.56
C ASP F 184 -50.00 -36.55 29.19
N LEU F 185 -51.00 -37.43 28.99
CA LEU F 185 -51.72 -37.49 27.70
C LEU F 185 -52.38 -36.13 27.43
N GLU F 186 -52.87 -35.47 28.49
CA GLU F 186 -53.52 -34.15 28.33
C GLU F 186 -52.51 -33.18 27.72
N ALA F 187 -51.31 -33.10 28.28
CA ALA F 187 -50.26 -32.21 27.76
C ALA F 187 -49.74 -32.75 26.42
N ARG F 188 -49.84 -34.06 26.22
CA ARG F 188 -49.36 -34.68 24.95
C ARG F 188 -49.95 -33.90 23.77
N LEU F 189 -51.29 -33.87 23.67
CA LEU F 189 -51.95 -33.18 22.53
C LEU F 189 -51.61 -31.69 22.60
N LYS F 190 -51.48 -31.13 23.80
CA LYS F 190 -51.20 -29.68 23.96
C LYS F 190 -49.84 -29.36 23.32
N LYS F 191 -48.81 -30.11 23.67
CA LYS F 191 -47.45 -29.87 23.10
C LYS F 191 -47.47 -30.19 21.60
N VAL F 192 -48.18 -31.25 21.21
CA VAL F 192 -48.31 -31.60 19.77
C VAL F 192 -49.01 -30.43 19.07
N LEU F 193 -49.99 -29.81 19.73
CA LEU F 193 -50.70 -28.65 19.15
C LEU F 193 -49.66 -27.59 18.78
N GLY F 194 -48.78 -27.25 19.72
CA GLY F 194 -47.73 -26.24 19.45
C GLY F 194 -46.93 -26.63 18.21
N LEU F 195 -46.48 -27.89 18.16
CA LEU F 195 -45.65 -28.35 17.01
C LEU F 195 -46.48 -28.26 15.72
N LEU F 196 -47.69 -28.84 15.72
CA LEU F 196 -48.51 -28.87 14.47
C LEU F 196 -48.89 -27.44 14.09
N SER F 197 -49.18 -26.59 15.07
CA SER F 197 -49.56 -25.18 14.78
C SER F 197 -48.38 -24.48 14.10
N ARG F 198 -47.17 -24.63 14.66
CA ARG F 198 -45.96 -24.04 14.02
C ARG F 198 -45.80 -24.70 12.65
N ASP F 199 -45.97 -26.03 12.58
CA ASP F 199 -45.87 -26.76 11.30
C ASP F 199 -46.95 -26.24 10.35
N LEU F 200 -48.17 -26.03 10.86
CA LEU F 200 -49.28 -25.48 10.03
C LEU F 200 -48.86 -24.11 9.50
N GLU F 201 -48.26 -23.28 10.36
CA GLU F 201 -47.76 -21.97 9.89
C GLU F 201 -46.79 -22.23 8.73
N ARG F 202 -45.88 -23.20 8.90
CA ARG F 202 -44.92 -23.54 7.82
C ARG F 202 -45.69 -24.10 6.62
N PHE F 203 -46.68 -24.96 6.85
CA PHE F 203 -47.50 -25.51 5.75
C PHE F 203 -47.98 -24.36 4.86
N GLU F 204 -48.73 -23.42 5.45
CA GLU F 204 -49.28 -22.28 4.67
C GLU F 204 -48.12 -21.43 4.15
N LEU F 205 -47.13 -21.18 5.02
CA LEU F 205 -45.97 -20.33 4.65
C LEU F 205 -45.32 -20.92 3.40
N ASP F 206 -44.99 -22.21 3.37
CA ASP F 206 -44.29 -22.84 2.22
C ASP F 206 -45.19 -22.77 0.99
N LYS F 207 -46.49 -23.01 1.16
CA LYS F 207 -47.45 -22.91 0.03
C LYS F 207 -47.41 -21.48 -0.51
N ARG F 208 -47.45 -20.49 0.38
CA ARG F 208 -47.41 -19.06 -0.05
C ARG F 208 -46.09 -18.79 -0.78
N VAL F 209 -44.97 -19.30 -0.24
CA VAL F 209 -43.65 -19.10 -0.89
C VAL F 209 -43.73 -19.64 -2.32
N ALA F 210 -44.25 -20.86 -2.48
CA ALA F 210 -44.38 -21.47 -3.83
C ALA F 210 -45.29 -20.58 -4.69
N GLN F 211 -46.41 -20.12 -4.13
CA GLN F 211 -47.34 -19.24 -4.88
C GLN F 211 -46.60 -17.97 -5.28
N ARG F 212 -45.85 -17.37 -4.34
CA ARG F 212 -45.10 -16.12 -4.64
C ARG F 212 -44.08 -16.40 -5.74
N VAL F 213 -43.30 -17.48 -5.61
CA VAL F 213 -42.23 -17.85 -6.60
C VAL F 213 -42.84 -18.11 -7.96
N LYS F 214 -43.95 -18.82 -8.03
CA LYS F 214 -44.57 -19.19 -9.34
C LYS F 214 -45.13 -17.93 -10.00
N GLU F 215 -45.83 -17.08 -9.22
CA GLU F 215 -46.40 -15.83 -9.78
C GLU F 215 -45.25 -14.92 -10.21
N GLN F 216 -44.22 -14.80 -9.37
CA GLN F 216 -43.04 -13.97 -9.73
C GLN F 216 -42.37 -14.57 -10.98
N MET F 217 -42.35 -15.91 -11.06
CA MET F 217 -41.73 -16.59 -12.23
C MET F 217 -42.37 -16.04 -13.51
N ASP F 218 -43.71 -16.08 -13.59
CA ASP F 218 -44.41 -15.61 -14.80
C ASP F 218 -44.13 -14.12 -15.00
N THR F 219 -44.26 -13.33 -13.93
CA THR F 219 -44.05 -11.86 -14.03
C THR F 219 -42.61 -11.59 -14.51
N ASN F 220 -41.63 -12.27 -13.91
CA ASN F 220 -40.22 -12.06 -14.29
C ASN F 220 -40.04 -12.43 -15.77
N GLN F 221 -40.58 -13.58 -16.18
CA GLN F 221 -40.47 -14.03 -17.59
C GLN F 221 -41.15 -13.00 -18.50
N ARG F 222 -42.41 -12.67 -18.23
CA ARG F 222 -43.16 -11.73 -19.10
C ARG F 222 -42.44 -10.37 -19.10
N GLU F 223 -42.10 -9.86 -17.91
CA GLU F 223 -41.35 -8.58 -17.84
C GLU F 223 -40.09 -8.71 -18.68
N TYR F 224 -39.33 -9.79 -18.47
CA TYR F 224 -38.06 -9.99 -19.23
C TYR F 224 -38.33 -9.85 -20.73
N TYR F 225 -39.36 -10.53 -21.24
CA TYR F 225 -39.65 -10.50 -22.69
C TYR F 225 -39.98 -9.06 -23.11
N LEU F 226 -40.90 -8.40 -22.39
CA LEU F 226 -41.34 -7.04 -22.78
C LEU F 226 -40.21 -6.03 -22.55
N ARG F 227 -39.65 -5.99 -21.34
CA ARG F 227 -38.62 -4.98 -21.01
C ARG F 227 -37.42 -5.15 -21.96
N GLU F 228 -37.00 -6.39 -22.21
CA GLU F 228 -35.83 -6.65 -23.08
C GLU F 228 -36.11 -6.04 -24.45
N GLN F 229 -37.30 -6.30 -25.01
CA GLN F 229 -37.63 -5.79 -26.37
C GLN F 229 -37.56 -4.26 -26.37
N MET F 230 -38.18 -3.62 -25.39
CA MET F 230 -38.21 -2.13 -25.36
C MET F 230 -36.77 -1.61 -25.36
N LYS F 231 -35.94 -2.15 -24.45
CA LYS F 231 -34.54 -1.67 -24.34
C LYS F 231 -33.77 -2.07 -25.61
N ALA F 232 -33.86 -3.33 -26.03
CA ALA F 232 -33.11 -3.80 -27.21
C ALA F 232 -33.45 -2.89 -28.40
N ILE F 233 -34.72 -2.45 -28.50
CA ILE F 233 -35.13 -1.53 -29.59
C ILE F 233 -34.31 -0.25 -29.48
N GLN F 234 -34.37 0.43 -28.34
CA GLN F 234 -33.65 1.71 -28.16
C GLN F 234 -32.14 1.47 -28.26
N LYS F 235 -31.66 0.37 -27.66
CA LYS F 235 -30.21 0.06 -27.67
C LYS F 235 -29.78 -0.23 -29.11
N GLU F 236 -30.64 -0.88 -29.90
CA GLU F 236 -30.32 -1.10 -31.33
C GLU F 236 -30.13 0.27 -31.99
N LEU F 237 -31.05 1.20 -31.75
CA LEU F 237 -30.93 2.58 -32.30
C LEU F 237 -29.66 3.21 -31.77
N GLY F 238 -29.41 3.10 -30.45
CA GLY F 238 -28.23 3.69 -29.83
C GLY F 238 -26.94 3.13 -30.41
N GLY F 239 -26.90 1.81 -30.64
CA GLY F 239 -25.71 1.18 -31.25
C GLY F 239 -25.42 1.77 -32.61
N GLU F 240 -26.46 1.93 -33.44
CA GLU F 240 -26.28 2.56 -34.78
C GLU F 240 -25.82 4.00 -34.57
N ASP F 241 -26.46 4.72 -33.65
CA ASP F 241 -26.08 6.14 -33.37
C ASP F 241 -24.74 6.14 -32.64
N GLY F 242 -24.28 4.98 -32.19
CA GLY F 242 -23.02 4.91 -31.42
C GLY F 242 -21.83 4.59 -32.30
N LEU F 243 -21.14 3.48 -32.01
CA LEU F 243 -19.93 3.11 -32.79
C LEU F 243 -20.26 3.17 -34.29
N SER F 244 -21.44 2.70 -34.67
CA SER F 244 -21.83 2.70 -36.10
C SER F 244 -21.70 4.12 -36.68
N ASP F 245 -22.13 5.14 -35.92
CA ASP F 245 -21.93 6.53 -36.40
C ASP F 245 -20.46 6.92 -36.18
N LEU F 246 -19.88 6.49 -35.07
CA LEU F 246 -18.47 6.82 -34.75
C LEU F 246 -17.56 6.30 -35.87
N GLU F 247 -17.67 5.00 -36.19
CA GLU F 247 -16.76 4.40 -37.21
C GLU F 247 -16.94 5.14 -38.53
N ALA F 248 -18.18 5.54 -38.85
CA ALA F 248 -18.43 6.33 -40.07
C ALA F 248 -17.53 7.56 -40.06
N LEU F 249 -17.50 8.27 -38.92
CA LEU F 249 -16.63 9.47 -38.78
C LEU F 249 -15.17 9.05 -38.99
N ARG F 250 -14.79 7.90 -38.43
CA ARG F 250 -13.41 7.38 -38.61
C ARG F 250 -13.18 7.14 -40.10
N LYS F 251 -14.15 6.53 -40.79
CA LYS F 251 -14.02 6.28 -42.25
C LYS F 251 -13.85 7.62 -42.96
N LYS F 252 -14.56 8.66 -42.49
CA LYS F 252 -14.46 10.01 -43.10
C LYS F 252 -12.99 10.45 -43.07
N ILE F 253 -12.28 10.14 -41.98
CA ILE F 253 -10.85 10.57 -41.84
C ILE F 253 -9.94 9.45 -42.36
N GLU F 254 -10.52 8.33 -42.79
CA GLU F 254 -9.71 7.20 -43.35
C GLU F 254 -9.39 7.52 -44.82
N GLU F 255 -9.79 8.69 -45.30
CA GLU F 255 -9.47 9.11 -46.69
C GLU F 255 -7.95 9.10 -46.87
N VAL F 256 -7.21 9.20 -45.77
CA VAL F 256 -5.73 9.16 -45.80
C VAL F 256 -5.27 7.70 -45.90
N GLY F 257 -6.19 6.76 -46.09
CA GLY F 257 -5.85 5.33 -46.11
C GLY F 257 -5.39 4.85 -44.74
N MET F 258 -6.02 5.36 -43.67
CA MET F 258 -5.65 4.93 -42.29
C MET F 258 -5.77 3.41 -42.19
N PRO F 259 -4.82 2.71 -41.54
CA PRO F 259 -4.90 1.26 -41.37
C PRO F 259 -6.22 0.87 -40.68
N GLU F 260 -6.97 -0.06 -41.26
CA GLU F 260 -8.28 -0.47 -40.69
C GLU F 260 -8.08 -1.72 -39.83
N ALA F 261 -6.83 -2.13 -39.61
CA ALA F 261 -6.55 -3.29 -38.73
C ALA F 261 -7.10 -2.97 -37.34
N VAL F 262 -6.88 -1.74 -36.86
CA VAL F 262 -7.43 -1.32 -35.54
C VAL F 262 -8.96 -1.42 -35.62
N LYS F 263 -9.53 -0.94 -36.73
CA LYS F 263 -11.00 -1.02 -36.93
C LYS F 263 -11.43 -2.50 -36.89
N THR F 264 -10.77 -3.36 -37.69
CA THR F 264 -11.18 -4.78 -37.75
C THR F 264 -11.17 -5.36 -36.32
N LYS F 265 -10.17 -5.00 -35.51
CA LYS F 265 -10.15 -5.46 -34.10
C LYS F 265 -11.40 -4.92 -33.39
N ALA F 266 -11.69 -3.62 -33.58
CA ALA F 266 -12.90 -3.03 -32.98
C ALA F 266 -14.13 -3.72 -33.58
N LEU F 267 -14.10 -4.01 -34.87
CA LEU F 267 -15.24 -4.69 -35.55
C LEU F 267 -15.49 -6.04 -34.86
N LYS F 268 -14.45 -6.81 -34.62
CA LYS F 268 -14.63 -8.08 -33.86
C LYS F 268 -15.48 -7.76 -32.63
N GLU F 269 -15.08 -6.75 -31.85
CA GLU F 269 -15.84 -6.30 -30.66
C GLU F 269 -17.17 -5.72 -31.12
N LEU F 270 -17.19 -5.04 -32.26
CA LEU F 270 -18.41 -4.34 -32.75
C LEU F 270 -19.38 -5.37 -33.33
N ASP F 271 -18.99 -6.33 -34.16
CA ASP F 271 -19.89 -7.42 -34.61
C ASP F 271 -20.54 -8.12 -33.40
N ARG F 272 -19.76 -8.49 -32.37
CA ARG F 272 -20.30 -9.23 -31.20
C ARG F 272 -21.28 -8.34 -30.43
N LEU F 273 -20.87 -7.11 -30.10
CA LEU F 273 -21.75 -6.20 -29.31
C LEU F 273 -22.91 -5.71 -30.19
N GLU F 274 -22.68 -5.53 -31.48
CA GLU F 274 -23.76 -5.10 -32.42
C GLU F 274 -24.88 -6.14 -32.35
N ARG F 275 -24.52 -7.43 -32.41
CA ARG F 275 -25.53 -8.51 -32.33
C ARG F 275 -26.20 -8.46 -30.95
N MET F 276 -25.42 -8.17 -29.91
CA MET F 276 -25.98 -8.11 -28.53
C MET F 276 -26.66 -6.75 -28.33
N GLN F 277 -27.97 -6.68 -28.55
CA GLN F 277 -28.71 -5.39 -28.45
C GLN F 277 -29.10 -5.11 -27.00
N GLN F 278 -28.50 -5.83 -26.05
CA GLN F 278 -28.78 -5.58 -24.61
C GLN F 278 -27.47 -5.67 -23.81
N GLY F 279 -27.32 -4.84 -22.78
CA GLY F 279 -26.09 -4.85 -21.96
C GLY F 279 -24.86 -4.54 -22.79
N SER F 280 -23.90 -5.47 -22.83
CA SER F 280 -22.65 -5.27 -23.62
C SER F 280 -21.96 -3.95 -23.20
N PRO F 281 -21.46 -3.84 -21.95
CA PRO F 281 -20.74 -2.63 -21.51
C PRO F 281 -19.45 -2.46 -22.33
N GLU F 282 -18.87 -3.56 -22.81
CA GLU F 282 -17.62 -3.49 -23.62
C GLU F 282 -17.88 -2.58 -24.82
N ALA F 283 -19.12 -2.54 -25.31
CA ALA F 283 -19.47 -1.67 -26.46
C ALA F 283 -19.07 -0.22 -26.14
N THR F 284 -19.36 0.23 -24.92
CA THR F 284 -19.04 1.63 -24.51
C THR F 284 -17.52 1.84 -24.55
N VAL F 285 -16.76 0.88 -24.00
CA VAL F 285 -15.27 1.00 -23.98
C VAL F 285 -14.76 0.95 -25.43
N ALA F 286 -15.37 0.10 -26.26
CA ALA F 286 -14.98 0.04 -27.70
C ALA F 286 -15.32 1.38 -28.36
N ARG F 287 -16.44 1.98 -27.94
CA ARG F 287 -16.88 3.29 -28.49
C ARG F 287 -15.79 4.31 -28.19
N THR F 288 -15.31 4.42 -26.94
CA THR F 288 -14.22 5.35 -26.55
C THR F 288 -12.93 4.96 -27.27
N TYR F 289 -12.71 3.64 -27.43
CA TYR F 289 -11.50 3.15 -28.13
C TYR F 289 -11.42 3.81 -29.51
N LEU F 290 -12.37 3.50 -30.38
CA LEU F 290 -12.42 4.09 -31.73
C LEU F 290 -12.46 5.62 -31.56
N ASP F 291 -13.31 6.16 -30.66
CA ASP F 291 -13.41 7.63 -30.43
C ASP F 291 -12.01 8.23 -30.37
N TRP F 292 -11.15 7.72 -29.48
CA TRP F 292 -9.81 8.32 -29.28
C TRP F 292 -8.93 8.12 -30.52
N LEU F 293 -8.81 6.90 -31.05
CA LEU F 293 -7.92 6.67 -32.20
C LEU F 293 -8.39 7.55 -33.36
N THR F 294 -9.62 8.08 -33.32
CA THR F 294 -10.09 8.99 -34.37
C THR F 294 -9.40 10.34 -34.31
N GLU F 295 -9.25 10.93 -33.11
CA GLU F 295 -8.64 12.27 -33.07
C GLU F 295 -7.18 12.24 -33.54
N VAL F 296 -6.43 11.22 -33.13
CA VAL F 296 -5.00 11.07 -33.55
C VAL F 296 -4.97 10.90 -35.08
N PRO F 297 -4.28 11.77 -35.84
CA PRO F 297 -4.32 11.72 -37.30
C PRO F 297 -3.20 10.89 -37.91
N TRP F 298 -3.35 10.57 -39.21
CA TRP F 298 -2.33 9.80 -39.97
C TRP F 298 -2.30 10.31 -41.41
N SER F 299 -1.14 10.25 -42.09
CA SER F 299 -0.97 10.68 -43.50
C SER F 299 -1.41 12.15 -43.73
N LYS F 300 -1.46 12.99 -42.69
CA LYS F 300 -1.77 14.44 -42.83
C LYS F 300 -0.68 15.23 -42.10
N ALA F 301 0.39 15.63 -42.79
CA ALA F 301 1.56 16.27 -42.19
C ALA F 301 1.47 17.79 -42.38
N ASP F 302 2.41 18.49 -41.74
CA ASP F 302 2.45 19.95 -41.75
C ASP F 302 3.53 20.42 -42.69
N PRO F 303 3.22 21.19 -43.73
CA PRO F 303 4.28 21.80 -44.54
C PRO F 303 4.99 22.89 -43.76
N GLU F 304 6.21 22.59 -43.30
CA GLU F 304 6.96 23.46 -42.40
C GLU F 304 8.18 24.02 -43.09
N VAL F 305 8.49 25.28 -42.81
CA VAL F 305 9.71 25.90 -43.31
C VAL F 305 10.87 25.53 -42.39
N LEU F 306 11.91 24.94 -42.97
CA LEU F 306 13.07 24.51 -42.20
C LEU F 306 14.22 25.50 -42.26
N ASP F 307 14.04 26.64 -42.91
CA ASP F 307 15.08 27.64 -42.97
C ASP F 307 15.32 28.27 -41.60
N ILE F 308 16.55 28.68 -41.36
CA ILE F 308 16.91 29.24 -40.05
C ILE F 308 16.70 30.75 -39.99
N ASN F 309 16.74 31.44 -41.13
CA ASN F 309 16.52 32.89 -41.12
C ASN F 309 15.09 33.23 -40.69
N HIS F 310 14.12 32.48 -41.21
CA HIS F 310 12.72 32.69 -40.80
C HIS F 310 12.54 32.38 -39.32
N THR F 311 13.17 31.31 -38.84
CA THR F 311 13.08 30.99 -37.42
C THR F 311 13.68 32.09 -36.56
N ARG F 312 14.83 32.63 -36.97
CA ARG F 312 15.45 33.71 -36.22
C ARG F 312 14.58 34.97 -36.23
N GLN F 313 13.99 35.30 -37.38
CA GLN F 313 13.16 36.49 -37.42
C GLN F 313 11.85 36.31 -36.65
N VAL F 314 11.37 35.09 -36.50
CA VAL F 314 10.20 34.86 -35.65
C VAL F 314 10.57 34.96 -34.18
N LEU F 315 11.68 34.32 -33.79
CA LEU F 315 12.14 34.38 -32.40
C LEU F 315 12.69 35.74 -32.01
N ASP F 316 12.92 36.64 -32.96
CA ASP F 316 13.50 37.93 -32.63
C ASP F 316 12.59 38.75 -31.72
N GLU F 317 11.28 38.76 -32.00
CA GLU F 317 10.33 39.53 -31.22
C GLU F 317 9.55 38.69 -30.21
N ASP F 318 9.57 37.36 -30.33
CA ASP F 318 8.88 36.52 -29.36
C ASP F 318 9.58 36.55 -28.01
N HIS F 319 10.91 36.57 -27.99
CA HIS F 319 11.67 36.57 -26.75
C HIS F 319 12.85 37.52 -26.90
N TYR F 320 12.88 38.56 -26.08
CA TYR F 320 14.02 39.47 -26.07
C TYR F 320 15.25 38.76 -25.49
N GLY F 321 16.40 39.05 -26.08
CA GLY F 321 17.62 38.38 -25.65
C GLY F 321 17.66 36.94 -26.13
N LEU F 322 18.30 36.09 -25.33
CA LEU F 322 18.45 34.67 -25.60
C LEU F 322 19.19 34.39 -26.90
N LYS F 323 19.98 35.36 -27.37
CA LYS F 323 20.70 35.20 -28.62
C LYS F 323 21.71 34.06 -28.54
N ASP F 324 22.38 33.91 -27.39
CA ASP F 324 23.38 32.86 -27.24
C ASP F 324 22.74 31.47 -27.34
N VAL F 325 21.65 31.26 -26.61
CA VAL F 325 21.02 29.93 -26.58
C VAL F 325 20.31 29.63 -27.90
N LYS F 326 19.69 30.64 -28.51
CA LYS F 326 18.93 30.42 -29.74
C LYS F 326 19.81 29.83 -30.84
N GLU F 327 21.11 30.11 -30.82
CA GLU F 327 22.02 29.49 -31.77
C GLU F 327 22.06 27.98 -31.61
N ARG F 328 21.96 27.49 -30.37
CA ARG F 328 21.95 26.04 -30.15
C ARG F 328 20.74 25.39 -30.80
N ILE F 329 19.57 26.01 -30.67
CA ILE F 329 18.36 25.45 -31.26
C ILE F 329 18.41 25.52 -32.78
N LEU F 330 18.87 26.66 -33.33
CA LEU F 330 18.92 26.76 -34.78
C LEU F 330 19.96 25.82 -35.38
N GLU F 331 21.03 25.51 -34.64
CA GLU F 331 21.96 24.49 -35.13
C GLU F 331 21.29 23.13 -35.27
N TYR F 332 20.50 22.74 -34.26
CA TYR F 332 19.80 21.46 -34.35
C TYR F 332 18.79 21.47 -35.48
N LEU F 333 18.07 22.58 -35.65
CA LEU F 333 17.11 22.68 -36.76
C LEU F 333 17.81 22.56 -38.10
N ALA F 334 18.96 23.24 -38.26
CA ALA F 334 19.70 23.19 -39.51
C ALA F 334 20.21 21.78 -39.80
N VAL F 335 20.76 21.11 -38.79
CA VAL F 335 21.26 19.76 -39.05
C VAL F 335 20.11 18.78 -39.28
N ARG F 336 18.96 18.99 -38.63
CA ARG F 336 17.79 18.16 -38.89
C ARG F 336 17.30 18.32 -40.32
N GLN F 337 17.28 19.55 -40.83
CA GLN F 337 16.86 19.75 -42.22
C GLN F 337 17.93 19.27 -43.20
N LEU F 338 19.19 19.22 -42.76
CA LEU F 338 20.30 18.72 -43.59
C LEU F 338 20.17 17.19 -43.71
N THR F 339 19.76 16.51 -42.64
CA THR F 339 19.60 15.06 -42.64
C THR F 339 18.21 14.74 -43.17
N GLN F 340 18.15 14.18 -44.38
CA GLN F 340 16.89 13.80 -45.01
C GLN F 340 17.01 12.38 -45.54
N GLY F 341 15.98 11.57 -45.29
CA GLY F 341 16.02 10.19 -45.72
C GLY F 341 16.74 9.30 -44.73
N LEU F 342 17.99 8.98 -45.02
CA LEU F 342 18.84 8.25 -44.10
C LEU F 342 19.53 9.20 -43.13
N ASP F 343 19.94 8.64 -41.99
CA ASP F 343 20.63 9.37 -40.91
C ASP F 343 19.76 10.47 -40.31
N VAL F 344 18.44 10.36 -40.41
CA VAL F 344 17.55 11.31 -39.77
C VAL F 344 16.73 10.57 -38.71
N ARG F 345 16.56 9.27 -38.89
CA ARG F 345 15.83 8.45 -37.93
C ARG F 345 16.76 7.61 -37.06
N ASN F 346 17.98 7.33 -37.51
CA ASN F 346 18.91 6.56 -36.69
C ASN F 346 19.45 7.39 -35.53
N LYS F 347 19.69 8.68 -35.74
CA LYS F 347 20.23 9.57 -34.73
C LYS F 347 19.15 10.54 -34.26
N ALA F 348 18.96 10.62 -32.95
CA ALA F 348 17.93 11.48 -32.36
C ALA F 348 18.52 12.27 -31.20
N PRO F 349 19.29 13.32 -31.49
CA PRO F 349 19.80 14.20 -30.42
C PRO F 349 18.70 15.14 -29.93
N ILE F 350 17.80 14.61 -29.12
CA ILE F 350 16.63 15.35 -28.66
C ILE F 350 17.08 16.51 -27.78
N LEU F 351 16.57 17.70 -28.07
CA LEU F 351 16.95 18.88 -27.31
C LEU F 351 16.25 18.89 -25.95
N VAL F 352 17.01 19.11 -24.89
CA VAL F 352 16.48 19.22 -23.55
C VAL F 352 16.81 20.60 -22.99
N LEU F 353 15.87 21.18 -22.26
CA LEU F 353 16.04 22.49 -21.64
C LEU F 353 16.17 22.29 -20.14
N VAL F 354 17.34 22.62 -19.59
CA VAL F 354 17.61 22.48 -18.17
C VAL F 354 18.00 23.84 -17.61
N GLY F 355 17.44 24.17 -16.45
CA GLY F 355 17.72 25.43 -15.80
C GLY F 355 16.77 25.71 -14.66
N PRO F 356 16.98 26.84 -13.97
CA PRO F 356 16.11 27.18 -12.85
C PRO F 356 14.70 27.42 -13.32
N PRO F 357 13.70 27.11 -12.49
CA PRO F 357 12.31 27.35 -12.88
C PRO F 357 12.00 28.84 -13.02
N GLY F 358 11.04 29.14 -13.88
CA GLY F 358 10.63 30.50 -14.15
C GLY F 358 11.22 31.08 -15.42
N VAL F 359 12.28 30.49 -15.96
CA VAL F 359 12.85 30.94 -17.22
C VAL F 359 11.93 30.49 -18.35
N GLY F 360 12.11 31.05 -19.54
CA GLY F 360 11.24 30.69 -20.64
C GLY F 360 11.51 29.31 -21.19
N LYS F 361 10.61 28.36 -20.88
CA LYS F 361 10.64 27.04 -21.48
C LYS F 361 9.36 26.72 -22.22
N THR F 362 8.20 26.86 -21.56
CA THR F 362 6.92 26.72 -22.26
C THR F 362 6.72 27.83 -23.27
N SER F 363 7.13 29.05 -22.92
CA SER F 363 7.06 30.16 -23.86
C SER F 363 7.95 29.91 -25.06
N LEU F 364 9.16 29.39 -24.83
CA LEU F 364 10.04 29.02 -25.92
C LEU F 364 9.42 27.93 -26.79
N GLY F 365 8.74 26.96 -26.16
CA GLY F 365 8.09 25.92 -26.95
C GLY F 365 6.98 26.44 -27.83
N ARG F 366 6.11 27.30 -27.28
CA ARG F 366 5.03 27.85 -28.10
C ARG F 366 5.54 28.82 -29.14
N SER F 367 6.68 29.45 -28.91
CA SER F 367 7.28 30.30 -29.94
C SER F 367 7.91 29.47 -31.05
N ILE F 368 8.57 28.36 -30.69
CA ILE F 368 9.18 27.48 -31.68
C ILE F 368 8.11 26.84 -32.56
N ALA F 369 7.03 26.37 -31.93
CA ALA F 369 5.96 25.73 -32.70
C ALA F 369 5.36 26.69 -33.73
N ARG F 370 5.12 27.94 -33.32
CA ARG F 370 4.61 28.93 -34.26
C ARG F 370 5.68 29.38 -35.25
N SER F 371 6.96 29.26 -34.89
CA SER F 371 8.04 29.62 -35.81
C SER F 371 8.07 28.65 -36.99
N MET F 372 8.06 27.35 -36.71
CA MET F 372 7.92 26.36 -37.78
C MET F 372 6.47 25.96 -38.02
N ASN F 373 5.52 26.82 -37.64
CA ASN F 373 4.09 26.63 -37.92
C ASN F 373 3.55 25.34 -37.35
N ARG F 374 4.23 24.76 -36.36
CA ARG F 374 3.82 23.50 -35.78
C ARG F 374 2.87 23.75 -34.60
N LYS F 375 2.56 22.71 -33.84
CA LYS F 375 1.52 22.75 -32.83
C LYS F 375 2.14 22.78 -31.44
N PHE F 376 1.64 23.68 -30.60
CA PHE F 376 2.11 23.84 -29.23
C PHE F 376 1.13 23.16 -28.28
N HIS F 377 1.64 22.26 -27.45
CA HIS F 377 0.80 21.51 -26.52
C HIS F 377 1.60 21.19 -25.27
N ARG F 378 0.87 20.87 -24.20
CA ARG F 378 1.46 20.57 -22.91
C ARG F 378 1.04 19.19 -22.43
N ILE F 379 1.96 18.51 -21.75
CA ILE F 379 1.72 17.21 -21.15
C ILE F 379 2.19 17.28 -19.70
N SER F 380 1.33 16.86 -18.77
CA SER F 380 1.66 16.91 -17.35
C SER F 380 2.39 15.64 -16.95
N LEU F 381 3.60 15.79 -16.40
CA LEU F 381 4.43 14.67 -15.99
C LEU F 381 4.60 14.61 -14.47
N GLY F 382 3.73 15.27 -13.73
CA GLY F 382 3.85 15.31 -12.28
C GLY F 382 3.49 14.01 -11.59
N GLY F 383 2.23 13.60 -11.71
CA GLY F 383 1.76 12.40 -11.06
C GLY F 383 1.81 11.16 -11.94
N VAL F 384 2.88 11.02 -12.72
CA VAL F 384 3.06 9.88 -13.61
C VAL F 384 3.98 8.89 -12.91
N ARG F 385 3.44 7.70 -12.60
CA ARG F 385 4.20 6.69 -11.89
C ARG F 385 4.00 5.28 -12.44
N ASP F 386 3.15 5.10 -13.45
CA ASP F 386 2.87 3.78 -14.01
C ASP F 386 2.80 3.88 -15.52
N GLU F 387 3.03 2.75 -16.18
CA GLU F 387 2.90 2.69 -17.63
C GLU F 387 1.47 2.96 -18.06
N ALA F 388 0.50 2.53 -17.25
CA ALA F 388 -0.90 2.66 -17.62
C ALA F 388 -1.34 4.11 -17.80
N GLU F 389 -0.57 5.07 -17.27
CA GLU F 389 -0.87 6.48 -17.49
C GLU F 389 -0.22 7.00 -18.77
N ILE F 390 1.06 6.70 -18.97
CA ILE F 390 1.71 7.04 -20.24
C ILE F 390 1.09 6.22 -21.38
N ARG F 391 0.90 4.92 -21.14
CA ARG F 391 0.18 4.06 -22.07
C ARG F 391 -1.31 4.11 -21.75
N GLY F 392 -2.07 3.18 -22.32
CA GLY F 392 -3.47 3.03 -22.00
C GLY F 392 -3.74 1.84 -21.10
N HIS F 393 -5.03 1.57 -20.88
CA HIS F 393 -5.47 0.44 -20.09
C HIS F 393 -6.06 -0.62 -21.01
N ARG F 394 -6.15 -1.85 -20.50
CA ARG F 394 -6.72 -2.94 -21.28
C ARG F 394 -8.16 -2.63 -21.67
N ARG F 395 -8.48 -2.87 -22.94
CA ARG F 395 -9.80 -2.56 -23.47
C ARG F 395 -10.85 -3.58 -23.07
N THR F 396 -10.44 -4.76 -22.60
CA THR F 396 -11.38 -5.82 -22.24
C THR F 396 -12.22 -5.47 -21.02
N TYR F 397 -11.81 -4.48 -20.23
CA TYR F 397 -12.57 -4.04 -19.07
C TYR F 397 -13.32 -2.74 -19.39
N ILE F 398 -13.97 -2.19 -18.38
CA ILE F 398 -14.81 -1.02 -18.58
C ILE F 398 -14.09 0.28 -18.20
N GLY F 399 -13.20 0.24 -17.22
CA GLY F 399 -12.46 1.43 -16.84
C GLY F 399 -11.13 1.52 -17.55
N ALA F 400 -11.08 2.30 -18.62
CA ALA F 400 -9.87 2.47 -19.40
C ALA F 400 -9.74 3.92 -19.86
N MET F 401 -8.50 4.38 -19.98
CA MET F 401 -8.19 5.75 -20.37
C MET F 401 -6.94 5.76 -21.22
N PRO F 402 -6.85 6.67 -22.17
CA PRO F 402 -5.67 6.72 -23.06
C PRO F 402 -4.54 7.51 -22.43
N GLY F 403 -3.35 7.34 -23.00
CA GLY F 403 -2.16 7.96 -22.43
C GLY F 403 -2.19 9.47 -22.56
N LYS F 404 -1.33 10.12 -21.78
CA LYS F 404 -1.19 11.58 -21.89
C LYS F 404 -0.60 11.96 -23.24
N LEU F 405 0.39 11.19 -23.71
CA LEU F 405 0.89 11.38 -25.06
C LEU F 405 -0.21 11.16 -26.08
N ILE F 406 -1.10 10.19 -25.82
CA ILE F 406 -2.22 9.94 -26.72
C ILE F 406 -3.15 11.15 -26.75
N HIS F 407 -3.41 11.76 -25.60
CA HIS F 407 -4.24 12.95 -25.56
C HIS F 407 -3.59 14.11 -26.33
N ALA F 408 -2.28 14.28 -26.14
CA ALA F 408 -1.56 15.34 -26.84
C ALA F 408 -1.61 15.14 -28.35
N MET F 409 -1.45 13.89 -28.80
CA MET F 409 -1.51 13.60 -30.22
C MET F 409 -2.94 13.70 -30.74
N LYS F 410 -3.92 13.44 -29.87
CA LYS F 410 -5.35 13.55 -30.22
C LYS F 410 -5.68 15.02 -30.47
N GLN F 411 -5.23 15.93 -29.61
CA GLN F 411 -5.61 17.34 -29.71
C GLN F 411 -5.16 17.95 -31.03
N VAL F 412 -3.98 17.58 -31.50
CA VAL F 412 -3.47 18.09 -32.77
C VAL F 412 -4.05 17.27 -33.91
N GLY F 413 -4.30 17.93 -35.04
CA GLY F 413 -4.85 17.28 -36.22
C GLY F 413 -3.82 17.03 -37.29
N VAL F 414 -2.55 17.02 -36.91
CA VAL F 414 -1.43 16.87 -37.84
C VAL F 414 -0.51 15.76 -37.35
N ILE F 415 0.22 15.15 -38.27
CA ILE F 415 1.12 14.04 -37.93
C ILE F 415 2.16 14.49 -36.91
N ASN F 416 2.79 15.63 -37.15
CA ASN F 416 3.92 16.06 -36.35
C ASN F 416 3.63 17.34 -35.56
N PRO F 417 3.28 17.24 -34.28
CA PRO F 417 3.22 18.43 -33.44
C PRO F 417 4.53 18.67 -32.70
N VAL F 418 4.61 19.76 -31.92
CA VAL F 418 5.74 19.97 -31.03
C VAL F 418 5.32 19.38 -29.68
N ILE F 419 5.73 18.15 -29.43
CA ILE F 419 5.43 17.47 -28.18
C ILE F 419 6.54 17.77 -27.19
N LEU F 420 6.18 18.32 -26.03
CA LEU F 420 7.15 18.69 -25.01
C LEU F 420 6.87 17.87 -23.76
N LEU F 421 7.88 17.16 -23.27
CA LEU F 421 7.79 16.38 -22.04
C LEU F 421 8.21 17.29 -20.89
N ASP F 422 7.25 17.75 -20.11
CA ASP F 422 7.45 18.84 -19.16
C ASP F 422 8.01 18.31 -17.85
N GLU F 423 9.17 18.84 -17.44
CA GLU F 423 9.74 18.65 -16.10
C GLU F 423 9.93 17.17 -15.79
N ILE F 424 10.86 16.57 -16.54
CA ILE F 424 11.21 15.17 -16.32
C ILE F 424 11.84 14.96 -14.95
N ASP F 425 12.27 16.03 -14.28
CA ASP F 425 13.01 15.90 -13.04
C ASP F 425 12.18 15.23 -11.95
N LYS F 426 10.90 15.60 -11.84
CA LYS F 426 10.04 15.04 -10.81
C LYS F 426 9.30 13.79 -11.27
N MET F 427 9.83 13.08 -12.27
CA MET F 427 9.24 11.82 -12.69
C MET F 427 9.47 10.77 -11.61
N SER F 428 8.42 10.00 -11.31
CA SER F 428 8.49 9.00 -10.26
C SER F 428 8.30 7.58 -10.82
N ASP F 434 7.13 1.21 -14.41
CA ASP F 434 7.80 2.48 -14.58
C ASP F 434 7.47 3.05 -15.97
N PRO F 435 6.85 4.23 -15.99
CA PRO F 435 6.48 4.83 -17.28
C PRO F 435 7.67 5.21 -18.15
N ALA F 436 8.88 5.32 -17.57
CA ALA F 436 10.05 5.67 -18.37
C ALA F 436 10.35 4.61 -19.42
N SER F 437 10.18 3.34 -19.07
CA SER F 437 10.42 2.27 -20.03
C SER F 437 9.47 2.36 -21.22
N ALA F 438 8.19 2.64 -20.96
CA ALA F 438 7.23 2.81 -22.04
C ALA F 438 7.51 4.07 -22.86
N MET F 439 7.92 5.15 -22.21
CA MET F 439 8.17 6.40 -22.94
C MET F 439 9.40 6.28 -23.82
N LEU F 440 10.44 5.59 -23.35
CA LEU F 440 11.63 5.39 -24.17
C LEU F 440 11.32 4.56 -25.41
N GLU F 441 10.48 3.53 -25.26
CA GLU F 441 10.15 2.67 -26.39
C GLU F 441 9.34 3.40 -27.46
N VAL F 442 8.78 4.57 -27.14
CA VAL F 442 8.16 5.42 -28.15
C VAL F 442 8.99 6.67 -28.44
N LEU F 443 9.86 7.09 -27.52
CA LEU F 443 10.70 8.26 -27.77
C LEU F 443 11.70 8.00 -28.89
N ASP F 444 12.23 6.79 -28.97
CA ASP F 444 13.21 6.44 -29.99
C ASP F 444 12.53 6.41 -31.36
N PRO F 445 12.97 7.21 -32.33
CA PRO F 445 12.33 7.21 -33.65
C PRO F 445 12.80 6.06 -34.53
N GLU F 446 12.85 4.86 -33.98
CA GLU F 446 13.18 3.67 -34.76
C GLU F 446 12.15 2.55 -34.59
N GLN F 447 11.60 2.39 -33.38
CA GLN F 447 10.57 1.40 -33.13
C GLN F 447 9.22 2.02 -32.80
N ASN F 448 9.15 3.35 -32.68
CA ASN F 448 7.86 3.98 -32.43
C ASN F 448 6.93 3.89 -33.63
N ASN F 449 7.47 3.67 -34.83
CA ASN F 449 6.63 3.35 -35.97
C ASN F 449 5.92 2.02 -35.78
N THR F 450 6.48 1.14 -34.95
CA THR F 450 5.84 -0.11 -34.56
C THR F 450 5.25 -0.05 -33.15
N PHE F 451 5.31 1.11 -32.50
CA PHE F 451 4.82 1.24 -31.13
C PHE F 451 3.30 1.13 -31.09
N THR F 452 2.80 0.29 -30.20
CA THR F 452 1.37 0.17 -29.95
C THR F 452 1.09 0.36 -28.47
N ASP F 453 -0.05 0.96 -28.16
CA ASP F 453 -0.46 1.22 -26.79
C ASP F 453 -1.12 -0.02 -26.20
N HIS F 454 -1.15 -0.06 -24.87
CA HIS F 454 -1.89 -1.13 -24.19
C HIS F 454 -3.39 -1.02 -24.45
N TYR F 455 -3.86 0.17 -24.82
CA TYR F 455 -5.28 0.36 -25.09
C TYR F 455 -5.61 0.13 -26.55
N LEU F 456 -4.83 0.69 -27.46
CA LEU F 456 -5.01 0.44 -28.89
C LEU F 456 -4.30 -0.86 -29.26
N ASP F 457 -4.23 -1.15 -30.56
CA ASP F 457 -3.63 -2.46 -30.98
C ASP F 457 -2.72 -2.28 -32.20
N VAL F 458 -2.84 -1.15 -32.90
CA VAL F 458 -2.05 -0.96 -34.13
C VAL F 458 -0.88 -0.03 -33.89
N PRO F 459 0.18 -0.12 -34.71
CA PRO F 459 1.30 0.82 -34.59
C PRO F 459 0.90 2.21 -35.06
N TYR F 460 1.75 3.18 -34.73
CA TYR F 460 1.50 4.59 -35.02
C TYR F 460 2.59 5.15 -35.93
N ASP F 461 2.54 6.47 -36.14
CA ASP F 461 3.55 7.18 -36.92
C ASP F 461 4.26 8.23 -36.07
N LEU F 462 4.44 7.95 -34.79
CA LEU F 462 5.05 8.91 -33.88
C LEU F 462 6.57 8.88 -33.98
N SER F 463 7.09 9.00 -35.21
CA SER F 463 8.53 9.00 -35.47
C SER F 463 9.03 10.35 -35.95
N LYS F 464 8.38 10.93 -36.96
CA LYS F 464 8.77 12.25 -37.44
C LYS F 464 8.47 13.36 -36.45
N VAL F 465 7.66 13.08 -35.41
CA VAL F 465 7.35 14.09 -34.41
C VAL F 465 8.63 14.45 -33.66
N PHE F 466 8.95 15.74 -33.62
CA PHE F 466 10.11 16.23 -32.89
C PHE F 466 9.71 16.52 -31.45
N PHE F 467 10.43 15.94 -30.51
CA PHE F 467 10.14 16.10 -29.08
C PHE F 467 11.10 17.10 -28.47
N ILE F 468 10.56 18.04 -27.71
CA ILE F 468 11.35 18.93 -26.86
C ILE F 468 11.16 18.46 -25.42
N THR F 469 12.19 18.62 -24.61
CA THR F 469 12.13 18.21 -23.21
C THR F 469 12.62 19.34 -22.32
N THR F 470 11.97 19.50 -21.17
CA THR F 470 12.29 20.53 -20.21
C THR F 470 12.51 19.91 -18.83
N ALA F 471 13.41 20.50 -18.06
CA ALA F 471 13.70 20.03 -16.71
C ALA F 471 14.35 21.15 -15.93
N ASN F 472 14.38 20.97 -14.60
CA ASN F 472 15.05 21.91 -13.72
C ASN F 472 16.42 21.44 -13.27
N THR F 473 16.62 20.12 -13.13
CA THR F 473 17.90 19.55 -12.76
C THR F 473 18.14 18.30 -13.58
N LEU F 474 19.42 17.92 -13.71
CA LEU F 474 19.82 16.78 -14.50
C LEU F 474 20.34 15.61 -13.69
N GLN F 475 20.59 15.80 -12.39
CA GLN F 475 21.09 14.71 -11.57
C GLN F 475 20.09 13.57 -11.45
N THR F 476 18.81 13.91 -11.28
CA THR F 476 17.77 12.89 -11.11
C THR F 476 17.35 12.22 -12.41
N ILE F 477 17.80 12.74 -13.56
CA ILE F 477 17.46 12.11 -14.84
C ILE F 477 18.14 10.75 -14.91
N PRO F 478 17.43 9.69 -15.29
CA PRO F 478 18.05 8.35 -15.35
C PRO F 478 19.17 8.30 -16.38
N ARG F 479 20.15 7.43 -16.11
CA ARG F 479 21.25 7.24 -17.04
C ARG F 479 20.81 6.77 -18.42
N PRO F 480 19.90 5.80 -18.57
CA PRO F 480 19.44 5.45 -19.93
C PRO F 480 18.72 6.58 -20.63
N LEU F 481 18.24 7.59 -19.89
CA LEU F 481 17.57 8.73 -20.50
C LEU F 481 18.55 9.84 -20.89
N LEU F 482 19.51 10.15 -20.02
CA LEU F 482 20.30 11.36 -20.20
C LEU F 482 21.10 11.32 -21.51
N ASP F 483 21.60 10.15 -21.89
CA ASP F 483 22.37 10.06 -23.12
C ASP F 483 21.52 10.30 -24.36
N ARG F 484 20.23 9.94 -24.31
CA ARG F 484 19.39 10.08 -25.50
C ARG F 484 19.16 11.55 -25.86
N MET F 485 18.76 12.36 -24.88
CA MET F 485 18.59 13.78 -25.14
C MET F 485 19.94 14.50 -25.18
N GLU F 486 19.99 15.55 -26.01
CA GLU F 486 21.16 16.40 -26.12
C GLU F 486 21.00 17.58 -25.16
N VAL F 487 22.05 17.85 -24.38
CA VAL F 487 21.95 18.81 -23.28
C VAL F 487 22.03 20.23 -23.81
N ILE F 488 21.05 21.06 -23.42
CA ILE F 488 21.08 22.49 -23.63
C ILE F 488 20.65 23.15 -22.32
N GLU F 489 21.42 24.13 -21.85
CA GLU F 489 21.17 24.74 -20.56
C GLU F 489 20.87 26.23 -20.73
N ILE F 490 20.20 26.78 -19.71
CA ILE F 490 19.92 28.22 -19.64
C ILE F 490 20.35 28.73 -18.27
N PRO F 491 21.35 29.62 -18.21
CA PRO F 491 21.82 30.10 -16.91
C PRO F 491 20.81 30.99 -16.20
N GLY F 492 20.30 32.00 -16.89
CA GLY F 492 19.38 32.95 -16.29
C GLY F 492 19.12 34.14 -17.19
N TYR F 493 19.03 35.34 -16.59
CA TYR F 493 18.75 36.54 -17.36
C TYR F 493 19.54 37.71 -16.77
N THR F 494 19.81 38.69 -17.61
CA THR F 494 20.41 39.95 -17.20
C THR F 494 19.30 40.87 -16.70
N ASN F 495 19.68 41.85 -15.87
CA ASN F 495 18.69 42.77 -15.33
C ASN F 495 18.00 43.56 -16.44
N MET F 496 18.78 44.04 -17.41
CA MET F 496 18.21 44.81 -18.51
C MET F 496 17.28 43.95 -19.36
N GLU F 497 17.67 42.69 -19.62
CA GLU F 497 16.81 41.80 -20.37
C GLU F 497 15.52 41.49 -19.61
N LYS F 498 15.63 41.29 -18.29
CA LYS F 498 14.46 41.06 -17.46
C LYS F 498 13.52 42.26 -17.52
N GLN F 499 14.08 43.47 -17.47
CA GLN F 499 13.26 44.67 -17.60
C GLN F 499 12.60 44.75 -18.97
N ALA F 500 13.35 44.44 -20.03
CA ALA F 500 12.84 44.59 -21.38
C ALA F 500 11.73 43.59 -21.69
N ILE F 501 11.88 42.34 -21.25
CA ILE F 501 10.86 41.35 -21.55
C ILE F 501 9.56 41.70 -20.84
N ALA F 502 9.64 42.20 -19.61
CA ALA F 502 8.44 42.63 -18.91
C ALA F 502 7.83 43.87 -19.58
N ARG F 503 8.67 44.82 -19.99
CA ARG F 503 8.17 46.05 -20.60
C ARG F 503 7.48 45.78 -21.92
N GLN F 504 8.02 44.85 -22.72
CA GLN F 504 7.49 44.60 -24.06
C GLN F 504 6.32 43.64 -24.07
N TYR F 505 6.34 42.61 -23.23
CA TYR F 505 5.32 41.56 -23.26
C TYR F 505 4.47 41.54 -22.00
N LEU F 506 5.10 41.39 -20.83
CA LEU F 506 4.35 41.12 -19.61
C LEU F 506 3.52 42.33 -19.19
N TRP F 507 4.12 43.52 -19.20
CA TRP F 507 3.36 44.72 -18.84
C TRP F 507 2.21 44.98 -19.80
N PRO F 508 2.39 44.99 -21.13
CA PRO F 508 1.22 45.18 -22.00
C PRO F 508 0.17 44.10 -21.84
N LYS F 509 0.58 42.83 -21.68
CA LYS F 509 -0.41 41.77 -21.54
C LYS F 509 -1.19 41.87 -20.23
N GLN F 510 -0.53 42.29 -19.14
CA GLN F 510 -1.24 42.44 -17.88
C GLN F 510 -2.11 43.69 -17.88
N VAL F 511 -1.71 44.75 -18.58
CA VAL F 511 -2.57 45.92 -18.71
C VAL F 511 -3.81 45.57 -19.54
N ARG F 512 -3.63 44.76 -20.58
CA ARG F 512 -4.79 44.27 -21.34
C ARG F 512 -5.68 43.40 -20.46
N GLU F 513 -5.08 42.54 -19.64
CA GLU F 513 -5.82 41.67 -18.74
C GLU F 513 -6.09 42.32 -17.39
N SER F 514 -6.07 43.66 -17.34
CA SER F 514 -6.47 44.37 -16.15
C SER F 514 -7.51 45.45 -16.40
N GLY F 515 -7.78 45.81 -17.65
CA GLY F 515 -8.83 46.78 -17.96
C GLY F 515 -8.44 48.23 -17.87
N MET F 516 -7.17 48.55 -17.64
CA MET F 516 -6.69 49.93 -17.57
C MET F 516 -5.78 50.27 -18.75
N GLU F 517 -6.15 49.82 -19.95
CA GLU F 517 -5.37 50.17 -21.13
C GLU F 517 -5.50 51.67 -21.40
N GLY F 518 -4.37 52.37 -21.31
CA GLY F 518 -4.39 53.82 -21.41
C GLY F 518 -4.78 54.53 -20.14
N ARG F 519 -4.83 53.82 -19.01
CA ARG F 519 -5.17 54.42 -17.73
C ARG F 519 -4.03 54.43 -16.72
N ILE F 520 -3.03 53.55 -16.87
CA ILE F 520 -1.89 53.49 -15.97
C ILE F 520 -0.61 53.48 -16.80
N GLU F 521 0.48 53.92 -16.18
CA GLU F 521 1.77 53.99 -16.85
C GLU F 521 2.87 53.75 -15.83
N VAL F 522 3.84 52.91 -16.18
CA VAL F 522 4.99 52.63 -15.35
C VAL F 522 6.26 53.02 -16.12
N THR F 523 7.18 53.67 -15.42
CA THR F 523 8.42 54.13 -16.02
C THR F 523 9.52 53.08 -15.86
N ASP F 524 10.46 53.10 -16.79
CA ASP F 524 11.59 52.17 -16.72
C ASP F 524 12.44 52.41 -15.48
N ALA F 525 12.51 53.66 -15.01
CA ALA F 525 13.20 53.95 -13.76
C ALA F 525 12.52 53.25 -12.58
N ALA F 526 11.18 53.26 -12.56
CA ALA F 526 10.45 52.55 -11.51
C ALA F 526 10.60 51.04 -11.65
N ILE F 527 10.64 50.53 -12.88
CA ILE F 527 10.83 49.10 -13.08
C ILE F 527 12.22 48.68 -12.58
N LEU F 528 13.23 49.54 -12.77
CA LEU F 528 14.56 49.24 -12.28
C LEU F 528 14.56 49.07 -10.76
N ARG F 529 13.82 49.94 -10.06
CA ARG F 529 13.72 49.82 -8.61
C ARG F 529 12.93 48.58 -8.20
N VAL F 530 11.81 48.30 -8.89
CA VAL F 530 10.96 47.20 -8.45
C VAL F 530 11.67 45.87 -8.66
N ILE F 531 12.36 45.67 -9.78
CA ILE F 531 13.05 44.41 -10.02
C ILE F 531 14.11 44.18 -8.95
N SER F 532 14.81 45.25 -8.54
CA SER F 532 15.85 45.11 -7.55
C SER F 532 15.32 44.90 -6.14
N GLU F 533 14.16 45.49 -5.81
CA GLU F 533 13.74 45.53 -4.42
C GLU F 533 12.60 44.58 -4.07
N TYR F 534 11.80 44.12 -5.03
CA TYR F 534 10.62 43.33 -4.70
C TYR F 534 10.67 41.91 -5.25
N THR F 535 11.70 41.53 -5.99
CA THR F 535 11.79 40.18 -6.52
C THR F 535 13.25 39.75 -6.56
N ARG F 536 13.48 38.46 -6.28
CA ARG F 536 14.80 37.87 -6.33
C ARG F 536 14.63 36.44 -6.84
N GLU F 537 14.80 36.24 -8.14
CA GLU F 537 14.57 34.93 -8.75
C GLU F 537 15.44 34.81 -10.00
N ALA F 538 15.85 33.58 -10.30
CA ALA F 538 16.57 33.34 -11.54
C ALA F 538 15.62 33.36 -12.74
N GLY F 539 14.38 32.94 -12.55
CA GLY F 539 13.36 33.00 -13.58
C GLY F 539 12.63 34.33 -13.54
N VAL F 540 11.46 34.34 -14.20
CA VAL F 540 10.65 35.55 -14.27
C VAL F 540 9.22 35.24 -13.82
N ARG F 541 9.03 34.08 -13.19
CA ARG F 541 7.69 33.69 -12.77
C ARG F 541 7.13 34.64 -11.72
N GLY F 542 7.96 35.09 -10.77
CA GLY F 542 7.51 36.05 -9.78
C GLY F 542 7.63 37.49 -10.18
N LEU F 543 8.24 37.77 -11.34
CA LEU F 543 8.42 39.15 -11.77
C LEU F 543 7.09 39.82 -12.12
N GLU F 544 6.20 39.11 -12.82
CA GLU F 544 4.95 39.70 -13.26
C GLU F 544 3.94 39.84 -12.13
N ARG F 545 4.13 39.13 -11.02
CA ARG F 545 3.19 39.24 -9.90
C ARG F 545 3.22 40.64 -9.29
N GLU F 546 4.42 41.19 -9.10
CA GLU F 546 4.54 42.52 -8.51
C GLU F 546 4.03 43.62 -9.44
N LEU F 547 3.96 43.35 -10.75
CA LEU F 547 3.37 44.30 -11.68
C LEU F 547 1.86 44.16 -11.76
N GLY F 548 1.36 42.92 -11.72
CA GLY F 548 -0.08 42.72 -11.66
C GLY F 548 -0.69 43.27 -10.40
N LYS F 549 0.04 43.19 -9.28
CA LYS F 549 -0.44 43.80 -8.04
C LYS F 549 -0.57 45.32 -8.19
N ILE F 550 0.43 45.96 -8.82
CA ILE F 550 0.35 47.39 -9.08
C ILE F 550 -0.86 47.71 -9.95
N ALA F 551 -1.03 46.95 -11.03
CA ALA F 551 -2.14 47.20 -11.93
C ALA F 551 -3.49 47.02 -11.26
N ARG F 552 -3.64 46.00 -10.40
CA ARG F 552 -4.92 45.76 -9.74
C ARG F 552 -5.20 46.74 -8.61
N LYS F 553 -4.15 47.23 -7.94
CA LYS F 553 -4.37 48.37 -7.04
C LYS F 553 -4.78 49.60 -7.83
N GLY F 554 -4.31 49.72 -9.07
CA GLY F 554 -4.82 50.76 -9.95
C GLY F 554 -6.31 50.62 -10.21
N ALA F 555 -6.78 49.39 -10.43
CA ALA F 555 -8.21 49.16 -10.60
C ALA F 555 -8.98 49.48 -9.34
N LYS F 556 -8.41 49.13 -8.18
CA LYS F 556 -9.04 49.49 -6.91
C LYS F 556 -9.18 51.01 -6.78
N PHE F 557 -8.12 51.75 -7.14
CA PHE F 557 -8.20 53.20 -7.12
C PHE F 557 -9.23 53.74 -8.10
N TRP F 558 -9.38 53.08 -9.26
CA TRP F 558 -10.31 53.57 -10.26
C TRP F 558 -11.75 53.59 -9.77
N LEU F 559 -12.17 52.52 -9.08
CA LEU F 559 -13.56 52.44 -8.64
C LEU F 559 -13.91 53.55 -7.66
N GLU F 560 -13.02 53.83 -6.70
CA GLU F 560 -13.30 54.90 -5.75
C GLU F 560 -13.12 56.27 -6.39
N GLY F 561 -12.24 56.39 -7.38
CA GLY F 561 -12.07 57.65 -8.09
C GLY F 561 -11.48 57.47 -9.47
N ALA F 562 -12.14 58.06 -10.47
CA ALA F 562 -11.68 57.94 -11.85
C ALA F 562 -10.85 59.16 -12.23
N TRP F 563 -9.64 58.91 -12.72
CA TRP F 563 -8.75 59.98 -13.12
C TRP F 563 -9.00 60.34 -14.58
N GLU F 564 -8.12 61.15 -15.16
CA GLU F 564 -8.20 61.55 -16.56
C GLU F 564 -7.01 60.99 -17.31
N GLY F 565 -7.27 60.39 -18.46
CA GLY F 565 -6.20 59.79 -19.25
C GLY F 565 -5.50 58.70 -18.49
N LEU F 566 -4.18 58.83 -18.35
CA LEU F 566 -3.35 57.86 -17.65
C LEU F 566 -2.47 58.57 -16.63
N ARG F 567 -2.18 57.88 -15.53
CA ARG F 567 -1.34 58.41 -14.48
C ARG F 567 0.04 57.77 -14.53
N THR F 568 1.05 58.52 -14.09
CA THR F 568 2.43 58.08 -14.10
C THR F 568 2.93 57.91 -12.67
N ILE F 569 3.67 56.83 -12.44
CA ILE F 569 4.22 56.52 -11.12
C ILE F 569 5.72 56.77 -11.15
N ASP F 570 6.25 57.26 -10.03
CA ASP F 570 7.66 57.59 -9.90
C ASP F 570 8.27 56.72 -8.81
N ALA F 571 9.54 56.99 -8.47
CA ALA F 571 10.23 56.19 -7.46
C ALA F 571 9.56 56.30 -6.11
N SER F 572 8.91 57.42 -5.82
CA SER F 572 8.23 57.63 -4.54
C SER F 572 6.77 57.24 -4.57
N ASP F 573 6.28 56.71 -5.70
CA ASP F 573 4.87 56.34 -5.82
C ASP F 573 4.64 54.83 -5.77
N ILE F 574 5.67 54.03 -6.04
CA ILE F 574 5.54 52.57 -6.04
C ILE F 574 5.38 51.98 -4.63
N PRO F 575 5.89 52.58 -3.54
CA PRO F 575 5.59 52.00 -2.22
C PRO F 575 4.11 51.94 -1.92
N THR F 576 3.33 52.94 -2.34
CA THR F 576 1.89 52.87 -2.18
C THR F 576 1.26 51.78 -3.03
N TYR F 577 1.87 51.45 -4.17
CA TYR F 577 1.31 50.46 -5.08
C TYR F 577 1.77 49.04 -4.79
N LEU F 578 2.76 48.84 -3.94
CA LEU F 578 3.15 47.47 -3.63
C LEU F 578 3.22 47.15 -2.15
N GLY F 579 3.69 48.09 -1.33
CA GLY F 579 3.89 47.83 0.09
C GLY F 579 5.33 48.09 0.50
N ILE F 580 5.78 47.34 1.50
CA ILE F 580 7.13 47.50 2.03
C ILE F 580 8.08 46.60 1.24
N PRO F 581 9.19 47.11 0.74
CA PRO F 581 10.12 46.26 -0.04
C PRO F 581 10.60 45.08 0.78
N ARG F 582 10.63 43.91 0.15
CA ARG F 582 11.00 42.67 0.82
C ARG F 582 12.49 42.33 0.68
N TYR F 583 13.22 43.06 -0.16
CA TYR F 583 14.64 42.80 -0.37
C TYR F 583 15.38 44.11 -0.51
N ARG F 584 16.56 44.17 0.10
CA ARG F 584 17.40 45.37 0.01
C ARG F 584 18.52 45.11 -0.99
N PRO F 585 18.53 45.75 -2.14
CA PRO F 585 19.59 45.49 -3.13
C PRO F 585 20.95 45.86 -2.59
N ASP F 586 21.95 45.04 -2.92
CA ASP F 586 23.32 45.34 -2.53
C ASP F 586 23.87 46.52 -3.32
N LYS F 587 24.70 47.32 -2.67
CA LYS F 587 25.21 48.56 -3.23
C LYS F 587 26.72 48.62 -3.09
N ALA F 588 27.35 49.41 -3.96
CA ALA F 588 28.79 49.61 -3.91
C ALA F 588 29.16 50.55 -2.77
N GLU F 589 30.46 50.62 -2.49
CA GLU F 589 30.99 51.49 -1.44
C GLU F 589 32.15 52.31 -2.00
N THR F 590 32.22 53.56 -1.55
CA THR F 590 33.31 54.46 -1.87
C THR F 590 34.08 54.80 -0.59
N GLU F 591 35.04 55.72 -0.72
CA GLU F 591 35.88 56.13 0.40
C GLU F 591 36.53 54.91 1.04
N PRO F 592 37.55 54.34 0.41
CA PRO F 592 38.08 53.04 0.86
C PRO F 592 38.40 53.01 2.34
N GLN F 593 37.98 51.93 3.00
CA GLN F 593 38.14 51.76 4.44
C GLN F 593 39.15 50.64 4.71
N VAL F 594 39.92 50.79 5.79
CA VAL F 594 40.93 49.80 6.12
C VAL F 594 40.26 48.46 6.44
N GLY F 595 40.94 47.38 6.08
CA GLY F 595 40.43 46.04 6.36
C GLY F 595 39.11 45.74 5.68
N THR F 596 38.85 46.35 4.53
CA THR F 596 37.61 46.14 3.80
C THR F 596 37.94 45.70 2.38
N ALA F 597 37.39 44.56 1.96
CA ALA F 597 37.59 44.03 0.62
C ALA F 597 36.24 43.60 0.07
N GLN F 598 35.83 44.21 -1.04
CA GLN F 598 34.55 43.93 -1.67
C GLN F 598 34.69 42.69 -2.54
N GLY F 599 33.92 41.65 -2.25
CA GLY F 599 34.05 40.38 -3.00
C GLY F 599 32.80 40.03 -3.79
N LEU F 600 32.90 39.02 -4.67
CA LEU F 600 31.74 38.59 -5.49
C LEU F 600 31.40 37.13 -5.14
N ALA F 601 30.13 36.86 -4.82
CA ALA F 601 29.70 35.47 -4.49
C ALA F 601 28.51 35.08 -5.39
N TRP F 602 28.65 34.00 -6.17
CA TRP F 602 27.56 33.54 -7.05
C TRP F 602 26.43 32.93 -6.21
N THR F 603 25.17 33.09 -6.63
CA THR F 603 24.04 32.46 -5.92
C THR F 603 23.10 31.84 -6.96
N PRO F 604 22.21 30.89 -6.59
CA PRO F 604 21.36 30.22 -7.57
C PRO F 604 20.64 31.22 -8.47
N VAL F 605 20.05 32.27 -7.87
CA VAL F 605 19.36 33.33 -8.67
C VAL F 605 20.40 34.06 -9.52
N GLY F 606 21.59 34.31 -8.96
CA GLY F 606 22.67 35.00 -9.70
C GLY F 606 23.80 35.42 -8.78
N GLY F 607 24.82 36.08 -9.33
CA GLY F 607 25.97 36.54 -8.52
C GLY F 607 25.55 37.61 -7.52
N THR F 608 26.36 37.84 -6.48
CA THR F 608 26.04 38.88 -5.47
C THR F 608 27.35 39.50 -4.96
N LEU F 609 27.28 40.75 -4.46
CA LEU F 609 28.49 41.43 -3.92
C LEU F 609 28.60 41.10 -2.43
N LEU F 610 29.42 40.11 -2.07
CA LEU F 610 29.60 39.72 -0.64
C LEU F 610 30.84 40.41 -0.09
N THR F 611 30.66 41.39 0.80
CA THR F 611 31.81 42.06 1.40
C THR F 611 32.32 41.24 2.58
N ILE F 612 33.64 41.14 2.69
CA ILE F 612 34.29 40.38 3.75
C ILE F 612 35.14 41.34 4.57
N GLU F 613 34.90 41.35 5.88
CA GLU F 613 35.52 42.30 6.80
C GLU F 613 36.42 41.56 7.78
N VAL F 614 37.59 42.15 8.05
CA VAL F 614 38.58 41.56 8.93
C VAL F 614 39.09 42.61 9.90
N ALA F 615 39.70 42.14 10.98
CA ALA F 615 40.23 43.02 12.02
C ALA F 615 41.45 42.39 12.65
N ALA F 616 42.54 43.14 12.73
CA ALA F 616 43.78 42.66 13.33
C ALA F 616 43.87 43.11 14.78
N VAL F 617 42.99 42.54 15.59
CA VAL F 617 42.95 42.88 17.02
C VAL F 617 44.16 42.30 17.72
N PRO F 618 44.71 42.97 18.74
CA PRO F 618 45.82 42.39 19.48
C PRO F 618 45.39 41.13 20.22
N GLY F 619 46.35 40.21 20.39
CA GLY F 619 46.07 38.96 21.07
C GLY F 619 47.28 38.06 21.20
N SER F 620 47.09 36.77 20.94
CA SER F 620 48.16 35.78 21.04
C SER F 620 48.28 34.95 19.78
N GLY F 621 47.96 35.53 18.63
CA GLY F 621 48.05 34.83 17.37
C GLY F 621 46.92 33.88 17.07
N LYS F 622 45.86 33.89 17.88
CA LYS F 622 44.72 33.01 17.63
C LYS F 622 44.02 33.40 16.33
N LEU F 623 43.67 32.40 15.53
CA LEU F 623 43.01 32.60 14.24
C LEU F 623 41.55 32.20 14.40
N SER F 624 40.66 33.19 14.39
CA SER F 624 39.22 32.96 14.54
C SER F 624 38.52 33.32 13.25
N LEU F 625 37.66 32.42 12.78
CA LEU F 625 36.90 32.62 11.54
C LEU F 625 35.42 32.62 11.91
N THR F 626 34.83 33.81 11.98
CA THR F 626 33.45 33.99 12.39
C THR F 626 32.61 34.46 11.22
N GLY F 627 31.30 34.28 11.36
CA GLY F 627 30.35 34.62 10.32
C GLY F 627 29.59 33.44 9.75
N GLN F 628 29.62 32.28 10.39
CA GLN F 628 28.93 31.08 9.94
C GLN F 628 29.38 30.70 8.52
N LEU F 629 30.68 30.43 8.40
CA LEU F 629 31.28 30.08 7.12
C LEU F 629 31.27 28.57 6.95
N GLY F 630 31.87 28.10 5.85
CA GLY F 630 32.03 26.68 5.60
C GLY F 630 33.48 26.26 5.81
N GLU F 631 33.67 24.93 5.85
CA GLU F 631 34.99 24.38 6.13
C GLU F 631 35.99 24.67 5.03
N VAL F 632 35.54 24.81 3.78
CA VAL F 632 36.45 25.07 2.67
C VAL F 632 37.07 26.45 2.79
N MET F 633 36.25 27.43 3.17
CA MET F 633 36.76 28.82 3.32
C MET F 633 37.78 28.87 4.45
N LYS F 634 37.59 28.09 5.51
CA LYS F 634 38.58 28.04 6.57
C LYS F 634 39.95 27.66 6.02
N GLU F 635 40.00 26.60 5.21
CA GLU F 635 41.25 26.17 4.62
C GLU F 635 41.81 27.23 3.68
N SER F 636 40.94 27.86 2.88
CA SER F 636 41.42 28.90 1.96
C SER F 636 41.98 30.09 2.70
N ALA F 637 41.30 30.53 3.78
CA ALA F 637 41.79 31.65 4.56
C ALA F 637 43.11 31.31 5.25
N GLN F 638 43.24 30.07 5.76
CA GLN F 638 44.50 29.66 6.36
C GLN F 638 45.61 29.62 5.31
N ALA F 639 45.31 29.18 4.09
CA ALA F 639 46.31 29.18 3.03
C ALA F 639 46.75 30.59 2.69
N ALA F 640 45.81 31.52 2.57
CA ALA F 640 46.16 32.91 2.30
C ALA F 640 46.98 33.51 3.44
N LEU F 641 46.61 33.19 4.68
CA LEU F 641 47.34 33.69 5.83
C LEU F 641 48.76 33.14 5.86
N THR F 642 48.94 31.87 5.53
CA THR F 642 50.28 31.29 5.46
C THR F 642 51.10 31.93 4.34
N TYR F 643 50.45 32.20 3.20
CA TYR F 643 51.15 32.88 2.11
C TYR F 643 51.64 34.26 2.54
N LEU F 644 50.77 35.02 3.22
CA LEU F 644 51.18 36.33 3.73
C LEU F 644 52.24 36.21 4.81
N ARG F 645 52.17 35.15 5.62
CA ARG F 645 53.18 34.94 6.65
C ARG F 645 54.55 34.67 6.05
N ALA F 646 54.60 33.88 4.97
CA ALA F 646 55.87 33.62 4.30
C ALA F 646 56.32 34.83 3.48
N HIS F 647 55.45 35.32 2.61
CA HIS F 647 55.73 36.49 1.78
C HIS F 647 55.32 37.73 2.56
N THR F 648 56.27 38.34 3.27
CA THR F 648 55.99 39.46 4.15
C THR F 648 56.65 40.76 3.70
N GLN F 649 57.96 40.74 3.43
CA GLN F 649 58.67 41.96 3.06
C GLN F 649 58.23 42.50 1.71
N ASP F 650 57.66 41.65 0.84
CA ASP F 650 57.16 42.13 -0.44
C ASP F 650 55.99 43.08 -0.25
N TYR F 651 55.09 42.77 0.67
CA TYR F 651 53.93 43.61 0.96
C TYR F 651 54.18 44.56 2.13
N GLY F 652 55.37 44.50 2.73
CA GLY F 652 55.72 45.50 3.74
C GLY F 652 55.10 45.30 5.10
N LEU F 653 54.65 44.07 5.37
CA LEU F 653 54.06 43.76 6.70
C LEU F 653 55.20 43.62 7.73
N PRO F 654 54.94 43.76 9.04
CA PRO F 654 55.97 43.57 10.06
C PRO F 654 56.60 42.17 9.91
N GLU F 655 57.90 42.05 10.20
CA GLU F 655 58.59 40.75 10.07
C GLU F 655 57.80 39.69 10.82
N ASP F 656 57.35 39.99 12.04
CA ASP F 656 56.52 39.05 12.82
C ASP F 656 55.40 39.83 13.53
N PHE F 657 54.21 39.23 13.63
CA PHE F 657 53.05 39.89 14.30
C PHE F 657 51.90 38.90 14.36
N TYR F 658 51.76 38.06 13.32
CA TYR F 658 50.69 37.04 13.29
C TYR F 658 50.67 36.30 14.62
N ASN F 659 51.85 35.95 15.15
CA ASN F 659 51.93 35.17 16.42
C ASN F 659 51.41 36.00 17.59
N LYS F 660 51.47 37.33 17.49
CA LYS F 660 51.07 38.19 18.65
C LYS F 660 49.76 38.90 18.34
N VAL F 661 49.19 38.68 17.15
CA VAL F 661 47.95 39.39 16.74
C VAL F 661 46.86 38.37 16.41
N ASP F 662 45.67 38.53 16.99
CA ASP F 662 44.54 37.62 16.67
C ASP F 662 43.78 38.17 15.46
N LEU F 663 43.58 37.34 14.43
CA LEU F 663 42.87 37.80 13.21
C LEU F 663 41.40 37.41 13.30
N HIS F 664 40.52 38.38 13.54
CA HIS F 664 39.06 38.10 13.58
C HIS F 664 38.45 38.38 12.21
N VAL F 665 38.35 37.36 11.36
CA VAL F 665 37.72 37.53 10.02
C VAL F 665 36.21 37.28 10.15
N HIS F 666 35.40 38.34 10.04
CA HIS F 666 33.92 38.18 10.02
C HIS F 666 33.39 38.55 8.63
N VAL F 667 32.73 37.60 7.96
CA VAL F 667 32.09 37.88 6.65
C VAL F 667 30.67 38.41 6.90
N PRO F 668 30.41 39.72 6.76
CA PRO F 668 29.06 40.26 6.91
C PRO F 668 28.17 39.78 5.77
N ASP F 669 26.98 39.28 6.11
CA ASP F 669 26.51 39.27 7.53
C ASP F 669 26.50 37.83 8.04
N GLY F 670 25.96 37.63 9.25
CA GLY F 670 25.77 36.27 9.81
C GLY F 670 24.55 35.59 9.21
N ALA F 671 24.06 34.54 9.87
CA ALA F 671 22.90 33.78 9.36
C ALA F 671 23.10 33.55 7.85
N THR F 672 24.32 33.20 7.44
CA THR F 672 24.62 33.03 6.00
C THR F 672 25.55 31.84 5.79
N PRO F 673 25.17 30.83 4.99
CA PRO F 673 26.04 29.71 4.67
C PRO F 673 27.07 30.08 3.59
N LYS F 674 28.20 29.35 3.55
CA LYS F 674 29.28 29.62 2.56
C LYS F 674 29.88 28.29 2.09
N ASP F 675 30.58 28.30 0.94
CA ASP F 675 31.25 27.07 0.42
C ASP F 675 32.12 27.44 -0.78
N GLY F 676 33.13 26.62 -1.09
CA GLY F 676 34.05 26.92 -2.21
C GLY F 676 35.05 27.99 -1.81
N PRO F 677 36.28 28.01 -2.37
CA PRO F 677 37.30 28.98 -1.99
C PRO F 677 37.20 30.20 -2.90
N ALA F 678 36.10 30.31 -3.65
CA ALA F 678 35.96 31.41 -4.62
C ALA F 678 36.44 32.73 -4.01
N ALA F 679 36.11 32.98 -2.75
CA ALA F 679 36.45 34.29 -2.14
C ALA F 679 37.90 34.29 -1.68
N GLY F 680 38.63 33.21 -1.97
CA GLY F 680 40.05 33.15 -1.59
C GLY F 680 40.71 34.50 -1.72
N ILE F 681 40.94 34.95 -2.96
CA ILE F 681 41.65 36.21 -3.15
C ILE F 681 40.97 37.33 -2.38
N THR F 682 39.66 37.20 -2.15
CA THR F 682 38.96 38.21 -1.35
C THR F 682 39.44 38.19 0.09
N MET F 683 39.52 36.99 0.70
CA MET F 683 40.09 36.91 2.04
C MET F 683 41.53 37.38 2.05
N ALA F 684 42.30 37.01 1.03
CA ALA F 684 43.71 37.43 1.00
C ALA F 684 43.85 38.94 0.96
N THR F 685 43.06 39.60 0.11
CA THR F 685 43.11 41.05 0.02
C THR F 685 42.67 41.71 1.31
N ALA F 686 41.60 41.19 1.92
CA ALA F 686 41.11 41.75 3.18
C ALA F 686 42.17 41.65 4.27
N ILE F 687 42.77 40.47 4.42
CA ILE F 687 43.77 40.26 5.46
C ILE F 687 44.99 41.12 5.20
N ALA F 688 45.43 41.20 3.94
CA ALA F 688 46.59 42.03 3.62
C ALA F 688 46.32 43.48 3.96
N SER F 689 45.13 44.00 3.61
CA SER F 689 44.79 45.38 3.92
C SER F 689 44.75 45.60 5.43
N ALA F 690 44.20 44.64 6.17
CA ALA F 690 44.10 44.79 7.62
C ALA F 690 45.47 44.84 8.27
N LEU F 691 46.34 43.88 7.91
CA LEU F 691 47.70 43.77 8.50
C LEU F 691 48.57 44.94 8.05
N SER F 692 48.32 45.50 6.86
CA SER F 692 49.13 46.59 6.33
C SER F 692 48.58 47.96 6.68
N ARG F 693 47.38 48.04 7.26
CA ARG F 693 46.76 49.30 7.63
C ARG F 693 46.61 50.24 6.43
N ARG F 694 46.36 49.67 5.26
CA ARG F 694 46.13 50.41 4.05
C ARG F 694 44.74 50.09 3.50
N PRO F 695 43.88 51.08 3.30
CA PRO F 695 42.53 50.81 2.81
C PRO F 695 42.57 50.15 1.43
N ALA F 696 41.63 49.22 1.22
CA ALA F 696 41.46 48.58 -0.09
C ALA F 696 40.18 49.12 -0.70
N ARG F 697 40.28 49.62 -1.93
CA ARG F 697 39.16 50.27 -2.58
C ARG F 697 38.06 49.26 -2.88
N MET F 698 36.82 49.62 -2.53
CA MET F 698 35.66 48.78 -2.81
C MET F 698 35.16 48.93 -4.24
N ASP F 699 35.73 49.86 -5.01
CA ASP F 699 35.30 50.07 -6.38
C ASP F 699 35.67 48.91 -7.30
N ILE F 700 36.49 47.98 -6.84
CA ILE F 700 36.92 46.82 -7.62
C ILE F 700 36.47 45.56 -6.90
N ALA F 701 35.75 44.70 -7.62
CA ALA F 701 35.36 43.40 -7.09
C ALA F 701 36.41 42.36 -7.46
N MET F 702 36.33 41.21 -6.78
CA MET F 702 37.37 40.19 -6.92
C MET F 702 36.79 38.83 -6.58
N THR F 703 37.35 37.80 -7.22
CA THR F 703 36.96 36.42 -6.96
C THR F 703 38.03 35.49 -7.50
N GLY F 704 38.47 34.55 -6.67
CA GLY F 704 39.51 33.62 -7.06
C GLY F 704 40.05 32.80 -5.90
N GLU F 705 40.86 31.79 -6.21
CA GLU F 705 41.44 30.92 -5.19
C GLU F 705 42.93 31.16 -5.06
N VAL F 706 43.42 31.08 -3.82
CA VAL F 706 44.82 31.35 -3.50
C VAL F 706 45.50 30.05 -3.08
N SER F 707 46.72 29.84 -3.56
CA SER F 707 47.56 28.73 -3.15
C SER F 707 48.70 29.25 -2.29
N LEU F 708 49.59 28.34 -1.90
CA LEU F 708 50.70 28.72 -1.04
C LEU F 708 51.71 29.59 -1.77
N ARG F 709 51.91 29.34 -3.07
CA ARG F 709 52.84 30.13 -3.85
C ARG F 709 52.22 31.42 -4.38
N GLY F 710 50.93 31.63 -4.17
CA GLY F 710 50.27 32.83 -4.61
C GLY F 710 49.57 32.74 -5.94
N LYS F 711 49.85 31.70 -6.73
CA LYS F 711 49.19 31.55 -8.02
C LYS F 711 47.70 31.30 -7.82
N VAL F 712 46.89 31.84 -8.74
CA VAL F 712 45.45 31.92 -8.58
C VAL F 712 44.79 30.87 -9.48
N MET F 713 43.92 30.06 -8.88
CA MET F 713 43.19 29.04 -9.61
C MET F 713 41.90 29.61 -10.20
N PRO F 714 41.47 29.09 -11.35
CA PRO F 714 40.20 29.52 -11.93
C PRO F 714 39.01 29.01 -11.13
N ILE F 715 37.89 29.71 -11.30
CA ILE F 715 36.66 29.37 -10.61
C ILE F 715 35.59 29.04 -11.66
N GLY F 716 34.45 28.55 -11.17
CA GLY F 716 33.32 28.25 -12.03
C GLY F 716 32.11 29.10 -11.66
N GLY F 717 31.30 29.40 -12.68
CA GLY F 717 30.14 30.24 -12.48
C GLY F 717 30.52 31.68 -12.19
N VAL F 718 31.10 32.36 -13.19
CA VAL F 718 31.65 33.69 -12.99
C VAL F 718 30.82 34.77 -13.69
N LYS F 719 30.02 34.42 -14.70
CA LYS F 719 29.21 35.43 -15.39
C LYS F 719 28.21 36.07 -14.45
N GLU F 720 27.65 35.29 -13.52
CA GLU F 720 26.73 35.85 -12.54
C GLU F 720 27.42 36.89 -11.66
N LYS F 721 28.65 36.59 -11.23
CA LYS F 721 29.40 37.56 -10.43
C LYS F 721 29.68 38.82 -11.22
N LEU F 722 30.07 38.68 -12.49
CA LEU F 722 30.32 39.86 -13.32
C LEU F 722 29.07 40.71 -13.47
N LEU F 723 27.93 40.08 -13.79
CA LEU F 723 26.71 40.86 -13.98
C LEU F 723 26.24 41.51 -12.68
N ALA F 724 26.34 40.80 -11.56
CA ALA F 724 25.96 41.37 -10.27
C ALA F 724 26.85 42.57 -9.92
N ALA F 725 28.16 42.43 -10.13
CA ALA F 725 29.06 43.55 -9.86
C ALA F 725 28.76 44.74 -10.75
N HIS F 726 28.49 44.49 -12.04
CA HIS F 726 28.18 45.59 -12.95
C HIS F 726 26.89 46.29 -12.55
N GLN F 727 25.87 45.52 -12.17
CA GLN F 727 24.58 46.12 -11.81
C GLN F 727 24.57 46.71 -10.41
N ALA F 728 25.55 46.38 -9.57
CA ALA F 728 25.61 46.91 -8.21
C ALA F 728 26.43 48.18 -8.10
N GLY F 729 26.96 48.71 -9.19
CA GLY F 729 27.75 49.91 -9.17
C GLY F 729 29.25 49.70 -9.20
N ILE F 730 29.73 48.62 -9.79
CA ILE F 730 31.16 48.33 -9.90
C ILE F 730 31.50 48.23 -11.39
N HIS F 731 32.53 48.96 -11.80
CA HIS F 731 32.97 48.99 -13.19
C HIS F 731 34.44 48.59 -13.31
N LYS F 732 34.89 47.70 -12.44
CA LYS F 732 36.26 47.19 -12.49
C LYS F 732 36.31 45.86 -11.74
N ILE F 733 36.82 44.82 -12.41
CA ILE F 733 36.83 43.47 -11.88
C ILE F 733 38.24 42.91 -11.99
N VAL F 734 38.70 42.27 -10.92
CA VAL F 734 39.97 41.54 -10.92
C VAL F 734 39.67 40.06 -11.15
N LEU F 735 40.22 39.50 -12.22
CA LEU F 735 39.92 38.13 -12.61
C LEU F 735 41.21 37.40 -12.96
N PRO F 736 41.30 36.11 -12.63
CA PRO F 736 42.48 35.33 -13.03
C PRO F 736 42.61 35.26 -14.54
N LYS F 737 43.86 35.20 -15.00
CA LYS F 737 44.12 35.18 -16.44
C LYS F 737 43.66 33.88 -17.11
N ASP F 738 43.39 32.84 -16.35
CA ASP F 738 42.90 31.58 -16.90
C ASP F 738 41.38 31.52 -16.98
N ASN F 739 40.69 32.54 -16.48
CA ASN F 739 39.23 32.62 -16.57
C ASN F 739 38.76 33.41 -17.78
N GLU F 740 39.67 33.89 -18.62
CA GLU F 740 39.28 34.64 -19.81
C GLU F 740 38.49 33.80 -20.80
N ALA F 741 38.58 32.46 -20.70
CA ALA F 741 37.82 31.61 -21.59
C ALA F 741 36.31 31.76 -21.37
N GLN F 742 35.89 31.94 -20.11
CA GLN F 742 34.49 32.06 -19.75
C GLN F 742 33.96 33.48 -19.91
N LEU F 743 34.61 34.32 -20.69
CA LEU F 743 34.17 35.69 -20.92
C LEU F 743 33.42 35.85 -22.24
N GLU F 744 33.09 34.76 -22.92
CA GLU F 744 32.41 34.81 -24.20
C GLU F 744 30.95 34.42 -24.13
N GLU F 745 30.46 33.97 -22.97
CA GLU F 745 29.05 33.66 -22.79
C GLU F 745 28.32 34.79 -22.06
N LEU F 746 28.95 35.94 -21.93
CA LEU F 746 28.46 37.10 -21.22
C LEU F 746 27.98 38.17 -22.21
N PRO F 747 26.91 38.89 -21.90
CA PRO F 747 26.38 39.89 -22.84
C PRO F 747 27.43 40.95 -23.17
N LYS F 748 27.43 41.38 -24.44
CA LYS F 748 28.47 42.29 -24.92
C LYS F 748 28.37 43.65 -24.23
N GLU F 749 27.16 44.18 -24.11
CA GLU F 749 26.98 45.53 -23.57
C GLU F 749 27.60 45.66 -22.18
N VAL F 750 27.59 44.59 -21.39
CA VAL F 750 28.37 44.58 -20.16
C VAL F 750 29.86 44.55 -20.47
N LEU F 751 30.25 43.83 -21.53
CA LEU F 751 31.69 43.68 -21.82
C LEU F 751 32.34 45.00 -22.20
N GLU F 752 31.68 45.84 -22.98
CA GLU F 752 32.23 47.20 -23.12
C GLU F 752 32.08 48.00 -21.84
N GLY F 753 31.10 47.67 -21.00
CA GLY F 753 30.93 48.35 -19.73
C GLY F 753 32.02 48.00 -18.75
N LEU F 754 32.13 46.73 -18.40
CA LEU F 754 33.17 46.27 -17.49
C LEU F 754 34.47 46.06 -18.25
N GLU F 755 35.55 46.69 -17.79
CA GLU F 755 36.88 46.47 -18.34
C GLU F 755 37.64 45.61 -17.33
N ILE F 756 38.08 44.44 -17.78
CA ILE F 756 38.60 43.39 -16.90
C ILE F 756 40.11 43.33 -17.03
N LYS F 757 40.78 43.05 -15.93
CA LYS F 757 42.21 42.78 -15.91
C LYS F 757 42.44 41.31 -15.59
N LEU F 758 43.47 40.74 -16.21
CA LEU F 758 43.79 39.32 -16.06
C LEU F 758 45.05 39.17 -15.22
N VAL F 759 44.98 38.30 -14.21
CA VAL F 759 46.07 38.12 -13.26
C VAL F 759 46.44 36.65 -13.19
N GLU F 760 47.68 36.39 -12.75
CA GLU F 760 48.17 35.05 -12.52
C GLU F 760 48.36 34.74 -11.04
N ASP F 761 49.05 35.61 -10.32
CA ASP F 761 49.20 35.51 -8.88
C ASP F 761 48.65 36.78 -8.22
N VAL F 762 48.83 36.87 -6.89
CA VAL F 762 48.27 37.98 -6.12
C VAL F 762 49.30 39.05 -5.80
N GLY F 763 50.55 38.87 -6.25
CA GLY F 763 51.59 39.83 -5.91
C GLY F 763 51.29 41.23 -6.42
N GLU F 764 50.89 41.34 -7.69
CA GLU F 764 50.48 42.62 -8.23
C GLU F 764 49.04 42.99 -7.86
N VAL F 765 48.20 42.00 -7.52
CA VAL F 765 46.85 42.30 -7.08
C VAL F 765 46.87 43.09 -5.77
N LEU F 766 47.71 42.67 -4.82
CA LEU F 766 47.76 43.31 -3.52
C LEU F 766 48.37 44.70 -3.56
N GLU F 767 49.08 45.05 -4.63
CA GLU F 767 49.55 46.42 -4.79
C GLU F 767 48.64 47.26 -5.69
N TYR F 768 47.89 46.62 -6.59
CA TYR F 768 46.91 47.35 -7.38
C TYR F 768 45.72 47.77 -6.55
N LEU F 769 45.28 46.93 -5.61
CA LEU F 769 44.10 47.27 -4.82
C LEU F 769 44.44 48.15 -3.62
N LEU F 770 45.56 47.87 -2.95
CA LEU F 770 45.90 48.61 -1.75
C LEU F 770 46.37 50.02 -2.07
N LEU F 771 46.01 50.96 -1.22
CA LEU F 771 46.53 52.32 -1.32
C LEU F 771 47.97 52.37 -0.85
N PRO F 772 48.90 52.88 -1.66
CA PRO F 772 50.32 52.83 -1.28
C PRO F 772 50.65 53.56 0.02
N GLU F 773 49.98 54.66 0.32
CA GLU F 773 50.34 55.49 1.45
C GLU F 773 49.32 55.36 2.57
N PRO F 774 49.64 54.70 3.68
CA PRO F 774 48.74 54.71 4.84
C PRO F 774 48.90 56.00 5.65
N THR F 775 47.82 56.38 6.31
CA THR F 775 47.77 57.61 7.10
C THR F 775 47.59 57.37 8.59
N MET F 776 46.68 56.49 8.98
CA MET F 776 46.42 56.23 10.39
C MET F 776 47.62 55.52 11.02
N PRO F 777 47.86 55.72 12.31
CA PRO F 777 49.02 55.11 12.93
C PRO F 777 48.89 53.60 12.96
N PRO F 778 50.00 52.88 12.87
CA PRO F 778 49.94 51.42 12.86
C PRO F 778 49.57 50.86 14.24
N VAL F 779 49.14 49.59 14.23
CA VAL F 779 48.77 48.92 15.47
C VAL F 779 49.98 48.74 16.37
N VAL F 780 51.16 48.49 15.78
CA VAL F 780 52.40 48.26 16.51
C VAL F 780 52.25 47.09 17.50
N ARG G 2 -68.87 57.11 -85.21
CA ARG G 2 -68.60 57.65 -83.89
C ARG G 2 -69.75 57.34 -82.93
N LEU G 3 -69.65 56.22 -82.23
CA LEU G 3 -70.68 55.78 -81.29
C LEU G 3 -70.08 55.73 -79.89
N GLU G 4 -70.79 56.32 -78.93
CA GLU G 4 -70.36 56.36 -77.54
C GLU G 4 -70.98 55.21 -76.77
N LEU G 5 -70.16 54.49 -76.01
CA LEU G 5 -70.61 53.34 -75.24
C LEU G 5 -70.13 53.46 -73.81
N PRO G 6 -70.86 52.89 -72.85
CA PRO G 6 -70.43 52.96 -71.44
C PRO G 6 -69.14 52.17 -71.23
N VAL G 7 -68.35 52.66 -70.27
CA VAL G 7 -67.08 52.05 -69.92
C VAL G 7 -67.11 51.71 -68.43
N ILE G 8 -66.79 50.45 -68.11
CA ILE G 8 -66.74 49.97 -66.74
C ILE G 8 -65.27 49.84 -66.34
N PRO G 9 -64.76 50.67 -65.44
CA PRO G 9 -63.36 50.56 -65.03
C PRO G 9 -63.08 49.24 -64.31
N LEU G 10 -61.87 48.75 -64.47
CA LEU G 10 -61.43 47.52 -63.82
C LEU G 10 -60.88 47.83 -62.43
N ARG G 11 -61.11 46.90 -61.50
CA ARG G 11 -60.67 47.08 -60.12
C ARG G 11 -59.29 46.46 -59.88
N ASN G 12 -59.15 45.16 -60.12
CA ASN G 12 -57.88 44.48 -59.93
C ASN G 12 -57.60 43.39 -60.96
N THR G 13 -58.48 43.19 -61.94
CA THR G 13 -58.31 42.15 -62.94
C THR G 13 -58.52 42.73 -64.33
N VAL G 14 -57.65 42.35 -65.27
CA VAL G 14 -57.73 42.80 -66.65
C VAL G 14 -58.42 41.72 -67.47
N ILE G 15 -59.48 42.10 -68.18
CA ILE G 15 -60.25 41.17 -68.99
C ILE G 15 -59.60 41.07 -70.36
N LEU G 16 -59.18 39.87 -70.74
CA LEU G 16 -58.55 39.66 -72.03
C LEU G 16 -59.60 39.62 -73.14
N PRO G 17 -59.21 39.96 -74.37
CA PRO G 17 -60.15 39.86 -75.48
C PRO G 17 -60.58 38.42 -75.73
N HIS G 18 -61.81 38.25 -76.19
CA HIS G 18 -62.39 36.94 -76.48
C HIS G 18 -62.37 36.03 -75.25
N THR G 19 -62.62 36.63 -74.08
CA THR G 19 -62.64 35.90 -72.82
C THR G 19 -63.90 36.27 -72.05
N THR G 20 -64.56 35.26 -71.50
CA THR G 20 -65.78 35.46 -70.72
C THR G 20 -65.45 35.35 -69.24
N THR G 21 -65.80 36.39 -68.47
CA THR G 21 -65.54 36.42 -67.04
C THR G 21 -66.54 37.32 -66.35
N PRO G 22 -67.31 36.80 -65.38
CA PRO G 22 -68.26 37.64 -64.66
C PRO G 22 -67.55 38.74 -63.87
N VAL G 23 -68.20 39.89 -63.78
CA VAL G 23 -67.66 41.05 -63.08
C VAL G 23 -68.65 41.46 -62.00
N ASP G 24 -68.16 41.66 -60.78
CA ASP G 24 -68.98 42.08 -59.65
C ASP G 24 -68.72 43.54 -59.35
N VAL G 25 -69.80 44.32 -59.23
CA VAL G 25 -69.73 45.74 -58.98
C VAL G 25 -70.46 46.04 -57.68
N GLY G 26 -69.79 46.72 -56.76
CA GLY G 26 -70.39 47.08 -55.48
C GLY G 26 -70.59 48.57 -55.32
N ARG G 27 -70.05 49.36 -56.25
CA ARG G 27 -70.17 50.80 -56.19
C ARG G 27 -71.53 51.25 -56.72
N ALA G 28 -72.10 52.26 -56.07
CA ALA G 28 -73.40 52.80 -56.46
C ALA G 28 -73.30 53.97 -57.43
N LYS G 29 -72.09 54.38 -57.79
CA LYS G 29 -71.88 55.48 -58.73
C LYS G 29 -71.57 55.00 -60.14
N SER G 30 -71.68 53.71 -60.40
CA SER G 30 -71.41 53.15 -61.72
C SER G 30 -72.55 52.31 -62.28
N LYS G 31 -73.61 52.05 -61.52
CA LYS G 31 -74.72 51.24 -62.01
C LYS G 31 -75.60 52.00 -62.99
N ARG G 32 -75.49 53.33 -63.04
CA ARG G 32 -76.26 54.10 -64.01
C ARG G 32 -75.87 53.76 -65.43
N ALA G 33 -74.57 53.59 -65.68
CA ALA G 33 -74.12 53.20 -67.01
C ALA G 33 -74.64 51.82 -67.39
N VAL G 34 -74.63 50.87 -66.44
CA VAL G 34 -75.18 49.54 -66.71
C VAL G 34 -76.67 49.63 -67.02
N GLU G 35 -77.40 50.45 -66.27
CA GLU G 35 -78.83 50.60 -66.50
C GLU G 35 -79.11 51.20 -67.88
N GLU G 36 -78.31 52.20 -68.28
CA GLU G 36 -78.52 52.85 -69.56
C GLU G 36 -77.92 52.08 -70.73
N ALA G 37 -77.13 51.04 -70.47
CA ALA G 37 -76.53 50.24 -71.54
C ALA G 37 -77.56 49.41 -72.30
N MET G 38 -78.81 49.33 -71.82
CA MET G 38 -79.83 48.58 -72.55
C MET G 38 -80.06 49.15 -73.94
N GLY G 39 -80.10 50.47 -74.05
CA GLY G 39 -80.25 51.12 -75.34
C GLY G 39 -78.98 51.32 -76.13
N ALA G 40 -77.84 50.86 -75.61
CA ALA G 40 -76.55 51.00 -76.27
C ALA G 40 -76.07 49.69 -76.89
N ASP G 41 -77.00 48.86 -77.38
CA ASP G 41 -76.70 47.58 -78.02
C ASP G 41 -75.97 46.61 -77.09
N ARG G 42 -76.07 46.83 -75.78
CA ARG G 42 -75.44 45.96 -74.78
C ARG G 42 -73.94 45.81 -75.03
N LEU G 43 -73.29 46.91 -75.41
CA LEU G 43 -71.86 46.93 -75.67
C LEU G 43 -71.17 47.81 -74.64
N ILE G 44 -70.18 47.24 -73.95
CA ILE G 44 -69.43 47.95 -72.91
C ILE G 44 -67.95 47.79 -73.21
N PHE G 45 -67.22 48.91 -73.19
CA PHE G 45 -65.78 48.89 -73.44
C PHE G 45 -65.02 48.74 -72.12
N LEU G 46 -64.10 47.78 -72.10
CA LEU G 46 -63.23 47.54 -70.96
C LEU G 46 -61.83 48.01 -71.31
N VAL G 47 -61.31 48.95 -70.52
CA VAL G 47 -60.02 49.58 -70.77
C VAL G 47 -59.09 49.29 -69.60
N ALA G 48 -57.91 48.76 -69.90
CA ALA G 48 -56.90 48.55 -68.87
C ALA G 48 -56.42 49.89 -68.33
N GLN G 49 -56.23 49.95 -67.02
CA GLN G 49 -55.93 51.20 -66.33
C GLN G 49 -54.53 51.14 -65.71
N ARG G 50 -54.17 52.22 -65.04
CA ARG G 50 -52.89 52.35 -64.34
C ARG G 50 -53.03 51.75 -62.94
N ASP G 51 -52.09 52.09 -62.04
CA ASP G 51 -52.03 51.65 -60.65
C ASP G 51 -53.41 51.73 -59.99
N PRO G 52 -53.66 50.90 -58.97
CA PRO G 52 -55.02 50.78 -58.41
C PRO G 52 -55.59 52.11 -57.94
N GLU G 53 -56.88 52.06 -57.60
CA GLU G 53 -57.67 53.27 -57.39
C GLU G 53 -57.05 54.17 -56.31
N VAL G 54 -57.05 55.47 -56.60
CA VAL G 54 -56.54 56.49 -55.69
C VAL G 54 -57.71 57.40 -55.33
N ASP G 55 -57.59 58.07 -54.18
CA ASP G 55 -58.67 58.93 -53.69
C ASP G 55 -58.84 60.18 -54.55
N ASP G 56 -57.92 60.41 -55.49
CA ASP G 56 -58.00 61.56 -56.39
C ASP G 56 -58.41 61.08 -57.78
N PRO G 57 -59.66 61.29 -58.19
CA PRO G 57 -60.08 60.86 -59.54
C PRO G 57 -59.34 61.63 -60.62
N ALA G 58 -59.12 60.96 -61.75
CA ALA G 58 -58.46 61.56 -62.90
C ALA G 58 -58.76 60.77 -64.16
N PRO G 59 -59.21 61.44 -65.23
CA PRO G 59 -59.47 60.72 -66.48
C PRO G 59 -58.22 60.13 -67.12
N ASP G 60 -57.03 60.61 -66.76
CA ASP G 60 -55.79 60.13 -67.37
C ASP G 60 -55.41 58.73 -66.93
N ASP G 61 -56.11 58.17 -65.94
CA ASP G 61 -55.74 56.85 -65.44
C ASP G 61 -55.89 55.77 -66.51
N LEU G 62 -56.98 55.83 -67.28
CA LEU G 62 -57.22 54.82 -68.30
C LEU G 62 -56.25 54.96 -69.46
N TYR G 63 -55.95 53.82 -70.10
CA TYR G 63 -55.03 53.79 -71.23
C TYR G 63 -55.80 54.10 -72.51
N THR G 64 -55.15 53.92 -73.66
CA THR G 64 -55.74 54.18 -74.96
C THR G 64 -56.17 52.90 -75.67
N TRP G 65 -56.19 51.77 -74.98
CA TRP G 65 -56.58 50.49 -75.56
C TRP G 65 -57.78 49.92 -74.82
N GLY G 66 -58.62 49.19 -75.56
CA GLY G 66 -59.81 48.61 -74.98
C GLY G 66 -60.25 47.39 -75.75
N VAL G 67 -61.28 46.74 -75.23
CA VAL G 67 -61.86 45.55 -75.83
C VAL G 67 -63.37 45.68 -75.84
N GLN G 68 -63.99 45.31 -76.96
CA GLN G 68 -65.44 45.35 -77.08
C GLN G 68 -66.04 44.11 -76.45
N ALA G 69 -67.05 44.31 -75.60
CA ALA G 69 -67.70 43.22 -74.88
C ALA G 69 -69.20 43.35 -75.00
N VAL G 70 -69.89 42.21 -75.02
CA VAL G 70 -71.34 42.15 -75.08
C VAL G 70 -71.87 41.55 -73.80
N VAL G 71 -73.07 41.96 -73.41
CA VAL G 71 -73.71 41.51 -72.17
C VAL G 71 -74.87 40.60 -72.55
N LYS G 72 -74.79 39.34 -72.14
CA LYS G 72 -75.87 38.40 -72.41
C LYS G 72 -77.11 38.74 -71.59
N GLN G 73 -76.93 38.97 -70.29
CA GLN G 73 -78.04 39.29 -69.40
C GLN G 73 -77.49 39.95 -68.16
N ALA G 74 -78.37 40.63 -67.42
CA ALA G 74 -78.01 41.33 -66.20
C ALA G 74 -79.03 41.02 -65.11
N MET G 75 -78.55 40.90 -63.88
CA MET G 75 -79.39 40.63 -62.72
C MET G 75 -79.13 41.68 -61.64
N ARG G 76 -80.20 42.13 -61.00
CA ARG G 76 -80.11 43.16 -59.96
C ARG G 76 -80.44 42.56 -58.60
N LEU G 77 -79.70 42.99 -57.58
CA LEU G 77 -79.89 42.55 -56.22
C LEU G 77 -79.97 43.74 -55.29
N PRO G 78 -80.73 43.62 -54.19
CA PRO G 78 -80.90 44.76 -53.28
C PRO G 78 -79.73 45.00 -52.33
N ASP G 79 -78.71 44.15 -52.33
CA ASP G 79 -77.58 44.30 -51.43
C ASP G 79 -76.46 45.16 -52.02
N GLY G 80 -76.65 45.70 -53.22
CA GLY G 80 -75.63 46.51 -53.85
C GLY G 80 -74.64 45.76 -54.70
N THR G 81 -74.71 44.43 -54.73
CA THR G 81 -73.81 43.62 -55.54
C THR G 81 -74.45 43.33 -56.89
N LEU G 82 -73.74 43.63 -57.96
CA LEU G 82 -74.23 43.44 -59.32
C LEU G 82 -73.67 42.15 -59.91
N GLN G 83 -74.56 41.29 -60.39
CA GLN G 83 -74.19 40.03 -61.02
C GLN G 83 -74.53 40.16 -62.51
N VAL G 84 -73.51 40.43 -63.32
CA VAL G 84 -73.67 40.63 -64.76
C VAL G 84 -72.67 39.76 -65.50
N MET G 85 -73.12 39.15 -66.60
CA MET G 85 -72.26 38.31 -67.43
C MET G 85 -71.91 39.07 -68.70
N VAL G 86 -70.63 39.04 -69.06
CA VAL G 86 -70.12 39.76 -70.23
C VAL G 86 -69.35 38.79 -71.10
N GLU G 87 -69.25 39.14 -72.39
CA GLU G 87 -68.54 38.32 -73.37
C GLU G 87 -67.78 39.27 -74.30
N ALA G 88 -66.44 39.23 -74.22
CA ALA G 88 -65.63 40.08 -75.06
C ALA G 88 -65.73 39.66 -76.52
N ARG G 89 -65.88 40.65 -77.41
CA ARG G 89 -66.03 40.40 -78.83
C ARG G 89 -64.72 40.61 -79.60
N ALA G 90 -64.16 41.81 -79.52
CA ALA G 90 -62.93 42.12 -80.23
C ALA G 90 -62.27 43.32 -79.59
N ARG G 91 -60.98 43.50 -79.88
CA ARG G 91 -60.22 44.63 -79.37
C ARG G 91 -60.47 45.87 -80.24
N ALA G 92 -60.33 47.03 -79.62
CA ALA G 92 -60.55 48.30 -80.31
C ALA G 92 -59.75 49.39 -79.62
N GLN G 93 -59.58 50.50 -80.32
CA GLN G 93 -58.83 51.63 -79.81
C GLN G 93 -59.75 52.57 -79.01
N VAL G 94 -59.13 53.56 -78.36
CA VAL G 94 -59.81 54.57 -77.58
C VAL G 94 -59.49 55.93 -78.16
N THR G 95 -60.54 56.73 -78.41
CA THR G 95 -60.36 58.03 -79.06
C THR G 95 -60.20 59.15 -78.04
N ASP G 96 -61.18 59.33 -77.16
CA ASP G 96 -61.15 60.43 -76.20
C ASP G 96 -61.96 60.05 -74.97
N TYR G 97 -61.71 60.77 -73.89
CA TYR G 97 -62.40 60.58 -72.62
C TYR G 97 -63.15 61.84 -72.24
N ILE G 98 -64.36 61.67 -71.73
CA ILE G 98 -65.21 62.79 -71.31
C ILE G 98 -65.30 62.78 -69.79
N PRO G 99 -65.18 63.94 -69.13
CA PRO G 99 -65.31 63.97 -67.67
C PRO G 99 -66.70 63.55 -67.22
N GLY G 100 -66.75 62.48 -66.44
CA GLY G 100 -68.00 61.96 -65.94
C GLY G 100 -68.34 62.50 -64.56
N PRO G 101 -69.10 61.73 -63.77
CA PRO G 101 -69.65 60.42 -64.13
C PRO G 101 -70.90 60.51 -65.01
N TYR G 102 -71.13 59.53 -65.87
CA TYR G 102 -70.24 58.37 -66.00
C TYR G 102 -69.33 58.52 -67.22
N LEU G 103 -68.22 57.79 -67.20
CA LEU G 103 -67.25 57.86 -68.29
C LEU G 103 -67.81 57.25 -69.56
N ARG G 104 -67.52 57.88 -70.68
CA ARG G 104 -67.94 57.39 -72.00
C ARG G 104 -66.76 57.46 -72.96
N ALA G 105 -66.77 56.55 -73.94
CA ALA G 105 -65.68 56.49 -74.91
C ALA G 105 -66.24 56.03 -76.24
N ARG G 106 -65.48 56.32 -77.30
CA ARG G 106 -65.85 55.95 -78.66
C ARG G 106 -64.66 55.33 -79.36
N GLY G 107 -64.94 54.49 -80.34
CA GLY G 107 -63.91 53.80 -81.10
C GLY G 107 -63.94 54.21 -82.56
N GLU G 108 -62.74 54.28 -83.16
CA GLU G 108 -62.65 54.67 -84.57
C GLU G 108 -62.92 53.50 -85.49
N VAL G 109 -62.10 52.45 -85.40
CA VAL G 109 -62.25 51.26 -86.23
C VAL G 109 -62.11 50.02 -85.36
N PHE G 110 -62.57 48.89 -85.89
CA PHE G 110 -62.47 47.61 -85.20
C PHE G 110 -61.13 46.97 -85.51
N SER G 111 -60.39 46.62 -84.46
CA SER G 111 -59.07 46.01 -84.60
C SER G 111 -59.22 44.49 -84.70
N GLU G 112 -58.92 43.95 -85.86
CA GLU G 112 -59.00 42.51 -86.09
C GLU G 112 -57.74 42.05 -86.84
N ILE G 113 -57.39 40.79 -86.63
CA ILE G 113 -56.23 40.18 -87.26
C ILE G 113 -56.63 38.82 -87.84
N PHE G 114 -56.19 38.55 -89.06
CA PHE G 114 -56.51 37.29 -89.73
C PHE G 114 -55.26 36.44 -89.91
N PRO G 115 -55.37 35.13 -89.70
CA PRO G 115 -54.17 34.27 -89.80
C PRO G 115 -53.62 34.24 -91.22
N ILE G 116 -52.30 34.23 -91.31
CA ILE G 116 -51.57 34.12 -92.58
C ILE G 116 -50.50 33.07 -92.41
N ASP G 117 -50.33 32.20 -93.42
CA ASP G 117 -49.38 31.08 -93.37
C ASP G 117 -49.69 30.18 -92.17
N GLU G 118 -50.85 29.54 -92.26
CA GLU G 118 -51.45 28.85 -91.13
C GLU G 118 -50.69 27.60 -90.68
N ALA G 119 -49.66 27.17 -91.42
CA ALA G 119 -48.91 25.99 -91.00
C ALA G 119 -48.18 26.24 -89.68
N VAL G 120 -47.46 27.36 -89.58
CA VAL G 120 -46.76 27.69 -88.34
C VAL G 120 -47.77 27.96 -87.22
N VAL G 121 -48.91 28.57 -87.56
CA VAL G 121 -49.94 28.80 -86.56
C VAL G 121 -50.48 27.48 -86.03
N ARG G 122 -50.67 26.50 -86.90
CA ARG G 122 -51.13 25.18 -86.47
C ARG G 122 -50.09 24.50 -85.59
N VAL G 123 -48.81 24.62 -85.93
CA VAL G 123 -47.76 24.06 -85.09
C VAL G 123 -47.79 24.70 -83.71
N LEU G 124 -47.91 26.03 -83.66
CA LEU G 124 -47.97 26.74 -82.38
C LEU G 124 -49.21 26.35 -81.59
N VAL G 125 -50.34 26.14 -82.27
CA VAL G 125 -51.57 25.75 -81.60
C VAL G 125 -51.43 24.35 -81.01
N GLU G 126 -50.80 23.44 -81.75
CA GLU G 126 -50.56 22.09 -81.23
C GLU G 126 -49.64 22.15 -80.00
N GLU G 127 -48.59 22.96 -80.06
CA GLU G 127 -47.71 23.11 -78.90
C GLU G 127 -48.46 23.70 -77.71
N LEU G 128 -49.33 24.68 -77.96
CA LEU G 128 -50.12 25.29 -76.90
C LEU G 128 -51.07 24.27 -76.28
N LYS G 129 -51.70 23.45 -77.11
CA LYS G 129 -52.60 22.42 -76.60
C LYS G 129 -51.86 21.40 -75.74
N GLU G 130 -50.67 20.98 -76.20
CA GLU G 130 -49.88 20.04 -75.42
C GLU G 130 -49.43 20.66 -74.10
N ALA G 131 -49.03 21.94 -74.13
CA ALA G 131 -48.62 22.62 -72.92
C ALA G 131 -49.78 22.74 -71.93
N PHE G 132 -50.96 23.08 -72.42
CA PHE G 132 -52.13 23.18 -71.56
C PHE G 132 -52.50 21.82 -70.97
N GLU G 133 -52.39 20.75 -71.78
CA GLU G 133 -52.66 19.41 -71.27
C GLU G 133 -51.67 19.02 -70.19
N LYS G 134 -50.39 19.36 -70.36
CA LYS G 134 -49.36 19.05 -69.37
C LYS G 134 -49.41 19.97 -68.16
N TYR G 135 -50.08 21.13 -68.26
CA TYR G 135 -50.15 22.09 -67.18
C TYR G 135 -51.43 22.00 -66.35
N VAL G 136 -52.53 21.53 -66.94
CA VAL G 136 -53.80 21.49 -66.21
C VAL G 136 -53.78 20.43 -65.11
N ALA G 137 -52.87 19.46 -65.17
CA ALA G 137 -52.81 18.37 -64.20
C ALA G 137 -51.73 18.58 -63.15
N ASN G 138 -51.48 19.83 -62.76
CA ASN G 138 -50.47 20.14 -61.76
C ASN G 138 -51.03 20.79 -60.50
N HIS G 139 -51.93 21.77 -60.66
CA HIS G 139 -52.49 22.50 -59.52
C HIS G 139 -53.52 21.62 -58.84
N LYS G 140 -53.06 20.80 -57.89
CA LYS G 140 -53.97 19.90 -57.19
C LYS G 140 -54.82 20.66 -56.17
N SER G 141 -54.23 21.61 -55.46
CA SER G 141 -54.93 22.36 -54.41
C SER G 141 -54.91 23.86 -54.66
N LEU G 142 -54.71 24.28 -55.91
CA LEU G 142 -54.70 25.70 -56.25
C LEU G 142 -55.98 26.13 -56.94
N ARG G 143 -57.06 25.37 -56.78
CA ARG G 143 -58.38 25.69 -57.35
C ARG G 143 -58.30 25.80 -58.86
N LEU G 144 -57.94 24.69 -59.51
CA LEU G 144 -57.87 24.61 -60.96
C LEU G 144 -58.73 23.46 -61.44
N ASP G 145 -59.61 23.74 -62.40
CA ASP G 145 -60.49 22.71 -62.95
C ASP G 145 -59.71 21.75 -63.82
N ARG G 146 -60.11 20.48 -63.77
CA ARG G 146 -59.47 19.44 -64.58
C ARG G 146 -60.13 19.25 -65.93
N TYR G 147 -61.22 19.95 -66.21
CA TYR G 147 -61.94 19.84 -67.48
C TYR G 147 -61.91 21.15 -68.26
N GLN G 148 -60.86 21.94 -68.09
CA GLN G 148 -60.75 23.21 -68.81
C GLN G 148 -60.40 23.01 -70.29
N LEU G 149 -59.97 21.82 -70.69
CA LEU G 149 -59.63 21.54 -72.07
C LEU G 149 -60.79 20.93 -72.86
N GLU G 150 -61.67 20.17 -72.19
CA GLU G 150 -62.80 19.55 -72.88
C GLU G 150 -63.86 20.56 -73.29
N ALA G 151 -63.90 21.72 -72.64
CA ALA G 151 -64.91 22.72 -72.98
C ALA G 151 -64.62 23.42 -74.30
N VAL G 152 -63.34 23.59 -74.64
CA VAL G 152 -62.94 24.28 -75.86
C VAL G 152 -62.55 23.31 -76.97
N LYS G 153 -62.85 22.02 -76.80
CA LYS G 153 -62.50 21.04 -77.83
C LYS G 153 -63.26 21.29 -79.13
N GLY G 154 -64.55 21.61 -79.03
CA GLY G 154 -65.36 21.83 -80.22
C GLY G 154 -65.33 23.26 -80.72
N THR G 155 -64.12 23.81 -80.89
CA THR G 155 -63.95 25.16 -81.40
C THR G 155 -63.04 25.13 -82.61
N SER G 156 -63.50 25.68 -83.73
CA SER G 156 -62.72 25.74 -84.95
C SER G 156 -62.05 27.08 -85.16
N ASP G 157 -62.23 28.02 -84.24
CA ASP G 157 -61.61 29.34 -84.34
C ASP G 157 -60.51 29.47 -83.30
N PRO G 158 -59.24 29.60 -83.69
CA PRO G 158 -58.16 29.75 -82.71
C PRO G 158 -58.21 31.06 -81.93
N ALA G 159 -58.95 32.06 -82.42
CA ALA G 159 -58.92 33.39 -81.82
C ALA G 159 -59.28 33.35 -80.34
N MET G 160 -60.51 32.96 -80.02
CA MET G 160 -60.91 32.86 -78.62
C MET G 160 -60.30 31.66 -77.92
N LEU G 161 -59.93 30.61 -78.65
CA LEU G 161 -59.34 29.43 -78.04
C LEU G 161 -58.02 29.76 -77.36
N ALA G 162 -57.10 30.41 -78.10
CA ALA G 162 -55.80 30.76 -77.54
C ALA G 162 -55.95 31.74 -76.37
N ASP G 163 -56.84 32.73 -76.52
CA ASP G 163 -57.04 33.70 -75.45
C ASP G 163 -57.58 33.05 -74.19
N THR G 164 -58.55 32.13 -74.33
CA THR G 164 -59.09 31.44 -73.17
C THR G 164 -58.04 30.54 -72.52
N ILE G 165 -57.23 29.86 -73.34
CA ILE G 165 -56.19 29.00 -72.79
C ILE G 165 -55.17 29.82 -72.01
N ALA G 166 -54.75 30.95 -72.58
CA ALA G 166 -53.78 31.80 -71.89
C ALA G 166 -54.38 32.52 -70.69
N TYR G 167 -55.70 32.69 -70.65
CA TYR G 167 -56.32 33.39 -69.53
C TYR G 167 -56.24 32.59 -68.24
N HIS G 168 -56.31 31.26 -68.32
CA HIS G 168 -56.22 30.43 -67.13
C HIS G 168 -54.86 30.49 -66.46
N ALA G 169 -53.83 30.97 -67.16
CA ALA G 169 -52.51 31.14 -66.57
C ALA G 169 -52.36 32.56 -66.06
N THR G 170 -51.79 32.70 -64.87
CA THR G 170 -51.68 33.99 -64.20
C THR G 170 -50.24 34.49 -64.28
N TRP G 171 -50.07 35.72 -64.75
CA TRP G 171 -48.77 36.39 -64.73
C TRP G 171 -49.02 37.89 -64.56
N THR G 172 -47.98 38.68 -64.80
CA THR G 172 -48.02 40.09 -64.44
C THR G 172 -48.88 40.90 -65.41
N VAL G 173 -49.47 41.96 -64.88
CA VAL G 173 -50.27 42.88 -65.70
C VAL G 173 -49.39 43.56 -66.73
N ALA G 174 -48.11 43.76 -66.42
CA ALA G 174 -47.19 44.32 -67.43
C ALA G 174 -47.06 43.38 -68.61
N GLU G 175 -46.91 42.08 -68.36
CA GLU G 175 -46.84 41.12 -69.46
C GLU G 175 -48.15 41.06 -70.22
N LYS G 176 -49.29 41.14 -69.50
CA LYS G 176 -50.58 41.15 -70.18
C LYS G 176 -50.70 42.37 -71.10
N GLN G 177 -50.29 43.54 -70.62
CA GLN G 177 -50.35 44.75 -71.43
C GLN G 177 -49.42 44.66 -72.63
N GLU G 178 -48.22 44.10 -72.44
CA GLU G 178 -47.30 43.94 -73.56
C GLU G 178 -47.87 42.98 -74.60
N ILE G 179 -48.51 41.91 -74.15
CA ILE G 179 -49.13 40.97 -75.09
C ILE G 179 -50.25 41.65 -75.87
N LEU G 180 -51.09 42.42 -75.16
CA LEU G 180 -52.20 43.10 -75.82
C LEU G 180 -51.69 44.15 -76.82
N GLU G 181 -50.63 44.86 -76.47
CA GLU G 181 -50.12 45.92 -77.35
C GLU G 181 -49.53 45.35 -78.63
N LEU G 182 -48.88 44.18 -78.54
CA LEU G 182 -48.25 43.60 -79.72
C LEU G 182 -49.30 43.21 -80.75
N THR G 183 -48.98 43.49 -82.02
CA THR G 183 -49.90 43.21 -83.12
C THR G 183 -49.55 41.96 -83.91
N ASP G 184 -48.32 41.45 -83.78
CA ASP G 184 -47.92 40.25 -84.50
C ASP G 184 -48.46 39.03 -83.79
N LEU G 185 -49.35 38.29 -84.46
CA LEU G 185 -49.93 37.09 -83.85
C LEU G 185 -48.86 36.03 -83.61
N GLU G 186 -47.95 35.84 -84.56
CA GLU G 186 -46.90 34.84 -84.39
C GLU G 186 -45.98 35.19 -83.23
N ALA G 187 -45.52 36.46 -83.18
CA ALA G 187 -44.59 36.86 -82.13
C ALA G 187 -45.26 36.80 -80.76
N ARG G 188 -46.51 37.28 -80.66
CA ARG G 188 -47.18 37.26 -79.37
C ARG G 188 -47.52 35.83 -78.94
N LEU G 189 -47.86 34.95 -79.88
CA LEU G 189 -48.11 33.55 -79.53
C LEU G 189 -46.83 32.87 -79.07
N LYS G 190 -45.71 33.15 -79.73
CA LYS G 190 -44.44 32.58 -79.30
C LYS G 190 -44.04 33.10 -77.92
N LYS G 191 -44.28 34.39 -77.67
CA LYS G 191 -44.01 34.94 -76.34
C LYS G 191 -44.90 34.31 -75.29
N VAL G 192 -46.17 34.08 -75.61
CA VAL G 192 -47.09 33.42 -74.68
C VAL G 192 -46.61 32.01 -74.38
N LEU G 193 -46.17 31.28 -75.41
CA LEU G 193 -45.67 29.93 -75.20
C LEU G 193 -44.40 29.93 -74.35
N GLY G 194 -43.51 30.89 -74.60
CA GLY G 194 -42.29 30.98 -73.79
C GLY G 194 -42.57 31.31 -72.34
N LEU G 195 -43.51 32.24 -72.10
CA LEU G 195 -43.89 32.56 -70.73
C LEU G 195 -44.61 31.40 -70.05
N LEU G 196 -45.40 30.64 -70.81
CA LEU G 196 -46.03 29.44 -70.26
C LEU G 196 -44.99 28.40 -69.87
N SER G 197 -43.96 28.24 -70.71
CA SER G 197 -42.87 27.32 -70.36
C SER G 197 -42.12 27.81 -69.13
N ARG G 198 -41.89 29.12 -69.03
CA ARG G 198 -41.24 29.67 -67.85
C ARG G 198 -42.06 29.40 -66.59
N ASP G 199 -43.38 29.61 -66.69
CA ASP G 199 -44.26 29.34 -65.56
C ASP G 199 -44.26 27.86 -65.20
N LEU G 200 -44.23 26.99 -66.23
CA LEU G 200 -44.18 25.55 -65.98
C LEU G 200 -42.92 25.18 -65.22
N GLU G 201 -41.77 25.68 -65.67
CA GLU G 201 -40.51 25.38 -64.97
C GLU G 201 -40.52 25.93 -63.55
N ARG G 202 -41.04 27.15 -63.38
CA ARG G 202 -41.09 27.75 -62.04
C ARG G 202 -41.98 26.94 -61.11
N PHE G 203 -43.15 26.52 -61.59
CA PHE G 203 -44.04 25.73 -60.76
C PHE G 203 -43.48 24.35 -60.46
N GLU G 204 -42.79 23.73 -61.44
CA GLU G 204 -42.15 22.45 -61.17
C GLU G 204 -41.08 22.60 -60.10
N LEU G 205 -40.27 23.66 -60.19
CA LEU G 205 -39.24 23.90 -59.17
C LEU G 205 -39.87 24.12 -57.81
N ASP G 206 -40.94 24.92 -57.76
CA ASP G 206 -41.62 25.18 -56.49
C ASP G 206 -42.20 23.91 -55.90
N LYS G 207 -42.83 23.08 -56.73
CA LYS G 207 -43.42 21.84 -56.25
C LYS G 207 -42.35 20.88 -55.77
N ARG G 208 -41.22 20.79 -56.47
CA ARG G 208 -40.14 19.92 -56.04
C ARG G 208 -39.55 20.40 -54.71
N VAL G 209 -39.34 21.71 -54.57
CA VAL G 209 -38.83 22.25 -53.32
C VAL G 209 -39.83 22.00 -52.20
N ALA G 210 -41.12 22.18 -52.48
CA ALA G 210 -42.14 21.92 -51.46
C ALA G 210 -42.16 20.45 -51.07
N GLN G 211 -41.98 19.55 -52.03
CA GLN G 211 -41.94 18.13 -51.72
C GLN G 211 -40.75 17.79 -50.85
N ARG G 212 -39.58 18.38 -51.14
CA ARG G 212 -38.43 18.21 -50.26
C ARG G 212 -38.73 18.73 -48.86
N VAL G 213 -39.43 19.87 -48.77
CA VAL G 213 -39.77 20.43 -47.45
C VAL G 213 -40.72 19.50 -46.70
N LYS G 214 -41.72 18.95 -47.40
CA LYS G 214 -42.62 17.97 -46.79
C LYS G 214 -41.83 16.78 -46.26
N GLU G 215 -40.94 16.23 -47.08
CA GLU G 215 -40.14 15.08 -46.64
C GLU G 215 -39.29 15.45 -45.43
N GLN G 216 -38.75 16.66 -45.40
CA GLN G 216 -37.84 17.01 -44.32
C GLN G 216 -38.58 17.21 -43.00
N MET G 217 -39.69 17.95 -43.04
CA MET G 217 -40.50 18.14 -41.81
C MET G 217 -41.01 16.78 -41.36
N ASP G 218 -41.36 15.91 -42.31
CA ASP G 218 -41.87 14.57 -41.98
C ASP G 218 -40.81 13.76 -41.25
N THR G 219 -39.56 13.79 -41.73
CA THR G 219 -38.48 13.11 -41.03
C THR G 219 -38.23 13.73 -39.65
N ASN G 220 -38.35 15.05 -39.56
CA ASN G 220 -38.21 15.72 -38.26
C ASN G 220 -39.31 15.26 -37.31
N GLN G 221 -40.54 15.11 -37.80
CA GLN G 221 -41.63 14.60 -36.98
C GLN G 221 -41.40 13.14 -36.60
N ARG G 222 -40.77 12.36 -37.48
CA ARG G 222 -40.36 11.01 -37.10
C ARG G 222 -39.39 11.06 -35.93
N GLU G 223 -38.42 11.96 -35.99
CA GLU G 223 -37.47 12.10 -34.88
C GLU G 223 -38.18 12.49 -33.60
N TYR G 224 -39.12 13.44 -33.70
CA TYR G 224 -39.89 13.85 -32.51
C TYR G 224 -40.72 12.70 -31.97
N TYR G 225 -41.33 11.90 -32.85
CA TYR G 225 -42.14 10.77 -32.42
C TYR G 225 -41.29 9.73 -31.70
N LEU G 226 -40.11 9.44 -32.23
CA LEU G 226 -39.21 8.49 -31.58
C LEU G 226 -38.73 9.04 -30.23
N ARG G 227 -38.45 10.34 -30.17
CA ARG G 227 -38.01 10.95 -28.91
C ARG G 227 -39.12 10.90 -27.87
N GLU G 228 -40.36 11.19 -28.28
CA GLU G 228 -41.45 11.14 -27.31
C GLU G 228 -41.77 9.71 -26.92
N GLN G 229 -41.56 8.74 -27.82
CA GLN G 229 -41.70 7.33 -27.45
C GLN G 229 -40.70 6.95 -26.37
N MET G 230 -39.42 7.29 -26.57
CA MET G 230 -38.42 6.93 -25.57
C MET G 230 -38.66 7.68 -24.26
N LYS G 231 -39.10 8.94 -24.33
CA LYS G 231 -39.45 9.68 -23.12
C LYS G 231 -40.62 9.02 -22.40
N ALA G 232 -41.61 8.53 -23.16
CA ALA G 232 -42.76 7.88 -22.56
C ALA G 232 -42.37 6.60 -21.85
N ILE G 233 -41.50 5.79 -22.48
CA ILE G 233 -41.04 4.57 -21.82
C ILE G 233 -40.24 4.92 -20.55
N GLN G 234 -39.38 5.94 -20.64
CA GLN G 234 -38.65 6.39 -19.46
C GLN G 234 -39.61 6.77 -18.34
N LYS G 235 -40.62 7.60 -18.66
CA LYS G 235 -41.55 8.07 -17.65
C LYS G 235 -42.35 6.92 -17.05
N GLU G 236 -42.76 5.95 -17.88
CA GLU G 236 -43.63 4.89 -17.39
C GLU G 236 -42.86 3.85 -16.57
N LEU G 237 -41.57 3.66 -16.81
CA LEU G 237 -40.87 2.57 -16.14
C LEU G 237 -39.76 3.02 -15.20
N GLY G 238 -38.96 4.00 -15.59
CA GLY G 238 -37.79 4.37 -14.82
C GLY G 238 -38.10 5.19 -13.60
N GLY G 239 -38.63 4.56 -12.56
CA GLY G 239 -39.00 5.22 -11.33
C GLY G 239 -37.89 6.08 -10.74
N GLU G 240 -38.22 7.35 -10.47
CA GLU G 240 -37.28 8.36 -9.98
C GLU G 240 -36.16 8.65 -10.97
N ASP G 241 -36.18 8.01 -12.14
CA ASP G 241 -35.21 8.26 -13.19
C ASP G 241 -35.90 8.78 -14.44
N GLY G 242 -36.91 8.04 -14.92
CA GLY G 242 -37.51 8.39 -16.20
C GLY G 242 -38.66 9.38 -16.08
N LEU G 243 -39.57 9.16 -15.13
CA LEU G 243 -40.62 10.14 -14.91
C LEU G 243 -40.07 11.40 -14.26
N SER G 244 -39.03 11.24 -13.44
CA SER G 244 -38.28 12.40 -12.97
C SER G 244 -37.60 13.12 -14.12
N ASP G 245 -37.21 12.38 -15.17
CA ASP G 245 -36.64 13.02 -16.35
C ASP G 245 -37.60 14.03 -16.95
N LEU G 246 -38.74 13.56 -17.47
CA LEU G 246 -39.67 14.46 -18.14
C LEU G 246 -40.19 15.54 -17.21
N GLU G 247 -40.29 15.22 -15.91
CA GLU G 247 -40.84 16.19 -14.95
C GLU G 247 -39.85 17.30 -14.64
N ALA G 248 -38.58 16.96 -14.43
CA ALA G 248 -37.67 17.93 -13.82
C ALA G 248 -36.36 18.14 -14.57
N LEU G 249 -35.92 17.17 -15.37
CA LEU G 249 -34.63 17.31 -16.04
C LEU G 249 -34.72 18.37 -17.14
N ARG G 250 -35.85 18.41 -17.83
CA ARG G 250 -36.05 19.49 -18.83
C ARG G 250 -35.85 20.82 -18.11
N LYS G 251 -36.60 21.01 -17.01
CA LYS G 251 -36.50 22.27 -16.22
C LYS G 251 -35.09 22.39 -15.62
N LYS G 252 -34.44 21.25 -15.36
CA LYS G 252 -33.06 21.27 -14.81
C LYS G 252 -32.17 22.12 -15.73
N ILE G 253 -32.16 21.78 -17.03
CA ILE G 253 -31.35 22.57 -18.00
C ILE G 253 -31.91 23.99 -18.02
N GLU G 254 -33.23 24.14 -17.89
CA GLU G 254 -33.87 25.48 -17.91
C GLU G 254 -33.36 26.32 -16.73
N GLU G 255 -33.05 25.68 -15.59
CA GLU G 255 -32.65 26.44 -14.37
C GLU G 255 -31.12 26.53 -14.28
N VAL G 256 -30.42 25.41 -14.41
CA VAL G 256 -28.93 25.41 -14.24
C VAL G 256 -28.27 25.42 -15.62
N GLY G 257 -28.86 24.73 -16.60
CA GLY G 257 -28.27 24.64 -17.94
C GLY G 257 -27.34 23.45 -18.06
N MET G 258 -27.18 22.91 -19.27
CA MET G 258 -26.25 21.78 -19.50
C MET G 258 -25.43 22.05 -20.77
N PRO G 259 -24.08 22.09 -20.70
CA PRO G 259 -23.26 22.29 -21.90
C PRO G 259 -23.65 21.24 -22.96
N GLU G 260 -23.66 21.65 -24.23
CA GLU G 260 -24.08 20.72 -25.32
C GLU G 260 -23.23 19.44 -25.25
N ALA G 261 -21.91 19.60 -25.09
CA ALA G 261 -21.02 18.42 -24.98
C ALA G 261 -21.45 17.58 -23.77
N VAL G 262 -21.84 18.25 -22.68
CA VAL G 262 -22.31 17.53 -21.46
C VAL G 262 -23.72 17.00 -21.72
N LYS G 263 -24.48 17.67 -22.58
CA LYS G 263 -25.89 17.27 -22.84
C LYS G 263 -25.94 16.15 -23.88
N THR G 264 -25.21 16.31 -24.99
CA THR G 264 -25.22 15.26 -26.01
C THR G 264 -24.95 13.89 -25.39
N LYS G 265 -23.96 13.80 -24.50
CA LYS G 265 -23.70 12.53 -23.82
C LYS G 265 -24.80 12.21 -22.82
N ALA G 266 -25.39 13.25 -22.19
CA ALA G 266 -26.51 13.02 -21.29
C ALA G 266 -27.66 12.35 -22.02
N LEU G 267 -28.01 12.86 -23.21
CA LEU G 267 -29.05 12.23 -24.01
C LEU G 267 -28.63 10.86 -24.51
N LYS G 268 -27.35 10.68 -24.83
CA LYS G 268 -26.87 9.39 -25.31
C LYS G 268 -27.05 8.31 -24.25
N GLU G 269 -26.77 8.64 -22.99
CA GLU G 269 -26.95 7.69 -21.90
C GLU G 269 -28.34 7.70 -21.30
N LEU G 270 -29.17 8.69 -21.64
CA LEU G 270 -30.49 8.83 -21.02
C LEU G 270 -31.40 7.66 -21.38
N ASP G 271 -31.35 7.21 -22.63
CA ASP G 271 -32.17 6.08 -23.03
C ASP G 271 -31.59 4.75 -22.58
N ARG G 272 -30.37 4.74 -22.04
CA ARG G 272 -29.69 3.49 -21.73
C ARG G 272 -30.02 2.94 -20.35
N LEU G 273 -30.45 3.79 -19.41
CA LEU G 273 -30.69 3.34 -18.04
C LEU G 273 -32.17 3.07 -17.76
N GLU G 274 -32.99 2.91 -18.79
CA GLU G 274 -34.40 2.58 -18.62
C GLU G 274 -34.52 1.07 -18.34
N ARG G 275 -34.12 0.70 -17.12
CA ARG G 275 -34.27 -0.73 -16.71
C ARG G 275 -34.65 -0.77 -15.23
N MET G 276 -35.43 0.22 -14.78
CA MET G 276 -35.90 0.24 -13.36
C MET G 276 -37.03 -0.78 -13.22
N GLN G 277 -37.64 -0.87 -12.03
CA GLN G 277 -38.69 -1.90 -11.79
C GLN G 277 -38.01 -3.26 -11.85
N GLN G 278 -37.51 -3.66 -13.03
CA GLN G 278 -36.74 -4.92 -13.14
C GLN G 278 -35.47 -4.75 -12.29
N GLY G 279 -34.87 -3.56 -12.32
CA GLY G 279 -33.68 -3.28 -11.49
C GLY G 279 -32.41 -3.25 -12.31
N SER G 280 -31.60 -2.19 -12.15
CA SER G 280 -30.31 -2.09 -12.87
C SER G 280 -29.36 -1.18 -12.08
N PRO G 281 -28.30 -1.72 -11.44
CA PRO G 281 -27.33 -0.88 -10.73
C PRO G 281 -26.78 0.16 -11.71
N GLU G 282 -26.59 -0.24 -12.98
CA GLU G 282 -26.10 0.70 -14.01
C GLU G 282 -27.05 1.90 -14.07
N ALA G 283 -28.36 1.65 -14.03
CA ALA G 283 -29.36 2.74 -14.11
C ALA G 283 -29.20 3.67 -12.89
N THR G 284 -29.02 3.09 -11.71
CA THR G 284 -28.89 3.90 -10.47
C THR G 284 -27.60 4.72 -10.53
N VAL G 285 -26.46 4.07 -10.79
CA VAL G 285 -25.15 4.78 -10.80
C VAL G 285 -25.15 5.81 -11.94
N ALA G 286 -25.69 5.44 -13.10
CA ALA G 286 -25.97 6.39 -14.17
C ALA G 286 -26.87 7.52 -13.68
N ARG G 287 -27.91 7.17 -12.90
CA ARG G 287 -28.81 8.20 -12.39
C ARG G 287 -28.14 9.04 -11.31
N THR G 288 -27.26 8.44 -10.52
CA THR G 288 -26.51 9.26 -9.55
C THR G 288 -25.64 10.28 -10.27
N TYR G 289 -24.97 9.85 -11.35
CA TYR G 289 -24.17 10.78 -12.15
C TYR G 289 -25.02 11.87 -12.76
N LEU G 290 -26.18 11.50 -13.31
CA LEU G 290 -27.08 12.48 -13.92
C LEU G 290 -27.60 13.46 -12.88
N ASP G 291 -27.97 12.98 -11.69
CA ASP G 291 -28.45 13.85 -10.64
C ASP G 291 -27.36 14.80 -10.15
N TRP G 292 -26.12 14.32 -10.08
CA TRP G 292 -25.01 15.22 -9.77
C TRP G 292 -24.87 16.30 -10.83
N LEU G 293 -25.03 15.93 -12.11
CA LEU G 293 -25.00 16.93 -13.17
C LEU G 293 -26.17 17.91 -13.10
N THR G 294 -27.33 17.48 -12.59
CA THR G 294 -28.52 18.32 -12.59
C THR G 294 -28.38 19.57 -11.74
N GLU G 295 -27.60 19.53 -10.66
CA GLU G 295 -27.60 20.60 -9.67
C GLU G 295 -26.32 21.41 -9.64
N VAL G 296 -25.20 20.84 -10.08
CA VAL G 296 -23.94 21.60 -10.08
C VAL G 296 -24.08 22.82 -10.99
N PRO G 297 -23.72 24.02 -10.53
CA PRO G 297 -23.96 25.23 -11.34
C PRO G 297 -23.23 25.18 -12.68
N TRP G 298 -23.91 25.70 -13.71
CA TRP G 298 -23.47 25.61 -15.10
C TRP G 298 -23.60 27.00 -15.71
N SER G 299 -22.53 27.78 -15.66
CA SER G 299 -22.49 29.16 -16.17
C SER G 299 -23.52 30.06 -15.52
N LYS G 300 -24.13 29.64 -14.41
CA LYS G 300 -25.12 30.44 -13.69
C LYS G 300 -24.41 31.17 -12.56
N ALA G 301 -24.26 32.47 -12.70
CA ALA G 301 -23.53 33.28 -11.72
C ALA G 301 -24.49 33.98 -10.78
N ASP G 302 -23.98 34.32 -9.60
CA ASP G 302 -24.74 35.09 -8.63
C ASP G 302 -24.87 36.54 -9.11
N PRO G 303 -25.85 37.28 -8.57
CA PRO G 303 -25.91 38.71 -8.87
C PRO G 303 -24.62 39.43 -8.47
N GLU G 304 -23.92 39.97 -9.46
CA GLU G 304 -22.62 40.57 -9.21
C GLU G 304 -22.76 41.79 -8.32
N VAL G 305 -21.78 41.98 -7.42
CA VAL G 305 -21.81 43.11 -6.51
C VAL G 305 -21.59 44.41 -7.30
N LEU G 306 -22.37 45.43 -6.97
CA LEU G 306 -22.24 46.74 -7.58
C LEU G 306 -21.65 47.80 -6.67
N ASP G 307 -21.82 47.66 -5.35
CA ASP G 307 -21.33 48.63 -4.38
C ASP G 307 -20.24 47.96 -3.56
N ILE G 308 -18.98 48.14 -3.98
CA ILE G 308 -17.86 47.60 -3.22
C ILE G 308 -17.71 48.34 -1.89
N ASN G 309 -18.17 49.59 -1.82
CA ASN G 309 -18.10 50.31 -0.56
C ASN G 309 -18.96 49.66 0.52
N HIS G 310 -20.15 49.17 0.15
CA HIS G 310 -20.99 48.46 1.11
C HIS G 310 -20.30 47.18 1.57
N THR G 311 -19.67 46.45 0.65
CA THR G 311 -18.89 45.26 1.01
C THR G 311 -17.76 45.63 1.96
N ARG G 312 -17.18 46.82 1.81
CA ARG G 312 -16.14 47.25 2.74
C ARG G 312 -16.65 47.27 4.18
N GLN G 313 -17.81 47.88 4.42
CA GLN G 313 -18.36 47.89 5.77
C GLN G 313 -18.78 46.50 6.21
N VAL G 314 -19.31 45.69 5.28
CA VAL G 314 -19.72 44.33 5.65
C VAL G 314 -18.51 43.53 6.14
N LEU G 315 -17.38 43.67 5.47
CA LEU G 315 -16.16 42.99 5.88
C LEU G 315 -15.53 43.61 7.12
N ASP G 316 -15.72 44.91 7.34
CA ASP G 316 -15.21 45.54 8.55
C ASP G 316 -16.04 45.19 9.79
N GLU G 317 -17.29 44.81 9.61
CA GLU G 317 -18.13 44.40 10.73
C GLU G 317 -17.99 42.91 11.08
N ASP G 318 -17.12 42.19 10.38
CA ASP G 318 -16.87 40.78 10.68
C ASP G 318 -15.52 40.53 11.33
N HIS G 319 -14.52 41.36 11.05
CA HIS G 319 -13.20 41.20 11.63
C HIS G 319 -12.61 42.58 11.89
N TYR G 320 -11.50 42.60 12.64
CA TYR G 320 -10.81 43.82 12.98
C TYR G 320 -9.38 43.74 12.47
N GLY G 321 -8.90 44.81 11.86
CA GLY G 321 -7.58 44.77 11.25
C GLY G 321 -7.61 44.03 9.93
N LEU G 322 -6.60 43.19 9.70
CA LEU G 322 -6.49 42.37 8.50
C LEU G 322 -6.51 43.25 7.23
N LYS G 323 -5.85 44.40 7.33
CA LYS G 323 -5.85 45.37 6.25
C LYS G 323 -5.22 44.84 4.97
N ASP G 324 -4.39 43.81 5.08
CA ASP G 324 -3.78 43.24 3.87
C ASP G 324 -4.79 42.40 3.09
N VAL G 325 -5.43 41.45 3.76
CA VAL G 325 -6.39 40.59 3.07
C VAL G 325 -7.62 41.37 2.65
N LYS G 326 -8.06 42.34 3.46
CA LYS G 326 -9.22 43.14 3.05
C LYS G 326 -8.94 43.89 1.76
N GLU G 327 -7.77 44.52 1.66
CA GLU G 327 -7.42 45.22 0.43
C GLU G 327 -7.20 44.26 -0.73
N ARG G 328 -6.68 43.06 -0.44
CA ARG G 328 -6.51 42.06 -1.48
C ARG G 328 -7.86 41.69 -2.10
N ILE G 329 -8.85 41.41 -1.25
CA ILE G 329 -10.18 41.08 -1.74
C ILE G 329 -10.81 42.27 -2.46
N LEU G 330 -10.59 43.48 -1.95
CA LEU G 330 -11.14 44.66 -2.60
C LEU G 330 -10.56 44.85 -3.99
N GLU G 331 -9.25 44.62 -4.15
CA GLU G 331 -8.63 44.68 -5.48
C GLU G 331 -9.19 43.60 -6.39
N TYR G 332 -9.34 42.38 -5.87
CA TYR G 332 -9.88 41.30 -6.69
C TYR G 332 -11.30 41.57 -7.15
N LEU G 333 -12.10 42.27 -6.34
CA LEU G 333 -13.45 42.65 -6.77
C LEU G 333 -13.44 43.84 -7.72
N ALA G 334 -12.54 44.80 -7.51
CA ALA G 334 -12.45 45.95 -8.38
C ALA G 334 -12.02 45.56 -9.78
N VAL G 335 -11.08 44.63 -9.90
CA VAL G 335 -10.68 44.16 -11.23
C VAL G 335 -11.84 43.46 -11.93
N ARG G 336 -12.57 42.60 -11.20
CA ARG G 336 -13.70 41.89 -11.80
C ARG G 336 -14.78 42.86 -12.25
N GLN G 337 -15.04 43.91 -11.47
CA GLN G 337 -16.03 44.90 -11.88
C GLN G 337 -15.56 45.73 -13.07
N LEU G 338 -14.26 45.72 -13.37
CA LEU G 338 -13.71 46.46 -14.50
C LEU G 338 -13.21 45.54 -15.61
N THR G 339 -13.60 44.26 -15.57
CA THR G 339 -13.25 43.32 -16.63
C THR G 339 -14.04 43.68 -17.89
N GLN G 340 -13.38 44.37 -18.82
CA GLN G 340 -13.95 44.65 -20.13
C GLN G 340 -13.35 43.66 -21.11
N GLY G 341 -14.16 42.72 -21.58
CA GLY G 341 -13.68 41.65 -22.41
C GLY G 341 -13.28 40.45 -21.58
N LEU G 342 -13.71 39.25 -21.98
CA LEU G 342 -13.47 38.06 -21.18
C LEU G 342 -12.02 37.60 -21.30
N ASP G 343 -11.14 38.17 -20.49
CA ASP G 343 -9.74 37.74 -20.43
C ASP G 343 -9.23 37.59 -19.01
N VAL G 344 -10.02 37.95 -18.00
CA VAL G 344 -9.64 37.78 -16.61
C VAL G 344 -10.41 36.64 -15.94
N ARG G 345 -11.65 36.39 -16.35
CA ARG G 345 -12.44 35.32 -15.75
C ARG G 345 -11.83 33.95 -15.98
N ASN G 346 -10.99 33.80 -17.02
CA ASN G 346 -10.34 32.52 -17.25
C ASN G 346 -9.39 32.16 -16.12
N LYS G 347 -8.69 33.15 -15.57
CA LYS G 347 -7.77 32.92 -14.45
C LYS G 347 -8.49 33.26 -13.15
N ALA G 348 -8.92 32.23 -12.44
CA ALA G 348 -9.55 32.43 -11.14
C ALA G 348 -8.51 32.84 -10.12
N PRO G 349 -8.69 33.95 -9.41
CA PRO G 349 -7.71 34.35 -8.38
C PRO G 349 -7.62 33.29 -7.29
N ILE G 350 -6.40 33.00 -6.87
CA ILE G 350 -6.11 31.98 -5.87
C ILE G 350 -5.35 32.62 -4.72
N LEU G 351 -5.82 32.38 -3.49
CA LEU G 351 -5.17 32.90 -2.29
C LEU G 351 -4.83 31.75 -1.36
N VAL G 352 -3.59 31.74 -0.87
CA VAL G 352 -3.16 30.85 0.20
C VAL G 352 -2.82 31.71 1.41
N LEU G 353 -3.31 31.28 2.57
CA LEU G 353 -3.12 32.02 3.81
C LEU G 353 -2.13 31.27 4.69
N VAL G 354 -1.02 31.92 5.03
CA VAL G 354 0.04 31.32 5.82
C VAL G 354 0.21 32.13 7.11
N GLY G 355 0.41 31.41 8.21
CA GLY G 355 0.57 32.05 9.50
C GLY G 355 0.27 31.09 10.65
N PRO G 356 0.33 31.61 11.87
CA PRO G 356 0.02 30.76 13.02
C PRO G 356 -1.43 30.32 12.99
N PRO G 357 -1.73 29.14 13.51
CA PRO G 357 -3.13 28.66 13.50
C PRO G 357 -4.06 29.48 14.37
N GLY G 358 -3.53 30.27 15.32
CA GLY G 358 -4.39 31.07 16.17
C GLY G 358 -5.17 32.12 15.42
N VAL G 359 -4.59 32.67 14.35
CA VAL G 359 -5.29 33.68 13.56
C VAL G 359 -6.53 33.08 12.93
N GLY G 360 -7.57 33.92 12.80
CA GLY G 360 -8.86 33.46 12.29
C GLY G 360 -8.90 33.33 10.78
N LYS G 361 -8.28 32.27 10.26
CA LYS G 361 -8.23 32.08 8.81
C LYS G 361 -9.45 31.32 8.31
N THR G 362 -9.92 30.33 9.07
CA THR G 362 -11.01 29.48 8.60
C THR G 362 -12.32 30.25 8.51
N SER G 363 -12.64 31.03 9.55
CA SER G 363 -13.86 31.84 9.53
C SER G 363 -13.79 32.97 8.51
N LEU G 364 -12.59 33.33 8.05
CA LEU G 364 -12.47 34.34 7.02
C LEU G 364 -13.15 33.92 5.73
N GLY G 365 -13.17 32.62 5.42
CA GLY G 365 -13.89 32.16 4.24
C GLY G 365 -15.37 32.47 4.32
N ARG G 366 -15.99 32.15 5.47
CA ARG G 366 -17.40 32.47 5.66
C ARG G 366 -17.63 33.97 5.61
N SER G 367 -16.75 34.76 6.24
CA SER G 367 -16.92 36.21 6.23
C SER G 367 -16.86 36.77 4.82
N ILE G 368 -15.83 36.38 4.06
CA ILE G 368 -15.68 36.88 2.70
C ILE G 368 -16.85 36.44 1.84
N ALA G 369 -17.27 35.18 1.96
CA ALA G 369 -18.37 34.69 1.13
C ALA G 369 -19.67 35.41 1.46
N ARG G 370 -19.94 35.65 2.74
CA ARG G 370 -21.16 36.37 3.10
C ARG G 370 -21.12 37.81 2.58
N SER G 371 -19.95 38.45 2.64
CA SER G 371 -19.82 39.80 2.11
C SER G 371 -19.99 39.83 0.59
N MET G 372 -19.45 38.83 -0.12
CA MET G 372 -19.63 38.72 -1.56
C MET G 372 -21.07 38.42 -1.96
N ASN G 373 -21.92 38.02 -1.03
CA ASN G 373 -23.23 37.45 -1.28
C ASN G 373 -23.14 36.11 -2.00
N ARG G 374 -21.96 35.53 -2.08
CA ARG G 374 -21.75 34.20 -2.66
C ARG G 374 -21.86 33.17 -1.56
N LYS G 375 -22.70 32.15 -1.77
CA LYS G 375 -22.91 31.14 -0.76
C LYS G 375 -21.61 30.40 -0.44
N PHE G 376 -21.42 30.09 0.84
CA PHE G 376 -20.17 29.55 1.33
C PHE G 376 -20.26 28.05 1.56
N HIS G 377 -19.15 27.37 1.33
CA HIS G 377 -19.00 25.97 1.71
C HIS G 377 -17.55 25.73 2.13
N ARG G 378 -17.38 24.98 3.20
CA ARG G 378 -16.06 24.63 3.71
C ARG G 378 -15.76 23.18 3.40
N ILE G 379 -14.52 22.91 2.99
CA ILE G 379 -14.11 21.59 2.55
C ILE G 379 -13.03 21.08 3.50
N SER G 380 -13.14 19.82 3.90
CA SER G 380 -12.22 19.21 4.87
C SER G 380 -10.96 18.73 4.17
N LEU G 381 -9.94 19.57 4.18
CA LEU G 381 -8.59 19.17 3.80
C LEU G 381 -7.72 18.86 5.00
N GLY G 382 -8.30 18.79 6.19
CA GLY G 382 -7.55 18.50 7.40
C GLY G 382 -6.73 17.23 7.28
N GLY G 383 -7.38 16.16 6.85
CA GLY G 383 -6.66 14.94 6.51
C GLY G 383 -7.16 14.32 5.22
N VAL G 384 -6.27 14.21 4.24
CA VAL G 384 -6.63 13.53 2.95
C VAL G 384 -5.46 12.61 2.57
N ARG G 385 -5.71 11.30 2.45
CA ARG G 385 -4.60 10.34 2.19
C ARG G 385 -4.62 9.88 0.73
N ASP G 386 -5.55 8.98 0.40
CA ASP G 386 -5.61 8.40 -0.97
C ASP G 386 -6.10 9.46 -1.97
N GLU G 387 -5.77 9.29 -3.25
CA GLU G 387 -6.24 10.23 -4.30
C GLU G 387 -7.76 10.08 -4.46
N ALA G 388 -8.44 11.13 -4.95
CA ALA G 388 -9.91 11.09 -5.17
C ALA G 388 -10.64 11.23 -3.83
N GLU G 389 -9.91 11.37 -2.73
CA GLU G 389 -10.56 11.61 -1.42
C GLU G 389 -11.00 13.08 -1.36
N ILE G 390 -10.35 13.95 -2.15
CA ILE G 390 -10.75 15.38 -2.20
C ILE G 390 -11.45 15.62 -3.55
N ARG G 391 -10.92 15.05 -4.63
CA ARG G 391 -11.55 15.19 -5.97
C ARG G 391 -12.69 14.17 -6.09
N GLY G 392 -13.59 14.35 -7.06
CA GLY G 392 -14.68 13.38 -7.27
C GLY G 392 -14.12 11.98 -7.51
N HIS G 393 -14.60 10.99 -6.75
CA HIS G 393 -14.10 9.60 -6.89
C HIS G 393 -14.48 9.04 -8.26
N ARG G 394 -13.68 8.12 -8.81
CA ARG G 394 -13.94 7.55 -10.16
C ARG G 394 -15.38 7.02 -10.22
N ARG G 395 -16.04 7.18 -11.36
CA ARG G 395 -17.44 6.67 -11.53
C ARG G 395 -17.40 5.16 -11.75
N THR G 396 -18.54 4.51 -12.03
CA THR G 396 -18.63 3.05 -12.31
C THR G 396 -18.90 2.24 -11.05
N TYR G 397 -18.61 2.78 -9.86
CA TYR G 397 -18.72 2.02 -8.58
C TYR G 397 -20.03 2.34 -7.86
N ILE G 398 -20.10 2.03 -6.55
CA ILE G 398 -21.30 2.28 -5.70
C ILE G 398 -21.98 3.59 -6.09
N GLY G 399 -21.19 4.58 -6.54
CA GLY G 399 -21.76 5.88 -6.96
C GLY G 399 -22.03 6.75 -5.75
N ALA G 400 -21.34 6.50 -4.64
CA ALA G 400 -21.55 7.28 -3.40
C ALA G 400 -20.31 8.11 -3.10
N MET G 401 -20.44 9.45 -3.15
CA MET G 401 -19.28 10.34 -2.92
C MET G 401 -19.51 11.18 -1.66
N PRO G 402 -18.78 10.92 -0.55
CA PRO G 402 -18.94 11.71 0.69
C PRO G 402 -18.14 13.01 0.65
N GLY G 403 -18.58 13.97 -0.18
CA GLY G 403 -17.90 15.27 -0.25
C GLY G 403 -16.79 15.27 -1.28
N LYS G 404 -16.44 16.45 -1.81
CA LYS G 404 -15.38 16.56 -2.84
C LYS G 404 -15.27 18.03 -3.24
N LEU G 405 -14.33 18.35 -4.14
CA LEU G 405 -14.21 19.75 -4.64
C LEU G 405 -15.52 20.11 -5.35
N ILE G 406 -16.08 19.19 -6.13
CA ILE G 406 -17.38 19.43 -6.82
C ILE G 406 -18.49 19.50 -5.78
N HIS G 407 -18.38 18.70 -4.71
CA HIS G 407 -19.40 18.70 -3.63
C HIS G 407 -19.67 20.14 -3.20
N ALA G 408 -18.63 20.94 -3.01
CA ALA G 408 -18.84 22.35 -2.66
C ALA G 408 -19.69 23.04 -3.71
N MET G 409 -19.44 22.74 -4.99
CA MET G 409 -20.29 23.25 -6.06
C MET G 409 -21.72 22.74 -5.94
N LYS G 410 -21.91 21.50 -5.51
CA LYS G 410 -23.26 21.02 -5.23
C LYS G 410 -23.90 21.82 -4.11
N GLN G 411 -23.13 22.15 -3.08
CA GLN G 411 -23.65 22.95 -1.98
C GLN G 411 -24.05 24.34 -2.45
N VAL G 412 -23.24 24.97 -3.30
CA VAL G 412 -23.46 26.34 -3.74
C VAL G 412 -23.88 26.34 -5.21
N GLY G 413 -25.13 26.72 -5.47
CA GLY G 413 -25.65 26.79 -6.81
C GLY G 413 -25.09 27.90 -7.67
N VAL G 414 -23.99 28.51 -7.26
CA VAL G 414 -23.35 29.62 -7.98
C VAL G 414 -22.04 29.12 -8.57
N ILE G 415 -21.81 29.42 -9.85
CA ILE G 415 -20.55 29.02 -10.49
C ILE G 415 -19.36 29.75 -9.89
N ASN G 416 -19.58 30.86 -9.20
CA ASN G 416 -18.50 31.66 -8.61
C ASN G 416 -18.76 31.83 -7.12
N PRO G 417 -18.52 30.78 -6.32
CA PRO G 417 -18.57 30.94 -4.87
C PRO G 417 -17.20 31.22 -4.27
N VAL G 418 -17.16 31.48 -2.97
CA VAL G 418 -15.91 31.54 -2.22
C VAL G 418 -15.78 30.24 -1.44
N ILE G 419 -14.74 29.46 -1.73
CA ILE G 419 -14.53 28.15 -1.14
C ILE G 419 -13.24 28.17 -0.36
N LEU G 420 -13.29 27.74 0.90
CA LEU G 420 -12.07 27.70 1.76
C LEU G 420 -11.73 26.25 2.11
N LEU G 421 -10.44 25.95 2.31
CA LEU G 421 -10.00 24.57 2.63
C LEU G 421 -9.36 24.55 4.02
N ASP G 422 -9.35 23.39 4.68
CA ASP G 422 -8.78 23.29 6.06
C ASP G 422 -7.31 23.73 6.02
N GLU G 423 -6.53 23.23 5.06
CA GLU G 423 -5.10 23.65 4.92
C GLU G 423 -4.51 23.00 3.66
N ILE G 424 -3.30 23.41 3.28
CA ILE G 424 -2.63 22.84 2.06
C ILE G 424 -1.33 22.17 2.47
N ASP G 425 -0.65 22.73 3.48
CA ASP G 425 0.66 22.16 3.93
C ASP G 425 0.47 20.71 4.37
N LYS G 426 -0.66 20.42 5.01
CA LYS G 426 -0.93 19.03 5.50
C LYS G 426 -2.13 18.45 4.72
N MET G 427 -1.85 17.64 3.69
CA MET G 427 -2.94 17.06 2.87
C MET G 427 -2.56 15.67 2.39
N SER G 428 -2.48 15.46 1.08
CA SER G 428 -2.19 14.11 0.50
C SER G 428 -1.03 13.43 1.22
N SER G 429 -1.16 12.13 1.51
CA SER G 429 -0.07 11.36 2.17
C SER G 429 -0.35 9.86 2.06
N ASP G 430 -0.10 9.24 0.90
CA ASP G 430 -0.39 7.80 0.69
C ASP G 430 0.65 7.18 -0.24
N TRP G 431 0.39 5.97 -0.75
CA TRP G 431 1.29 5.28 -1.69
C TRP G 431 0.56 5.06 -3.01
N ARG G 432 -0.71 4.66 -2.95
CA ARG G 432 -1.55 4.40 -4.15
C ARG G 432 -1.80 5.70 -4.91
N GLY G 433 -2.09 6.81 -4.23
CA GLY G 433 -2.39 8.09 -4.90
C GLY G 433 -1.95 9.29 -4.09
N ASP G 434 -1.83 10.45 -4.73
CA ASP G 434 -1.36 11.68 -4.04
C ASP G 434 -2.29 12.85 -4.36
N PRO G 435 -3.41 13.04 -3.63
CA PRO G 435 -4.36 14.11 -3.95
C PRO G 435 -3.69 15.44 -4.32
N ALA G 436 -2.50 15.73 -3.77
CA ALA G 436 -1.77 16.97 -4.15
C ALA G 436 -1.89 17.19 -5.67
N SER G 437 -1.34 16.27 -6.47
CA SER G 437 -1.46 16.34 -7.92
C SER G 437 -2.85 16.80 -8.32
N ALA G 438 -3.88 16.27 -7.66
CA ALA G 438 -5.26 16.65 -7.94
C ALA G 438 -5.48 18.13 -7.66
N MET G 439 -4.81 18.66 -6.63
CA MET G 439 -4.86 20.09 -6.38
C MET G 439 -4.46 20.88 -7.62
N LEU G 440 -3.39 20.46 -8.30
CA LEU G 440 -2.90 21.20 -9.45
C LEU G 440 -3.94 21.23 -10.57
N GLU G 441 -4.57 20.08 -10.84
CA GLU G 441 -5.53 20.03 -11.95
C GLU G 441 -6.83 20.76 -11.59
N VAL G 442 -7.23 20.75 -10.33
CA VAL G 442 -8.49 21.42 -9.97
C VAL G 442 -8.27 22.92 -9.81
N LEU G 443 -7.04 23.34 -9.53
CA LEU G 443 -6.78 24.74 -9.22
C LEU G 443 -6.17 25.52 -10.38
N ASP G 444 -5.47 24.85 -11.29
CA ASP G 444 -4.74 25.53 -12.36
C ASP G 444 -5.69 26.35 -13.22
N PRO G 445 -5.48 27.66 -13.34
CA PRO G 445 -6.38 28.49 -14.15
C PRO G 445 -6.08 28.42 -15.63
N GLU G 446 -5.81 27.21 -16.13
CA GLU G 446 -5.65 26.98 -17.56
C GLU G 446 -6.38 25.73 -18.05
N GLN G 447 -6.67 24.76 -17.19
CA GLN G 447 -7.45 23.59 -17.55
C GLN G 447 -8.81 23.54 -16.87
N ASN G 448 -9.01 24.35 -15.82
CA ASN G 448 -10.29 24.34 -15.12
C ASN G 448 -11.44 24.80 -16.00
N ASN G 449 -11.16 25.54 -17.07
CA ASN G 449 -12.22 25.93 -18.00
C ASN G 449 -12.92 24.71 -18.59
N THR G 450 -12.19 23.61 -18.77
CA THR G 450 -12.73 22.34 -19.24
C THR G 450 -12.23 21.20 -18.37
N PHE G 451 -12.19 21.42 -17.06
CA PHE G 451 -11.69 20.39 -16.14
C PHE G 451 -12.72 19.27 -16.00
N THR G 452 -12.22 18.03 -15.96
CA THR G 452 -13.05 16.86 -15.72
C THR G 452 -12.32 15.91 -14.78
N ASP G 453 -13.07 15.30 -13.87
CA ASP G 453 -12.55 14.30 -12.97
C ASP G 453 -12.95 12.91 -13.46
N HIS G 454 -12.66 11.89 -12.66
CA HIS G 454 -12.99 10.52 -13.03
C HIS G 454 -14.45 10.18 -12.84
N TYR G 455 -15.21 10.98 -12.08
CA TYR G 455 -16.64 10.78 -11.96
C TYR G 455 -17.40 11.51 -13.04
N LEU G 456 -17.25 12.83 -13.10
CA LEU G 456 -17.90 13.60 -14.16
C LEU G 456 -17.17 13.37 -15.47
N ASP G 457 -17.82 12.65 -16.39
CA ASP G 457 -17.26 12.36 -17.69
C ASP G 457 -17.35 13.55 -18.65
N VAL G 458 -17.63 14.74 -18.13
CA VAL G 458 -17.78 15.94 -18.94
C VAL G 458 -16.84 17.01 -18.39
N PRO G 459 -16.35 17.90 -19.25
CA PRO G 459 -15.45 18.97 -18.79
C PRO G 459 -16.23 20.09 -18.14
N TYR G 460 -16.06 20.25 -16.83
CA TYR G 460 -16.80 21.25 -16.09
C TYR G 460 -16.24 22.65 -16.36
N ASP G 461 -17.13 23.65 -16.31
CA ASP G 461 -16.75 25.04 -16.55
C ASP G 461 -16.37 25.69 -15.21
N LEU G 462 -15.20 25.30 -14.71
CA LEU G 462 -14.62 25.91 -13.53
C LEU G 462 -13.91 27.21 -13.93
N SER G 463 -13.09 27.74 -13.03
CA SER G 463 -12.32 28.99 -13.13
C SER G 463 -13.19 30.20 -12.79
N LYS G 464 -14.48 30.02 -12.49
CA LYS G 464 -15.27 31.09 -11.94
C LYS G 464 -15.20 31.12 -10.41
N VAL G 465 -14.88 29.99 -9.80
CA VAL G 465 -14.83 29.88 -8.35
C VAL G 465 -13.62 30.65 -7.83
N PHE G 466 -13.87 31.63 -6.97
CA PHE G 466 -12.78 32.28 -6.26
C PHE G 466 -12.21 31.35 -5.21
N PHE G 467 -10.89 31.19 -5.21
CA PHE G 467 -10.22 30.19 -4.38
C PHE G 467 -9.47 30.87 -3.25
N ILE G 468 -9.76 30.44 -2.03
CA ILE G 468 -9.04 30.87 -0.84
C ILE G 468 -8.73 29.63 -0.01
N THR G 469 -7.53 29.57 0.56
CA THR G 469 -7.13 28.42 1.36
C THR G 469 -6.16 28.87 2.44
N THR G 470 -6.01 28.02 3.45
CA THR G 470 -5.14 28.28 4.59
C THR G 470 -3.91 27.38 4.52
N ALA G 471 -2.89 27.74 5.30
CA ALA G 471 -1.67 26.95 5.39
C ALA G 471 -0.99 27.26 6.71
N ASN G 472 -0.78 26.24 7.54
CA ASN G 472 -0.07 26.44 8.79
C ASN G 472 1.39 26.79 8.55
N THR G 473 2.01 26.18 7.54
CA THR G 473 3.38 26.48 7.19
C THR G 473 3.55 26.35 5.68
N LEU G 474 4.60 26.99 5.16
CA LEU G 474 4.89 26.98 3.73
C LEU G 474 6.07 26.08 3.36
N GLN G 475 6.76 25.51 4.35
CA GLN G 475 7.92 24.67 4.06
C GLN G 475 7.51 23.40 3.32
N THR G 476 6.39 22.79 3.72
CA THR G 476 5.97 21.51 3.18
C THR G 476 4.87 21.65 2.13
N ILE G 477 4.62 22.86 1.63
CA ILE G 477 3.69 23.03 0.51
C ILE G 477 4.26 22.33 -0.72
N PRO G 478 3.48 21.56 -1.46
CA PRO G 478 4.00 20.91 -2.67
C PRO G 478 4.51 21.93 -3.68
N ARG G 479 5.60 21.58 -4.35
CA ARG G 479 6.19 22.47 -5.33
C ARG G 479 5.25 22.81 -6.50
N PRO G 480 4.54 21.85 -7.12
CA PRO G 480 3.63 22.23 -8.22
C PRO G 480 2.50 23.15 -7.78
N LEU G 481 2.30 23.37 -6.49
CA LEU G 481 1.26 24.24 -5.97
C LEU G 481 1.79 25.57 -5.45
N LEU G 482 2.98 25.56 -4.83
CA LEU G 482 3.49 26.78 -4.20
C LEU G 482 3.69 27.89 -5.22
N ASP G 483 4.19 27.56 -6.41
CA ASP G 483 4.41 28.58 -7.43
C ASP G 483 3.10 29.16 -7.95
N ARG G 484 2.03 28.38 -7.93
CA ARG G 484 0.77 28.85 -8.51
C ARG G 484 0.14 29.95 -7.65
N MET G 485 0.03 29.72 -6.35
CA MET G 485 -0.65 30.67 -5.49
C MET G 485 0.24 31.88 -5.17
N GLU G 486 -0.40 32.93 -4.66
CA GLU G 486 0.28 34.11 -4.16
C GLU G 486 0.26 34.06 -2.64
N VAL G 487 1.43 34.17 -2.02
CA VAL G 487 1.58 33.98 -0.59
C VAL G 487 1.36 35.31 0.13
N ILE G 488 0.48 35.29 1.14
CA ILE G 488 0.25 36.42 2.03
C ILE G 488 0.31 35.90 3.46
N GLU G 489 1.10 36.58 4.30
CA GLU G 489 1.36 36.13 5.66
C GLU G 489 0.76 37.09 6.67
N ILE G 490 0.28 36.54 7.77
CA ILE G 490 -0.24 37.30 8.90
C ILE G 490 0.74 37.12 10.06
N PRO G 491 1.44 38.17 10.50
CA PRO G 491 2.40 38.04 11.60
C PRO G 491 1.77 37.94 12.98
N GLY G 492 0.45 37.79 13.06
CA GLY G 492 -0.22 37.72 14.35
C GLY G 492 -1.07 38.93 14.64
N TYR G 493 -1.05 39.39 15.87
CA TYR G 493 -1.82 40.58 16.27
C TYR G 493 -1.00 41.39 17.27
N THR G 494 -1.28 42.69 17.32
CA THR G 494 -0.71 43.54 18.35
C THR G 494 -1.51 43.38 19.62
N ASN G 495 -0.92 43.80 20.75
CA ASN G 495 -1.62 43.71 22.02
C ASN G 495 -2.82 44.65 22.06
N MET G 496 -2.69 45.85 21.48
CA MET G 496 -3.82 46.77 21.43
C MET G 496 -4.95 46.22 20.57
N GLU G 497 -4.62 45.65 19.41
CA GLU G 497 -5.65 45.04 18.56
C GLU G 497 -6.28 43.83 19.24
N LYS G 498 -5.48 43.04 19.96
CA LYS G 498 -6.04 41.92 20.72
C LYS G 498 -7.01 42.42 21.78
N GLN G 499 -6.65 43.49 22.49
CA GLN G 499 -7.53 44.07 23.48
C GLN G 499 -8.83 44.55 22.85
N ALA G 500 -8.73 45.25 21.72
CA ALA G 500 -9.93 45.76 21.06
C ALA G 500 -10.83 44.63 20.59
N ILE G 501 -10.25 43.60 19.96
CA ILE G 501 -11.07 42.52 19.43
C ILE G 501 -11.71 41.72 20.55
N ALA G 502 -10.98 41.50 21.65
CA ALA G 502 -11.56 40.80 22.79
C ALA G 502 -12.65 41.65 23.44
N ARG G 503 -12.48 42.96 23.46
CA ARG G 503 -13.47 43.84 24.09
C ARG G 503 -14.77 43.87 23.29
N GLN G 504 -14.66 44.02 21.96
CA GLN G 504 -15.84 44.31 21.16
C GLN G 504 -16.43 43.10 20.44
N TYR G 505 -15.68 42.01 20.27
CA TYR G 505 -16.20 40.84 19.57
C TYR G 505 -16.24 39.60 20.45
N LEU G 506 -15.18 39.35 21.23
CA LEU G 506 -15.11 38.12 22.02
C LEU G 506 -15.89 38.24 23.32
N TRP G 507 -15.74 39.37 24.02
CA TRP G 507 -16.44 39.54 25.30
C TRP G 507 -17.95 39.48 25.15
N PRO G 508 -18.60 40.17 24.20
CA PRO G 508 -20.04 39.98 24.04
C PRO G 508 -20.44 38.55 23.73
N LYS G 509 -19.64 37.85 22.93
CA LYS G 509 -19.99 36.46 22.58
C LYS G 509 -19.93 35.56 23.80
N GLN G 510 -18.86 35.67 24.59
CA GLN G 510 -18.76 34.82 25.78
C GLN G 510 -19.80 35.21 26.83
N VAL G 511 -20.12 36.50 26.95
CA VAL G 511 -21.16 36.92 27.88
C VAL G 511 -22.51 36.34 27.46
N ARG G 512 -22.82 36.38 26.16
CA ARG G 512 -24.06 35.79 25.67
C ARG G 512 -24.08 34.29 25.90
N GLU G 513 -22.94 33.62 25.68
CA GLU G 513 -22.86 32.19 25.89
C GLU G 513 -22.98 31.80 27.36
N SER G 514 -22.63 32.71 28.26
CA SER G 514 -22.79 32.47 29.69
C SER G 514 -24.15 32.92 30.21
N GLY G 515 -24.95 33.59 29.39
CA GLY G 515 -26.30 33.98 29.73
C GLY G 515 -26.43 35.05 30.79
N MET G 516 -25.35 35.44 31.45
CA MET G 516 -25.40 36.45 32.51
C MET G 516 -25.06 37.83 31.94
N GLU G 517 -25.84 38.22 30.95
CA GLU G 517 -25.60 39.49 30.25
C GLU G 517 -25.84 40.67 31.18
N GLY G 518 -24.95 41.66 31.11
CA GLY G 518 -25.09 42.87 31.88
C GLY G 518 -24.72 42.75 33.35
N ARG G 519 -24.07 41.65 33.75
CA ARG G 519 -23.72 41.44 35.14
C ARG G 519 -22.23 41.56 35.44
N ILE G 520 -21.37 41.42 34.43
CA ILE G 520 -19.93 41.55 34.60
C ILE G 520 -19.37 42.46 33.53
N GLU G 521 -18.46 43.35 33.93
CA GLU G 521 -17.77 44.24 33.02
C GLU G 521 -16.31 44.34 33.42
N VAL G 522 -15.47 44.66 32.45
CA VAL G 522 -14.02 44.75 32.67
C VAL G 522 -13.53 46.10 32.16
N THR G 523 -12.50 46.61 32.81
CA THR G 523 -11.87 47.86 32.39
C THR G 523 -10.86 47.60 31.27
N ASP G 524 -10.40 48.68 30.65
CA ASP G 524 -9.42 48.58 29.58
C ASP G 524 -8.00 48.34 30.09
N ALA G 525 -7.77 48.49 31.40
CA ALA G 525 -6.44 48.26 31.95
C ALA G 525 -6.23 46.82 32.41
N ALA G 526 -7.29 46.14 32.86
CA ALA G 526 -7.16 44.76 33.29
C ALA G 526 -6.87 43.83 32.11
N ILE G 527 -7.42 44.15 30.94
CA ILE G 527 -7.21 43.32 29.75
C ILE G 527 -5.74 43.33 29.33
N LEU G 528 -5.10 44.49 29.44
CA LEU G 528 -3.66 44.57 29.14
C LEU G 528 -2.88 43.58 29.99
N ARG G 529 -3.14 43.57 31.30
CA ARG G 529 -2.51 42.61 32.20
C ARG G 529 -2.90 41.17 31.85
N VAL G 530 -4.15 40.94 31.44
CA VAL G 530 -4.58 39.58 31.12
C VAL G 530 -3.74 39.01 30.00
N ILE G 531 -3.64 39.72 28.88
CA ILE G 531 -2.81 39.22 27.78
C ILE G 531 -1.33 39.22 28.16
N SER G 532 -0.86 40.25 28.87
CA SER G 532 0.57 40.31 29.16
C SER G 532 1.02 39.30 30.19
N GLU G 533 0.11 38.66 30.93
CA GLU G 533 0.51 37.77 32.00
C GLU G 533 -0.10 36.36 31.96
N TYR G 534 -1.12 36.10 31.15
CA TYR G 534 -1.77 34.80 31.22
C TYR G 534 -1.64 33.98 29.95
N THR G 535 -1.78 34.60 28.78
CA THR G 535 -1.71 33.89 27.52
C THR G 535 -0.73 34.60 26.60
N ARG G 536 0.26 33.86 26.09
CA ARG G 536 1.24 34.39 25.14
C ARG G 536 1.23 33.49 23.92
N GLU G 537 0.33 33.78 22.98
CA GLU G 537 0.26 33.06 21.71
C GLU G 537 0.05 34.08 20.60
N ALA G 538 0.46 33.69 19.39
CA ALA G 538 0.35 34.60 18.25
C ALA G 538 -1.11 34.92 17.95
N GLY G 539 -1.99 33.93 18.03
CA GLY G 539 -3.41 34.12 17.81
C GLY G 539 -4.13 34.52 19.08
N VAL G 540 -5.46 34.42 19.02
CA VAL G 540 -6.30 34.73 20.16
C VAL G 540 -7.23 33.56 20.45
N ARG G 541 -6.93 32.39 19.86
CA ARG G 541 -7.73 31.21 20.12
C ARG G 541 -7.65 30.80 21.59
N GLY G 542 -6.47 30.95 22.19
CA GLY G 542 -6.34 30.69 23.62
C GLY G 542 -6.93 31.77 24.51
N LEU G 543 -7.24 32.94 23.95
CA LEU G 543 -7.84 34.02 24.72
C LEU G 543 -9.32 33.82 24.96
N GLU G 544 -10.04 33.21 24.01
CA GLU G 544 -11.47 32.99 24.19
C GLU G 544 -11.73 32.02 25.34
N ARG G 545 -10.83 31.05 25.52
CA ARG G 545 -10.96 30.02 26.60
C ARG G 545 -10.81 30.70 27.95
N GLU G 546 -9.89 31.67 28.10
CA GLU G 546 -9.73 32.43 29.34
C GLU G 546 -10.90 33.39 29.57
N LEU G 547 -11.35 34.07 28.52
CA LEU G 547 -12.45 34.99 28.66
C LEU G 547 -13.76 34.28 28.99
N GLY G 548 -13.95 33.05 28.52
CA GLY G 548 -15.10 32.27 28.94
C GLY G 548 -14.94 31.65 30.31
N LYS G 549 -13.69 31.37 30.72
CA LYS G 549 -13.43 30.97 32.09
C LYS G 549 -13.81 32.07 33.07
N ILE G 550 -13.60 33.33 32.67
CA ILE G 550 -14.02 34.46 33.51
C ILE G 550 -15.51 34.36 33.81
N ALA G 551 -16.31 34.18 32.77
CA ALA G 551 -17.76 34.10 32.94
C ALA G 551 -18.17 32.83 33.67
N ARG G 552 -17.47 31.72 33.40
CA ARG G 552 -17.80 30.46 34.06
C ARG G 552 -17.56 30.54 35.56
N LYS G 553 -16.47 31.19 35.97
CA LYS G 553 -16.23 31.36 37.41
C LYS G 553 -17.15 32.40 38.03
N GLY G 554 -17.48 33.47 37.30
CA GLY G 554 -18.46 34.40 37.81
C GLY G 554 -19.83 33.77 38.02
N ALA G 555 -20.20 32.84 37.13
CA ALA G 555 -21.46 32.14 37.27
C ALA G 555 -21.49 31.27 38.51
N LYS G 556 -20.34 30.70 38.89
CA LYS G 556 -20.28 29.91 40.13
C LYS G 556 -20.61 30.77 41.34
N PHE G 557 -20.08 31.99 41.41
CA PHE G 557 -20.42 32.89 42.49
C PHE G 557 -21.88 33.32 42.41
N TRP G 558 -22.37 33.60 41.20
CA TRP G 558 -23.76 34.06 41.05
C TRP G 558 -24.76 32.99 41.48
N LEU G 559 -24.49 31.72 41.16
CA LEU G 559 -25.44 30.66 41.47
C LEU G 559 -25.64 30.53 42.98
N GLU G 560 -24.55 30.56 43.74
CA GLU G 560 -24.67 30.45 45.19
C GLU G 560 -25.20 31.76 45.79
N GLY G 561 -24.72 32.90 45.31
CA GLY G 561 -25.22 34.19 45.76
C GLY G 561 -25.35 35.18 44.63
N ALA G 562 -26.57 35.69 44.41
CA ALA G 562 -26.81 36.65 43.34
C ALA G 562 -26.68 38.07 43.86
N TRP G 563 -25.97 38.90 43.11
CA TRP G 563 -25.80 40.31 43.45
C TRP G 563 -26.70 41.16 42.57
N GLU G 564 -26.69 42.46 42.82
CA GLU G 564 -27.58 43.41 42.17
C GLU G 564 -26.81 44.33 41.25
N GLY G 565 -27.34 44.52 40.04
CA GLY G 565 -26.73 45.46 39.12
C GLY G 565 -25.64 44.82 38.30
N LEU G 566 -24.48 45.47 38.26
CA LEU G 566 -23.35 45.03 37.45
C LEU G 566 -22.07 45.07 38.28
N ARG G 567 -21.12 44.22 37.91
CA ARG G 567 -19.84 44.12 38.60
C ARG G 567 -18.73 44.50 37.64
N THR G 568 -17.83 45.37 38.10
CA THR G 568 -16.70 45.84 37.31
C THR G 568 -15.44 45.15 37.78
N ILE G 569 -14.71 44.55 36.84
CA ILE G 569 -13.47 43.83 37.16
C ILE G 569 -12.29 44.74 36.90
N ASP G 570 -11.39 44.84 37.88
CA ASP G 570 -10.19 45.65 37.78
C ASP G 570 -8.97 44.74 37.65
N ALA G 571 -7.80 45.36 37.51
CA ALA G 571 -6.56 44.60 37.37
C ALA G 571 -6.21 43.84 38.65
N SER G 572 -6.72 44.27 39.80
CA SER G 572 -6.44 43.59 41.05
C SER G 572 -7.45 42.48 41.36
N ASP G 573 -8.56 42.43 40.65
CA ASP G 573 -9.57 41.40 40.85
C ASP G 573 -9.43 40.22 39.91
N ILE G 574 -8.38 40.22 39.07
CA ILE G 574 -8.18 39.10 38.14
C ILE G 574 -7.93 37.77 38.83
N PRO G 575 -7.12 37.68 39.92
CA PRO G 575 -6.84 36.34 40.46
C PRO G 575 -8.07 35.61 40.97
N THR G 576 -9.05 36.32 41.51
CA THR G 576 -10.24 35.67 42.06
C THR G 576 -10.98 34.89 40.98
N TYR G 577 -11.13 35.48 39.80
CA TYR G 577 -11.83 34.83 38.70
C TYR G 577 -10.90 34.10 37.74
N LEU G 578 -9.60 34.12 37.98
CA LEU G 578 -8.76 33.44 37.00
C LEU G 578 -7.83 32.39 37.60
N GLY G 579 -7.22 32.67 38.74
CA GLY G 579 -6.16 31.85 39.28
C GLY G 579 -4.82 32.56 39.26
N ILE G 580 -3.77 31.78 39.40
CA ILE G 580 -2.42 32.35 39.42
C ILE G 580 -2.00 32.76 38.02
N PRO G 581 -1.27 33.85 37.83
CA PRO G 581 -0.67 34.13 36.52
C PRO G 581 0.32 33.05 36.13
N ARG G 582 0.36 32.75 34.83
CA ARG G 582 1.24 31.71 34.31
C ARG G 582 2.52 32.25 33.70
N TYR G 583 2.54 33.51 33.29
CA TYR G 583 3.73 34.13 32.71
C TYR G 583 3.96 35.49 33.36
N ARG G 584 5.22 35.76 33.68
CA ARG G 584 5.55 37.01 34.35
C ARG G 584 5.38 38.18 33.38
N PRO G 585 4.88 39.33 33.85
CA PRO G 585 4.76 40.51 32.98
C PRO G 585 6.13 41.08 32.67
N ASP G 586 6.46 41.20 31.39
CA ASP G 586 7.74 41.76 30.99
C ASP G 586 7.80 43.24 31.34
N LYS G 587 8.89 43.64 31.99
CA LYS G 587 9.05 45.03 32.41
C LYS G 587 10.53 45.33 32.58
N ALA G 588 10.87 46.60 32.48
CA ALA G 588 12.24 47.05 32.66
C ALA G 588 12.44 47.66 34.04
N GLU G 589 13.68 47.66 34.50
CA GLU G 589 14.02 48.25 35.79
C GLU G 589 14.23 49.76 35.62
N THR G 590 13.82 50.50 36.64
CA THR G 590 13.89 51.96 36.58
C THR G 590 15.34 52.43 36.56
N GLU G 591 16.11 52.08 37.58
CA GLU G 591 17.50 52.52 37.67
C GLU G 591 18.34 51.77 36.64
N PRO G 592 19.13 52.47 35.83
CA PRO G 592 20.01 51.77 34.88
C PRO G 592 21.12 51.02 35.61
N GLN G 593 21.33 49.77 35.23
CA GLN G 593 22.33 48.91 35.86
C GLN G 593 23.56 48.79 34.97
N VAL G 594 24.69 48.49 35.60
CA VAL G 594 25.94 48.31 34.88
C VAL G 594 25.95 46.96 34.19
N GLY G 595 26.33 46.96 32.92
CA GLY G 595 26.35 45.72 32.15
C GLY G 595 24.99 45.09 32.01
N THR G 596 23.96 45.89 31.77
CA THR G 596 22.59 45.40 31.60
C THR G 596 21.95 46.18 30.45
N ALA G 597 21.99 45.59 29.26
CA ALA G 597 21.45 46.21 28.06
C ALA G 597 20.12 45.56 27.70
N GLN G 598 19.13 46.40 27.41
CA GLN G 598 17.82 45.89 27.01
C GLN G 598 17.92 45.18 25.66
N GLY G 599 17.16 44.11 25.50
CA GLY G 599 17.19 43.35 24.27
C GLY G 599 15.82 42.93 23.78
N LEU G 600 15.58 43.11 22.49
CA LEU G 600 14.34 42.68 21.85
C LEU G 600 14.59 41.41 21.05
N ALA G 601 13.69 40.45 21.17
CA ALA G 601 13.78 39.19 20.45
C ALA G 601 12.44 38.88 19.80
N TRP G 602 12.50 38.18 18.68
CA TRP G 602 11.31 37.81 17.91
C TRP G 602 10.99 36.33 18.14
N THR G 603 9.75 36.05 18.50
CA THR G 603 9.25 34.70 18.70
C THR G 603 8.01 34.48 17.84
N PRO G 604 7.72 33.24 17.46
CA PRO G 604 6.52 32.98 16.65
C PRO G 604 5.21 33.26 17.36
N VAL G 605 5.24 33.68 18.63
CA VAL G 605 4.03 34.00 19.38
C VAL G 605 4.00 35.46 19.82
N GLY G 606 4.95 36.27 19.37
CA GLY G 606 5.01 37.67 19.71
C GLY G 606 6.38 38.07 20.20
N GLY G 607 6.52 39.36 20.50
CA GLY G 607 7.78 39.89 20.97
C GLY G 607 8.03 39.58 22.44
N THR G 608 9.27 39.84 22.85
CA THR G 608 9.69 39.61 24.23
C THR G 608 10.88 40.48 24.54
N LEU G 609 11.15 40.65 25.83
CA LEU G 609 12.26 41.46 26.33
C LEU G 609 13.28 40.53 26.98
N LEU G 610 14.20 40.02 26.17
CA LEU G 610 15.28 39.18 26.67
C LEU G 610 16.46 40.07 27.04
N THR G 611 16.49 40.51 28.29
CA THR G 611 17.58 41.35 28.76
C THR G 611 18.89 40.58 28.77
N ILE G 612 19.99 41.28 28.51
CA ILE G 612 21.32 40.69 28.47
C ILE G 612 22.18 41.37 29.52
N GLU G 613 22.81 40.57 30.37
CA GLU G 613 23.75 41.05 31.38
C GLU G 613 25.08 40.33 31.22
N VAL G 614 26.17 41.09 31.38
CA VAL G 614 27.52 40.56 31.26
C VAL G 614 28.33 41.03 32.46
N ALA G 615 29.44 40.35 32.70
CA ALA G 615 30.32 40.66 33.82
C ALA G 615 31.75 40.72 33.32
N ALA G 616 32.55 41.54 34.00
CA ALA G 616 33.97 41.70 33.69
C ALA G 616 34.75 41.07 34.85
N VAL G 617 34.95 39.76 34.77
CA VAL G 617 35.63 39.03 35.83
C VAL G 617 37.14 39.15 35.62
N PRO G 618 37.92 39.33 36.68
CA PRO G 618 39.38 39.47 36.51
C PRO G 618 39.99 38.20 35.93
N GLY G 619 41.07 38.37 35.17
CA GLY G 619 41.75 37.24 34.57
C GLY G 619 42.96 37.64 33.77
N SER G 620 43.18 36.97 32.63
CA SER G 620 44.31 37.30 31.76
C SER G 620 43.90 37.27 30.29
N GLY G 621 42.60 37.32 29.99
CA GLY G 621 42.13 37.24 28.62
C GLY G 621 41.46 35.91 28.34
N LYS G 622 40.13 35.91 28.35
CA LYS G 622 39.36 34.70 28.11
C LYS G 622 37.95 35.10 27.69
N LEU G 623 37.23 34.15 27.09
CA LEU G 623 35.87 34.41 26.63
C LEU G 623 35.03 33.17 26.89
N SER G 624 33.90 33.37 27.59
CA SER G 624 32.96 32.29 27.88
C SER G 624 31.56 32.78 27.58
N LEU G 625 30.77 31.94 26.91
CA LEU G 625 29.40 32.27 26.54
C LEU G 625 28.46 31.26 27.18
N THR G 626 27.48 31.77 27.93
CA THR G 626 26.54 30.94 28.67
C THR G 626 25.13 31.48 28.52
N GLY G 627 24.15 30.59 28.65
CA GLY G 627 22.76 30.97 28.57
C GLY G 627 21.99 30.22 27.49
N GLN G 628 22.48 29.03 27.13
CA GLN G 628 21.86 28.20 26.10
C GLN G 628 21.73 28.97 24.78
N LEU G 629 22.78 29.74 24.45
CA LEU G 629 22.79 30.49 23.21
C LEU G 629 22.97 29.57 22.02
N GLY G 630 22.39 29.96 20.89
CA GLY G 630 22.58 29.22 19.67
C GLY G 630 23.93 29.49 19.03
N GLU G 631 24.20 28.74 17.96
CA GLU G 631 25.46 28.92 17.25
C GLU G 631 25.57 30.31 16.64
N VAL G 632 24.45 30.85 16.13
CA VAL G 632 24.47 32.18 15.53
C VAL G 632 24.75 33.26 16.56
N MET G 633 24.32 33.05 17.81
CA MET G 633 24.57 34.01 18.88
C MET G 633 26.05 34.24 19.13
N LYS G 634 26.89 33.22 18.92
CA LYS G 634 28.27 33.27 19.38
C LYS G 634 29.09 34.29 18.59
N GLU G 635 29.06 34.21 17.27
CA GLU G 635 29.95 35.07 16.49
C GLU G 635 29.50 36.52 16.49
N SER G 636 28.21 36.79 16.75
CA SER G 636 27.79 38.17 16.94
C SER G 636 28.46 38.78 18.16
N ALA G 637 28.48 38.04 19.28
CA ALA G 637 29.17 38.51 20.47
C ALA G 637 30.66 38.66 20.23
N GLN G 638 31.27 37.69 19.54
CA GLN G 638 32.69 37.79 19.25
C GLN G 638 33.00 38.99 18.36
N ALA G 639 32.14 39.26 17.37
CA ALA G 639 32.33 40.42 16.50
C ALA G 639 32.21 41.71 17.28
N ALA G 640 31.23 41.80 18.18
CA ALA G 640 31.10 42.99 19.02
C ALA G 640 32.34 43.17 19.90
N LEU G 641 32.83 42.08 20.48
CA LEU G 641 34.03 42.16 21.32
C LEU G 641 35.24 42.63 20.51
N THR G 642 35.40 42.10 19.29
CA THR G 642 36.53 42.51 18.46
C THR G 642 36.41 43.97 18.03
N TYR G 643 35.19 44.42 17.73
CA TYR G 643 34.99 45.82 17.39
C TYR G 643 35.34 46.72 18.57
N LEU G 644 34.95 46.33 19.78
CA LEU G 644 35.32 47.09 20.96
C LEU G 644 36.83 47.06 21.17
N ARG G 645 37.47 45.92 20.90
CA ARG G 645 38.92 45.81 21.03
C ARG G 645 39.62 46.76 20.06
N ALA G 646 39.13 46.86 18.83
CA ALA G 646 39.72 47.74 17.84
C ALA G 646 39.34 49.19 18.04
N HIS G 647 38.42 49.49 18.96
CA HIS G 647 37.97 50.86 19.22
C HIS G 647 37.90 51.03 20.74
N THR G 648 38.99 51.50 21.32
CA THR G 648 39.08 51.72 22.76
C THR G 648 39.32 53.17 23.14
N GLN G 649 40.16 53.88 22.39
CA GLN G 649 40.47 55.27 22.72
C GLN G 649 39.28 56.18 22.47
N ASP G 650 38.45 55.86 21.48
CA ASP G 650 37.30 56.70 21.16
C ASP G 650 36.29 56.73 22.31
N TYR G 651 36.11 55.61 23.01
CA TYR G 651 35.17 55.54 24.11
C TYR G 651 35.78 55.90 25.46
N GLY G 652 37.06 56.29 25.48
CA GLY G 652 37.72 56.55 26.73
C GLY G 652 38.06 55.32 27.53
N LEU G 653 38.11 54.17 26.87
CA LEU G 653 38.39 52.90 27.53
C LEU G 653 39.88 52.75 27.84
N PRO G 654 40.24 51.86 28.77
CA PRO G 654 41.66 51.64 29.05
C PRO G 654 42.42 51.16 27.81
N GLU G 655 43.74 51.33 27.87
CA GLU G 655 44.57 51.03 26.70
C GLU G 655 44.80 49.54 26.52
N ASP G 656 44.93 48.77 27.61
CA ASP G 656 45.34 47.37 27.52
C ASP G 656 44.47 46.47 28.40
N PHE G 657 43.17 46.74 28.46
CA PHE G 657 42.26 45.93 29.26
C PHE G 657 41.74 44.70 28.53
N TYR G 658 42.10 44.52 27.26
CA TYR G 658 41.54 43.42 26.47
C TYR G 658 42.06 42.07 26.93
N ASN G 659 43.32 41.98 27.35
CA ASN G 659 43.92 40.71 27.78
C ASN G 659 44.34 40.78 29.24
N LYS G 660 43.59 41.52 30.06
CA LYS G 660 43.78 41.51 31.50
C LYS G 660 42.50 41.23 32.27
N VAL G 661 41.35 41.21 31.61
CA VAL G 661 40.06 40.93 32.26
C VAL G 661 39.32 39.90 31.42
N ASP G 662 38.84 38.86 32.07
CA ASP G 662 38.03 37.84 31.41
C ASP G 662 36.59 38.33 31.27
N LEU G 663 35.86 37.73 30.34
CA LEU G 663 34.52 38.17 29.99
C LEU G 663 33.56 36.99 30.05
N HIS G 664 32.37 37.22 30.63
CA HIS G 664 31.29 36.21 30.71
C HIS G 664 29.99 36.87 30.27
N VAL G 665 29.28 36.29 29.31
CA VAL G 665 28.01 36.88 28.80
C VAL G 665 26.85 35.96 29.18
N HIS G 666 25.79 36.52 29.77
CA HIS G 666 24.61 35.69 30.11
C HIS G 666 23.33 36.35 29.61
N VAL G 667 22.58 35.65 28.75
CA VAL G 667 21.26 36.19 28.31
C VAL G 667 20.18 35.43 29.08
N PRO G 668 19.74 35.93 30.25
CA PRO G 668 18.77 35.20 31.05
C PRO G 668 17.47 35.07 30.25
N ASP G 669 16.69 34.05 30.55
CA ASP G 669 17.13 33.08 31.60
C ASP G 669 17.74 31.86 30.91
N GLY G 670 17.90 30.76 31.65
CA GLY G 670 18.38 29.52 31.04
C GLY G 670 17.23 28.75 30.43
N ALA G 671 17.53 27.63 29.77
CA ALA G 671 16.45 26.78 29.21
C ALA G 671 15.69 27.57 28.13
N THR G 672 16.21 28.73 27.74
CA THR G 672 15.58 29.51 26.64
C THR G 672 16.50 29.48 25.42
N PRO G 673 16.26 28.59 24.44
CA PRO G 673 17.16 28.46 23.29
C PRO G 673 17.17 29.75 22.44
N LYS G 674 18.08 30.66 22.74
CA LYS G 674 18.19 31.93 21.96
C LYS G 674 18.77 31.63 20.58
N ASP G 675 18.76 32.60 19.67
CA ASP G 675 19.28 32.41 18.28
C ASP G 675 19.25 33.75 17.52
N GLY G 676 19.83 33.81 16.33
CA GLY G 676 19.78 35.04 15.50
C GLY G 676 20.78 36.08 15.97
N PRO G 677 21.36 36.90 15.07
CA PRO G 677 22.28 37.96 15.46
C PRO G 677 21.49 39.23 15.79
N ALA G 678 20.17 39.09 15.91
CA ALA G 678 19.31 40.28 16.13
C ALA G 678 19.82 41.11 17.30
N ALA G 679 20.15 40.49 18.43
CA ALA G 679 20.52 41.28 19.63
C ALA G 679 21.99 41.70 19.55
N GLY G 680 22.65 41.43 18.43
CA GLY G 680 24.08 41.75 18.35
C GLY G 680 24.36 43.12 18.95
N ILE G 681 23.60 44.14 18.56
CA ILE G 681 23.79 45.51 19.10
C ILE G 681 23.65 45.48 20.63
N THR G 682 22.64 44.80 21.17
CA THR G 682 22.45 44.84 22.64
C THR G 682 23.62 44.11 23.32
N MET G 683 24.11 43.02 22.72
CA MET G 683 25.30 42.33 23.30
C MET G 683 26.46 43.32 23.35
N ALA G 684 26.67 44.06 22.25
CA ALA G 684 27.76 45.07 22.21
C ALA G 684 27.59 46.06 23.36
N THR G 685 26.43 46.72 23.42
CA THR G 685 26.16 47.73 24.48
C THR G 685 26.43 47.12 25.86
N ALA G 686 25.95 45.90 26.09
CA ALA G 686 26.13 45.25 27.42
C ALA G 686 27.63 45.16 27.72
N ILE G 687 28.42 44.67 26.75
CA ILE G 687 29.90 44.56 26.95
C ILE G 687 30.46 45.97 27.21
N ALA G 688 30.03 46.95 26.40
CA ALA G 688 30.52 48.33 26.56
C ALA G 688 30.20 48.84 27.97
N SER G 689 28.99 48.57 28.46
CA SER G 689 28.57 49.03 29.80
C SER G 689 29.50 48.42 30.85
N ALA G 690 29.74 47.11 30.77
CA ALA G 690 30.66 46.43 31.72
C ALA G 690 32.06 47.00 31.55
N LEU G 691 32.51 47.16 30.30
CA LEU G 691 33.87 47.73 30.04
C LEU G 691 33.94 49.14 30.62
N SER G 692 32.89 49.94 30.41
CA SER G 692 32.88 51.34 30.92
C SER G 692 32.69 51.34 32.44
N ARG G 693 32.29 50.20 33.01
CA ARG G 693 32.01 50.13 34.46
C ARG G 693 30.90 51.12 34.80
N ARG G 694 30.10 51.51 33.79
CA ARG G 694 29.01 52.49 34.00
C ARG G 694 27.68 51.84 33.62
N PRO G 695 26.61 51.99 34.45
CA PRO G 695 25.33 51.36 34.17
C PRO G 695 24.78 51.69 32.77
N ALA G 696 24.32 50.69 32.04
CA ALA G 696 23.72 50.93 30.70
C ALA G 696 22.25 51.32 30.87
N ARG G 697 21.78 52.31 30.10
CA ARG G 697 20.41 52.77 30.25
C ARG G 697 19.44 51.67 29.84
N MET G 698 18.44 51.42 30.69
CA MET G 698 17.60 50.24 30.55
C MET G 698 16.25 50.53 29.90
N ASP G 699 15.73 51.75 30.03
CA ASP G 699 14.41 52.08 29.50
C ASP G 699 14.41 52.31 27.99
N ILE G 700 15.48 51.93 27.29
CA ILE G 700 15.55 52.04 25.84
C ILE G 700 15.87 50.66 25.29
N ALA G 701 15.00 50.15 24.42
CA ALA G 701 15.17 48.81 23.86
C ALA G 701 16.14 48.86 22.68
N MET G 702 16.62 47.66 22.32
CA MET G 702 17.65 47.60 21.24
C MET G 702 17.46 46.35 20.37
N THR G 703 17.76 46.46 19.07
CA THR G 703 17.71 45.36 18.12
C THR G 703 18.60 45.71 16.94
N GLY G 704 19.31 44.70 16.42
CA GLY G 704 20.19 44.92 15.28
C GLY G 704 21.46 44.10 15.28
N GLU G 705 21.88 43.67 14.09
CA GLU G 705 23.12 42.93 13.92
C GLU G 705 24.28 43.90 13.69
N VAL G 706 25.44 43.56 14.24
CA VAL G 706 26.62 44.43 14.21
C VAL G 706 27.75 43.70 13.51
N SER G 707 28.44 44.40 12.61
CA SER G 707 29.62 43.90 11.93
C SER G 707 30.87 44.52 12.53
N LEU G 708 32.04 44.09 12.02
CA LEU G 708 33.30 44.60 12.55
C LEU G 708 33.51 46.07 12.19
N ARG G 709 33.01 46.51 11.04
CA ARG G 709 33.22 47.89 10.62
C ARG G 709 32.55 48.89 11.56
N GLY G 710 31.59 48.46 12.35
CA GLY G 710 30.85 49.37 13.20
C GLY G 710 29.62 49.94 12.52
N LYS G 711 28.88 49.07 11.83
CA LYS G 711 27.63 49.46 11.20
C LYS G 711 26.65 48.32 11.37
N VAL G 712 25.37 48.65 11.27
CA VAL G 712 24.29 47.75 11.68
C VAL G 712 23.57 47.19 10.45
N MET G 713 23.43 45.87 10.41
CA MET G 713 22.65 45.22 9.37
C MET G 713 21.16 45.43 9.59
N PRO G 714 20.35 45.28 8.54
CA PRO G 714 18.90 45.35 8.70
C PRO G 714 18.37 44.13 9.45
N ILE G 715 17.09 44.22 9.82
CA ILE G 715 16.43 43.20 10.63
C ILE G 715 15.14 42.78 9.95
N GLY G 716 14.71 41.55 10.23
CA GLY G 716 13.42 41.05 9.80
C GLY G 716 12.56 40.71 11.00
N GLY G 717 11.31 41.20 10.96
CA GLY G 717 10.39 40.97 12.06
C GLY G 717 10.45 42.05 13.12
N VAL G 718 10.55 43.31 12.69
CA VAL G 718 10.71 44.42 13.63
C VAL G 718 9.40 44.73 14.34
N LYS G 719 8.27 44.27 13.78
CA LYS G 719 6.96 44.63 14.33
C LYS G 719 6.81 44.13 15.76
N GLU G 720 7.12 42.85 16.00
CA GLU G 720 6.96 42.28 17.33
C GLU G 720 7.86 42.97 18.34
N LYS G 721 9.10 43.29 17.94
CA LYS G 721 10.01 43.98 18.84
C LYS G 721 9.51 45.37 19.18
N LEU G 722 8.98 46.09 18.19
CA LEU G 722 8.45 47.42 18.46
C LEU G 722 7.16 47.39 19.28
N LEU G 723 6.40 46.30 19.22
CA LEU G 723 5.21 46.16 20.05
C LEU G 723 5.56 45.81 21.49
N ALA G 724 6.43 44.83 21.68
CA ALA G 724 6.70 44.32 23.02
C ALA G 724 7.32 45.37 23.92
N ALA G 725 8.24 46.18 23.38
CA ALA G 725 8.84 47.24 24.19
C ALA G 725 7.80 48.25 24.64
N HIS G 726 6.88 48.64 23.74
CA HIS G 726 5.83 49.57 24.12
C HIS G 726 4.93 48.98 25.20
N GLN G 727 4.59 47.69 25.06
CA GLN G 727 3.75 47.06 26.08
C GLN G 727 4.47 46.98 27.42
N ALA G 728 5.77 46.73 27.41
CA ALA G 728 6.56 46.63 28.64
C ALA G 728 6.89 48.00 29.24
N GLY G 729 6.30 49.07 28.73
CA GLY G 729 6.55 50.40 29.24
C GLY G 729 7.76 51.09 28.67
N ILE G 730 8.41 50.51 27.66
CA ILE G 730 9.57 51.11 27.01
C ILE G 730 9.06 51.95 25.84
N HIS G 731 9.22 53.27 25.94
CA HIS G 731 8.76 54.19 24.91
C HIS G 731 9.89 54.74 24.06
N LYS G 732 11.10 54.22 24.21
CA LYS G 732 12.25 54.68 23.45
C LYS G 732 12.88 53.49 22.74
N ILE G 733 13.13 53.65 21.43
CA ILE G 733 13.63 52.57 20.60
C ILE G 733 14.79 53.10 19.76
N VAL G 734 15.84 52.27 19.63
CA VAL G 734 16.90 52.48 18.65
C VAL G 734 16.70 51.47 17.53
N LEU G 735 16.79 51.95 16.29
CA LEU G 735 16.47 51.14 15.13
C LEU G 735 17.52 51.38 14.06
N PRO G 736 17.91 50.33 13.31
CA PRO G 736 18.82 50.53 12.19
C PRO G 736 18.23 51.46 11.14
N LYS G 737 19.10 52.26 10.52
CA LYS G 737 18.64 53.17 9.47
C LYS G 737 18.09 52.42 8.26
N ASP G 738 18.57 51.20 8.02
CA ASP G 738 18.06 50.42 6.91
C ASP G 738 16.67 49.84 7.20
N ASN G 739 16.24 49.85 8.46
CA ASN G 739 14.93 49.34 8.86
C ASN G 739 13.88 50.43 8.96
N GLU G 740 14.20 51.66 8.59
CA GLU G 740 13.24 52.75 8.69
C GLU G 740 12.06 52.57 7.74
N ALA G 741 12.22 51.77 6.69
CA ALA G 741 11.14 51.58 5.73
C ALA G 741 10.07 50.63 6.25
N GLN G 742 10.35 49.86 7.29
CA GLN G 742 9.40 48.88 7.80
C GLN G 742 8.54 49.38 8.95
N LEU G 743 8.77 50.61 9.44
CA LEU G 743 7.99 51.13 10.55
C LEU G 743 6.72 51.85 10.11
N GLU G 744 6.53 52.09 8.81
CA GLU G 744 5.33 52.76 8.34
C GLU G 744 4.10 51.86 8.40
N GLU G 745 4.28 50.54 8.34
CA GLU G 745 3.15 49.63 8.51
C GLU G 745 2.67 49.62 9.96
N LEU G 746 3.53 50.00 10.89
CA LEU G 746 3.16 50.04 12.30
C LEU G 746 2.11 51.13 12.53
N PRO G 747 1.14 50.89 13.40
CA PRO G 747 0.03 51.83 13.56
C PRO G 747 0.46 53.17 14.15
N LYS G 748 -0.32 54.21 13.82
CA LYS G 748 0.00 55.57 14.24
C LYS G 748 -0.12 55.72 15.75
N GLU G 749 -1.08 55.03 16.38
CA GLU G 749 -1.24 55.15 17.82
C GLU G 749 -0.04 54.62 18.58
N VAL G 750 0.75 53.73 17.96
CA VAL G 750 1.99 53.28 18.59
C VAL G 750 3.18 54.12 18.12
N LEU G 751 3.15 54.59 16.87
CA LEU G 751 4.21 55.47 16.40
C LEU G 751 4.29 56.76 17.22
N GLU G 752 3.13 57.33 17.57
CA GLU G 752 3.13 58.54 18.38
C GLU G 752 3.63 58.25 19.80
N GLY G 753 3.27 57.10 20.36
CA GLY G 753 3.73 56.75 21.70
C GLY G 753 5.23 56.53 21.76
N LEU G 754 5.77 55.82 20.79
CA LEU G 754 7.21 55.59 20.75
C LEU G 754 7.93 56.77 20.11
N GLU G 755 9.25 56.82 20.34
CA GLU G 755 10.14 57.76 19.65
C GLU G 755 11.29 56.91 19.13
N ILE G 756 11.21 56.53 17.86
CA ILE G 756 12.17 55.59 17.27
C ILE G 756 13.30 56.40 16.65
N LYS G 757 14.48 56.31 17.25
CA LYS G 757 15.66 56.95 16.68
C LYS G 757 16.30 56.05 15.64
N LEU G 758 16.72 56.65 14.53
CA LEU G 758 17.28 55.92 13.40
C LEU G 758 18.80 56.06 13.43
N VAL G 759 19.50 54.93 13.43
CA VAL G 759 20.95 54.90 13.50
C VAL G 759 21.49 53.98 12.42
N GLU G 760 22.72 54.26 11.99
CA GLU G 760 23.45 53.37 11.09
C GLU G 760 24.79 52.92 11.65
N ASP G 761 25.29 53.58 12.68
CA ASP G 761 26.53 53.21 13.36
C ASP G 761 26.24 52.93 14.83
N VAL G 762 27.01 52.00 15.40
CA VAL G 762 26.89 51.72 16.83
C VAL G 762 27.60 52.75 17.69
N GLY G 763 28.44 53.60 17.07
CA GLY G 763 29.16 54.60 17.85
C GLY G 763 28.24 55.60 18.51
N GLU G 764 27.22 56.06 17.79
CA GLU G 764 26.25 56.97 18.40
C GLU G 764 25.34 56.28 19.40
N VAL G 765 25.03 55.00 19.20
CA VAL G 765 24.21 54.27 20.17
C VAL G 765 24.96 54.12 21.49
N LEU G 766 26.25 53.78 21.43
CA LEU G 766 27.03 53.56 22.63
C LEU G 766 27.24 54.83 23.45
N GLU G 767 27.09 56.00 22.85
CA GLU G 767 27.15 57.25 23.59
C GLU G 767 25.78 57.80 23.93
N TYR G 768 24.74 57.39 23.19
CA TYR G 768 23.38 57.78 23.54
C TYR G 768 22.87 57.01 24.75
N LEU G 769 23.33 55.77 24.93
CA LEU G 769 22.84 54.93 26.02
C LEU G 769 23.70 55.00 27.28
N LEU G 770 25.01 54.85 27.15
CA LEU G 770 25.87 54.83 28.33
C LEU G 770 25.90 56.18 29.01
N LEU G 771 25.88 56.16 30.34
CA LEU G 771 26.00 57.39 31.11
C LEU G 771 27.45 57.89 31.04
N PRO G 772 27.67 59.15 30.67
CA PRO G 772 29.05 59.63 30.52
C PRO G 772 29.86 59.65 31.81
N GLU G 773 29.19 59.64 32.97
CA GLU G 773 30.01 59.77 34.17
C GLU G 773 30.30 58.40 34.79
N PRO G 774 31.54 58.18 35.21
CA PRO G 774 31.86 56.92 35.91
C PRO G 774 31.20 56.86 37.26
N THR G 775 30.95 55.63 37.71
CA THR G 775 30.27 55.38 38.98
C THR G 775 31.18 54.74 40.01
N MET G 776 31.81 53.62 39.68
CA MET G 776 32.65 52.90 40.63
C MET G 776 34.12 53.24 40.44
N PRO G 777 34.94 53.06 41.47
CA PRO G 777 36.37 53.30 41.32
C PRO G 777 36.97 52.34 40.32
N PRO G 778 38.05 52.72 39.65
CA PRO G 778 38.64 51.85 38.63
C PRO G 778 39.09 50.52 39.21
N VAL G 779 38.89 49.46 38.41
CA VAL G 779 39.28 48.12 38.87
C VAL G 779 40.79 47.99 38.96
N VAL G 780 41.52 48.60 38.03
CA VAL G 780 42.97 48.53 38.03
C VAL G 780 43.57 49.86 38.47
PB ADP H . -3.67 7.55 33.74
O1B ADP H . -2.43 8.39 33.89
O2B ADP H . -3.55 6.53 32.64
O3B ADP H . -4.92 8.38 33.62
PA ADP H . -5.05 5.74 35.54
O1A ADP H . -5.25 4.72 34.47
O2A ADP H . -6.21 6.58 35.95
O3A ADP H . -3.85 6.72 35.10
O5' ADP H . -4.43 5.03 36.83
C5' ADP H . -4.22 5.81 38.04
C4' ADP H . -4.61 4.99 39.23
O4' ADP H . -4.47 5.80 40.44
C3' ADP H . -6.06 4.48 39.26
O3' ADP H . -6.13 3.22 39.92
C2' ADP H . -6.76 5.54 40.11
O2' ADP H . -7.97 5.11 40.68
C1' ADP H . -5.68 5.80 41.15
N9 ADP H . -5.82 7.08 41.83
C8 ADP H . -4.99 8.17 41.71
N7 ADP H . -5.37 9.19 42.43
C5 ADP H . -6.53 8.75 43.07
C6 ADP H . -7.40 9.38 43.98
N6 ADP H . -7.25 10.62 44.41
N1 ADP H . -8.46 8.66 44.42
C2 ADP H . -8.60 7.40 43.98
N3 ADP H . -7.85 6.72 43.13
C4 ADP H . -6.82 7.45 42.70
PB ADP I . 17.17 -16.62 29.75
O1B ADP I . 17.84 -15.71 30.74
O2B ADP I . 15.74 -16.23 29.47
O3B ADP I . 17.97 -16.83 28.48
PA ADP I . 16.01 -19.26 30.18
O1A ADP I . 14.70 -18.82 30.76
O2A ADP I . 16.05 -19.64 28.75
O3A ADP I . 17.07 -18.08 30.44
O5' ADP I . 16.61 -20.44 31.08
C5' ADP I . 17.79 -21.14 30.60
C4' ADP I . 17.81 -22.53 31.20
O4' ADP I . 18.51 -22.52 32.47
C3' ADP I . 16.44 -23.14 31.54
O3' ADP I . 15.79 -23.69 30.41
C2' ADP I . 16.84 -24.20 32.57
O2' ADP I . 17.30 -25.38 31.94
C1' ADP I . 17.97 -23.51 33.31
N9 ADP I . 17.56 -22.88 34.56
C8 ADP I . 17.19 -21.57 34.73
N7 ADP I . 16.87 -21.28 35.96
C5 ADP I . 17.04 -22.46 36.67
C6 ADP I . 16.87 -22.81 38.02
N6 ADP I . 16.46 -21.94 38.94
N1 ADP I . 17.13 -24.08 38.38
C2 ADP I . 17.53 -24.94 37.44
N3 ADP I . 17.73 -24.74 36.14
C4 ADP I . 17.47 -23.46 35.81
PB ADP J . 33.85 -20.17 2.82
O1B ADP J . 34.95 -19.29 3.36
O2B ADP J . 33.41 -21.22 3.82
O3B ADP J . 32.69 -19.38 2.27
PA ADP J . 33.89 -22.15 0.67
O1A ADP J . 33.75 -23.38 1.51
O2A ADP J . 32.68 -21.65 -0.06
O3A ADP J . 34.47 -20.98 1.58
O5' ADP J . 35.09 -22.37 -0.38
C5' ADP J . 36.36 -22.77 0.16
C4' ADP J . 37.04 -23.69 -0.84
O4' ADP J . 38.23 -24.24 -0.23
C3' ADP J . 36.22 -24.91 -1.31
O3' ADP J . 36.27 -25.00 -2.73
C2' ADP J . 36.95 -26.10 -0.67
O2' ADP J . 36.80 -27.30 -1.40
C1' ADP J . 38.38 -25.57 -0.67
N9 ADP J . 39.26 -26.27 0.26
C8 ADP J . 40.12 -25.69 1.16
N7 ADP J . 40.81 -26.56 1.86
C5 ADP J . 40.39 -27.79 1.38
C6 ADP J . 40.75 -29.10 1.72
N6 ADP J . 41.65 -29.41 2.65
N1 ADP J . 40.15 -30.11 1.05
C2 ADP J . 39.24 -29.80 0.12
N3 ADP J . 38.81 -28.60 -0.29
C4 ADP J . 39.44 -27.62 0.40
PB ADP K . 29.18 1.94 -22.28
O1B ADP K . 30.17 2.35 -21.22
O2B ADP K . 28.49 0.62 -22.01
O3B ADP K . 28.26 3.04 -22.76
PA ADP K . 29.46 1.10 -24.95
O1A ADP K . 30.22 -0.12 -25.38
O2A ADP K . 27.95 1.06 -24.79
O3A ADP K . 30.10 1.62 -23.57
O5' ADP K . 29.82 2.28 -25.98
C5' ADP K . 31.11 2.88 -25.95
C4' ADP K . 31.46 3.39 -27.35
O4' ADP K . 32.78 3.93 -27.33
C3' ADP K . 31.43 2.26 -28.35
O3' ADP K . 30.40 2.48 -29.32
C2' ADP K . 32.80 2.27 -29.04
O2' ADP K . 32.63 2.46 -30.44
C1' ADP K . 33.55 3.44 -28.44
N9 ADP K . 34.87 2.97 -27.95
C8 ADP K . 35.22 2.85 -26.65
N7 ADP K . 36.49 2.40 -26.54
C5 ADP K . 36.98 2.21 -27.77
C6 ADP K . 38.24 1.74 -28.36
N6 ADP K . 39.28 1.37 -27.58
N1 ADP K . 38.34 1.70 -29.71
C2 ADP K . 37.31 2.06 -30.50
N3 ADP K . 36.13 2.50 -30.04
C4 ADP K . 35.90 2.59 -28.70
PB ADP L . 9.37 27.34 -16.63
O1B ADP L . 10.32 27.47 -15.46
O2B ADP L . 10.09 27.08 -17.93
O3B ADP L . 8.26 26.36 -16.36
PA ADP L . 7.68 29.28 -17.96
O1A ADP L . 8.46 29.61 -19.18
O2A ADP L . 6.55 28.28 -18.08
O3A ADP L . 8.67 28.77 -16.82
O5' ADP L . 7.11 30.62 -17.29
C5' ADP L . 7.87 31.85 -17.42
C4' ADP L . 7.18 32.73 -18.43
O4' ADP L . 7.78 34.06 -18.43
C3' ADP L . 7.26 32.29 -19.90
O3' ADP L . 6.30 31.28 -20.21
C2' ADP L . 7.01 33.61 -20.61
O2' ADP L . 5.65 33.99 -20.58
C1' ADP L . 7.86 34.54 -19.75
N9 ADP L . 9.26 34.61 -20.14
C8 ADP L . 10.29 33.83 -19.67
N7 ADP L . 11.45 34.12 -20.22
C5 ADP L . 11.16 35.12 -21.12
C6 ADP L . 11.97 35.85 -22.02
N6 ADP L . 13.27 35.65 -22.16
N1 ADP L . 11.37 36.79 -22.78
C2 ADP L . 10.04 36.98 -22.64
N3 ADP L . 9.19 36.36 -21.83
C4 ADP L . 9.81 35.44 -21.09
PB ADP M . -8.29 29.36 12.90
O1B ADP M . -7.96 30.25 14.06
O2B ADP M . -7.39 28.16 12.80
O3B ADP M . -8.40 30.11 11.59
PA ADP M . -11.24 29.42 13.11
O1A ADP M . -12.24 28.32 13.24
O2A ADP M . -11.32 30.30 11.90
O3A ADP M . -9.78 28.78 13.18
O5' ADP M . -11.27 30.33 14.43
C5' ADP M . -10.59 31.61 14.42
C4' ADP M . -11.22 32.50 15.46
O4' ADP M . -10.42 33.71 15.60
C3' ADP M . -12.64 32.99 15.15
O3' ADP M . -13.47 32.84 16.31
C2' ADP M . -12.45 34.48 14.84
O2' ADP M . -13.60 35.27 15.11
C1' ADP M . -11.28 34.81 15.76
N9 ADP M . -10.56 36.02 15.41
C8 ADP M . -9.20 36.20 15.46
N7 ADP M . -8.82 37.41 15.09
C5 ADP M . -10.01 38.06 14.78
C6 ADP M . -10.27 39.36 14.32
N6 ADP M . -9.34 40.27 14.09
N1 ADP M . -11.57 39.69 14.11
C2 ADP M . -12.51 38.78 14.34
N3 ADP M . -12.38 37.53 14.76
C4 ADP M . -11.09 37.22 14.98
#